data_5VU2
#
_entry.id   5VU2
#
loop_
_entity.id
_entity.type
_entity.pdbx_description
1 polymer 'E1 envelope glycoprotein'
2 polymer 'E3 envelope glycoprotein'
3 polymer 'capsid protein'
4 polymer 'E1 envelope glycoprotein'
5 polymer 'E2 envelope glycoprotein'
#
loop_
_entity_poly.entity_id
_entity_poly.type
_entity_poly.pdbx_seq_one_letter_code
_entity_poly.pdbx_strand_id
1 'polypeptide(L)'
;STKDNFNVYKATRPYLAHCPDCGEGHSCHSPVALERIRNEATDGTLKIQVSLQIGIKTDDSHDWTKLRYMDNHMPADAER
AGLFVRTSAPCTITGTMGHFILARCPKGETLTVGFTDSRKISHSCTHPFHHDPPVIGREKFHSRPQHGKELPCSTYVQST
AATTEEIEVHMPPDTPDRTLMSQQSGNVKITVNGQTVRYKCNCGGSNEGLTTTDKVINNCKVDQCHAAVTNHKKWQYNSP
LVPRNAELGDRKGKIHIPFPLANVTCRVPKARNPTVTYGKNQVIMLLYPDHPTLLSYRNMGEEPNYQEEWVMHKKEVVLT
VPTEGLEVTWGNNEPYKYWPQLSTNGTAHGHPHEIILYYYELYPTMTVVVVSVATFILLSMVGMAAGMCMCARRRCITPY
ELTPGATVPFLLSLICCIRTAKAATYQEAAIYLWNEQQPLFWLQALIPLAALIVLCNCLRLLPCCCKTLAFLAVMSVGAH
TVSAYEHVTVIPNTVGVPYKTLVNRPGYSPMVLEMELLSVTLEPTLSLDYITCEYKTVIPSPYVKCCGTAECKDKNLPDY
SCKVFTGVYPFMWGGAYCFCDAENTQLSEAHVEKSESCKTEFASAYRAHTASASAKLRVLYQGNNITVTAYANGDHAVTV
KDAKFIVGPMSSAWTPFDNKIVVYKGDVYNMDYPPFGAGRPGQFGDIQSRTPESKDVYANTQLVLQRPAAGTVHVPYSQA
PSGFKYWLKERGASLQHTAPFGCQIATNPVRAVNCAVGNMPISIDIPEAAFTRVVDAPSLTDMSCEVPACTHSSDFGGVA
IIKYAASKKGKCAVHSMTNAVTIREAEIEVEGNSQLQISFSTALASAEFRVQVCSTQVHCAAECHP
;
M,A,B,N,C,O,D,P
2 'polypeptide(L)' PVMCLLANTTFPCSQPPCTPCCYEKEPEETLRMLEDNVMRPGYYQLLQASLTCSPHRQRE U,V,W,X
3 'polypeptide(L)'
;CIFEVKHEGKVMGYACLVGDKVMKPAHVKGTIDNADLAKLAFKRSSKYDLECAQIPVHMKSDASKFTHEKPEGYYNWHHG
AVQYSGGRFTIPTGAGKPGDSGRPIFDNKGRVVAIVLGGANEGARTALSVVTWNKDIVTKITPEGAEEW
;
I,J,K,L
4 'polypeptide(L)' HTTLGVQDISTTAMSWVQKITGGVGLIVAVAALILIVVLCVSFSRH E,F,G,H
5 'polypeptide(L)'
;STNGTAHGHPHEIILYYYELYPTMTVVIVSVASFVLLSMVGTAVGMCVCARRRCITPYELTPGATVPFLLSLLCCVRTTK
A
;
Q,R,S,T
#
# COMPACT_ATOMS: atom_id res chain seq x y z
N TYR A 485 8.92 5.94 33.99
CA TYR A 485 8.01 4.86 34.36
C TYR A 485 6.55 5.30 34.15
N GLU A 486 5.79 4.50 33.39
CA GLU A 486 4.38 4.77 33.11
C GLU A 486 3.46 4.17 34.19
N HIS A 487 2.76 5.04 34.92
CA HIS A 487 1.80 4.65 35.93
C HIS A 487 0.39 4.82 35.36
N VAL A 488 -0.38 3.71 35.32
CA VAL A 488 -1.74 3.70 34.77
C VAL A 488 -2.74 3.37 35.88
N THR A 489 -3.76 4.23 36.04
CA THR A 489 -4.85 4.07 37.00
C THR A 489 -6.18 4.55 36.42
N VAL A 490 -7.29 4.21 37.09
CA VAL A 490 -8.64 4.59 36.65
C VAL A 490 -9.39 5.20 37.85
N ILE A 491 -9.89 6.43 37.69
CA ILE A 491 -10.65 7.12 38.73
C ILE A 491 -12.10 7.36 38.29
N PRO A 492 -13.09 7.39 39.20
CA PRO A 492 -14.47 7.68 38.76
C PRO A 492 -14.57 9.12 38.25
N ASN A 493 -15.41 9.36 37.24
CA ASN A 493 -15.61 10.68 36.66
C ASN A 493 -16.47 11.55 37.60
N THR A 494 -15.88 11.94 38.74
CA THR A 494 -16.52 12.75 39.78
C THR A 494 -15.58 13.89 40.18
N VAL A 495 -16.05 15.12 40.05
CA VAL A 495 -15.31 16.34 40.35
C VAL A 495 -15.36 16.65 41.86
N GLY A 496 -14.25 17.17 42.39
CA GLY A 496 -14.13 17.58 43.79
C GLY A 496 -13.81 16.47 44.77
N VAL A 497 -13.37 15.30 44.26
CA VAL A 497 -13.02 14.14 45.10
C VAL A 497 -11.53 13.82 44.94
N PRO A 498 -10.68 14.07 45.96
CA PRO A 498 -9.26 13.74 45.82
C PRO A 498 -9.03 12.23 45.93
N TYR A 499 -8.29 11.67 44.96
CA TYR A 499 -7.98 10.23 44.91
C TYR A 499 -6.49 10.02 45.09
N LYS A 500 -6.11 9.01 45.88
CA LYS A 500 -4.73 8.67 46.15
C LYS A 500 -4.32 7.47 45.32
N THR A 501 -3.20 7.58 44.60
CA THR A 501 -2.67 6.51 43.77
C THR A 501 -1.24 6.16 44.16
N LEU A 502 -0.98 4.87 44.40
CA LEU A 502 0.35 4.39 44.78
C LEU A 502 1.16 3.98 43.56
N VAL A 503 2.26 4.69 43.32
CA VAL A 503 3.18 4.42 42.22
C VAL A 503 4.29 3.54 42.79
N ASN A 504 4.39 2.30 42.30
CA ASN A 504 5.42 1.37 42.76
C ASN A 504 6.30 0.89 41.62
N ARG A 505 7.40 1.63 41.37
CA ARG A 505 8.40 1.31 40.38
C ARG A 505 9.35 0.30 41.04
N PRO A 506 9.57 -0.91 40.46
CA PRO A 506 10.44 -1.91 41.12
C PRO A 506 11.86 -1.41 41.37
N GLY A 507 12.32 -1.55 42.61
CA GLY A 507 13.63 -1.12 43.07
C GLY A 507 13.71 0.34 43.47
N TYR A 508 12.55 1.02 43.49
CA TYR A 508 12.43 2.43 43.83
C TYR A 508 11.39 2.62 44.92
N SER A 509 11.65 3.55 45.86
CA SER A 509 10.77 3.86 46.98
C SER A 509 9.36 4.23 46.51
N PRO A 510 8.28 3.71 47.16
CA PRO A 510 6.91 4.02 46.72
C PRO A 510 6.60 5.52 46.68
N MET A 511 5.78 5.91 45.71
CA MET A 511 5.38 7.30 45.49
C MET A 511 3.85 7.43 45.54
N VAL A 512 3.35 8.36 46.36
CA VAL A 512 1.90 8.59 46.47
C VAL A 512 1.53 9.89 45.76
N LEU A 513 0.64 9.78 44.76
CA LEU A 513 0.16 10.93 44.00
C LEU A 513 -1.32 11.16 44.29
N GLU A 514 -1.68 12.41 44.65
CA GLU A 514 -3.05 12.79 44.89
C GLU A 514 -3.58 13.42 43.60
N MET A 515 -4.71 12.90 43.10
CA MET A 515 -5.34 13.41 41.86
C MET A 515 -6.77 13.83 42.13
N GLU A 516 -7.16 15.00 41.62
CA GLU A 516 -8.50 15.54 41.78
C GLU A 516 -8.98 16.19 40.50
N LEU A 517 -10.16 15.76 40.02
CA LEU A 517 -10.75 16.36 38.83
C LEU A 517 -11.35 17.70 39.22
N LEU A 518 -10.83 18.79 38.62
CA LEU A 518 -11.30 20.15 38.91
C LEU A 518 -12.52 20.48 38.06
N SER A 519 -12.53 20.00 36.81
CA SER A 519 -13.63 20.19 35.84
C SER A 519 -13.52 19.22 34.67
N VAL A 520 -14.69 18.77 34.17
CA VAL A 520 -14.81 17.89 33.00
C VAL A 520 -15.79 18.58 32.07
N THR A 521 -15.29 19.05 30.93
CA THR A 521 -16.06 19.81 29.94
C THR A 521 -16.38 18.99 28.69
N LEU A 522 -17.67 18.97 28.30
CA LEU A 522 -18.19 18.31 27.10
C LEU A 522 -18.70 19.44 26.19
N GLU A 523 -17.87 19.86 25.23
CA GLU A 523 -18.19 20.95 24.31
C GLU A 523 -18.59 20.42 22.92
N PRO A 524 -19.90 20.45 22.56
CA PRO A 524 -20.30 19.96 21.23
C PRO A 524 -19.98 20.94 20.10
N THR A 525 -19.78 20.42 18.89
CA THR A 525 -19.55 21.23 17.70
C THR A 525 -20.91 21.76 17.24
N LEU A 526 -21.04 23.09 17.17
CA LEU A 526 -22.31 23.73 16.80
C LEU A 526 -22.33 24.26 15.38
N SER A 527 -23.49 24.11 14.73
CA SER A 527 -23.74 24.61 13.38
C SER A 527 -25.05 25.38 13.42
N LEU A 528 -24.97 26.71 13.34
CA LEU A 528 -26.13 27.60 13.39
C LEU A 528 -27.04 27.44 12.18
N ASP A 529 -28.29 27.02 12.43
CA ASP A 529 -29.32 26.85 11.40
C ASP A 529 -29.98 28.19 11.15
N TYR A 530 -30.43 28.85 12.24
CA TYR A 530 -31.08 30.16 12.23
C TYR A 530 -31.17 30.75 13.64
N ILE A 531 -31.59 32.02 13.71
CA ILE A 531 -31.89 32.73 14.94
C ILE A 531 -33.36 33.14 14.89
N THR A 532 -33.98 33.27 16.05
CA THR A 532 -35.36 33.74 16.19
C THR A 532 -35.43 34.79 17.27
N CYS A 533 -36.42 35.67 17.16
CA CYS A 533 -36.64 36.80 18.07
C CYS A 533 -38.06 37.30 17.89
N GLU A 534 -38.42 38.41 18.54
CA GLU A 534 -39.73 39.03 18.43
C GLU A 534 -39.85 39.65 17.03
N TYR A 535 -41.00 39.46 16.37
CA TYR A 535 -41.20 40.04 15.04
C TYR A 535 -41.73 41.47 15.14
N LYS A 536 -41.66 42.21 14.04
CA LYS A 536 -42.18 43.57 13.92
C LYS A 536 -43.11 43.63 12.71
N THR A 537 -44.35 44.08 12.92
CA THR A 537 -45.30 44.23 11.82
C THR A 537 -45.17 45.66 11.31
N VAL A 538 -44.52 45.81 10.15
CA VAL A 538 -44.30 47.11 9.53
C VAL A 538 -45.52 47.54 8.76
N ILE A 539 -46.19 48.58 9.28
CA ILE A 539 -47.40 49.12 8.66
C ILE A 539 -47.21 50.61 8.36
N PRO A 540 -47.01 50.98 7.07
CA PRO A 540 -46.90 52.41 6.75
C PRO A 540 -48.26 53.09 6.76
N SER A 541 -48.30 54.40 6.48
CA SER A 541 -49.53 55.17 6.38
C SER A 541 -50.38 54.57 5.26
N PRO A 542 -51.69 54.29 5.48
CA PRO A 542 -52.49 53.69 4.41
C PRO A 542 -52.73 54.65 3.25
N TYR A 543 -52.73 54.12 2.02
CA TYR A 543 -52.96 54.94 0.85
C TYR A 543 -54.46 55.10 0.62
N VAL A 544 -55.00 56.24 1.05
CA VAL A 544 -56.41 56.58 0.89
C VAL A 544 -56.52 57.35 -0.44
N LYS A 545 -56.94 56.66 -1.52
CA LYS A 545 -57.10 57.28 -2.83
C LYS A 545 -58.49 57.90 -2.94
N CYS A 546 -58.55 59.23 -2.80
CA CYS A 546 -59.80 59.98 -2.91
C CYS A 546 -60.22 60.05 -4.36
N CYS A 547 -61.51 59.74 -4.62
CA CYS A 547 -62.15 59.76 -5.95
C CYS A 547 -61.53 58.77 -6.96
N GLY A 548 -60.87 57.73 -6.47
CA GLY A 548 -60.23 56.72 -7.31
C GLY A 548 -60.08 55.36 -6.67
N THR A 549 -59.60 54.39 -7.46
CA THR A 549 -59.38 53.01 -7.03
C THR A 549 -57.88 52.72 -6.97
N ALA A 550 -57.39 52.36 -5.77
CA ALA A 550 -55.98 52.01 -5.54
C ALA A 550 -55.76 50.56 -6.01
N GLU A 551 -54.51 50.21 -6.38
CA GLU A 551 -54.17 48.87 -6.86
C GLU A 551 -53.04 48.22 -6.07
N CYS A 552 -53.28 46.98 -5.60
CA CYS A 552 -52.29 46.19 -4.86
C CYS A 552 -51.35 45.49 -5.82
N LYS A 553 -50.04 45.50 -5.50
CA LYS A 553 -49.01 44.82 -6.28
C LYS A 553 -48.24 43.83 -5.41
N ASP A 554 -47.84 42.68 -5.99
CA ASP A 554 -47.11 41.64 -5.28
C ASP A 554 -45.68 42.07 -4.96
N LYS A 555 -45.40 42.31 -3.67
CA LYS A 555 -44.09 42.73 -3.18
C LYS A 555 -43.40 41.56 -2.48
N ASN A 556 -42.15 41.27 -2.86
CA ASN A 556 -41.37 40.18 -2.27
C ASN A 556 -40.85 40.56 -0.89
N LEU A 557 -41.75 40.57 0.10
CA LEU A 557 -41.49 40.91 1.49
C LEU A 557 -42.08 39.80 2.39
N PRO A 558 -41.49 39.50 3.58
CA PRO A 558 -42.05 38.43 4.41
C PRO A 558 -43.44 38.76 4.96
N ASP A 559 -44.38 37.81 4.80
CA ASP A 559 -45.80 37.94 5.20
C ASP A 559 -46.47 39.18 4.58
N TYR A 560 -46.12 39.52 3.32
CA TYR A 560 -46.69 40.68 2.64
C TYR A 560 -48.18 40.53 2.45
N SER A 561 -48.93 41.51 2.96
CA SER A 561 -50.38 41.56 2.91
C SER A 561 -50.82 42.89 2.32
N CYS A 562 -51.73 42.85 1.33
CA CYS A 562 -52.28 44.03 0.67
C CYS A 562 -53.74 43.82 0.37
N LYS A 563 -54.58 44.83 0.70
CA LYS A 563 -56.01 44.81 0.44
C LYS A 563 -56.52 46.22 0.17
N VAL A 564 -57.35 46.36 -0.87
CA VAL A 564 -57.97 47.63 -1.25
C VAL A 564 -59.44 47.59 -0.80
N PHE A 565 -59.83 48.52 0.08
CA PHE A 565 -61.18 48.61 0.62
C PHE A 565 -61.98 49.71 -0.07
N THR A 566 -63.11 49.35 -0.68
CA THR A 566 -64.00 50.26 -1.40
C THR A 566 -65.08 50.84 -0.48
N GLY A 567 -65.65 51.98 -0.88
CA GLY A 567 -66.72 52.65 -0.16
C GLY A 567 -66.30 53.29 1.14
N VAL A 568 -65.04 53.75 1.22
CA VAL A 568 -64.51 54.41 2.43
C VAL A 568 -64.79 55.92 2.38
N TYR A 569 -65.00 56.53 3.55
CA TYR A 569 -65.22 57.96 3.69
C TYR A 569 -64.54 58.40 5.00
N PRO A 570 -63.20 58.45 5.04
CA PRO A 570 -62.51 58.78 6.30
C PRO A 570 -62.55 60.26 6.69
N PHE A 571 -62.52 60.50 8.00
CA PHE A 571 -62.56 61.84 8.59
C PHE A 571 -61.29 62.13 9.36
N MET A 572 -60.86 63.40 9.31
CA MET A 572 -59.76 63.94 10.09
C MET A 572 -60.40 64.97 11.02
N TRP A 573 -59.64 65.63 11.91
CA TRP A 573 -60.18 66.61 12.86
C TRP A 573 -61.05 67.72 12.21
N GLY A 574 -60.60 68.26 11.07
CA GLY A 574 -61.27 69.34 10.36
C GLY A 574 -62.31 68.94 9.32
N GLY A 575 -62.75 67.69 9.38
CA GLY A 575 -63.75 67.16 8.47
C GLY A 575 -63.28 66.00 7.62
N ALA A 576 -64.02 65.71 6.54
CA ALA A 576 -63.75 64.62 5.60
C ALA A 576 -62.45 64.82 4.82
N TYR A 577 -61.64 63.74 4.71
CA TYR A 577 -60.36 63.74 4.00
C TYR A 577 -60.56 63.76 2.48
N CYS A 578 -61.64 63.13 1.98
CA CYS A 578 -61.95 63.04 0.55
C CYS A 578 -63.06 63.99 0.11
N PHE A 579 -62.95 64.50 -1.13
CA PHE A 579 -63.93 65.39 -1.76
C PHE A 579 -65.19 64.60 -2.15
N CYS A 580 -65.00 63.38 -2.66
CA CYS A 580 -66.06 62.49 -3.09
C CYS A 580 -66.77 61.79 -1.94
N ASP A 581 -68.09 61.60 -2.07
CA ASP A 581 -68.93 60.90 -1.08
C ASP A 581 -68.70 59.39 -1.23
N ALA A 582 -68.78 58.90 -2.48
CA ALA A 582 -68.56 57.51 -2.86
C ALA A 582 -67.29 57.43 -3.75
N GLU A 583 -66.88 56.20 -4.14
CA GLU A 583 -65.72 55.93 -5.00
C GLU A 583 -64.33 56.27 -4.41
N ASN A 584 -64.20 56.25 -3.07
CA ASN A 584 -62.93 56.45 -2.39
C ASN A 584 -62.43 55.08 -1.93
N THR A 585 -61.12 54.81 -2.09
CA THR A 585 -60.56 53.53 -1.70
C THR A 585 -59.39 53.67 -0.74
N GLN A 586 -59.24 52.71 0.19
CA GLN A 586 -58.10 52.67 1.10
C GLN A 586 -57.27 51.43 0.83
N LEU A 587 -55.99 51.64 0.49
CA LEU A 587 -55.04 50.56 0.27
C LEU A 587 -54.31 50.35 1.58
N SER A 588 -54.55 49.20 2.22
CA SER A 588 -53.88 48.82 3.46
C SER A 588 -52.79 47.83 3.11
N GLU A 589 -51.56 48.10 3.57
CA GLU A 589 -50.42 47.22 3.31
C GLU A 589 -49.55 47.00 4.54
N ALA A 590 -49.03 45.78 4.68
CA ALA A 590 -48.20 45.37 5.81
C ALA A 590 -47.26 44.23 5.45
N HIS A 591 -46.13 44.15 6.16
CA HIS A 591 -45.13 43.09 6.03
C HIS A 591 -44.46 42.83 7.38
N VAL A 592 -43.81 41.68 7.52
CA VAL A 592 -43.13 41.30 8.75
C VAL A 592 -41.61 41.29 8.54
N GLU A 593 -40.87 41.81 9.52
CA GLU A 593 -39.42 41.83 9.54
C GLU A 593 -38.94 41.70 10.99
N LYS A 594 -37.62 41.59 11.21
CA LYS A 594 -37.05 41.47 12.55
C LYS A 594 -37.29 42.76 13.33
N SER A 595 -37.63 42.63 14.62
CA SER A 595 -37.83 43.77 15.51
C SER A 595 -36.46 44.38 15.84
N GLU A 596 -36.46 45.61 16.36
CA GLU A 596 -35.28 46.35 16.79
C GLU A 596 -34.56 45.60 17.92
N SER A 597 -35.32 44.77 18.65
CA SER A 597 -34.90 43.93 19.77
C SER A 597 -34.07 42.71 19.38
N CYS A 598 -34.14 42.28 18.11
CA CYS A 598 -33.46 41.09 17.60
C CYS A 598 -31.94 40.97 17.82
N LYS A 599 -31.26 42.12 17.99
CA LYS A 599 -29.82 42.16 18.26
C LYS A 599 -29.55 41.85 19.74
N THR A 600 -30.48 42.24 20.63
CA THR A 600 -30.40 42.08 22.08
C THR A 600 -31.15 40.84 22.60
N GLU A 601 -32.42 40.68 22.19
CA GLU A 601 -33.28 39.58 22.62
C GLU A 601 -33.49 38.58 21.48
N PHE A 602 -32.78 37.45 21.54
CA PHE A 602 -32.86 36.40 20.52
C PHE A 602 -32.49 35.02 21.04
N ALA A 603 -33.00 33.97 20.35
CA ALA A 603 -32.72 32.56 20.62
C ALA A 603 -32.08 31.99 19.36
N SER A 604 -31.01 31.19 19.53
CA SER A 604 -30.29 30.60 18.41
C SER A 604 -30.55 29.10 18.29
N ALA A 605 -30.88 28.63 17.07
CA ALA A 605 -31.13 27.23 16.77
C ALA A 605 -29.86 26.60 16.20
N TYR A 606 -29.27 25.64 16.95
CA TYR A 606 -28.03 24.97 16.57
C TYR A 606 -28.19 23.47 16.35
N ARG A 607 -27.40 22.93 15.42
CA ARG A 607 -27.30 21.49 15.16
C ARG A 607 -26.04 21.04 15.90
N ALA A 608 -26.23 20.31 17.03
CA ALA A 608 -25.14 19.85 17.88
C ALA A 608 -24.71 18.41 17.57
N HIS A 609 -23.42 18.23 17.26
CA HIS A 609 -22.84 16.92 16.94
C HIS A 609 -21.51 16.63 17.67
N THR A 610 -21.15 15.33 17.76
CA THR A 610 -19.96 14.73 18.39
C THR A 610 -19.10 15.67 19.26
N ALA A 611 -19.38 15.68 20.57
CA ALA A 611 -18.70 16.52 21.55
C ALA A 611 -17.28 16.04 21.87
N SER A 612 -16.36 17.00 22.06
CA SER A 612 -14.98 16.75 22.44
C SER A 612 -14.88 16.87 23.96
N ALA A 613 -14.48 15.80 24.64
CA ALA A 613 -14.36 15.77 26.09
C ALA A 613 -13.00 16.32 26.53
N SER A 614 -13.00 17.25 27.50
CA SER A 614 -11.80 17.89 28.05
C SER A 614 -11.83 17.79 29.58
N ALA A 615 -10.64 17.66 30.20
CA ALA A 615 -10.54 17.54 31.65
C ALA A 615 -9.42 18.37 32.26
N LYS A 616 -9.72 19.00 33.41
CA LYS A 616 -8.78 19.80 34.19
C LYS A 616 -8.51 18.97 35.45
N LEU A 617 -7.25 18.54 35.62
CA LEU A 617 -6.85 17.67 36.73
C LEU A 617 -5.77 18.28 37.59
N ARG A 618 -6.00 18.28 38.91
CA ARG A 618 -5.05 18.76 39.91
C ARG A 618 -4.27 17.55 40.40
N VAL A 619 -2.93 17.61 40.31
CA VAL A 619 -2.05 16.51 40.74
C VAL A 619 -1.08 17.02 41.80
N LEU A 620 -1.09 16.42 43.01
CA LEU A 620 -0.12 16.76 44.06
C LEU A 620 1.14 15.97 43.70
N TYR A 621 2.05 16.65 43.00
CA TYR A 621 3.29 16.09 42.47
C TYR A 621 4.50 16.82 43.03
N GLN A 622 5.33 16.07 43.80
CA GLN A 622 6.57 16.54 44.46
C GLN A 622 6.30 17.67 45.49
N GLY A 623 5.25 17.48 46.29
CA GLY A 623 4.83 18.43 47.32
C GLY A 623 4.17 19.69 46.81
N ASN A 624 3.97 19.79 45.48
CA ASN A 624 3.37 20.94 44.81
C ASN A 624 2.15 20.52 43.99
N ASN A 625 1.18 21.43 43.85
CA ASN A 625 -0.03 21.17 43.08
C ASN A 625 0.17 21.61 41.63
N ILE A 626 0.05 20.66 40.70
CA ILE A 626 0.17 20.92 39.26
C ILE A 626 -1.19 20.76 38.59
N THR A 627 -1.48 21.61 37.59
CA THR A 627 -2.73 21.56 36.86
C THR A 627 -2.50 21.04 35.44
N VAL A 628 -3.25 20.00 35.06
CA VAL A 628 -3.17 19.38 33.74
C VAL A 628 -4.51 19.52 33.02
N THR A 629 -4.50 20.20 31.88
CA THR A 629 -5.69 20.37 31.04
C THR A 629 -5.45 19.60 29.74
N ALA A 630 -6.25 18.54 29.53
CA ALA A 630 -6.13 17.67 28.36
C ALA A 630 -7.47 17.15 27.87
N TYR A 631 -7.53 16.79 26.58
CA TYR A 631 -8.71 16.18 25.97
C TYR A 631 -8.75 14.73 26.45
N ALA A 632 -9.90 14.30 26.99
CA ALA A 632 -10.12 12.97 27.53
C ALA A 632 -10.41 11.90 26.45
N ASN A 633 -9.57 11.87 25.40
CA ASN A 633 -9.67 10.96 24.26
C ASN A 633 -8.63 9.83 24.29
N GLY A 634 -7.69 9.90 25.23
CA GLY A 634 -6.62 8.93 25.38
C GLY A 634 -5.54 9.04 24.32
N ASP A 635 -5.38 10.24 23.73
CA ASP A 635 -4.40 10.51 22.68
C ASP A 635 -3.62 11.80 22.94
N HIS A 636 -4.30 12.84 23.45
CA HIS A 636 -3.71 14.15 23.75
C HIS A 636 -2.74 14.08 24.94
N ALA A 637 -1.43 14.09 24.62
CA ALA A 637 -0.36 14.04 25.63
C ALA A 637 0.02 15.43 26.08
N VAL A 638 -0.08 15.69 27.41
CA VAL A 638 0.25 16.98 28.02
C VAL A 638 1.36 16.77 29.05
N THR A 639 2.49 17.47 28.86
CA THR A 639 3.66 17.37 29.72
C THR A 639 3.80 18.57 30.65
N VAL A 640 3.78 18.30 31.97
CA VAL A 640 3.93 19.30 33.03
C VAL A 640 5.03 18.78 33.97
N LYS A 641 6.12 19.56 34.12
CA LYS A 641 7.29 19.26 34.94
C LYS A 641 7.92 17.89 34.59
N ASP A 642 8.04 17.64 33.27
CA ASP A 642 8.58 16.43 32.64
C ASP A 642 7.71 15.16 32.76
N ALA A 643 6.55 15.26 33.44
CA ALA A 643 5.60 14.15 33.60
C ALA A 643 4.55 14.24 32.47
N LYS A 644 4.52 13.21 31.60
CA LYS A 644 3.61 13.14 30.46
C LYS A 644 2.26 12.54 30.88
N PHE A 645 1.18 13.30 30.64
CA PHE A 645 -0.18 12.91 30.99
C PHE A 645 -1.04 12.57 29.78
N ILE A 646 -1.69 11.40 29.83
CA ILE A 646 -2.63 10.93 28.82
C ILE A 646 -3.92 10.62 29.58
N VAL A 647 -4.95 11.44 29.34
CA VAL A 647 -6.25 11.37 29.99
C VAL A 647 -7.28 10.71 29.06
N GLY A 648 -8.05 9.76 29.62
CA GLY A 648 -9.09 9.04 28.90
C GLY A 648 -8.60 7.81 28.13
N PRO A 649 -9.41 7.27 27.19
CA PRO A 649 -10.74 7.72 26.76
C PRO A 649 -11.83 7.47 27.79
N MET A 650 -12.84 8.36 27.83
CA MET A 650 -13.99 8.31 28.75
C MET A 650 -14.74 6.99 28.59
N SER A 651 -15.12 6.34 29.71
CA SER A 651 -15.85 5.06 29.69
C SER A 651 -17.27 5.25 29.16
N SER A 652 -17.84 6.46 29.35
CA SER A 652 -19.17 6.81 28.88
C SER A 652 -19.07 7.92 27.84
N ALA A 653 -19.75 7.73 26.69
CA ALA A 653 -19.81 8.69 25.59
C ALA A 653 -21.11 9.53 25.68
N TRP A 654 -21.79 9.46 26.84
CA TRP A 654 -23.04 10.15 27.14
C TRP A 654 -22.90 11.68 27.15
N THR A 655 -23.90 12.36 26.59
CA THR A 655 -24.00 13.82 26.50
C THR A 655 -25.43 14.28 26.85
N PRO A 656 -25.59 15.40 27.62
CA PRO A 656 -26.97 15.86 27.92
C PRO A 656 -27.62 16.57 26.73
N PHE A 657 -26.85 16.82 25.67
CA PHE A 657 -27.32 17.51 24.46
C PHE A 657 -27.80 16.56 23.38
N ASP A 658 -28.97 16.86 22.80
CA ASP A 658 -29.54 16.10 21.69
C ASP A 658 -28.96 16.64 20.37
N ASN A 659 -29.42 16.10 19.22
CA ASN A 659 -28.94 16.51 17.89
C ASN A 659 -29.27 17.97 17.58
N LYS A 660 -30.43 18.46 18.07
CA LYS A 660 -30.90 19.83 17.87
C LYS A 660 -31.06 20.55 19.20
N ILE A 661 -30.39 21.71 19.34
CA ILE A 661 -30.43 22.53 20.57
C ILE A 661 -30.81 23.99 20.31
N VAL A 662 -31.38 24.66 21.33
CA VAL A 662 -31.77 26.07 21.30
C VAL A 662 -31.08 26.80 22.45
N VAL A 663 -30.39 27.92 22.14
CA VAL A 663 -29.64 28.71 23.12
C VAL A 663 -30.23 30.11 23.29
N TYR A 664 -30.56 30.48 24.53
CA TYR A 664 -31.06 31.80 24.90
C TYR A 664 -30.21 32.31 26.07
N LYS A 665 -29.35 33.30 25.77
CA LYS A 665 -28.42 33.93 26.72
C LYS A 665 -27.54 32.88 27.42
N GLY A 666 -27.75 32.64 28.71
CA GLY A 666 -26.99 31.66 29.47
C GLY A 666 -27.70 30.32 29.65
N ASP A 667 -28.81 30.11 28.91
CA ASP A 667 -29.62 28.89 28.98
C ASP A 667 -29.63 28.10 27.67
N VAL A 668 -29.51 26.77 27.79
CA VAL A 668 -29.52 25.83 26.66
C VAL A 668 -30.72 24.88 26.83
N TYR A 669 -31.41 24.58 25.71
CA TYR A 669 -32.59 23.71 25.71
C TYR A 669 -32.47 22.65 24.62
N ASN A 670 -32.88 21.42 24.93
CA ASN A 670 -32.94 20.33 23.95
C ASN A 670 -34.28 20.51 23.27
N MET A 671 -34.26 20.91 21.99
CA MET A 671 -35.50 21.15 21.25
C MET A 671 -35.40 20.76 19.80
N ASP A 672 -36.39 19.97 19.33
CA ASP A 672 -36.51 19.56 17.94
C ASP A 672 -37.23 20.72 17.24
N TYR A 673 -36.52 21.87 17.13
CA TYR A 673 -37.01 23.11 16.55
C TYR A 673 -37.46 22.95 15.09
N PRO A 674 -38.46 23.72 14.60
CA PRO A 674 -38.87 23.56 13.20
C PRO A 674 -37.76 23.99 12.24
N PRO A 675 -37.58 23.32 11.09
CA PRO A 675 -36.54 23.74 10.13
C PRO A 675 -36.81 25.13 9.58
N PHE A 676 -35.80 25.76 8.91
CA PHE A 676 -35.98 27.08 8.31
C PHE A 676 -37.02 26.98 7.20
N GLY A 677 -38.00 27.88 7.26
CA GLY A 677 -39.10 27.92 6.31
C GLY A 677 -40.26 27.01 6.66
N ALA A 678 -40.28 26.51 7.92
CA ALA A 678 -41.32 25.61 8.43
C ALA A 678 -41.94 26.07 9.76
N GLY A 679 -41.59 27.29 10.18
CA GLY A 679 -42.10 27.89 11.40
C GLY A 679 -43.59 28.14 11.38
N ARG A 680 -44.26 27.91 12.51
CA ARG A 680 -45.71 28.06 12.65
C ARG A 680 -46.11 29.37 13.36
N PRO A 681 -47.31 29.95 13.06
CA PRO A 681 -47.73 31.19 13.74
C PRO A 681 -47.93 31.02 15.25
N GLY A 682 -47.49 32.02 16.01
CA GLY A 682 -47.59 32.04 17.47
C GLY A 682 -46.74 31.04 18.21
N GLN A 683 -45.80 30.39 17.48
CA GLN A 683 -44.90 29.37 18.00
C GLN A 683 -43.45 29.71 17.69
N PHE A 684 -42.49 29.03 18.38
CA PHE A 684 -41.06 29.19 18.19
C PHE A 684 -40.72 29.00 16.71
N GLY A 685 -40.24 30.06 16.08
CA GLY A 685 -39.87 30.04 14.66
C GLY A 685 -40.87 30.70 13.73
N ASP A 686 -41.87 31.45 14.28
CA ASP A 686 -42.85 32.19 13.47
C ASP A 686 -42.13 33.17 12.54
N ILE A 687 -40.97 33.64 13.01
CA ILE A 687 -40.01 34.47 12.28
C ILE A 687 -38.66 33.75 12.38
N GLN A 688 -37.98 33.56 11.23
CA GLN A 688 -36.69 32.88 11.19
C GLN A 688 -35.69 33.67 10.35
N SER A 689 -34.51 33.91 10.93
CA SER A 689 -33.40 34.62 10.29
C SER A 689 -32.18 33.72 10.36
N ARG A 690 -31.62 33.32 9.19
CA ARG A 690 -30.45 32.44 9.09
C ARG A 690 -29.26 32.89 9.95
N THR A 691 -28.99 34.20 9.96
CA THR A 691 -27.93 34.86 10.73
C THR A 691 -28.53 36.12 11.38
N PRO A 692 -27.96 36.70 12.47
CA PRO A 692 -28.55 37.92 13.05
C PRO A 692 -28.42 39.17 12.16
N GLU A 693 -27.48 39.14 11.19
CA GLU A 693 -27.20 40.23 10.26
C GLU A 693 -28.04 40.15 8.96
N SER A 694 -28.65 38.98 8.69
CA SER A 694 -29.47 38.68 7.51
C SER A 694 -30.54 39.72 7.21
N LYS A 695 -30.60 40.18 5.95
CA LYS A 695 -31.55 41.19 5.49
C LYS A 695 -32.93 40.58 5.25
N ASP A 696 -32.98 39.41 4.57
CA ASP A 696 -34.22 38.69 4.29
C ASP A 696 -34.50 37.67 5.38
N VAL A 697 -35.77 37.62 5.83
CA VAL A 697 -36.22 36.71 6.89
C VAL A 697 -37.44 35.90 6.45
N TYR A 698 -37.68 34.75 7.10
CA TYR A 698 -38.87 33.95 6.84
C TYR A 698 -39.90 34.37 7.88
N ALA A 699 -41.18 34.48 7.47
CA ALA A 699 -42.26 34.85 8.38
C ALA A 699 -43.56 34.14 8.07
N ASN A 700 -44.18 33.60 9.11
CA ASN A 700 -45.48 32.92 9.07
C ASN A 700 -46.18 33.27 10.38
N THR A 701 -46.81 34.45 10.41
CA THR A 701 -47.46 35.00 11.59
C THR A 701 -48.99 35.06 11.47
N GLN A 702 -49.56 34.59 10.33
CA GLN A 702 -51.00 34.58 10.02
C GLN A 702 -51.57 36.01 9.96
N LEU A 703 -50.79 36.94 9.38
CA LEU A 703 -51.15 38.35 9.22
C LEU A 703 -52.28 38.53 8.21
N VAL A 704 -53.43 39.06 8.67
CA VAL A 704 -54.62 39.28 7.85
C VAL A 704 -55.11 40.72 8.10
N LEU A 705 -55.17 41.53 7.02
CA LEU A 705 -55.63 42.91 7.11
C LEU A 705 -57.15 42.99 7.11
N GLN A 706 -57.71 43.86 7.96
CA GLN A 706 -59.16 44.03 8.13
C GLN A 706 -59.65 45.37 7.58
N ARG A 707 -60.95 45.47 7.27
CA ARG A 707 -61.59 46.69 6.78
C ARG A 707 -61.58 47.77 7.88
N PRO A 708 -61.10 49.00 7.59
CA PRO A 708 -61.09 50.04 8.64
C PRO A 708 -62.49 50.45 9.10
N ALA A 709 -62.58 50.98 10.33
CA ALA A 709 -63.81 51.46 10.94
C ALA A 709 -64.37 52.64 10.16
N ALA A 710 -65.70 52.82 10.19
CA ALA A 710 -66.41 53.88 9.48
C ALA A 710 -65.84 55.27 9.83
N GLY A 711 -65.41 55.99 8.79
CA GLY A 711 -64.83 57.32 8.90
C GLY A 711 -63.54 57.42 9.69
N THR A 712 -62.79 56.30 9.77
CA THR A 712 -61.57 56.23 10.56
C THR A 712 -60.35 55.86 9.72
N VAL A 713 -59.25 56.62 9.88
CA VAL A 713 -57.97 56.33 9.23
C VAL A 713 -57.14 55.53 10.22
N HIS A 714 -56.95 54.25 9.92
CA HIS A 714 -56.17 53.27 10.67
C HIS A 714 -56.02 52.00 9.85
N VAL A 715 -55.11 51.10 10.25
CA VAL A 715 -54.89 49.84 9.56
C VAL A 715 -55.17 48.67 10.52
N PRO A 716 -56.45 48.27 10.70
CA PRO A 716 -56.74 47.15 11.60
C PRO A 716 -56.29 45.83 10.98
N TYR A 717 -55.86 44.89 11.83
CA TYR A 717 -55.35 43.58 11.40
C TYR A 717 -55.47 42.53 12.50
N SER A 718 -55.42 41.25 12.09
CA SER A 718 -55.40 40.09 12.97
C SER A 718 -54.09 39.36 12.70
N GLN A 719 -53.39 38.97 13.78
CA GLN A 719 -52.09 38.30 13.68
C GLN A 719 -51.85 37.48 14.94
N ALA A 720 -51.19 36.31 14.78
CA ALA A 720 -50.85 35.44 15.91
C ALA A 720 -49.74 36.11 16.72
N PRO A 721 -49.85 36.21 18.07
CA PRO A 721 -48.81 36.89 18.86
C PRO A 721 -47.41 36.27 18.74
N SER A 722 -46.37 37.05 19.06
CA SER A 722 -44.95 36.66 18.99
C SER A 722 -44.67 35.27 19.55
N GLY A 723 -44.15 34.41 18.67
CA GLY A 723 -43.77 33.03 19.00
C GLY A 723 -42.59 32.96 19.94
N PHE A 724 -41.66 33.93 19.82
CA PHE A 724 -40.48 34.05 20.67
C PHE A 724 -40.89 34.45 22.08
N LYS A 725 -41.83 35.43 22.21
CA LYS A 725 -42.37 35.89 23.49
C LYS A 725 -43.12 34.74 24.16
N TYR A 726 -43.82 33.93 23.35
CA TYR A 726 -44.57 32.76 23.80
C TYR A 726 -43.60 31.68 24.29
N TRP A 727 -42.53 31.41 23.51
CA TRP A 727 -41.52 30.42 23.90
C TRP A 727 -40.81 30.81 25.18
N LEU A 728 -40.50 32.12 25.38
CA LEU A 728 -39.83 32.63 26.58
C LEU A 728 -40.55 32.25 27.88
N LYS A 729 -41.89 32.17 27.84
CA LYS A 729 -42.69 31.80 29.02
C LYS A 729 -43.05 30.30 29.04
N GLU A 730 -42.99 29.62 27.87
CA GLU A 730 -43.34 28.20 27.72
C GLU A 730 -42.14 27.23 27.67
N ARG A 731 -40.91 27.76 27.59
CA ARG A 731 -39.67 26.99 27.49
C ARG A 731 -39.44 25.97 28.60
N GLY A 732 -39.89 26.28 29.81
CA GLY A 732 -39.71 25.45 30.98
C GLY A 732 -38.30 25.60 31.53
N ALA A 733 -37.87 24.67 32.39
CA ALA A 733 -36.53 24.71 32.97
C ALA A 733 -35.47 24.30 31.93
N SER A 734 -34.33 25.01 31.93
CA SER A 734 -33.22 24.74 31.02
C SER A 734 -32.44 23.48 31.41
N LEU A 735 -31.50 23.04 30.54
CA LEU A 735 -30.65 21.85 30.77
C LEU A 735 -29.87 21.87 32.09
N GLN A 736 -29.47 23.06 32.57
CA GLN A 736 -28.75 23.28 33.84
C GLN A 736 -29.54 22.70 35.04
N HIS A 737 -30.89 22.66 34.91
CA HIS A 737 -31.80 22.18 35.94
C HIS A 737 -32.37 20.79 35.68
N THR A 738 -32.53 20.38 34.40
CA THR A 738 -33.14 19.10 34.04
C THR A 738 -32.17 17.95 33.71
N ALA A 739 -30.93 18.26 33.29
CA ALA A 739 -29.96 17.25 32.88
C ALA A 739 -29.57 16.23 33.96
N PRO A 740 -29.47 14.93 33.59
CA PRO A 740 -29.05 13.91 34.56
C PRO A 740 -27.57 14.05 34.93
N PHE A 741 -27.10 13.21 35.89
CA PHE A 741 -25.71 13.14 36.37
C PHE A 741 -25.12 14.45 36.96
N GLY A 742 -26.00 15.35 37.39
CA GLY A 742 -25.62 16.64 37.97
C GLY A 742 -24.88 17.59 37.06
N CYS A 743 -25.18 17.53 35.74
CA CYS A 743 -24.56 18.39 34.72
C CYS A 743 -24.79 19.87 35.00
N GLN A 744 -23.72 20.65 34.82
CA GLN A 744 -23.76 22.11 34.92
C GLN A 744 -23.70 22.57 33.46
N ILE A 745 -24.58 23.50 33.07
CA ILE A 745 -24.62 23.96 31.68
C ILE A 745 -24.18 25.42 31.55
N ALA A 746 -23.17 25.67 30.71
CA ALA A 746 -22.62 26.99 30.46
C ALA A 746 -22.71 27.36 28.97
N THR A 747 -22.64 28.67 28.67
CA THR A 747 -22.69 29.21 27.31
C THR A 747 -21.42 30.01 27.01
N ASN A 748 -21.20 30.34 25.71
CA ASN A 748 -20.06 31.09 25.19
C ASN A 748 -18.68 30.46 25.54
N PRO A 749 -18.35 29.23 25.07
CA PRO A 749 -19.13 28.33 24.20
C PRO A 749 -20.09 27.41 24.97
N VAL A 750 -21.10 26.85 24.27
CA VAL A 750 -22.09 25.92 24.84
C VAL A 750 -21.34 24.65 25.27
N ARG A 751 -21.44 24.29 26.56
CA ARG A 751 -20.76 23.14 27.13
C ARG A 751 -21.43 22.52 28.36
N ALA A 752 -21.23 21.21 28.56
CA ALA A 752 -21.70 20.46 29.71
C ALA A 752 -20.52 20.31 30.65
N VAL A 753 -20.65 20.83 31.88
CA VAL A 753 -19.57 20.80 32.87
C VAL A 753 -19.94 19.91 34.06
N ASN A 754 -18.98 19.06 34.48
CA ASN A 754 -19.07 18.16 35.63
C ASN A 754 -20.23 17.15 35.62
N CYS A 755 -20.44 16.47 34.47
CA CYS A 755 -21.45 15.42 34.36
C CYS A 755 -20.84 14.16 35.00
N ALA A 756 -21.35 13.79 36.19
CA ALA A 756 -20.83 12.64 36.94
C ALA A 756 -21.32 11.31 36.35
N VAL A 757 -20.69 10.89 35.23
CA VAL A 757 -21.02 9.66 34.51
C VAL A 757 -19.75 8.87 34.12
N GLY A 758 -19.74 7.59 34.50
CA GLY A 758 -18.65 6.67 34.21
C GLY A 758 -17.37 6.95 34.95
N ASN A 759 -16.25 6.45 34.40
CA ASN A 759 -14.91 6.59 34.95
C ASN A 759 -13.94 7.22 33.96
N MET A 760 -12.73 7.56 34.41
CA MET A 760 -11.71 8.18 33.58
C MET A 760 -10.31 7.57 33.78
N PRO A 761 -9.78 6.85 32.76
CA PRO A 761 -8.42 6.29 32.89
C PRO A 761 -7.37 7.40 32.81
N ILE A 762 -6.32 7.29 33.64
CA ILE A 762 -5.22 8.26 33.70
C ILE A 762 -3.88 7.54 33.50
N SER A 763 -3.08 8.06 32.56
CA SER A 763 -1.75 7.55 32.26
C SER A 763 -0.74 8.67 32.59
N ILE A 764 0.22 8.38 33.47
CA ILE A 764 1.26 9.33 33.88
C ILE A 764 2.64 8.72 33.64
N ASP A 765 3.42 9.32 32.74
CA ASP A 765 4.78 8.88 32.43
C ASP A 765 5.70 9.71 33.33
N ILE A 766 5.93 9.23 34.55
CA ILE A 766 6.73 9.90 35.58
C ILE A 766 8.23 9.82 35.23
N PRO A 767 8.95 10.97 35.16
CA PRO A 767 10.39 10.92 34.82
C PRO A 767 11.27 10.26 35.88
N GLU A 768 12.44 9.77 35.43
CA GLU A 768 13.49 9.09 36.19
C GLU A 768 13.93 9.85 37.44
N ALA A 769 14.10 11.19 37.32
CA ALA A 769 14.55 12.08 38.39
C ALA A 769 13.60 12.21 39.58
N ALA A 770 12.30 12.02 39.36
CA ALA A 770 11.27 12.11 40.38
C ALA A 770 11.35 10.98 41.41
N PHE A 771 11.91 9.83 41.02
CA PHE A 771 12.06 8.65 41.86
C PHE A 771 13.32 8.66 42.73
N THR A 772 13.23 8.02 43.90
CA THR A 772 14.32 7.84 44.84
C THR A 772 14.46 6.34 45.08
N ARG A 773 15.69 5.81 44.94
CA ARG A 773 15.97 4.38 45.14
C ARG A 773 15.71 3.97 46.60
N VAL A 774 15.29 2.71 46.82
CA VAL A 774 14.99 2.15 48.16
C VAL A 774 16.17 2.37 49.13
N VAL A 775 17.40 2.13 48.65
CA VAL A 775 18.67 2.31 49.38
C VAL A 775 18.87 3.80 49.73
N ASP A 776 18.53 4.69 48.82
CA ASP A 776 18.63 6.11 49.07
C ASP A 776 17.61 6.47 50.15
N ALA A 777 16.55 5.67 50.24
CA ALA A 777 15.50 5.86 51.24
C ALA A 777 15.73 4.92 52.42
N PRO A 778 14.71 4.74 53.26
CA PRO A 778 14.83 3.87 54.44
C PRO A 778 14.08 2.54 54.34
N SER A 779 14.64 1.53 54.98
CA SER A 779 14.05 0.18 55.05
C SER A 779 13.31 0.05 56.38
N LEU A 780 12.01 -0.31 56.32
CA LEU A 780 11.15 -0.42 57.49
C LEU A 780 10.84 -1.87 57.87
N THR A 781 10.97 -2.17 59.18
CA THR A 781 10.72 -3.49 59.79
C THR A 781 9.99 -3.30 61.13
N ASP A 782 9.55 -4.42 61.76
CA ASP A 782 8.84 -4.49 63.05
C ASP A 782 7.67 -3.50 63.14
N MET A 783 6.82 -3.50 62.09
CA MET A 783 5.69 -2.59 61.98
C MET A 783 4.42 -3.09 62.66
N SER A 784 3.76 -2.20 63.40
N SER A 784 3.76 -2.20 63.41
CA SER A 784 2.52 -2.45 64.14
CA SER A 784 2.52 -2.46 64.13
C SER A 784 1.57 -1.26 64.00
C SER A 784 1.57 -1.27 64.02
N CYS A 785 0.26 -1.53 63.92
CA CYS A 785 -0.76 -0.50 63.76
C CYS A 785 -1.85 -0.53 64.82
N GLU A 786 -2.16 0.64 65.40
CA GLU A 786 -3.20 0.84 66.40
C GLU A 786 -4.12 1.99 66.02
N VAL A 787 -5.45 1.76 66.13
CA VAL A 787 -6.47 2.74 65.79
C VAL A 787 -7.19 3.19 67.08
N PRO A 788 -6.74 4.31 67.71
CA PRO A 788 -7.38 4.75 68.97
C PRO A 788 -8.74 5.43 68.79
N ALA A 789 -9.01 5.98 67.58
CA ALA A 789 -10.26 6.69 67.28
C ALA A 789 -10.67 6.56 65.82
N CYS A 790 -11.94 6.17 65.58
CA CYS A 790 -12.52 6.06 64.23
C CYS A 790 -14.00 6.31 64.14
N THR A 791 -14.38 7.09 63.12
CA THR A 791 -15.74 7.44 62.76
C THR A 791 -15.86 7.28 61.24
N HIS A 792 -16.74 6.37 60.78
CA HIS A 792 -16.92 6.15 59.35
C HIS A 792 -17.77 7.25 58.71
N SER A 793 -17.10 8.16 57.97
CA SER A 793 -17.74 9.30 57.31
C SER A 793 -17.04 9.66 55.99
N SER A 794 -17.55 10.71 55.30
CA SER A 794 -17.01 11.20 54.02
C SER A 794 -15.63 11.83 54.18
N ASP A 795 -15.34 12.41 55.37
CA ASP A 795 -14.04 13.04 55.68
C ASP A 795 -13.13 12.06 56.44
N PHE A 796 -11.93 12.54 56.84
CA PHE A 796 -10.95 11.74 57.57
C PHE A 796 -11.32 11.65 59.06
N GLY A 797 -12.25 10.74 59.36
CA GLY A 797 -12.75 10.48 60.70
C GLY A 797 -11.96 9.44 61.48
N GLY A 798 -10.96 8.85 60.84
CA GLY A 798 -10.11 7.83 61.44
C GLY A 798 -8.72 8.31 61.77
N VAL A 799 -8.16 7.81 62.89
CA VAL A 799 -6.81 8.14 63.37
C VAL A 799 -6.05 6.81 63.57
N ALA A 800 -4.84 6.69 63.00
CA ALA A 800 -4.02 5.49 63.14
C ALA A 800 -2.58 5.81 63.53
N ILE A 801 -2.07 5.10 64.55
CA ILE A 801 -0.69 5.24 65.04
C ILE A 801 0.12 4.02 64.60
N ILE A 802 1.09 4.23 63.72
CA ILE A 802 1.93 3.16 63.19
C ILE A 802 3.36 3.23 63.74
N LYS A 803 3.78 2.16 64.45
CA LYS A 803 5.12 2.03 65.02
C LYS A 803 6.01 1.35 63.99
N TYR A 804 7.29 1.72 63.93
CA TYR A 804 8.23 1.19 62.95
C TYR A 804 9.68 1.16 63.43
N ALA A 805 10.55 0.46 62.67
CA ALA A 805 11.98 0.39 62.88
C ALA A 805 12.62 0.70 61.51
N ALA A 806 13.09 1.95 61.35
CA ALA A 806 13.69 2.43 60.11
C ALA A 806 15.22 2.28 60.13
N SER A 807 15.79 1.79 59.01
CA SER A 807 17.24 1.57 58.84
C SER A 807 18.03 2.89 58.84
N LYS A 808 17.42 3.95 58.27
CA LYS A 808 18.02 5.29 58.19
C LYS A 808 16.94 6.39 58.17
N LYS A 809 17.36 7.66 58.30
CA LYS A 809 16.46 8.83 58.24
C LYS A 809 16.14 9.13 56.78
N GLY A 810 14.91 9.55 56.52
CA GLY A 810 14.44 9.90 55.18
C GLY A 810 12.93 10.01 55.07
N LYS A 811 12.47 10.35 53.86
CA LYS A 811 11.04 10.51 53.56
C LYS A 811 10.46 9.22 53.00
N CYS A 812 9.29 8.81 53.53
CA CYS A 812 8.56 7.61 53.10
C CYS A 812 7.16 7.98 52.63
N ALA A 813 6.72 7.34 51.54
CA ALA A 813 5.37 7.55 51.00
C ALA A 813 4.38 6.72 51.81
N VAL A 814 3.21 7.30 52.10
CA VAL A 814 2.15 6.62 52.87
C VAL A 814 0.98 6.35 51.91
N HIS A 815 0.54 5.08 51.83
CA HIS A 815 -0.56 4.69 50.95
C HIS A 815 -1.38 3.51 51.48
N SER A 816 -2.71 3.58 51.28
CA SER A 816 -3.63 2.52 51.67
C SER A 816 -3.71 1.48 50.56
N MET A 817 -3.46 0.21 50.90
CA MET A 817 -3.47 -0.92 49.96
C MET A 817 -4.88 -1.49 49.77
N THR A 818 -5.84 -0.97 50.54
CA THR A 818 -7.26 -1.32 50.49
C THR A 818 -8.02 -0.12 49.91
N ASN A 819 -8.78 -0.33 48.83
CA ASN A 819 -9.53 0.71 48.13
C ASN A 819 -10.68 1.33 48.93
N ALA A 820 -11.18 0.61 49.97
CA ALA A 820 -12.27 1.05 50.84
C ALA A 820 -11.80 2.08 51.89
N VAL A 821 -10.48 2.27 52.05
CA VAL A 821 -9.86 3.19 53.01
C VAL A 821 -8.89 4.13 52.26
N THR A 822 -8.91 5.43 52.59
CA THR A 822 -8.00 6.42 51.99
C THR A 822 -7.27 7.22 53.07
N ILE A 823 -5.97 7.48 52.88
CA ILE A 823 -5.14 8.21 53.85
C ILE A 823 -4.88 9.65 53.39
N ARG A 824 -5.01 10.61 54.32
CA ARG A 824 -4.80 12.05 54.12
C ARG A 824 -3.33 12.36 53.78
N GLU A 825 -2.39 11.75 54.53
CA GLU A 825 -0.96 11.95 54.36
C GLU A 825 -0.44 11.19 53.15
N ALA A 826 0.38 11.86 52.34
CA ALA A 826 1.00 11.30 51.14
C ALA A 826 2.47 10.94 51.41
N GLU A 827 3.12 11.70 52.31
CA GLU A 827 4.54 11.54 52.65
C GLU A 827 4.81 11.97 54.09
N ILE A 828 5.59 11.16 54.85
CA ILE A 828 6.01 11.45 56.22
C ILE A 828 7.52 11.16 56.41
N GLU A 829 8.16 11.82 57.39
CA GLU A 829 9.58 11.64 57.69
C GLU A 829 9.76 10.54 58.75
N VAL A 830 10.63 9.56 58.45
CA VAL A 830 10.94 8.42 59.34
C VAL A 830 12.35 8.51 59.95
N GLU A 831 12.53 7.93 61.16
CA GLU A 831 13.81 7.88 61.88
C GLU A 831 13.82 6.81 62.98
N GLY A 832 14.62 5.75 62.77
CA GLY A 832 14.83 4.63 63.68
C GLY A 832 13.58 4.00 64.27
N ASN A 833 13.64 3.72 65.58
CA ASN A 833 12.53 3.13 66.34
C ASN A 833 11.61 4.25 66.85
N SER A 834 10.66 4.66 66.00
CA SER A 834 9.70 5.72 66.29
C SER A 834 8.29 5.35 65.82
N GLN A 835 7.34 6.30 65.94
CA GLN A 835 5.95 6.11 65.53
C GLN A 835 5.43 7.27 64.66
N LEU A 836 4.48 6.97 63.78
CA LEU A 836 3.84 7.94 62.88
C LEU A 836 2.33 8.00 63.09
N GLN A 837 1.73 9.19 62.90
CA GLN A 837 0.29 9.38 63.04
C GLN A 837 -0.31 9.77 61.69
N ILE A 838 -1.30 9.00 61.23
CA ILE A 838 -2.00 9.24 59.96
C ILE A 838 -3.50 9.43 60.16
N SER A 839 -4.13 10.14 59.20
CA SER A 839 -5.56 10.39 59.17
C SER A 839 -6.15 9.59 58.01
N PHE A 840 -7.21 8.82 58.27
CA PHE A 840 -7.84 8.01 57.24
C PHE A 840 -9.36 8.19 57.13
N SER A 841 -9.91 7.94 55.94
CA SER A 841 -11.34 8.03 55.64
C SER A 841 -11.85 6.68 55.15
N THR A 842 -12.99 6.23 55.70
CA THR A 842 -13.65 4.96 55.36
C THR A 842 -15.16 5.03 55.58
N ALA A 843 -15.92 4.18 54.88
CA ALA A 843 -17.37 4.09 55.01
C ALA A 843 -17.75 2.83 55.79
N LEU A 844 -16.77 1.92 56.00
CA LEU A 844 -16.92 0.64 56.69
C LEU A 844 -16.93 0.78 58.21
N ALA A 845 -17.82 0.03 58.87
CA ALA A 845 -17.96 -0.01 60.34
C ALA A 845 -16.81 -0.82 60.93
N SER A 846 -16.36 -1.88 60.21
CA SER A 846 -15.25 -2.74 60.57
C SER A 846 -14.22 -2.66 59.44
N ALA A 847 -13.27 -1.72 59.58
CA ALA A 847 -12.25 -1.46 58.57
C ALA A 847 -10.92 -2.18 58.83
N GLU A 848 -10.61 -3.18 58.00
CA GLU A 848 -9.36 -3.94 58.04
C GLU A 848 -8.60 -3.55 56.78
N PHE A 849 -7.50 -2.80 56.95
CA PHE A 849 -6.72 -2.27 55.83
C PHE A 849 -5.21 -2.36 56.01
N ARG A 850 -4.48 -2.37 54.88
CA ARG A 850 -3.02 -2.41 54.85
C ARG A 850 -2.44 -1.06 54.45
N VAL A 851 -1.44 -0.59 55.21
CA VAL A 851 -0.78 0.70 54.97
C VAL A 851 0.66 0.44 54.51
N GLN A 852 1.03 0.94 53.33
CA GLN A 852 2.38 0.80 52.81
C GLN A 852 3.17 2.08 53.07
N VAL A 853 4.11 2.00 54.04
CA VAL A 853 5.00 3.12 54.39
C VAL A 853 6.34 2.70 53.79
N CYS A 854 6.77 3.44 52.74
CA CYS A 854 7.96 3.17 51.92
C CYS A 854 7.69 1.87 51.14
N SER A 855 8.46 0.79 51.39
CA SER A 855 8.27 -0.50 50.71
C SER A 855 7.77 -1.63 51.62
N THR A 856 7.33 -1.29 52.86
CA THR A 856 6.83 -2.25 53.83
C THR A 856 5.35 -2.02 54.17
N GLN A 857 4.55 -3.11 54.22
CA GLN A 857 3.12 -3.06 54.53
C GLN A 857 2.82 -3.43 55.98
N VAL A 858 1.81 -2.76 56.57
CA VAL A 858 1.35 -2.98 57.94
C VAL A 858 -0.18 -3.10 57.97
N HIS A 859 -0.70 -4.10 58.70
CA HIS A 859 -2.15 -4.30 58.82
C HIS A 859 -2.75 -3.47 59.95
N CYS A 860 -3.82 -2.72 59.64
CA CYS A 860 -4.55 -1.87 60.57
C CYS A 860 -5.95 -2.44 60.78
N ALA A 861 -6.34 -2.63 62.05
CA ALA A 861 -7.66 -3.13 62.45
C ALA A 861 -8.41 -1.97 63.09
N ALA A 862 -9.55 -1.58 62.50
CA ALA A 862 -10.33 -0.44 62.97
C ALA A 862 -11.82 -0.70 63.12
N GLU A 863 -12.37 -0.34 64.29
CA GLU A 863 -13.79 -0.42 64.59
C GLU A 863 -14.28 1.02 64.50
N CYS A 864 -14.90 1.37 63.38
CA CYS A 864 -15.38 2.73 63.12
C CYS A 864 -16.84 2.89 63.47
N HIS A 865 -17.15 4.03 64.14
CA HIS A 865 -18.48 4.37 64.65
C HIS A 865 -19.28 5.29 63.72
N PRO A 866 -20.64 5.30 63.78
CA PRO A 866 -21.42 6.17 62.88
C PRO A 866 -21.27 7.67 63.18
N SER B 1 -19.98 79.79 16.29
CA SER B 1 -20.35 78.62 15.50
C SER B 1 -21.30 77.74 16.28
N THR B 2 -22.40 77.33 15.64
CA THR B 2 -23.39 76.41 16.21
C THR B 2 -23.42 75.15 15.33
N LYS B 3 -22.23 74.69 14.89
CA LYS B 3 -22.04 73.50 14.03
C LYS B 3 -22.49 72.18 14.67
N ASP B 4 -22.71 72.15 15.99
CA ASP B 4 -23.13 70.96 16.74
C ASP B 4 -24.61 71.06 17.16
N ASN B 5 -25.37 72.01 16.59
CA ASN B 5 -26.79 72.23 16.92
C ASN B 5 -27.79 71.38 16.10
N PHE B 6 -27.35 70.21 15.57
CA PHE B 6 -28.22 69.29 14.82
C PHE B 6 -29.48 69.00 15.62
N ASN B 7 -30.62 69.48 15.10
CA ASN B 7 -31.92 69.33 15.74
C ASN B 7 -32.91 68.78 14.72
N VAL B 8 -33.18 67.47 14.81
CA VAL B 8 -34.10 66.76 13.93
C VAL B 8 -35.55 67.25 14.05
N TYR B 9 -35.90 67.82 15.22
CA TYR B 9 -37.22 68.35 15.57
C TYR B 9 -37.62 69.61 14.80
N LYS B 10 -36.66 70.23 14.08
CA LYS B 10 -36.93 71.40 13.24
C LYS B 10 -37.71 70.95 11.98
N ALA B 11 -37.47 69.70 11.54
CA ALA B 11 -38.10 69.08 10.37
C ALA B 11 -39.36 68.30 10.73
N THR B 12 -39.40 67.70 11.94
CA THR B 12 -40.55 66.91 12.40
C THR B 12 -41.56 67.77 13.17
N ARG B 13 -42.75 67.21 13.43
CA ARG B 13 -43.81 67.92 14.14
C ARG B 13 -44.73 66.96 14.94
N PRO B 14 -45.37 67.42 16.05
CA PRO B 14 -46.35 66.55 16.72
C PRO B 14 -47.62 66.50 15.84
N TYR B 15 -48.45 65.47 16.00
CA TYR B 15 -49.64 65.33 15.15
C TYR B 15 -50.88 64.79 15.85
N LEU B 16 -52.01 64.82 15.15
CA LEU B 16 -53.30 64.28 15.60
C LEU B 16 -53.50 62.96 14.85
N ALA B 17 -53.90 61.91 15.57
CA ALA B 17 -54.13 60.59 14.99
C ALA B 17 -55.25 59.86 15.74
N HIS B 18 -55.80 58.81 15.13
CA HIS B 18 -56.89 58.02 15.71
C HIS B 18 -56.51 57.33 17.00
N CYS B 19 -57.41 57.40 17.98
CA CYS B 19 -57.33 56.76 19.30
C CYS B 19 -58.70 56.11 19.54
N PRO B 20 -58.77 54.80 19.87
CA PRO B 20 -60.09 54.17 20.06
C PRO B 20 -60.83 54.61 21.33
N ASP B 21 -60.09 55.10 22.35
CA ASP B 21 -60.67 55.53 23.62
C ASP B 21 -59.96 56.78 24.16
N CYS B 22 -60.61 57.94 24.00
CA CYS B 22 -60.12 59.24 24.47
C CYS B 22 -60.72 59.59 25.85
N GLY B 23 -61.36 58.60 26.47
CA GLY B 23 -62.05 58.73 27.73
C GLY B 23 -63.52 58.39 27.55
N GLU B 24 -64.07 57.56 28.47
CA GLU B 24 -65.46 57.08 28.48
C GLU B 24 -65.81 56.14 27.30
N GLY B 25 -64.78 55.54 26.69
CA GLY B 25 -64.91 54.59 25.59
C GLY B 25 -65.13 55.17 24.20
N HIS B 26 -65.17 56.51 24.09
CA HIS B 26 -65.39 57.21 22.82
C HIS B 26 -64.09 57.53 22.09
N SER B 27 -64.06 57.26 20.77
CA SER B 27 -62.91 57.52 19.90
C SER B 27 -62.81 59.01 19.52
N CYS B 28 -61.58 59.49 19.25
CA CYS B 28 -61.30 60.88 18.87
C CYS B 28 -60.00 61.02 18.08
N HIS B 29 -59.79 62.22 17.48
CA HIS B 29 -58.57 62.60 16.79
C HIS B 29 -57.70 63.17 17.91
N SER B 30 -56.89 62.29 18.52
CA SER B 30 -56.08 62.57 19.70
C SER B 30 -54.73 63.25 19.49
N PRO B 31 -54.39 64.27 20.33
CA PRO B 31 -53.05 64.87 20.26
C PRO B 31 -52.01 64.10 21.08
N VAL B 32 -52.43 62.96 21.69
CA VAL B 32 -51.63 62.06 22.52
C VAL B 32 -51.92 60.58 22.11
N ALA B 33 -52.27 60.38 20.82
CA ALA B 33 -52.60 59.06 20.26
C ALA B 33 -51.47 58.05 20.43
N LEU B 34 -51.83 56.82 20.83
CA LEU B 34 -50.87 55.74 21.03
C LEU B 34 -50.55 55.08 19.70
N GLU B 35 -49.25 55.00 19.38
CA GLU B 35 -48.76 54.40 18.14
C GLU B 35 -48.35 52.95 18.33
N ARG B 36 -47.42 52.72 19.28
CA ARG B 36 -46.84 51.40 19.55
C ARG B 36 -46.29 51.32 20.97
N ILE B 37 -46.53 50.18 21.64
CA ILE B 37 -46.02 49.90 22.98
C ILE B 37 -45.04 48.75 22.84
N ARG B 38 -43.77 48.98 23.19
CA ARG B 38 -42.71 47.98 23.13
C ARG B 38 -42.39 47.44 24.52
N ASN B 39 -42.35 46.10 24.65
CA ASN B 39 -42.09 45.41 25.91
C ASN B 39 -41.09 44.26 25.74
N GLU B 40 -39.98 44.53 25.03
CA GLU B 40 -38.94 43.52 24.80
C GLU B 40 -37.96 43.45 25.98
N ALA B 41 -37.89 44.53 26.78
CA ALA B 41 -37.03 44.65 27.95
C ALA B 41 -37.48 43.69 29.04
N THR B 42 -36.60 42.74 29.40
CA THR B 42 -36.88 41.73 30.42
C THR B 42 -37.02 42.33 31.83
N ASP B 43 -36.43 43.53 32.05
CA ASP B 43 -36.52 44.24 33.33
C ASP B 43 -37.93 44.84 33.59
N GLY B 44 -38.81 44.75 32.59
CA GLY B 44 -40.20 45.20 32.67
C GLY B 44 -40.48 46.59 32.15
N THR B 45 -39.43 47.34 31.73
CA THR B 45 -39.55 48.71 31.20
C THR B 45 -40.33 48.72 29.89
N LEU B 46 -41.29 49.64 29.78
CA LEU B 46 -42.11 49.79 28.57
C LEU B 46 -41.63 51.00 27.77
N LYS B 47 -41.44 50.82 26.46
CA LYS B 47 -41.07 51.89 25.55
C LYS B 47 -42.33 52.24 24.77
N ILE B 48 -42.94 53.37 25.13
CA ILE B 48 -44.21 53.85 24.57
C ILE B 48 -44.01 54.95 23.53
N GLN B 49 -44.70 54.83 22.37
CA GLN B 49 -44.66 55.82 21.29
C GLN B 49 -46.00 56.53 21.16
N VAL B 50 -45.99 57.88 21.24
CA VAL B 50 -47.17 58.74 21.14
C VAL B 50 -47.09 59.74 19.98
N SER B 51 -48.22 60.37 19.62
CA SER B 51 -48.29 61.34 18.53
C SER B 51 -47.67 62.71 18.86
N LEU B 52 -47.56 63.06 20.16
CA LEU B 52 -46.94 64.32 20.61
C LEU B 52 -45.43 64.20 20.79
N GLN B 53 -44.74 65.34 21.04
CA GLN B 53 -43.29 65.39 21.25
C GLN B 53 -42.93 66.06 22.57
N ILE B 54 -42.31 65.29 23.49
CA ILE B 54 -41.90 65.73 24.84
C ILE B 54 -40.47 66.28 24.82
N GLY B 55 -40.24 67.33 25.59
CA GLY B 55 -38.94 67.96 25.73
C GLY B 55 -38.59 68.96 24.64
N ILE B 56 -39.55 69.24 23.74
CA ILE B 56 -39.39 70.15 22.61
C ILE B 56 -40.48 71.22 22.64
N LYS B 57 -40.11 72.48 22.40
CA LYS B 57 -41.03 73.61 22.33
C LYS B 57 -41.41 73.84 20.86
N THR B 58 -42.44 74.67 20.59
CA THR B 58 -42.92 74.99 19.23
C THR B 58 -41.85 75.65 18.34
N ASP B 59 -40.88 76.37 18.95
CA ASP B 59 -39.78 77.04 18.26
C ASP B 59 -38.59 76.07 17.99
N ASP B 60 -38.81 74.75 18.24
CA ASP B 60 -37.89 73.62 18.08
C ASP B 60 -36.83 73.47 19.18
N SER B 61 -36.72 74.47 20.09
CA SER B 61 -35.75 74.45 21.19
C SER B 61 -36.04 73.34 22.19
N HIS B 62 -34.97 72.75 22.74
CA HIS B 62 -35.06 71.66 23.71
C HIS B 62 -35.26 72.20 25.12
N ASP B 63 -36.32 71.74 25.79
CA ASP B 63 -36.70 72.14 27.15
C ASP B 63 -37.42 70.96 27.80
N TRP B 64 -36.75 70.27 28.75
CA TRP B 64 -37.28 69.10 29.45
C TRP B 64 -38.58 69.36 30.24
N THR B 65 -38.81 70.62 30.67
CA THR B 65 -40.01 71.02 31.42
C THR B 65 -41.22 71.24 30.50
N LYS B 66 -40.99 71.23 29.17
CA LYS B 66 -42.03 71.46 28.18
C LYS B 66 -42.38 70.24 27.33
N LEU B 67 -43.51 70.34 26.62
CA LEU B 67 -44.09 69.31 25.75
C LEU B 67 -44.81 70.02 24.60
N ARG B 68 -44.68 69.50 23.37
CA ARG B 68 -45.42 70.06 22.23
C ARG B 68 -46.36 69.03 21.62
N TYR B 69 -47.61 69.45 21.38
CA TYR B 69 -48.69 68.64 20.84
C TYR B 69 -49.41 69.41 19.73
N MET B 70 -50.13 68.72 18.84
CA MET B 70 -50.86 69.37 17.76
C MET B 70 -52.21 69.90 18.29
N ASP B 71 -52.40 71.23 18.27
CA ASP B 71 -53.62 71.90 18.70
C ASP B 71 -54.34 72.39 17.44
N ASN B 72 -55.36 71.63 17.02
CA ASN B 72 -56.15 71.86 15.81
C ASN B 72 -55.26 71.85 14.54
N HIS B 73 -54.82 73.02 14.06
CA HIS B 73 -53.99 73.18 12.87
C HIS B 73 -52.53 73.47 13.20
N MET B 74 -52.27 74.09 14.37
CA MET B 74 -50.92 74.47 14.79
C MET B 74 -50.42 73.79 16.07
N PRO B 75 -49.12 73.43 16.17
CA PRO B 75 -48.61 72.85 17.42
C PRO B 75 -48.59 73.87 18.56
N ALA B 76 -48.84 73.41 19.79
CA ALA B 76 -48.87 74.26 20.99
C ALA B 76 -48.03 73.69 22.13
N ASP B 77 -47.59 74.56 23.06
CA ASP B 77 -46.79 74.16 24.22
C ASP B 77 -47.64 73.75 25.41
N ALA B 78 -47.16 72.73 26.15
CA ALA B 78 -47.79 72.19 27.36
C ALA B 78 -46.71 71.79 28.36
N GLU B 79 -47.08 71.65 29.65
CA GLU B 79 -46.15 71.30 30.72
C GLU B 79 -45.86 69.80 30.76
N ARG B 80 -44.59 69.45 31.07
CA ARG B 80 -44.13 68.07 31.20
C ARG B 80 -44.71 67.43 32.47
N ALA B 81 -44.88 68.24 33.54
CA ALA B 81 -45.43 67.82 34.83
C ALA B 81 -46.84 67.23 34.72
N GLY B 82 -47.62 67.74 33.75
CA GLY B 82 -48.98 67.30 33.49
C GLY B 82 -49.09 65.97 32.76
N LEU B 83 -47.96 65.50 32.18
CA LEU B 83 -47.90 64.22 31.47
C LEU B 83 -47.98 63.06 32.47
N PHE B 84 -48.81 62.05 32.14
CA PHE B 84 -49.00 60.87 32.98
C PHE B 84 -49.16 59.60 32.14
N VAL B 85 -48.76 58.46 32.72
CA VAL B 85 -48.87 57.13 32.12
C VAL B 85 -49.52 56.24 33.19
N ARG B 86 -50.51 55.42 32.80
CA ARG B 86 -51.20 54.51 33.72
C ARG B 86 -51.73 53.24 33.06
N THR B 87 -51.78 52.13 33.82
CA THR B 87 -52.32 50.84 33.38
C THR B 87 -53.58 50.63 34.21
N SER B 88 -53.51 49.81 35.27
CA SER B 88 -54.62 49.62 36.20
C SER B 88 -54.50 50.68 37.30
N ALA B 89 -53.30 51.26 37.44
CA ALA B 89 -52.90 52.29 38.41
C ALA B 89 -51.77 53.17 37.81
N PRO B 90 -51.37 54.33 38.40
CA PRO B 90 -50.29 55.15 37.78
C PRO B 90 -48.94 54.46 37.60
N CYS B 91 -48.23 54.84 36.52
CA CYS B 91 -46.91 54.31 36.17
C CYS B 91 -45.80 55.28 36.60
N THR B 92 -44.59 54.75 36.76
CA THR B 92 -43.41 55.55 37.09
C THR B 92 -42.73 55.86 35.77
N ILE B 93 -42.73 57.13 35.35
CA ILE B 93 -42.08 57.55 34.10
C ILE B 93 -40.58 57.69 34.37
N THR B 94 -39.76 56.90 33.66
CA THR B 94 -38.30 56.88 33.83
C THR B 94 -37.52 57.73 32.83
N GLY B 95 -38.14 58.06 31.70
CA GLY B 95 -37.53 58.87 30.65
C GLY B 95 -38.50 59.33 29.59
N THR B 96 -38.30 60.56 29.08
CA THR B 96 -39.12 61.20 28.04
C THR B 96 -38.25 62.00 27.08
N MET B 97 -38.49 61.82 25.76
CA MET B 97 -37.80 62.51 24.67
C MET B 97 -38.56 62.27 23.36
N GLY B 98 -39.07 63.37 22.78
CA GLY B 98 -39.85 63.35 21.54
C GLY B 98 -41.12 62.53 21.64
N HIS B 99 -41.32 61.62 20.69
CA HIS B 99 -42.48 60.73 20.65
C HIS B 99 -42.40 59.58 21.65
N PHE B 100 -41.29 59.46 22.41
CA PHE B 100 -41.04 58.33 23.31
C PHE B 100 -41.08 58.56 24.81
N ILE B 101 -41.67 57.58 25.52
CA ILE B 101 -41.81 57.54 26.98
C ILE B 101 -41.34 56.19 27.49
N LEU B 102 -40.54 56.21 28.57
CA LEU B 102 -40.09 55.02 29.28
C LEU B 102 -40.89 54.96 30.58
N ALA B 103 -41.54 53.83 30.85
CA ALA B 103 -42.36 53.69 32.05
C ALA B 103 -42.32 52.31 32.71
N ARG B 104 -42.36 52.31 34.05
CA ARG B 104 -42.42 51.11 34.89
C ARG B 104 -43.86 51.08 35.39
N CYS B 105 -44.62 50.12 34.88
CA CYS B 105 -46.06 50.00 35.12
C CYS B 105 -46.47 48.80 35.96
N PRO B 106 -47.51 48.93 36.83
CA PRO B 106 -48.01 47.74 37.54
C PRO B 106 -48.87 46.90 36.60
N LYS B 107 -49.25 45.67 37.03
CA LYS B 107 -50.07 44.73 36.25
C LYS B 107 -51.38 45.38 35.78
N GLY B 108 -51.69 45.22 34.49
CA GLY B 108 -52.90 45.80 33.90
C GLY B 108 -53.36 45.15 32.61
N GLU B 109 -54.51 45.61 32.10
CA GLU B 109 -55.13 45.12 30.87
C GLU B 109 -55.26 46.22 29.81
N THR B 110 -55.03 47.49 30.20
CA THR B 110 -55.07 48.66 29.33
C THR B 110 -53.85 49.54 29.59
N LEU B 111 -53.53 50.45 28.66
CA LEU B 111 -52.43 51.41 28.82
C LEU B 111 -52.94 52.79 28.40
N THR B 112 -52.83 53.76 29.31
CA THR B 112 -53.28 55.14 29.10
C THR B 112 -52.12 56.12 29.20
N VAL B 113 -52.03 57.04 28.22
CA VAL B 113 -51.04 58.11 28.18
C VAL B 113 -51.83 59.42 28.00
N GLY B 114 -51.59 60.37 28.88
CA GLY B 114 -52.28 61.65 28.86
C GLY B 114 -51.45 62.85 29.27
N PHE B 115 -52.05 64.05 29.16
CA PHE B 115 -51.44 65.34 29.51
C PHE B 115 -52.53 66.41 29.70
N THR B 116 -52.14 67.59 30.23
CA THR B 116 -53.03 68.73 30.43
C THR B 116 -52.51 69.87 29.54
N ASP B 117 -53.39 70.41 28.67
CA ASP B 117 -53.03 71.49 27.74
C ASP B 117 -52.97 72.88 28.39
N SER B 118 -52.77 73.94 27.56
CA SER B 118 -52.69 75.34 27.98
C SER B 118 -54.00 75.83 28.62
N ARG B 119 -55.14 75.36 28.08
CA ARG B 119 -56.51 75.71 28.52
C ARG B 119 -56.96 74.87 29.73
N LYS B 120 -56.02 74.16 30.39
CA LYS B 120 -56.24 73.28 31.55
C LYS B 120 -57.12 72.05 31.23
N ILE B 121 -57.30 71.74 29.93
CA ILE B 121 -58.11 70.61 29.44
C ILE B 121 -57.25 69.35 29.34
N SER B 122 -57.70 68.27 30.00
CA SER B 122 -57.00 66.99 30.01
C SER B 122 -57.28 66.19 28.73
N HIS B 123 -56.23 65.59 28.15
CA HIS B 123 -56.30 64.76 26.95
C HIS B 123 -55.63 63.43 27.25
N SER B 124 -56.30 62.30 26.97
CA SER B 124 -55.75 60.97 27.21
C SER B 124 -56.11 59.99 26.10
N CYS B 125 -55.30 58.92 25.95
CA CYS B 125 -55.52 57.87 24.96
C CYS B 125 -55.35 56.50 25.61
N THR B 126 -56.39 55.66 25.55
CA THR B 126 -56.41 54.32 26.13
C THR B 126 -56.45 53.24 25.05
N HIS B 127 -55.52 52.29 25.14
CA HIS B 127 -55.40 51.14 24.25
C HIS B 127 -55.39 49.84 25.05
N PRO B 128 -56.02 48.74 24.56
CA PRO B 128 -55.94 47.48 25.31
C PRO B 128 -54.52 46.90 25.20
N PHE B 129 -53.87 46.69 26.36
CA PHE B 129 -52.52 46.17 26.44
C PHE B 129 -52.34 45.33 27.68
N HIS B 130 -52.08 44.03 27.52
CA HIS B 130 -51.88 43.13 28.65
C HIS B 130 -50.46 43.30 29.19
N HIS B 131 -50.35 43.90 30.39
CA HIS B 131 -49.08 44.12 31.04
C HIS B 131 -49.00 43.32 32.34
N ASP B 132 -48.09 42.35 32.35
CA ASP B 132 -47.79 41.47 33.48
C ASP B 132 -46.36 40.99 33.20
N PRO B 133 -45.34 41.82 33.51
CA PRO B 133 -43.95 41.45 33.15
C PRO B 133 -43.41 40.21 33.84
N PRO B 134 -42.69 39.32 33.11
CA PRO B 134 -42.15 38.10 33.74
C PRO B 134 -41.08 38.38 34.78
N VAL B 135 -40.91 37.44 35.71
CA VAL B 135 -39.94 37.51 36.80
C VAL B 135 -38.49 37.41 36.31
N ILE B 136 -37.62 38.30 36.80
CA ILE B 136 -36.19 38.28 36.51
C ILE B 136 -35.60 37.43 37.63
N GLY B 137 -35.10 36.25 37.25
CA GLY B 137 -34.54 35.30 38.20
C GLY B 137 -35.54 34.28 38.70
N ARG B 138 -35.40 33.91 39.98
CA ARG B 138 -36.23 32.89 40.64
C ARG B 138 -36.97 33.42 41.89
N GLU B 139 -37.05 34.75 42.05
CA GLU B 139 -37.72 35.38 43.19
C GLU B 139 -38.56 36.56 42.73
N LYS B 140 -39.86 36.56 43.07
CA LYS B 140 -40.79 37.64 42.72
C LYS B 140 -40.75 38.73 43.79
N PHE B 141 -39.91 39.75 43.57
CA PHE B 141 -39.70 40.88 44.50
C PHE B 141 -40.33 42.18 44.00
N HIS B 142 -40.55 43.13 44.92
CA HIS B 142 -41.17 44.42 44.63
C HIS B 142 -40.16 45.54 44.32
N SER B 143 -39.26 45.85 45.28
CA SER B 143 -38.26 46.92 45.14
C SER B 143 -36.88 46.44 44.70
N ARG B 144 -36.16 47.29 43.94
CA ARG B 144 -34.83 47.03 43.40
C ARG B 144 -33.73 47.01 44.50
N PRO B 145 -32.93 45.92 44.60
CA PRO B 145 -31.86 45.90 45.61
C PRO B 145 -30.56 46.55 45.13
N GLN B 146 -29.77 47.11 46.07
CA GLN B 146 -28.47 47.72 45.78
C GLN B 146 -27.44 46.62 45.51
N HIS B 147 -27.51 45.52 46.29
CA HIS B 147 -26.65 44.35 46.20
C HIS B 147 -27.49 43.09 45.97
N GLY B 148 -26.91 42.14 45.23
CA GLY B 148 -27.52 40.86 44.92
C GLY B 148 -26.82 40.12 43.80
N LYS B 149 -27.47 39.06 43.30
CA LYS B 149 -26.96 38.24 42.21
C LYS B 149 -27.10 39.02 40.88
N GLU B 150 -26.01 39.12 40.11
CA GLU B 150 -26.02 39.83 38.83
C GLU B 150 -26.53 38.89 37.76
N LEU B 151 -27.72 39.20 37.21
CA LEU B 151 -28.33 38.38 36.16
C LEU B 151 -28.48 39.15 34.85
N PRO B 152 -28.32 38.48 33.68
CA PRO B 152 -28.49 39.19 32.39
C PRO B 152 -29.94 39.59 32.14
N CYS B 153 -30.14 40.87 31.79
CA CYS B 153 -31.45 41.44 31.51
C CYS B 153 -31.34 42.56 30.48
N SER B 154 -32.44 42.88 29.80
CA SER B 154 -32.46 43.97 28.82
C SER B 154 -33.31 45.11 29.33
N THR B 155 -32.95 46.34 28.94
CA THR B 155 -33.65 47.57 29.29
C THR B 155 -33.57 48.57 28.15
N TYR B 156 -34.39 49.61 28.21
CA TYR B 156 -34.33 50.71 27.26
C TYR B 156 -33.52 51.77 28.01
N VAL B 157 -32.30 52.05 27.51
CA VAL B 157 -31.36 52.99 28.15
C VAL B 157 -31.92 54.41 28.26
N GLN B 158 -31.81 55.02 29.45
CA GLN B 158 -32.30 56.37 29.74
C GLN B 158 -31.59 57.51 28.99
N SER B 159 -30.55 57.18 28.18
CA SER B 159 -29.77 58.13 27.39
C SER B 159 -30.64 58.80 26.31
N THR B 160 -30.64 60.15 26.32
CA THR B 160 -31.41 60.99 25.37
C THR B 160 -30.88 60.87 23.95
N ALA B 161 -29.62 60.42 23.80
CA ALA B 161 -28.91 60.23 22.53
C ALA B 161 -29.62 59.22 21.62
N ALA B 162 -29.67 59.56 20.32
CA ALA B 162 -30.30 58.76 19.28
C ALA B 162 -29.22 58.37 18.26
N THR B 163 -28.73 57.10 18.34
CA THR B 163 -27.64 56.61 17.48
C THR B 163 -27.89 55.27 16.76
N THR B 164 -28.64 54.33 17.38
CA THR B 164 -28.88 53.01 16.80
C THR B 164 -30.28 52.80 16.20
N GLU B 165 -31.33 52.75 17.05
CA GLU B 165 -32.73 52.54 16.64
C GLU B 165 -33.27 53.71 15.82
N GLU B 166 -34.25 53.43 14.93
CA GLU B 166 -34.84 54.43 14.04
C GLU B 166 -36.34 54.23 13.72
N ILE B 167 -36.97 55.29 13.19
CA ILE B 167 -38.37 55.30 12.73
C ILE B 167 -38.46 55.92 11.34
N GLU B 168 -39.45 55.50 10.56
CA GLU B 168 -39.70 56.04 9.22
C GLU B 168 -40.52 57.31 9.34
N VAL B 169 -40.16 58.31 8.53
CA VAL B 169 -40.85 59.61 8.49
C VAL B 169 -41.17 60.00 7.05
N HIS B 170 -42.23 60.79 6.86
CA HIS B 170 -42.67 61.31 5.56
C HIS B 170 -43.48 62.60 5.74
N MET B 171 -43.73 63.31 4.63
CA MET B 171 -44.52 64.54 4.62
C MET B 171 -45.97 64.21 5.01
N PRO B 172 -46.64 65.04 5.85
CA PRO B 172 -48.03 64.72 6.24
C PRO B 172 -49.01 64.87 5.08
N PRO B 173 -50.21 64.24 5.14
CA PRO B 173 -51.19 64.42 4.06
C PRO B 173 -51.84 65.81 4.15
N ASP B 174 -52.69 66.15 3.17
CA ASP B 174 -53.41 67.43 3.17
C ASP B 174 -54.33 67.49 4.39
N THR B 175 -54.31 68.64 5.10
CA THR B 175 -55.09 68.85 6.31
C THR B 175 -56.44 69.52 5.98
N PRO B 176 -57.58 68.79 6.04
CA PRO B 176 -58.88 69.42 5.72
C PRO B 176 -59.27 70.52 6.69
N ASP B 177 -59.72 71.66 6.13
CA ASP B 177 -60.12 72.83 6.90
C ASP B 177 -61.26 73.56 6.20
N ARG B 178 -62.47 73.47 6.79
CA ARG B 178 -63.70 74.08 6.25
C ARG B 178 -63.70 75.60 6.39
N THR B 179 -62.95 76.14 7.38
CA THR B 179 -62.83 77.58 7.65
C THR B 179 -62.16 78.38 6.52
N LEU B 180 -61.45 77.68 5.60
CA LEU B 180 -60.78 78.28 4.44
C LEU B 180 -61.81 78.81 3.44
N MET B 181 -62.99 78.18 3.39
CA MET B 181 -64.09 78.54 2.49
C MET B 181 -65.14 79.40 3.19
N SER B 182 -65.64 80.42 2.47
CA SER B 182 -66.67 81.34 2.94
C SER B 182 -67.66 81.65 1.81
N GLN B 183 -68.90 82.04 2.17
CA GLN B 183 -69.93 82.35 1.19
C GLN B 183 -69.98 83.83 0.81
N GLN B 184 -69.36 84.17 -0.33
CA GLN B 184 -69.32 85.55 -0.87
C GLN B 184 -70.63 85.80 -1.61
N SER B 185 -71.65 86.34 -0.87
CA SER B 185 -73.02 86.63 -1.30
C SER B 185 -73.84 85.38 -1.64
N GLY B 186 -73.35 84.60 -2.59
CA GLY B 186 -73.97 83.35 -3.05
C GLY B 186 -73.00 82.47 -3.82
N ASN B 187 -71.68 82.71 -3.62
CA ASN B 187 -70.58 81.99 -4.27
C ASN B 187 -69.57 81.48 -3.22
N VAL B 188 -68.48 80.83 -3.67
CA VAL B 188 -67.44 80.28 -2.78
C VAL B 188 -66.17 81.12 -2.81
N LYS B 189 -65.70 81.54 -1.62
CA LYS B 189 -64.47 82.32 -1.46
C LYS B 189 -63.46 81.51 -0.63
N ILE B 190 -62.34 81.13 -1.27
CA ILE B 190 -61.27 80.38 -0.62
C ILE B 190 -60.14 81.35 -0.26
N THR B 191 -59.91 81.55 1.06
CA THR B 191 -58.87 82.43 1.57
C THR B 191 -57.71 81.57 2.08
N VAL B 192 -56.57 81.64 1.36
CA VAL B 192 -55.37 80.86 1.66
C VAL B 192 -54.63 81.23 2.95
N ASN B 193 -54.56 82.55 3.26
CA ASN B 193 -53.87 83.14 4.42
C ASN B 193 -52.38 82.76 4.47
N GLY B 194 -51.70 82.97 3.35
CA GLY B 194 -50.27 82.69 3.18
C GLY B 194 -49.88 81.23 3.19
N GLN B 195 -50.83 80.34 2.84
CA GLN B 195 -50.63 78.89 2.81
C GLN B 195 -50.88 78.33 1.41
N THR B 196 -50.45 77.07 1.18
CA THR B 196 -50.68 76.36 -0.08
C THR B 196 -51.91 75.48 0.17
N VAL B 197 -53.03 75.82 -0.48
CA VAL B 197 -54.31 75.14 -0.30
C VAL B 197 -54.72 74.34 -1.54
N ARG B 198 -55.08 73.07 -1.35
CA ARG B 198 -55.59 72.21 -2.40
C ARG B 198 -57.11 72.23 -2.28
N TYR B 199 -57.80 72.70 -3.32
CA TYR B 199 -59.25 72.81 -3.32
C TYR B 199 -59.88 72.04 -4.48
N LYS B 200 -61.16 71.64 -4.30
CA LYS B 200 -61.96 70.92 -5.28
C LYS B 200 -63.44 71.19 -5.03
N CYS B 201 -64.16 71.67 -6.06
CA CYS B 201 -65.57 72.01 -6.00
C CYS B 201 -66.38 71.16 -6.98
N ASN B 202 -67.64 70.86 -6.63
CA ASN B 202 -68.55 70.09 -7.48
C ASN B 202 -69.32 71.08 -8.39
N CYS B 203 -68.55 71.92 -9.10
CA CYS B 203 -69.02 72.97 -10.00
C CYS B 203 -68.15 73.04 -11.28
N GLY B 204 -68.54 73.88 -12.23
CA GLY B 204 -67.82 74.08 -13.49
C GLY B 204 -66.66 75.03 -13.39
N GLY B 205 -65.94 75.19 -14.50
CA GLY B 205 -64.78 76.07 -14.62
C GLY B 205 -63.58 75.58 -13.84
N SER B 206 -62.77 76.52 -13.31
CA SER B 206 -61.57 76.22 -12.52
C SER B 206 -61.97 75.74 -11.10
N ASN B 207 -62.48 74.50 -11.03
CA ASN B 207 -62.94 73.87 -9.79
C ASN B 207 -61.85 73.31 -8.89
N GLU B 208 -60.70 72.90 -9.48
CA GLU B 208 -59.56 72.36 -8.72
C GLU B 208 -58.25 73.11 -8.95
N GLY B 209 -57.26 72.85 -8.09
CA GLY B 209 -55.94 73.45 -8.18
C GLY B 209 -55.19 73.57 -6.88
N LEU B 210 -53.86 73.61 -6.98
CA LEU B 210 -52.93 73.78 -5.87
C LEU B 210 -52.58 75.27 -5.87
N THR B 211 -53.35 76.07 -5.11
CA THR B 211 -53.20 77.53 -5.06
C THR B 211 -52.37 78.06 -3.90
N THR B 212 -51.64 79.15 -4.18
CA THR B 212 -50.81 79.90 -3.23
C THR B 212 -51.46 81.26 -2.96
N THR B 213 -52.45 81.64 -3.79
CA THR B 213 -53.22 82.89 -3.72
C THR B 213 -54.73 82.60 -3.56
N ASP B 214 -55.50 83.63 -3.15
CA ASP B 214 -56.96 83.55 -2.96
C ASP B 214 -57.69 83.24 -4.25
N LYS B 215 -58.72 82.39 -4.18
CA LYS B 215 -59.53 81.98 -5.33
C LYS B 215 -61.02 82.10 -5.05
N VAL B 216 -61.80 82.49 -6.09
CA VAL B 216 -63.25 82.62 -6.02
C VAL B 216 -63.92 81.65 -7.01
N ILE B 217 -64.95 80.92 -6.52
CA ILE B 217 -65.70 79.95 -7.35
C ILE B 217 -67.15 80.44 -7.47
N ASN B 218 -67.45 81.16 -8.56
CA ASN B 218 -68.78 81.70 -8.84
C ASN B 218 -69.73 80.59 -9.29
N ASN B 219 -71.05 80.77 -9.00
CA ASN B 219 -72.15 79.82 -9.29
C ASN B 219 -71.90 78.47 -8.59
N CYS B 220 -71.44 78.54 -7.33
CA CYS B 220 -71.10 77.37 -6.51
C CYS B 220 -71.51 77.58 -5.05
N LYS B 221 -71.89 76.48 -4.36
CA LYS B 221 -72.28 76.49 -2.96
C LYS B 221 -71.12 75.97 -2.08
N VAL B 222 -71.03 76.48 -0.83
CA VAL B 222 -69.97 76.13 0.13
C VAL B 222 -69.89 74.62 0.48
N ASP B 223 -71.04 73.90 0.44
CA ASP B 223 -71.13 72.47 0.73
C ASP B 223 -70.64 71.60 -0.43
N GLN B 224 -70.60 72.16 -1.65
CA GLN B 224 -70.14 71.49 -2.88
C GLN B 224 -68.60 71.48 -2.98
N CYS B 225 -67.91 72.21 -2.08
CA CYS B 225 -66.46 72.35 -2.08
C CYS B 225 -65.73 71.65 -0.93
N HIS B 226 -64.47 71.27 -1.20
CA HIS B 226 -63.55 70.62 -0.27
C HIS B 226 -62.22 71.39 -0.29
N ALA B 227 -61.73 71.81 0.88
CA ALA B 227 -60.49 72.57 1.01
C ALA B 227 -59.57 71.96 2.05
N ALA B 228 -58.26 71.94 1.75
CA ALA B 228 -57.23 71.38 2.63
C ALA B 228 -55.88 72.08 2.48
N VAL B 229 -55.19 72.30 3.61
CA VAL B 229 -53.86 72.92 3.67
C VAL B 229 -52.80 71.84 3.46
N THR B 230 -51.88 72.04 2.50
CA THR B 230 -50.80 71.10 2.20
C THR B 230 -49.62 71.31 3.14
N ASN B 231 -48.95 70.22 3.53
CA ASN B 231 -47.80 70.25 4.43
C ASN B 231 -46.58 69.61 3.75
N HIS B 232 -45.85 70.39 2.93
CA HIS B 232 -44.67 69.91 2.22
C HIS B 232 -43.35 70.36 2.86
N LYS B 233 -43.43 71.21 3.89
CA LYS B 233 -42.28 71.76 4.61
C LYS B 233 -41.92 70.95 5.86
N LYS B 234 -42.82 70.03 6.29
CA LYS B 234 -42.63 69.24 7.51
C LYS B 234 -42.60 67.73 7.31
N TRP B 235 -42.02 67.03 8.30
CA TRP B 235 -41.94 65.58 8.36
C TRP B 235 -42.81 65.11 9.51
N GLN B 236 -43.29 63.88 9.41
CA GLN B 236 -44.18 63.26 10.39
C GLN B 236 -43.90 61.77 10.39
N TYR B 237 -44.02 61.12 11.56
CA TYR B 237 -43.83 59.67 11.67
C TYR B 237 -44.76 58.96 10.67
N ASN B 238 -44.24 57.89 10.02
CA ASN B 238 -45.00 57.08 9.07
C ASN B 238 -46.04 56.27 9.86
N SER B 239 -47.11 56.97 10.28
CA SER B 239 -48.18 56.46 11.12
C SER B 239 -49.28 55.74 10.35
N PRO B 240 -49.66 54.51 10.78
CA PRO B 240 -50.77 53.81 10.11
C PRO B 240 -52.14 54.40 10.48
N LEU B 241 -52.16 55.39 11.42
CA LEU B 241 -53.35 56.08 11.92
C LEU B 241 -53.60 57.41 11.20
N VAL B 242 -52.69 57.77 10.27
CA VAL B 242 -52.74 59.01 9.48
C VAL B 242 -52.66 58.61 7.98
N PRO B 243 -53.45 59.20 7.05
CA PRO B 243 -53.34 58.76 5.65
C PRO B 243 -52.04 59.20 4.97
N ARG B 244 -51.64 58.46 3.92
CA ARG B 244 -50.44 58.73 3.14
C ARG B 244 -50.70 59.94 2.24
N ASN B 245 -49.63 60.68 1.86
CA ASN B 245 -49.78 61.82 0.97
C ASN B 245 -50.05 61.29 -0.45
N ALA B 246 -51.17 61.73 -1.05
CA ALA B 246 -51.62 61.28 -2.37
C ALA B 246 -50.71 61.69 -3.52
N GLU B 247 -50.15 62.93 -3.46
CA GLU B 247 -49.26 63.51 -4.48
C GLU B 247 -47.97 62.71 -4.66
N LEU B 248 -47.17 62.57 -3.59
CA LEU B 248 -45.92 61.81 -3.60
C LEU B 248 -46.16 60.30 -3.43
N GLY B 249 -45.34 59.49 -4.10
CA GLY B 249 -45.44 58.03 -4.06
C GLY B 249 -44.99 57.40 -2.76
N ASP B 250 -43.93 56.57 -2.84
CA ASP B 250 -43.36 55.88 -1.68
C ASP B 250 -42.17 56.66 -1.08
N ARG B 251 -42.25 58.01 -1.13
CA ARG B 251 -41.23 58.91 -0.62
C ARG B 251 -41.20 58.91 0.90
N LYS B 252 -40.02 58.60 1.47
CA LYS B 252 -39.82 58.53 2.92
C LYS B 252 -38.39 58.83 3.36
N GLY B 253 -38.27 59.32 4.59
CA GLY B 253 -37.03 59.59 5.27
C GLY B 253 -36.95 58.73 6.52
N LYS B 254 -35.85 58.83 7.26
CA LYS B 254 -35.67 58.08 8.52
C LYS B 254 -34.91 58.90 9.54
N ILE B 255 -35.28 58.76 10.81
CA ILE B 255 -34.66 59.52 11.89
C ILE B 255 -34.32 58.59 13.06
N HIS B 256 -33.19 58.84 13.74
CA HIS B 256 -32.77 58.06 14.90
C HIS B 256 -33.69 58.37 16.09
N ILE B 257 -33.91 57.39 16.96
CA ILE B 257 -34.81 57.55 18.12
C ILE B 257 -34.11 57.36 19.48
N PRO B 258 -34.56 58.04 20.56
CA PRO B 258 -33.91 57.83 21.87
C PRO B 258 -34.32 56.51 22.51
N PHE B 259 -33.66 56.16 23.63
CA PHE B 259 -33.90 54.98 24.45
C PHE B 259 -33.84 53.61 23.72
N PRO B 260 -32.72 53.26 23.04
CA PRO B 260 -32.68 51.94 22.38
C PRO B 260 -32.58 50.78 23.38
N LEU B 261 -33.01 49.58 22.95
CA LEU B 261 -32.92 48.38 23.80
C LEU B 261 -31.46 47.92 23.85
N ALA B 262 -30.96 47.63 25.06
CA ALA B 262 -29.58 47.18 25.27
C ALA B 262 -29.48 46.13 26.38
N ASN B 263 -28.49 45.24 26.27
CA ASN B 263 -28.22 44.19 27.24
C ASN B 263 -27.46 44.78 28.44
N VAL B 264 -28.04 44.63 29.64
CA VAL B 264 -27.49 45.15 30.89
C VAL B 264 -27.48 44.05 31.97
N THR B 265 -27.30 44.45 33.23
CA THR B 265 -27.30 43.57 34.39
C THR B 265 -28.40 43.99 35.37
N CYS B 266 -29.16 43.00 35.87
CA CYS B 266 -30.23 43.20 36.84
C CYS B 266 -29.82 42.53 38.15
N ARG B 267 -29.82 43.29 39.24
CA ARG B 267 -29.46 42.76 40.55
C ARG B 267 -30.70 42.20 41.24
N VAL B 268 -30.63 40.94 41.67
CA VAL B 268 -31.74 40.23 42.31
C VAL B 268 -31.41 39.79 43.74
N PRO B 269 -32.35 39.86 44.70
CA PRO B 269 -32.03 39.42 46.07
C PRO B 269 -31.94 37.90 46.16
N LYS B 270 -31.16 37.44 47.15
CA LYS B 270 -30.98 36.02 47.42
C LYS B 270 -31.76 35.71 48.70
N ALA B 271 -32.75 34.80 48.60
CA ALA B 271 -33.60 34.39 49.72
C ALA B 271 -32.75 33.80 50.84
N ARG B 272 -33.11 34.11 52.11
CA ARG B 272 -32.37 33.64 53.29
C ARG B 272 -32.31 32.11 53.36
N ASN B 273 -31.11 31.57 53.66
CA ASN B 273 -30.85 30.13 53.74
C ASN B 273 -31.76 29.44 54.76
N PRO B 274 -32.54 28.41 54.33
CA PRO B 274 -33.48 27.77 55.27
C PRO B 274 -32.82 26.93 56.37
N THR B 275 -33.60 26.64 57.44
CA THR B 275 -33.17 25.81 58.57
C THR B 275 -33.22 24.36 58.06
N VAL B 276 -32.05 23.71 57.98
CA VAL B 276 -31.91 22.37 57.44
C VAL B 276 -31.64 21.31 58.51
N THR B 277 -32.47 20.24 58.53
CA THR B 277 -32.36 19.09 59.43
C THR B 277 -32.21 17.82 58.57
N TYR B 278 -31.53 16.79 59.10
CA TYR B 278 -31.28 15.56 58.36
C TYR B 278 -31.92 14.28 58.91
N GLY B 279 -32.03 13.28 58.03
CA GLY B 279 -32.57 11.96 58.30
C GLY B 279 -31.98 10.96 57.31
N LYS B 280 -32.27 9.64 57.51
CA LYS B 280 -31.77 8.57 56.64
C LYS B 280 -32.26 8.76 55.19
N ASN B 281 -31.33 9.13 54.28
CA ASN B 281 -31.57 9.40 52.85
C ASN B 281 -32.68 10.47 52.66
N GLN B 282 -32.73 11.44 53.60
CA GLN B 282 -33.77 12.47 53.65
C GLN B 282 -33.24 13.82 54.15
N VAL B 283 -33.70 14.90 53.52
CA VAL B 283 -33.37 16.29 53.88
C VAL B 283 -34.67 17.07 54.17
N ILE B 284 -34.72 17.76 55.32
CA ILE B 284 -35.88 18.54 55.74
C ILE B 284 -35.52 20.02 55.85
N MET B 285 -36.18 20.86 55.04
CA MET B 285 -35.95 22.30 55.00
C MET B 285 -37.17 23.08 55.48
N LEU B 286 -36.94 24.04 56.39
CA LEU B 286 -37.98 24.93 56.91
C LEU B 286 -37.84 26.24 56.14
N LEU B 287 -38.67 26.40 55.09
CA LEU B 287 -38.63 27.58 54.21
C LEU B 287 -39.44 28.75 54.76
N TYR B 288 -38.78 29.93 54.85
CA TYR B 288 -39.38 31.17 55.34
C TYR B 288 -39.23 32.26 54.26
N PRO B 289 -40.04 32.24 53.17
CA PRO B 289 -39.88 33.27 52.13
C PRO B 289 -40.51 34.61 52.48
N ASP B 290 -39.84 35.70 52.09
CA ASP B 290 -40.30 37.08 52.31
C ASP B 290 -41.16 37.54 51.12
N HIS B 291 -41.09 36.78 50.02
CA HIS B 291 -41.80 36.99 48.75
C HIS B 291 -41.83 35.67 47.94
N PRO B 292 -42.65 35.51 46.85
CA PRO B 292 -42.64 34.23 46.11
C PRO B 292 -41.24 33.80 45.67
N THR B 293 -40.81 32.63 46.13
CA THR B 293 -39.48 32.07 45.90
C THR B 293 -39.57 30.68 45.24
N LEU B 294 -38.88 30.52 44.10
CA LEU B 294 -38.88 29.25 43.36
C LEU B 294 -37.93 28.23 43.96
N LEU B 295 -38.47 27.06 44.31
CA LEU B 295 -37.71 25.93 44.84
C LEU B 295 -37.67 24.85 43.78
N SER B 296 -36.46 24.43 43.41
CA SER B 296 -36.24 23.38 42.42
C SER B 296 -35.25 22.34 42.92
N TYR B 297 -35.43 21.07 42.51
CA TYR B 297 -34.57 19.98 42.91
C TYR B 297 -34.48 18.86 41.89
N ARG B 298 -33.34 18.15 41.88
CA ARG B 298 -33.05 17.05 40.97
C ARG B 298 -32.05 16.06 41.58
N ASN B 299 -32.19 14.78 41.21
CA ASN B 299 -31.26 13.73 41.60
C ASN B 299 -30.04 13.86 40.69
N MET B 300 -28.84 13.61 41.22
CA MET B 300 -27.60 13.75 40.43
C MET B 300 -27.15 12.43 39.78
N GLY B 301 -28.13 11.58 39.47
CA GLY B 301 -27.93 10.29 38.81
C GLY B 301 -28.55 10.23 37.42
N GLU B 302 -28.79 9.00 36.94
CA GLU B 302 -29.36 8.69 35.63
C GLU B 302 -30.78 9.24 35.46
N GLU B 303 -31.60 9.17 36.53
CA GLU B 303 -32.98 9.66 36.56
C GLU B 303 -33.03 10.92 37.44
N PRO B 304 -32.87 12.13 36.85
CA PRO B 304 -32.87 13.35 37.67
C PRO B 304 -34.20 13.67 38.34
N ASN B 305 -35.33 13.39 37.65
CA ASN B 305 -36.70 13.63 38.12
C ASN B 305 -36.87 15.07 38.63
N TYR B 306 -36.67 16.04 37.73
CA TYR B 306 -36.75 17.46 38.04
C TYR B 306 -38.15 17.87 38.50
N GLN B 307 -38.20 18.55 39.65
CA GLN B 307 -39.44 19.04 40.25
C GLN B 307 -39.26 20.50 40.67
N GLU B 308 -40.31 21.31 40.51
CA GLU B 308 -40.30 22.73 40.88
C GLU B 308 -41.63 23.20 41.46
N GLU B 309 -41.55 24.15 42.40
CA GLU B 309 -42.71 24.76 43.06
C GLU B 309 -42.39 26.16 43.57
N TRP B 310 -43.35 27.09 43.39
CA TRP B 310 -43.21 28.46 43.87
C TRP B 310 -43.70 28.49 45.32
N VAL B 311 -42.78 28.78 46.25
CA VAL B 311 -43.07 28.82 47.67
C VAL B 311 -43.51 30.25 48.03
N MET B 312 -44.77 30.39 48.46
CA MET B 312 -45.40 31.68 48.78
C MET B 312 -45.22 32.08 50.24
N HIS B 313 -45.38 31.14 51.18
CA HIS B 313 -45.23 31.38 52.62
C HIS B 313 -44.54 30.20 53.34
N LYS B 314 -44.57 30.19 54.70
CA LYS B 314 -43.98 29.16 55.56
C LYS B 314 -44.39 27.74 55.16
N LYS B 315 -43.42 26.93 54.70
CA LYS B 315 -43.65 25.56 54.27
C LYS B 315 -42.46 24.65 54.57
N GLU B 316 -42.72 23.50 55.19
CA GLU B 316 -41.70 22.49 55.49
C GLU B 316 -41.65 21.51 54.32
N VAL B 317 -40.46 21.31 53.74
CA VAL B 317 -40.28 20.41 52.60
C VAL B 317 -39.43 19.18 52.95
N VAL B 318 -39.98 17.99 52.68
CA VAL B 318 -39.33 16.70 52.94
C VAL B 318 -38.87 16.15 51.58
N LEU B 319 -37.54 16.05 51.39
CA LEU B 319 -36.92 15.60 50.14
C LEU B 319 -36.06 14.37 50.35
N THR B 320 -36.17 13.40 49.43
CA THR B 320 -35.39 12.15 49.47
C THR B 320 -34.04 12.35 48.79
N VAL B 321 -32.95 12.07 49.51
CA VAL B 321 -31.58 12.19 49.01
C VAL B 321 -31.10 10.81 48.54
N PRO B 322 -30.95 10.58 47.21
CA PRO B 322 -30.48 9.26 46.76
C PRO B 322 -28.96 9.11 46.90
N THR B 323 -28.44 7.88 46.71
CA THR B 323 -27.02 7.54 46.80
C THR B 323 -26.18 8.41 45.83
N GLU B 324 -26.73 8.70 44.64
CA GLU B 324 -26.11 9.51 43.59
C GLU B 324 -25.99 10.99 44.00
N GLY B 325 -26.88 11.44 44.88
CA GLY B 325 -26.91 12.81 45.38
C GLY B 325 -28.11 13.62 44.93
N LEU B 326 -28.43 14.68 45.70
CA LEU B 326 -29.54 15.59 45.43
C LEU B 326 -29.07 17.04 45.36
N GLU B 327 -29.48 17.77 44.31
CA GLU B 327 -29.14 19.18 44.09
C GLU B 327 -30.43 20.00 44.30
N VAL B 328 -30.40 20.98 45.22
CA VAL B 328 -31.56 21.83 45.56
C VAL B 328 -31.24 23.31 45.33
N THR B 329 -32.08 24.02 44.55
CA THR B 329 -31.93 25.44 44.28
C THR B 329 -33.10 26.20 44.92
N TRP B 330 -32.79 27.08 45.88
CA TRP B 330 -33.77 27.89 46.59
C TRP B 330 -33.62 29.36 46.17
N GLY B 331 -34.51 29.79 45.29
CA GLY B 331 -34.52 31.13 44.73
C GLY B 331 -33.26 31.44 43.95
N ASN B 332 -32.72 32.66 44.14
CA ASN B 332 -31.52 33.13 43.45
C ASN B 332 -30.19 32.67 44.08
N ASN B 333 -30.26 31.83 45.14
CA ASN B 333 -29.08 31.28 45.81
C ASN B 333 -28.43 30.22 44.92
N GLU B 334 -27.12 29.99 45.14
CA GLU B 334 -26.35 28.97 44.42
C GLU B 334 -26.88 27.59 44.85
N PRO B 335 -26.95 26.58 43.95
CA PRO B 335 -27.52 25.27 44.34
C PRO B 335 -26.83 24.57 45.50
N TYR B 336 -27.63 24.01 46.43
CA TYR B 336 -27.14 23.24 47.57
C TYR B 336 -27.05 21.80 47.10
N LYS B 337 -26.00 21.08 47.50
CA LYS B 337 -25.82 19.68 47.15
C LYS B 337 -25.84 18.81 48.39
N TYR B 338 -26.58 17.69 48.34
CA TYR B 338 -26.71 16.75 49.46
C TYR B 338 -26.39 15.32 49.04
N TRP B 339 -25.66 14.60 49.90
CA TRP B 339 -25.26 13.21 49.69
C TRP B 339 -25.46 12.39 50.98
N PRO B 340 -25.84 11.09 50.89
CA PRO B 340 -25.97 10.29 52.12
C PRO B 340 -24.60 9.93 52.71
N GLN B 341 -24.52 9.74 54.04
CA GLN B 341 -23.30 9.39 54.74
C GLN B 341 -23.02 7.89 54.60
N PRO C 1 -14.42 58.21 0.88
CA PRO C 1 -15.40 59.24 0.51
C PRO C 1 -16.81 58.67 0.33
N VAL C 2 -17.76 59.15 1.17
CA VAL C 2 -19.15 58.71 1.14
C VAL C 2 -19.96 59.69 0.27
N MET C 3 -20.62 59.16 -0.78
CA MET C 3 -21.37 59.97 -1.75
C MET C 3 -22.89 59.89 -1.63
N CYS C 4 -23.56 61.05 -1.80
CA CYS C 4 -25.01 61.20 -1.78
C CYS C 4 -25.50 61.73 -3.13
N LEU C 5 -26.83 61.68 -3.38
CA LEU C 5 -27.43 62.08 -4.65
C LEU C 5 -28.38 63.28 -4.57
N LEU C 6 -28.28 64.21 -5.53
CA LEU C 6 -29.14 65.38 -5.68
C LEU C 6 -29.41 65.57 -7.17
N ALA C 7 -30.65 65.20 -7.60
CA ALA C 7 -31.14 65.24 -8.98
C ALA C 7 -30.25 64.44 -9.96
N ASN C 8 -29.43 65.15 -10.75
CA ASN C 8 -28.54 64.54 -11.73
C ASN C 8 -27.06 64.56 -11.27
N THR C 9 -26.80 64.95 -10.00
CA THR C 9 -25.44 65.04 -9.43
C THR C 9 -25.19 64.13 -8.22
N THR C 10 -23.90 63.88 -7.94
CA THR C 10 -23.37 63.15 -6.78
C THR C 10 -22.52 64.16 -6.01
N PHE C 11 -22.54 64.10 -4.67
CA PHE C 11 -21.82 65.04 -3.80
C PHE C 11 -21.41 64.37 -2.47
N PRO C 12 -20.44 64.90 -1.67
CA PRO C 12 -20.14 64.24 -0.38
C PRO C 12 -21.31 64.45 0.59
N CYS C 13 -21.84 63.35 1.17
CA CYS C 13 -22.98 63.33 2.09
C CYS C 13 -22.92 64.39 3.18
N SER C 14 -21.75 64.54 3.81
CA SER C 14 -21.50 65.52 4.89
C SER C 14 -21.45 66.97 4.37
N GLN C 15 -21.35 67.16 3.05
CA GLN C 15 -21.27 68.48 2.43
C GLN C 15 -22.35 68.78 1.35
N PRO C 16 -23.65 68.91 1.71
CA PRO C 16 -24.65 69.25 0.68
C PRO C 16 -24.48 70.71 0.20
N PRO C 17 -24.81 71.03 -1.07
CA PRO C 17 -24.57 72.41 -1.57
C PRO C 17 -25.40 73.52 -0.92
N CYS C 18 -26.49 73.15 -0.23
CA CYS C 18 -27.41 74.08 0.45
C CYS C 18 -26.84 74.71 1.74
N THR C 19 -25.76 74.12 2.31
CA THR C 19 -25.13 74.57 3.57
C THR C 19 -24.67 76.04 3.54
N PRO C 20 -24.86 76.81 4.64
CA PRO C 20 -25.46 76.43 5.93
C PRO C 20 -26.98 76.59 5.98
N CYS C 21 -27.61 76.02 7.02
CA CYS C 21 -29.06 76.07 7.30
C CYS C 21 -29.90 75.67 6.08
N CYS C 22 -29.71 74.42 5.59
CA CYS C 22 -30.41 73.85 4.45
C CYS C 22 -31.92 73.93 4.62
N TYR C 23 -32.41 73.47 5.78
CA TYR C 23 -33.83 73.44 6.13
C TYR C 23 -34.44 74.84 6.27
N GLU C 24 -33.74 75.78 6.92
CA GLU C 24 -34.22 77.15 7.11
C GLU C 24 -34.42 77.88 5.79
N LYS C 25 -33.49 77.68 4.83
CA LYS C 25 -33.51 78.27 3.49
C LYS C 25 -34.63 77.69 2.63
N GLU C 26 -34.62 76.37 2.42
CA GLU C 26 -35.60 75.65 1.59
C GLU C 26 -36.08 74.37 2.34
N PRO C 27 -37.14 74.47 3.17
CA PRO C 27 -37.59 73.28 3.92
C PRO C 27 -38.08 72.11 3.08
N GLU C 28 -38.89 72.38 2.03
CA GLU C 28 -39.42 71.35 1.13
C GLU C 28 -38.29 70.65 0.35
N GLU C 29 -37.38 71.43 -0.28
CA GLU C 29 -36.24 70.95 -1.07
C GLU C 29 -35.28 70.08 -0.25
N THR C 30 -35.02 70.45 1.01
CA THR C 30 -34.14 69.73 1.94
C THR C 30 -34.71 68.35 2.25
N LEU C 31 -36.01 68.29 2.61
CA LEU C 31 -36.70 67.04 2.93
C LEU C 31 -36.78 66.12 1.71
N ARG C 32 -37.02 66.68 0.51
CA ARG C 32 -37.07 65.94 -0.76
C ARG C 32 -35.70 65.30 -1.04
N MET C 33 -34.61 66.07 -0.83
CA MET C 33 -33.22 65.62 -1.00
C MET C 33 -32.90 64.46 -0.04
N LEU C 34 -33.31 64.59 1.23
CA LEU C 34 -33.11 63.56 2.26
C LEU C 34 -33.85 62.27 1.92
N GLU C 35 -35.10 62.39 1.41
CA GLU C 35 -35.95 61.26 1.00
C GLU C 35 -35.29 60.48 -0.15
N ASP C 36 -34.59 61.20 -1.07
CA ASP C 36 -33.91 60.63 -2.22
C ASP C 36 -32.65 59.85 -1.83
N ASN C 37 -32.13 60.05 -0.61
CA ASN C 37 -30.92 59.39 -0.09
C ASN C 37 -31.19 58.45 1.09
N VAL C 38 -32.46 58.08 1.33
CA VAL C 38 -32.88 57.20 2.42
C VAL C 38 -32.21 55.81 2.42
N MET C 39 -31.91 55.27 1.22
CA MET C 39 -31.28 53.95 1.05
C MET C 39 -29.75 54.01 1.02
N ARG C 40 -29.17 55.22 0.86
CA ARG C 40 -27.73 55.46 0.80
C ARG C 40 -27.03 55.25 2.16
N PRO C 41 -25.84 54.59 2.18
CA PRO C 41 -25.14 54.37 3.46
C PRO C 41 -24.75 55.62 4.24
N GLY C 42 -24.57 56.74 3.54
CA GLY C 42 -24.23 58.02 4.15
C GLY C 42 -25.41 58.93 4.42
N TYR C 43 -26.62 58.35 4.59
CA TYR C 43 -27.85 59.11 4.86
C TYR C 43 -27.77 59.93 6.14
N TYR C 44 -27.27 59.32 7.24
CA TYR C 44 -27.15 60.00 8.53
C TYR C 44 -26.11 61.11 8.57
N GLN C 45 -25.12 61.07 7.65
CA GLN C 45 -24.11 62.12 7.49
C GLN C 45 -24.80 63.31 6.82
N LEU C 46 -25.71 63.02 5.85
CA LEU C 46 -26.50 64.02 5.13
C LEU C 46 -27.56 64.64 6.04
N LEU C 47 -28.24 63.82 6.88
CA LEU C 47 -29.27 64.26 7.83
C LEU C 47 -28.67 65.23 8.84
N GLN C 48 -27.47 64.90 9.37
CA GLN C 48 -26.73 65.71 10.34
C GLN C 48 -26.39 67.09 9.75
N ALA C 49 -25.80 67.13 8.55
CA ALA C 49 -25.40 68.37 7.87
C ALA C 49 -26.59 69.23 7.42
N SER C 50 -27.67 68.62 6.92
CA SER C 50 -28.87 69.32 6.44
C SER C 50 -29.73 69.94 7.55
N LEU C 51 -29.75 69.29 8.74
CA LEU C 51 -30.55 69.78 9.88
C LEU C 51 -29.74 70.51 10.95
N THR C 52 -28.55 71.02 10.56
CA THR C 52 -27.67 71.83 11.40
C THR C 52 -27.71 73.25 10.86
N CYS C 53 -27.88 74.24 11.75
CA CYS C 53 -27.92 75.63 11.35
C CYS C 53 -26.94 76.50 12.11
N SER C 54 -25.87 76.91 11.41
CA SER C 54 -24.85 77.81 11.91
C SER C 54 -24.79 78.93 10.87
N PRO C 55 -25.68 79.96 10.98
CA PRO C 55 -25.72 81.01 9.94
C PRO C 55 -24.52 81.96 9.91
N HIS C 56 -24.38 82.69 8.79
CA HIS C 56 -23.32 83.68 8.56
C HIS C 56 -23.46 84.86 9.51
N ARG C 57 -24.70 85.37 9.69
CA ARG C 57 -25.03 86.52 10.54
C ARG C 57 -25.07 86.10 12.01
N GLN C 58 -23.90 85.66 12.53
CA GLN C 58 -23.70 85.16 13.88
C GLN C 58 -22.20 85.28 14.22
N ARG C 59 -21.86 85.61 15.47
CA ARG C 59 -20.47 85.73 15.92
C ARG C 59 -19.81 84.36 16.05
N GLU C 60 -20.47 83.45 16.78
CA GLU C 60 -20.01 82.11 17.10
C GLU C 60 -20.51 81.01 16.14
N PRO D 1 -10.12 58.75 20.52
CA PRO D 1 -8.78 59.24 20.86
C PRO D 1 -7.83 58.13 21.29
N VAL D 2 -6.73 57.94 20.53
CA VAL D 2 -5.72 56.92 20.81
C VAL D 2 -4.58 57.54 21.61
N MET D 3 -4.29 56.99 22.80
CA MET D 3 -3.30 57.52 23.73
C MET D 3 -2.00 56.72 23.83
N CYS D 4 -0.87 57.44 23.90
CA CYS D 4 0.48 56.89 24.04
C CYS D 4 1.11 57.38 25.34
N LEU D 5 2.23 56.76 25.78
CA LEU D 5 2.90 57.07 27.05
C LEU D 5 4.32 57.64 26.89
N LEU D 6 4.64 58.68 27.68
CA LEU D 6 5.95 59.31 27.76
C LEU D 6 6.23 59.65 29.23
N ALA D 7 7.11 58.84 29.87
CA ALA D 7 7.50 58.92 31.27
C ALA D 7 6.30 58.84 32.23
N ASN D 8 5.89 59.98 32.80
CA ASN D 8 4.78 60.08 33.75
C ASN D 8 3.52 60.69 33.09
N THR D 9 3.53 60.90 31.75
CA THR D 9 2.42 61.50 31.00
C THR D 9 1.79 60.60 29.93
N THR D 10 0.56 60.93 29.52
CA THR D 10 -0.20 60.33 28.43
C THR D 10 -0.44 61.44 27.41
N PHE D 11 -0.38 61.10 26.10
CA PHE D 11 -0.53 62.08 25.02
C PHE D 11 -1.16 61.44 23.77
N PRO D 12 -1.71 62.18 22.77
CA PRO D 12 -2.24 61.51 21.57
C PRO D 12 -1.09 60.95 20.73
N CYS D 13 -1.13 59.64 20.42
CA CYS D 13 -0.10 58.90 19.67
C CYS D 13 0.40 59.63 18.42
N SER D 14 -0.53 60.19 17.63
CA SER D 14 -0.23 60.93 16.39
C SER D 14 0.41 62.29 16.66
N GLN D 15 0.37 62.78 17.92
CA GLN D 15 0.92 64.07 18.31
C GLN D 15 1.94 64.03 19.47
N PRO D 16 3.17 63.46 19.27
CA PRO D 16 4.17 63.50 20.35
C PRO D 16 4.71 64.93 20.57
N PRO D 17 5.09 65.30 21.82
CA PRO D 17 5.53 66.70 22.06
C PRO D 17 6.82 67.14 21.37
N CYS D 18 7.63 66.18 20.88
CA CYS D 18 8.90 66.41 20.20
C CYS D 18 8.77 66.96 18.76
N THR D 19 7.57 66.85 18.15
CA THR D 19 7.29 67.28 16.77
C THR D 19 7.59 68.77 16.51
N PRO D 20 8.16 69.13 15.33
CA PRO D 20 8.57 68.27 14.20
C PRO D 20 9.98 67.68 14.33
N CYS D 21 10.30 66.68 13.49
CA CYS D 21 11.59 66.00 13.39
C CYS D 21 12.08 65.50 14.76
N CYS D 22 11.29 64.61 15.40
CA CYS D 22 11.58 64.01 16.71
C CYS D 22 12.95 63.33 16.72
N TYR D 23 13.20 62.48 15.72
CA TYR D 23 14.44 61.72 15.57
C TYR D 23 15.66 62.61 15.30
N GLU D 24 15.52 63.62 14.42
CA GLU D 24 16.62 64.55 14.08
C GLU D 24 17.08 65.33 15.30
N LYS D 25 16.14 65.79 16.14
CA LYS D 25 16.40 66.56 17.37
C LYS D 25 17.07 65.70 18.44
N GLU D 26 16.40 64.60 18.86
CA GLU D 26 16.87 63.69 19.90
C GLU D 26 16.71 62.23 19.44
N PRO D 27 17.71 61.64 18.73
CA PRO D 27 17.55 60.26 18.24
C PRO D 27 17.39 59.19 19.32
N GLU D 28 18.18 59.25 20.41
CA GLU D 28 18.10 58.30 21.52
C GLU D 28 16.76 58.37 22.24
N GLU D 29 16.31 59.59 22.62
CA GLU D 29 15.05 59.87 23.31
C GLU D 29 13.82 59.40 22.53
N THR D 30 13.82 59.61 21.19
CA THR D 30 12.74 59.22 20.28
C THR D 30 12.58 57.70 20.26
N LEU D 31 13.70 56.97 20.10
CA LEU D 31 13.71 55.50 20.07
C LEU D 31 13.28 54.92 21.41
N ARG D 32 13.73 55.52 22.54
CA ARG D 32 13.35 55.11 23.89
C ARG D 32 11.83 55.26 24.08
N MET D 33 11.26 56.38 23.61
CA MET D 33 9.82 56.68 23.67
C MET D 33 9.02 55.65 22.88
N LEU D 34 9.49 55.31 21.65
CA LEU D 34 8.87 54.32 20.78
C LEU D 34 8.87 52.92 21.41
N GLU D 35 10.00 52.54 22.05
CA GLU D 35 10.17 51.26 22.74
C GLU D 35 9.18 51.12 23.91
N ASP D 36 8.88 52.25 24.60
CA ASP D 36 7.95 52.31 25.72
C ASP D 36 6.48 52.15 25.31
N ASN D 37 6.19 52.33 24.00
CA ASN D 37 4.85 52.22 23.44
C ASN D 37 4.66 51.05 22.47
N VAL D 38 5.61 50.09 22.46
CA VAL D 38 5.59 48.92 21.58
C VAL D 38 4.32 48.04 21.71
N MET D 39 3.76 47.95 22.93
CA MET D 39 2.56 47.15 23.21
C MET D 39 1.25 47.92 23.02
N ARG D 40 1.33 49.27 22.92
CA ARG D 40 0.18 50.16 22.75
C ARG D 40 -0.48 50.03 21.37
N PRO D 41 -1.84 50.02 21.30
CA PRO D 41 -2.51 49.90 19.99
C PRO D 41 -2.20 51.01 18.97
N GLY D 42 -1.85 52.19 19.46
CA GLY D 42 -1.50 53.34 18.63
C GLY D 42 -0.02 53.51 18.38
N TYR D 43 0.76 52.41 18.45
CA TYR D 43 2.21 52.43 18.24
C TYR D 43 2.59 52.93 16.83
N TYR D 44 1.90 52.43 15.79
CA TYR D 44 2.18 52.81 14.42
C TYR D 44 1.81 54.24 14.07
N GLN D 45 0.89 54.85 14.84
CA GLN D 45 0.52 56.26 14.70
C GLN D 45 1.67 57.09 15.27
N LEU D 46 2.28 56.61 16.39
CA LEU D 46 3.42 57.25 17.04
C LEU D 46 4.70 57.10 16.19
N LEU D 47 4.91 55.91 15.59
CA LEU D 47 6.06 55.62 14.73
C LEU D 47 6.06 56.53 13.50
N GLN D 48 4.88 56.71 12.87
CA GLN D 48 4.66 57.57 11.71
C GLN D 48 5.02 59.02 12.02
N ALA D 49 4.46 59.57 13.12
CA ALA D 49 4.69 60.96 13.55
C ALA D 49 6.12 61.24 14.00
N SER D 50 6.75 60.30 14.73
CA SER D 50 8.12 60.44 15.26
C SER D 50 9.20 60.34 14.18
N LEU D 51 8.96 59.55 13.12
CA LEU D 51 9.94 59.37 12.04
C LEU D 51 9.63 60.17 10.77
N THR D 52 8.83 61.23 10.92
CA THR D 52 8.48 62.18 9.85
C THR D 52 9.19 63.50 10.17
N CYS D 53 9.86 64.09 9.17
CA CYS D 53 10.55 65.34 9.35
C CYS D 53 10.14 66.40 8.33
N SER D 54 9.38 67.39 8.82
CA SER D 54 8.94 68.55 8.06
C SER D 54 9.40 69.76 8.90
N PRO D 55 10.67 70.20 8.74
CA PRO D 55 11.18 71.29 9.61
C PRO D 55 10.59 72.66 9.34
N HIS D 56 10.77 73.58 10.30
CA HIS D 56 10.32 74.98 10.25
C HIS D 56 11.05 75.76 9.15
N ARG D 57 12.38 75.57 9.05
CA ARG D 57 13.26 76.24 8.09
C ARG D 57 13.16 75.56 6.71
N GLN D 58 11.95 75.63 6.12
CA GLN D 58 11.58 75.03 4.85
C GLN D 58 10.35 75.76 4.31
N ARG D 59 10.26 75.95 2.98
CA ARG D 59 9.12 76.63 2.33
C ARG D 59 7.88 75.73 2.34
N GLU D 60 8.05 74.50 1.85
CA GLU D 60 6.99 73.50 1.69
C GLU D 60 6.88 72.51 2.86
N SER E 1 5.82 71.67 2.84
CA SER E 1 5.54 70.65 3.83
C SER E 1 5.99 69.28 3.33
N THR E 2 6.73 68.55 4.17
CA THR E 2 7.17 67.18 3.88
C THR E 2 6.54 66.25 4.93
N LYS E 3 5.27 66.50 5.28
CA LYS E 3 4.49 65.74 6.27
C LYS E 3 4.25 64.27 5.92
N ASP E 4 4.50 63.88 4.65
CA ASP E 4 4.32 62.51 4.16
C ASP E 4 5.67 61.80 3.93
N ASN E 5 6.78 62.39 4.44
CA ASN E 5 8.13 61.85 4.27
C ASN E 5 8.57 60.81 5.33
N PHE E 6 7.60 60.11 5.96
CA PHE E 6 7.87 59.06 6.96
C PHE E 6 8.88 58.07 6.39
N ASN E 7 10.07 58.05 6.97
CA ASN E 7 11.16 57.19 6.55
C ASN E 7 11.71 56.45 7.75
N VAL E 8 11.33 55.17 7.90
CA VAL E 8 11.74 54.30 8.99
C VAL E 8 13.26 54.03 8.98
N TYR E 9 13.89 54.13 7.79
CA TYR E 9 15.31 53.89 7.56
C TYR E 9 16.24 54.94 8.16
N LYS E 10 15.67 56.06 8.65
CA LYS E 10 16.45 57.10 9.32
C LYS E 10 16.85 56.62 10.72
N ALA E 11 16.03 55.73 11.33
CA ALA E 11 16.23 55.14 12.65
C ALA E 11 16.96 53.79 12.57
N THR E 12 16.77 53.02 11.49
CA THR E 12 17.39 51.72 11.31
C THR E 12 18.73 51.83 10.56
N ARG E 13 19.51 50.74 10.54
CA ARG E 13 20.82 50.71 9.87
C ARG E 13 21.18 49.30 9.37
N PRO E 14 21.99 49.17 8.29
CA PRO E 14 22.47 47.83 7.90
C PRO E 14 23.52 47.37 8.93
N TYR E 15 23.75 46.05 9.03
CA TYR E 15 24.69 45.56 10.04
C TYR E 15 25.52 44.36 9.60
N LEU E 16 26.51 43.99 10.44
CA LEU E 16 27.39 42.84 10.26
C LEU E 16 26.90 41.76 11.21
N ALA E 17 26.77 40.53 10.72
CA ALA E 17 26.31 39.39 11.52
C ALA E 17 26.96 38.11 11.04
N HIS E 18 26.90 37.05 11.88
CA HIS E 18 27.50 35.74 11.58
C HIS E 18 26.88 35.07 10.36
N CYS E 19 27.75 34.53 9.51
CA CYS E 19 27.42 33.76 8.31
C CYS E 19 28.31 32.51 8.34
N PRO E 20 27.75 31.28 8.24
CA PRO E 20 28.61 30.07 8.32
C PRO E 20 29.52 29.86 7.11
N ASP E 21 29.15 30.41 5.94
CA ASP E 21 29.92 30.26 4.69
C ASP E 21 29.92 31.57 3.88
N CYS E 22 31.05 32.30 3.95
CA CYS E 22 31.26 33.56 3.22
C CYS E 22 32.02 33.30 1.90
N GLY E 23 32.13 32.02 1.53
CA GLY E 23 32.84 31.57 0.36
C GLY E 23 33.95 30.62 0.78
N GLU E 24 34.06 29.46 0.08
CA GLU E 24 35.04 28.40 0.33
C GLU E 24 34.84 27.66 1.68
N GLY E 25 33.63 27.74 2.23
CA GLY E 25 33.24 27.09 3.47
C GLY E 25 33.66 27.77 4.77
N HIS E 26 34.34 28.92 4.67
CA HIS E 26 34.82 29.67 5.84
C HIS E 26 33.81 30.70 6.34
N SER E 27 33.60 30.74 7.67
CA SER E 27 32.69 31.67 8.34
C SER E 27 33.31 33.07 8.46
N CYS E 28 32.45 34.11 8.49
CA CYS E 28 32.87 35.52 8.61
C CYS E 28 31.77 36.41 9.20
N HIS E 29 32.14 37.65 9.57
CA HIS E 29 31.22 38.69 10.04
C HIS E 29 30.79 39.37 8.73
N SER E 30 29.68 38.87 8.16
CA SER E 30 29.16 39.26 6.86
C SER E 30 28.30 40.52 6.78
N PRO E 31 28.53 41.38 5.76
CA PRO E 31 27.65 42.55 5.56
C PRO E 31 26.39 42.20 4.73
N VAL E 32 26.24 40.91 4.38
CA VAL E 32 25.13 40.34 3.60
C VAL E 32 24.65 39.01 4.26
N ALA E 33 24.80 38.93 5.60
CA ALA E 33 24.44 37.76 6.40
C ALA E 33 22.97 37.37 6.24
N LEU E 34 22.70 36.08 6.08
CA LEU E 34 21.35 35.56 5.93
C LEU E 34 20.70 35.40 7.29
N GLU E 35 19.52 36.00 7.45
CA GLU E 35 18.75 35.97 8.69
C GLU E 35 17.68 34.88 8.67
N ARG E 36 16.80 34.91 7.65
CA ARG E 36 15.66 34.00 7.52
C ARG E 36 15.21 33.91 6.07
N ILE E 37 14.90 32.69 5.61
CA ILE E 37 14.36 32.42 4.28
C ILE E 37 12.93 31.90 4.47
N ARG E 38 11.95 32.64 3.91
CA ARG E 38 10.55 32.28 3.99
C ARG E 38 10.06 31.69 2.67
N ASN E 39 9.39 30.53 2.76
CA ASN E 39 8.87 29.81 1.59
C ASN E 39 7.43 29.31 1.80
N GLU E 40 6.56 30.21 2.31
CA GLU E 40 5.15 29.87 2.56
C GLU E 40 4.31 30.04 1.29
N ALA E 41 4.80 30.86 0.33
CA ALA E 41 4.15 31.13 -0.95
C ALA E 41 4.13 29.86 -1.81
N THR E 42 2.92 29.39 -2.13
CA THR E 42 2.72 28.18 -2.94
C THR E 42 3.18 28.36 -4.39
N ASP E 43 3.26 29.63 -4.88
CA ASP E 43 3.74 29.94 -6.23
C ASP E 43 5.27 29.74 -6.39
N GLY E 44 5.95 29.45 -5.28
CA GLY E 44 7.39 29.17 -5.25
C GLY E 44 8.29 30.35 -4.91
N THR E 45 7.71 31.57 -4.76
CA THR E 45 8.45 32.79 -4.43
C THR E 45 9.09 32.69 -3.06
N LEU E 46 10.38 33.06 -2.96
CA LEU E 46 11.12 33.04 -1.69
C LEU E 46 11.24 34.46 -1.16
N LYS E 47 10.94 34.66 0.14
CA LYS E 47 11.10 35.95 0.82
C LYS E 47 12.35 35.80 1.68
N ILE E 48 13.44 36.43 1.24
CA ILE E 48 14.76 36.34 1.88
C ILE E 48 15.07 37.59 2.71
N GLN E 49 15.57 37.40 3.94
CA GLN E 49 15.97 38.49 4.84
C GLN E 49 17.48 38.49 5.03
N VAL E 50 18.13 39.64 4.75
CA VAL E 50 19.57 39.84 4.87
C VAL E 50 19.94 40.98 5.84
N SER E 51 21.22 41.06 6.24
CA SER E 51 21.71 42.09 7.18
C SER E 51 21.84 43.48 6.55
N LEU E 52 21.96 43.58 5.21
CA LEU E 52 22.05 44.87 4.50
C LEU E 52 20.68 45.44 4.14
N GLN E 53 20.64 46.68 3.63
CA GLN E 53 19.42 47.37 3.24
C GLN E 53 19.47 47.86 1.78
N ILE E 54 18.59 47.30 0.92
CA ILE E 54 18.51 47.61 -0.51
C ILE E 54 17.51 48.75 -0.77
N GLY E 55 17.86 49.61 -1.72
CA GLY E 55 17.03 50.74 -2.13
C GLY E 55 17.16 51.97 -1.25
N ILE E 56 18.10 51.95 -0.29
CA ILE E 56 18.36 53.03 0.66
C ILE E 56 19.84 53.42 0.60
N LYS E 57 20.11 54.74 0.61
CA LYS E 57 21.47 55.30 0.62
C LYS E 57 21.85 55.61 2.07
N THR E 58 23.15 55.89 2.34
CA THR E 58 23.66 56.21 3.69
C THR E 58 23.01 57.46 4.32
N ASP E 59 22.54 58.40 3.48
CA ASP E 59 21.87 59.63 3.92
C ASP E 59 20.36 59.41 4.17
N ASP E 60 19.92 58.13 4.15
CA ASP E 60 18.55 57.62 4.36
C ASP E 60 17.60 57.77 3.17
N SER E 61 18.02 58.50 2.11
CA SER E 61 17.21 58.72 0.91
C SER E 61 16.96 57.42 0.15
N HIS E 62 15.77 57.31 -0.45
CA HIS E 62 15.36 56.14 -1.22
C HIS E 62 15.85 56.24 -2.65
N ASP E 63 16.59 55.21 -3.10
CA ASP E 63 17.16 55.10 -4.44
C ASP E 63 17.25 53.62 -4.80
N TRP E 64 16.37 53.16 -5.71
CA TRP E 64 16.30 51.76 -6.15
C TRP E 64 17.58 51.22 -6.80
N THR E 65 18.41 52.11 -7.38
CA THR E 65 19.69 51.74 -8.03
C THR E 65 20.81 51.56 -7.00
N LYS E 66 20.55 51.91 -5.72
CA LYS E 66 21.54 51.82 -4.65
C LYS E 66 21.22 50.77 -3.58
N LEU E 67 22.22 50.46 -2.76
CA LEU E 67 22.18 49.48 -1.68
C LEU E 67 23.12 49.99 -0.57
N ARG E 68 22.70 49.84 0.71
CA ARG E 68 23.57 50.20 1.83
C ARG E 68 23.87 48.99 2.71
N TYR E 69 25.15 48.82 3.04
CA TYR E 69 25.69 47.72 3.84
C TYR E 69 26.65 48.27 4.90
N MET E 70 26.90 47.52 5.98
CA MET E 70 27.82 47.94 7.03
C MET E 70 29.27 47.67 6.61
N ASP E 71 30.08 48.72 6.45
CA ASP E 71 31.49 48.64 6.08
C ASP E 71 32.31 48.98 7.32
N ASN E 72 32.80 47.93 8.00
CA ASN E 72 33.56 48.00 9.25
C ASN E 72 32.73 48.65 10.38
N HIS E 73 32.90 49.97 10.61
CA HIS E 73 32.20 50.72 11.65
C HIS E 73 31.07 51.60 11.08
N MET E 74 31.19 52.02 9.81
CA MET E 74 30.22 52.90 9.16
C MET E 74 29.51 52.29 7.95
N PRO E 75 28.19 52.57 7.74
CA PRO E 75 27.52 52.06 6.53
C PRO E 75 28.04 52.72 5.25
N ALA E 76 28.10 51.96 4.15
CA ALA E 76 28.57 52.45 2.86
C ALA E 76 27.61 52.12 1.72
N ASP E 77 27.68 52.89 0.61
CA ASP E 77 26.84 52.70 -0.56
C ASP E 77 27.43 51.71 -1.55
N ALA E 78 26.55 50.91 -2.19
CA ALA E 78 26.88 49.91 -3.20
C ALA E 78 25.79 49.87 -4.27
N GLU E 79 26.10 49.33 -5.46
CA GLU E 79 25.16 49.24 -6.57
C GLU E 79 24.17 48.08 -6.42
N ARG E 80 22.91 48.32 -6.83
CA ARG E 80 21.83 47.32 -6.82
C ARG E 80 22.09 46.25 -7.88
N ALA E 81 22.68 46.65 -9.03
CA ALA E 81 23.01 45.77 -10.16
C ALA E 81 23.95 44.63 -9.78
N GLY E 82 24.84 44.89 -8.80
CA GLY E 82 25.81 43.93 -8.30
C GLY E 82 25.23 42.88 -7.37
N LEU E 83 23.99 43.12 -6.88
CA LEU E 83 23.29 42.18 -5.99
C LEU E 83 22.83 40.95 -6.78
N PHE E 84 23.06 39.76 -6.20
CA PHE E 84 22.70 38.48 -6.81
C PHE E 84 22.17 37.48 -5.77
N VAL E 85 21.29 36.58 -6.22
CA VAL E 85 20.73 35.49 -5.41
C VAL E 85 20.90 34.21 -6.24
N ARG E 86 21.35 33.12 -5.60
CA ARG E 86 21.55 31.82 -6.27
C ARG E 86 21.38 30.62 -5.35
N THR E 87 20.91 29.50 -5.92
CA THR E 87 20.74 28.22 -5.22
C THR E 87 21.77 27.28 -5.84
N SER E 88 21.36 26.39 -6.76
CA SER E 88 22.27 25.52 -7.51
C SER E 88 22.73 26.28 -8.76
N ALA E 89 21.96 27.32 -9.14
CA ALA E 89 22.15 28.19 -10.30
C ALA E 89 21.56 29.60 -9.99
N PRO E 90 21.81 30.67 -10.80
CA PRO E 90 21.23 32.00 -10.47
C PRO E 90 19.71 32.08 -10.36
N CYS E 91 19.23 32.94 -9.45
CA CYS E 91 17.81 33.19 -9.20
C CYS E 91 17.33 34.44 -9.92
N THR E 92 16.01 34.53 -10.16
CA THR E 92 15.39 35.71 -10.75
C THR E 92 14.88 36.56 -9.59
N ILE E 93 15.49 37.74 -9.38
CA ILE E 93 15.07 38.65 -8.31
C ILE E 93 13.85 39.42 -8.78
N THR E 94 12.71 39.25 -8.07
CA THR E 94 11.44 39.89 -8.42
C THR E 94 11.13 41.19 -7.69
N GLY E 95 11.78 41.40 -6.54
CA GLY E 95 11.60 42.60 -5.72
C GLY E 95 12.63 42.76 -4.63
N THR E 96 13.03 44.01 -4.35
CA THR E 96 14.01 44.37 -3.32
C THR E 96 13.60 45.66 -2.61
N MET E 97 13.66 45.66 -1.26
CA MET E 97 13.36 46.78 -0.39
C MET E 97 13.85 46.49 1.03
N GLY E 98 14.81 47.30 1.49
CA GLY E 98 15.42 47.17 2.81
C GLY E 98 16.14 45.85 3.00
N HIS E 99 15.84 45.16 4.11
CA HIS E 99 16.43 43.85 4.44
C HIS E 99 15.83 42.70 3.61
N PHE E 100 14.84 42.98 2.75
CA PHE E 100 14.12 41.93 2.02
C PHE E 100 14.31 41.82 0.51
N ILE E 101 14.39 40.56 0.04
CA ILE E 101 14.55 40.18 -1.36
C ILE E 101 13.50 39.12 -1.72
N LEU E 102 12.86 39.30 -2.89
CA LEU E 102 11.92 38.35 -3.45
C LEU E 102 12.64 37.67 -4.60
N ALA E 103 12.67 36.34 -4.61
CA ALA E 103 13.36 35.60 -5.67
C ALA E 103 12.69 34.30 -6.10
N ARG E 104 12.77 34.01 -7.41
CA ARG E 104 12.28 32.79 -8.04
C ARG E 104 13.55 32.00 -8.33
N CYS E 105 13.72 30.90 -7.59
CA CYS E 105 14.93 30.08 -7.62
C CYS E 105 14.75 28.68 -8.20
N PRO E 106 15.74 28.14 -8.95
CA PRO E 106 15.64 26.74 -9.40
C PRO E 106 15.94 25.80 -8.22
N LYS E 107 15.70 24.48 -8.41
CA LYS E 107 15.92 23.44 -7.40
C LYS E 107 17.37 23.48 -6.87
N GLY E 108 17.51 23.45 -5.54
CA GLY E 108 18.82 23.49 -4.88
C GLY E 108 18.86 22.98 -3.46
N GLU E 109 20.07 22.94 -2.88
CA GLU E 109 20.31 22.47 -1.52
C GLU E 109 20.93 23.56 -0.63
N THR E 110 21.35 24.68 -1.24
CA THR E 110 21.92 25.85 -0.56
C THR E 110 21.28 27.13 -1.12
N LEU E 111 21.42 28.25 -0.40
CA LEU E 111 20.93 29.55 -0.83
C LEU E 111 22.02 30.58 -0.57
N THR E 112 22.43 31.29 -1.62
CA THR E 112 23.48 32.31 -1.58
C THR E 112 22.94 33.68 -1.97
N VAL E 113 23.28 34.70 -1.17
CA VAL E 113 22.94 36.10 -1.43
C VAL E 113 24.26 36.89 -1.35
N GLY E 114 24.54 37.65 -2.39
CA GLY E 114 25.76 38.44 -2.47
C GLY E 114 25.63 39.78 -3.17
N PHE E 115 26.73 40.54 -3.16
CA PHE E 115 26.85 41.87 -3.78
C PHE E 115 28.33 42.26 -3.99
N THR E 116 28.57 43.33 -4.74
CA THR E 116 29.91 43.88 -5.00
C THR E 116 29.97 45.27 -4.37
N ASP E 117 30.96 45.50 -3.49
CA ASP E 117 31.15 46.77 -2.79
C ASP E 117 31.78 47.89 -3.65
N SER E 118 32.09 49.04 -3.03
CA SER E 118 32.72 50.21 -3.66
C SER E 118 34.13 49.89 -4.19
N ARG E 119 34.87 49.05 -3.44
CA ARG E 119 36.25 48.62 -3.75
C ARG E 119 36.29 47.45 -4.75
N LYS E 120 35.15 47.15 -5.40
CA LYS E 120 34.97 46.06 -6.37
C LYS E 120 35.14 44.65 -5.77
N ILE E 121 35.08 44.56 -4.42
CA ILE E 121 35.22 43.31 -3.66
C ILE E 121 33.85 42.64 -3.47
N SER E 122 33.75 41.37 -3.89
CA SER E 122 32.51 40.59 -3.79
C SER E 122 32.33 40.02 -2.38
N HIS E 123 31.10 40.12 -1.87
CA HIS E 123 30.71 39.60 -0.54
C HIS E 123 29.49 38.72 -0.73
N SER E 124 29.52 37.49 -0.20
CA SER E 124 28.40 36.55 -0.30
C SER E 124 28.19 35.75 0.98
N CYS E 125 26.96 35.25 1.20
CA CYS E 125 26.60 34.44 2.36
C CYS E 125 25.81 33.21 1.91
N THR E 126 26.32 32.01 2.23
CA THR E 126 25.71 30.73 1.87
C THR E 126 25.18 29.99 3.10
N HIS E 127 23.90 29.59 3.03
CA HIS E 127 23.20 28.83 4.08
C HIS E 127 22.60 27.56 3.48
N PRO E 128 22.60 26.42 4.22
CA PRO E 128 21.95 25.22 3.68
C PRO E 128 20.43 25.41 3.67
N PHE E 129 19.81 25.30 2.50
CA PHE E 129 18.36 25.47 2.32
C PHE E 129 17.86 24.58 1.20
N HIS E 130 17.00 23.62 1.54
CA HIS E 130 16.42 22.72 0.54
C HIS E 130 15.29 23.43 -0.21
N HIS E 131 15.53 23.75 -1.48
CA HIS E 131 14.55 24.40 -2.33
C HIS E 131 14.15 23.51 -3.48
N ASP E 132 12.89 23.08 -3.46
CA ASP E 132 12.24 22.25 -4.47
C ASP E 132 10.75 22.57 -4.31
N PRO E 133 10.27 23.70 -4.88
CA PRO E 133 8.87 24.10 -4.65
C PRO E 133 7.81 23.14 -5.21
N PRO E 134 6.73 22.86 -4.45
CA PRO E 134 5.70 21.95 -4.94
C PRO E 134 4.93 22.48 -6.15
N VAL E 135 4.36 21.56 -6.95
CA VAL E 135 3.61 21.86 -8.14
C VAL E 135 2.26 22.55 -7.83
N ILE E 136 1.95 23.63 -8.56
CA ILE E 136 0.68 24.33 -8.47
C ILE E 136 -0.20 23.65 -9.51
N GLY E 137 -1.22 22.95 -9.02
CA GLY E 137 -2.14 22.21 -9.87
C GLY E 137 -1.74 20.76 -10.08
N ARG E 138 -1.99 20.26 -11.30
CA ARG E 138 -1.72 18.86 -11.68
C ARG E 138 -0.78 18.72 -12.89
N GLU E 139 -0.06 19.80 -13.24
CA GLU E 139 0.88 19.80 -14.37
C GLU E 139 2.18 20.51 -13.99
N LYS E 140 3.33 19.84 -14.15
CA LYS E 140 4.65 20.40 -13.84
C LYS E 140 5.17 21.15 -15.07
N PHE E 141 4.93 22.47 -15.13
CA PHE E 141 5.33 23.35 -16.24
C PHE E 141 6.50 24.27 -15.86
N HIS E 142 7.18 24.81 -16.88
CA HIS E 142 8.35 25.68 -16.72
C HIS E 142 7.98 27.18 -16.71
N SER E 143 7.39 27.69 -17.82
CA SER E 143 7.03 29.10 -17.98
C SER E 143 5.57 29.42 -17.65
N ARG E 144 5.33 30.64 -17.14
CA ARG E 144 4.00 31.15 -16.74
C ARG E 144 3.09 31.42 -17.96
N PRO E 145 1.87 30.84 -17.99
CA PRO E 145 0.96 31.13 -19.12
C PRO E 145 0.12 32.39 -18.92
N GLN E 146 -0.26 33.05 -20.03
CA GLN E 146 -1.11 34.24 -20.01
C GLN E 146 -2.55 33.83 -19.71
N HIS E 147 -2.99 32.70 -20.30
CA HIS E 147 -4.32 32.11 -20.14
C HIS E 147 -4.21 30.68 -19.60
N GLY E 148 -5.19 30.29 -18.81
CA GLY E 148 -5.30 28.96 -18.23
C GLY E 148 -6.31 28.87 -17.11
N LYS E 149 -6.29 27.76 -16.37
CA LYS E 149 -7.17 27.50 -15.24
C LYS E 149 -6.72 28.36 -14.05
N GLU E 150 -7.66 29.11 -13.46
CA GLU E 150 -7.36 29.97 -12.31
C GLU E 150 -7.41 29.14 -11.04
N LEU E 151 -6.25 28.96 -10.39
CA LEU E 151 -6.14 28.18 -9.16
C LEU E 151 -5.69 29.02 -7.98
N PRO E 152 -6.21 28.75 -6.74
CA PRO E 152 -5.77 29.54 -5.58
C PRO E 152 -4.33 29.26 -5.21
N CYS E 153 -3.54 30.33 -5.03
CA CYS E 153 -2.12 30.27 -4.67
C CYS E 153 -1.73 31.49 -3.85
N SER E 154 -0.64 31.39 -3.08
CA SER E 154 -0.13 32.50 -2.30
C SER E 154 1.19 32.99 -2.87
N THR E 155 1.45 34.29 -2.72
CA THR E 155 2.68 34.95 -3.16
C THR E 155 3.04 36.08 -2.20
N TYR E 156 4.27 36.58 -2.31
CA TYR E 156 4.71 37.74 -1.57
C TYR E 156 4.54 38.88 -2.56
N VAL E 157 3.60 39.80 -2.28
CA VAL E 157 3.26 40.92 -3.17
C VAL E 157 4.44 41.86 -3.43
N GLN E 158 4.68 42.20 -4.70
CA GLN E 158 5.79 43.08 -5.13
C GLN E 158 5.68 44.54 -4.66
N SER E 159 4.58 44.90 -3.96
CA SER E 159 4.33 46.23 -3.42
C SER E 159 5.37 46.62 -2.36
N THR E 160 6.03 47.78 -2.58
CA THR E 160 7.07 48.33 -1.69
C THR E 160 6.48 48.77 -0.34
N ALA E 161 5.16 49.00 -0.29
CA ALA E 161 4.40 49.42 0.89
C ALA E 161 4.49 48.40 2.03
N ALA E 162 4.66 48.92 3.26
CA ALA E 162 4.77 48.14 4.49
C ALA E 162 3.59 48.51 5.41
N THR E 163 2.56 47.64 5.46
CA THR E 163 1.33 47.88 6.23
C THR E 163 0.87 46.76 7.18
N THR E 164 1.10 45.48 6.81
CA THR E 164 0.64 44.34 7.62
C THR E 164 1.73 43.62 8.42
N GLU E 165 2.66 42.92 7.72
CA GLU E 165 3.76 42.17 8.34
C GLU E 165 4.78 43.09 9.04
N GLU E 166 5.47 42.56 10.08
CA GLU E 166 6.43 43.32 10.88
C GLU E 166 7.62 42.51 11.42
N ILE E 167 8.68 43.23 11.86
CA ILE E 167 9.88 42.67 12.48
C ILE E 167 10.19 43.44 13.78
N GLU E 168 10.84 42.77 14.73
CA GLU E 168 11.25 43.38 15.99
C GLU E 168 12.59 44.07 15.78
N VAL E 169 12.74 45.26 16.37
CA VAL E 169 13.96 46.07 16.30
C VAL E 169 14.38 46.54 17.69
N HIS E 170 15.68 46.75 17.90
CA HIS E 170 16.26 47.26 19.14
C HIS E 170 17.59 47.94 18.88
N MET E 171 18.11 48.67 19.89
CA MET E 171 19.40 49.35 19.82
C MET E 171 20.53 48.31 19.67
N PRO E 172 21.54 48.55 18.81
CA PRO E 172 22.62 47.55 18.66
C PRO E 172 23.51 47.44 19.90
N PRO E 173 24.25 46.32 20.10
CA PRO E 173 25.16 46.23 21.25
C PRO E 173 26.39 47.11 21.04
N ASP E 174 27.27 47.20 22.04
CA ASP E 174 28.52 47.96 21.95
C ASP E 174 29.40 47.35 20.86
N THR E 175 29.97 48.19 20.00
CA THR E 175 30.79 47.78 18.88
C THR E 175 32.29 47.79 19.27
N PRO E 176 32.93 46.61 19.47
CA PRO E 176 34.35 46.61 19.86
C PRO E 176 35.28 47.18 18.79
N ASP E 177 36.19 48.06 19.22
CA ASP E 177 37.15 48.73 18.33
C ASP E 177 38.47 48.96 19.07
N ARG E 178 39.50 48.20 18.67
CA ARG E 178 40.84 48.26 19.25
C ARG E 178 41.59 49.54 18.89
N THR E 179 41.24 50.16 17.73
CA THR E 179 41.85 51.40 17.23
C THR E 179 41.59 52.64 18.13
N LEU E 180 40.60 52.54 19.05
CA LEU E 180 40.25 53.59 20.00
C LEU E 180 41.38 53.77 21.03
N MET E 181 42.11 52.69 21.33
CA MET E 181 43.21 52.66 22.30
C MET E 181 44.57 52.77 21.63
N SER E 182 45.47 53.56 22.24
CA SER E 182 46.84 53.78 21.78
C SER E 182 47.80 53.79 22.96
N GLN E 183 49.09 53.49 22.71
CA GLN E 183 50.10 53.46 23.76
C GLN E 183 50.85 54.79 23.91
N GLN E 184 50.42 55.61 24.89
CA GLN E 184 51.04 56.90 25.20
C GLN E 184 52.28 56.66 26.05
N SER E 185 53.44 56.50 25.37
CA SER E 185 54.78 56.20 25.93
C SER E 185 54.87 54.79 26.57
N GLY E 186 54.03 54.54 27.56
CA GLY E 186 53.94 53.26 28.27
C GLY E 186 52.64 53.12 29.04
N ASN E 187 51.61 53.90 28.64
CA ASN E 187 50.27 53.93 29.23
C ASN E 187 49.19 53.75 28.15
N VAL E 188 47.89 53.80 28.55
CA VAL E 188 46.77 53.62 27.62
C VAL E 188 46.05 54.96 27.37
N LYS E 189 45.89 55.30 26.07
CA LYS E 189 45.20 56.52 25.64
C LYS E 189 43.97 56.14 24.82
N ILE E 190 42.78 56.45 25.35
CA ILE E 190 41.50 56.17 24.69
C ILE E 190 41.00 57.47 24.05
N THR E 191 40.96 57.49 22.70
CA THR E 191 40.49 58.64 21.91
C THR E 191 39.08 58.35 21.40
N VAL E 192 38.09 59.07 21.94
CA VAL E 192 36.67 58.90 21.62
C VAL E 192 36.26 59.33 20.20
N ASN E 193 36.86 60.43 19.68
CA ASN E 193 36.58 61.02 18.37
C ASN E 193 35.10 61.39 18.18
N GLY E 194 34.56 62.11 19.16
CA GLY E 194 33.18 62.57 19.18
C GLY E 194 32.13 61.50 19.35
N GLN E 195 32.51 60.36 19.95
CA GLN E 195 31.62 59.20 20.18
C GLN E 195 31.51 58.87 21.67
N THR E 196 30.52 58.05 22.03
CA THR E 196 30.33 57.58 23.40
C THR E 196 30.98 56.20 23.45
N VAL E 197 32.09 56.09 24.18
CA VAL E 197 32.90 54.86 24.28
C VAL E 197 32.81 54.23 25.67
N ARG E 198 32.52 52.92 25.72
CA ARG E 198 32.51 52.16 26.96
C ARG E 198 33.85 51.44 27.02
N TYR E 199 34.64 51.73 28.07
CA TYR E 199 35.96 51.15 28.25
C TYR E 199 36.10 50.41 29.57
N LYS E 200 37.02 49.44 29.64
CA LYS E 200 37.33 48.64 30.81
C LYS E 200 38.77 48.13 30.71
N CYS E 201 39.58 48.41 31.74
CA CYS E 201 40.98 48.02 31.81
C CYS E 201 41.24 47.10 33.01
N ASN E 202 42.21 46.18 32.88
CA ASN E 202 42.61 45.26 33.95
C ASN E 202 43.71 45.93 34.79
N CYS E 203 43.42 47.16 35.26
CA CYS E 203 44.31 48.02 36.04
C CYS E 203 43.53 48.74 37.17
N GLY E 204 44.24 49.47 38.01
CA GLY E 204 43.66 50.22 39.13
C GLY E 204 43.11 51.58 38.73
N GLY E 205 42.50 52.27 39.71
CA GLY E 205 41.91 53.60 39.53
C GLY E 205 40.65 53.58 38.68
N SER E 206 40.43 54.66 37.91
CA SER E 206 39.28 54.81 37.02
C SER E 206 39.44 53.94 35.76
N ASN E 207 39.30 52.61 35.95
CA ASN E 207 39.44 51.61 34.90
C ASN E 207 38.24 51.47 33.95
N GLU E 208 37.02 51.76 34.45
CA GLU E 208 35.79 51.68 33.64
C GLU E 208 35.01 52.98 33.57
N GLY E 209 34.06 53.05 32.65
CA GLY E 209 33.19 54.21 32.47
C GLY E 209 32.64 54.40 31.07
N LEU E 210 31.49 55.09 31.00
CA LEU E 210 30.82 55.45 29.76
C LEU E 210 31.22 56.89 29.49
N THR E 211 32.31 57.07 28.72
CA THR E 211 32.89 58.37 28.43
C THR E 211 32.48 59.01 27.10
N THR E 212 32.34 60.34 27.11
CA THR E 212 32.02 61.18 25.96
C THR E 212 33.27 62.00 25.57
N THR E 213 34.28 62.02 26.45
CA THR E 213 35.57 62.73 26.29
C THR E 213 36.74 61.75 26.37
N ASP E 214 37.94 62.18 25.91
CA ASP E 214 39.18 61.40 25.93
C ASP E 214 39.61 61.04 27.35
N LYS E 215 40.12 59.81 27.53
CA LYS E 215 40.57 59.31 28.83
C LYS E 215 41.95 58.66 28.75
N VAL E 216 42.76 58.83 29.80
CA VAL E 216 44.10 58.25 29.90
C VAL E 216 44.18 57.28 31.10
N ILE E 217 44.74 56.09 30.89
CA ILE E 217 44.89 55.08 31.93
C ILE E 217 46.38 54.83 32.16
N ASN E 218 46.96 55.53 33.16
CA ASN E 218 48.37 55.42 33.52
C ASN E 218 48.65 54.11 34.25
N ASN E 219 49.90 53.59 34.12
CA ASN E 219 50.39 52.32 34.69
C ASN E 219 49.55 51.14 34.19
N CYS E 220 49.22 51.16 32.87
CA CYS E 220 48.39 50.16 32.21
C CYS E 220 48.91 49.85 30.80
N LYS E 221 48.73 48.59 30.35
CA LYS E 221 49.15 48.14 29.02
C LYS E 221 47.92 48.06 28.10
N VAL E 222 48.13 48.29 26.78
CA VAL E 222 47.08 48.29 25.75
C VAL E 222 46.30 46.96 25.62
N ASP E 223 46.95 45.82 25.93
CA ASP E 223 46.35 44.48 25.88
C ASP E 223 45.44 44.19 27.08
N GLN E 224 45.63 44.94 28.20
CA GLN E 224 44.85 44.82 29.43
C GLN E 224 43.50 45.55 29.33
N CYS E 225 43.29 46.32 28.24
CA CYS E 225 42.08 47.13 28.04
C CYS E 225 41.15 46.63 26.93
N HIS E 226 39.86 46.95 27.08
CA HIS E 226 38.78 46.64 26.15
C HIS E 226 37.99 47.93 25.89
N ALA E 227 37.82 48.29 24.60
CA ALA E 227 37.10 49.50 24.19
C ALA E 227 36.04 49.20 23.16
N ALA E 228 34.88 49.86 23.28
CA ALA E 228 33.75 49.69 22.38
C ALA E 228 32.90 50.94 22.24
N VAL E 229 32.44 51.23 21.00
CA VAL E 229 31.59 52.39 20.68
C VAL E 229 30.12 51.98 20.90
N THR E 230 29.39 52.79 21.70
CA THR E 230 27.97 52.54 21.99
C THR E 230 27.09 53.09 20.88
N ASN E 231 25.98 52.39 20.59
CA ASN E 231 25.02 52.78 19.55
C ASN E 231 23.63 52.93 20.16
N HIS E 232 23.34 54.10 20.73
CA HIS E 232 22.04 54.39 21.36
C HIS E 232 21.13 55.27 20.49
N LYS E 233 21.66 55.75 19.36
CA LYS E 233 20.93 56.62 18.42
C LYS E 233 20.29 55.83 17.27
N LYS E 234 20.65 54.55 17.10
CA LYS E 234 20.15 53.72 16.01
C LYS E 234 19.39 52.47 16.43
N TRP E 235 18.57 51.94 15.50
CA TRP E 235 17.81 50.72 15.65
C TRP E 235 18.39 49.67 14.71
N GLN E 236 18.21 48.41 15.07
CA GLN E 236 18.71 47.27 14.31
C GLN E 236 17.74 46.12 14.51
N TYR E 237 17.59 45.26 13.48
CA TYR E 237 16.73 44.08 13.58
C TYR E 237 17.14 43.23 14.77
N ASN E 238 16.16 42.70 15.52
CA ASN E 238 16.38 41.82 16.67
C ASN E 238 16.93 40.48 16.15
N SER E 239 18.22 40.50 15.77
CA SER E 239 18.95 39.40 15.17
C SER E 239 19.52 38.41 16.18
N PRO E 240 19.27 37.08 16.00
CA PRO E 240 19.89 36.10 16.90
C PRO E 240 21.39 35.89 16.62
N LEU E 241 21.92 36.55 15.55
CA LEU E 241 23.32 36.49 15.11
C LEU E 241 24.14 37.66 15.65
N VAL E 242 23.49 38.58 16.39
CA VAL E 242 24.10 39.78 16.98
C VAL E 242 23.77 39.76 18.49
N PRO E 243 24.71 40.08 19.42
CA PRO E 243 24.35 40.04 20.85
C PRO E 243 23.40 41.16 21.27
N ARG E 244 22.65 40.91 22.36
CA ARG E 244 21.70 41.87 22.93
C ARG E 244 22.48 42.98 23.65
N ASN E 245 21.89 44.17 23.78
CA ASN E 245 22.53 45.27 24.50
C ASN E 245 22.45 44.95 26.00
N ALA E 246 23.61 44.93 26.67
CA ALA E 246 23.75 44.60 28.09
C ALA E 246 23.10 45.62 29.04
N GLU E 247 23.21 46.93 28.72
CA GLU E 247 22.68 48.04 29.51
C GLU E 247 21.15 47.99 29.63
N LEU E 248 20.43 48.03 28.50
CA LEU E 248 18.96 47.98 28.47
C LEU E 248 18.45 46.52 28.56
N GLY E 249 17.32 46.34 29.24
CA GLY E 249 16.70 45.04 29.44
C GLY E 249 16.05 44.45 28.20
N ASP E 250 14.72 44.24 28.26
CA ASP E 250 13.93 43.69 27.16
C ASP E 250 13.30 44.80 26.30
N ARG E 251 14.02 45.93 26.16
CA ARG E 251 13.59 47.10 25.39
C ARG E 251 13.62 46.79 23.88
N LYS E 252 12.47 46.97 23.22
CA LYS E 252 12.32 46.72 21.78
C LYS E 252 11.23 47.56 21.12
N GLY E 253 11.42 47.79 19.84
CA GLY E 253 10.48 48.47 18.95
C GLY E 253 10.05 47.52 17.86
N LYS E 254 9.16 47.97 16.97
CA LYS E 254 8.70 47.17 15.84
C LYS E 254 8.46 48.02 14.61
N ILE E 255 8.78 47.49 13.43
CA ILE E 255 8.64 48.20 12.17
C ILE E 255 7.94 47.33 11.13
N HIS E 256 7.10 47.95 10.28
CA HIS E 256 6.40 47.23 9.21
C HIS E 256 7.41 46.85 8.12
N ILE E 257 7.16 45.73 7.43
CA ILE E 257 8.07 45.22 6.39
C ILE E 257 7.42 45.11 5.00
N PRO E 258 8.19 45.26 3.91
CA PRO E 258 7.57 45.13 2.57
C PRO E 258 7.32 43.68 2.19
N PHE E 259 6.62 43.48 1.07
CA PHE E 259 6.29 42.17 0.47
C PHE E 259 5.54 41.18 1.40
N PRO E 260 4.37 41.52 1.98
CA PRO E 260 3.66 40.54 2.81
C PRO E 260 3.05 39.39 2.00
N LEU E 261 2.83 38.24 2.65
CA LEU E 261 2.21 37.09 2.00
C LEU E 261 0.72 37.36 1.83
N ALA E 262 0.18 37.10 0.63
CA ALA E 262 -1.23 37.32 0.31
C ALA E 262 -1.78 36.25 -0.63
N ASN E 263 -3.09 35.96 -0.51
CA ASN E 263 -3.79 34.99 -1.34
C ASN E 263 -4.11 35.62 -2.71
N VAL E 264 -3.64 34.98 -3.78
CA VAL E 264 -3.83 35.44 -5.16
C VAL E 264 -4.31 34.28 -6.05
N THR E 265 -4.22 34.47 -7.37
CA THR E 265 -4.60 33.47 -8.37
C THR E 265 -3.40 33.13 -9.24
N CYS E 266 -3.19 31.82 -9.48
CA CYS E 266 -2.12 31.29 -10.33
C CYS E 266 -2.76 30.65 -11.56
N ARG E 267 -2.35 31.09 -12.75
CA ARG E 267 -2.86 30.54 -13.99
C ARG E 267 -2.02 29.35 -14.42
N VAL E 268 -2.68 28.21 -14.65
CA VAL E 268 -2.02 26.95 -15.02
C VAL E 268 -2.47 26.45 -16.41
N PRO E 269 -1.57 25.87 -17.23
CA PRO E 269 -2.00 25.37 -18.54
C PRO E 269 -2.83 24.09 -18.42
N LYS E 270 -3.70 23.86 -19.41
CA LYS E 270 -4.53 22.67 -19.48
C LYS E 270 -3.95 21.79 -20.59
N ALA E 271 -3.52 20.56 -20.22
CA ALA E 271 -2.93 19.58 -21.14
C ALA E 271 -3.91 19.25 -22.27
N ARG E 272 -3.40 19.10 -23.51
CA ARG E 272 -4.23 18.80 -24.68
C ARG E 272 -5.01 17.51 -24.53
N ASN E 273 -6.32 17.55 -24.89
CA ASN E 273 -7.24 16.41 -24.78
C ASN E 273 -6.73 15.19 -25.56
N PRO E 274 -6.57 14.03 -24.89
CA PRO E 274 -6.02 12.85 -25.58
C PRO E 274 -6.95 12.22 -26.61
N THR E 275 -6.38 11.40 -27.51
CA THR E 275 -7.11 10.65 -28.54
C THR E 275 -7.78 9.49 -27.81
N VAL E 276 -9.13 9.49 -27.79
CA VAL E 276 -9.93 8.50 -27.07
C VAL E 276 -10.63 7.50 -28.00
N THR E 277 -10.41 6.20 -27.75
CA THR E 277 -11.04 5.07 -28.46
C THR E 277 -11.81 4.22 -27.45
N TYR E 278 -12.90 3.55 -27.90
CA TYR E 278 -13.74 2.75 -27.01
C TYR E 278 -13.78 1.25 -27.27
N GLY E 279 -14.19 0.50 -26.24
CA GLY E 279 -14.36 -0.94 -26.23
C GLY E 279 -15.39 -1.34 -25.18
N LYS E 280 -15.78 -2.63 -25.13
CA LYS E 280 -16.77 -3.16 -24.18
C LYS E 280 -16.30 -2.94 -22.73
N ASN E 281 -16.98 -2.01 -22.02
CA ASN E 281 -16.69 -1.59 -20.63
C ASN E 281 -15.21 -1.17 -20.47
N GLN E 282 -14.66 -0.54 -21.52
CA GLN E 282 -13.25 -0.14 -21.60
C GLN E 282 -13.04 1.17 -22.36
N VAL E 283 -12.13 2.01 -21.85
CA VAL E 283 -11.73 3.28 -22.46
C VAL E 283 -10.22 3.30 -22.69
N ILE E 284 -9.79 3.63 -23.93
CA ILE E 284 -8.38 3.67 -24.30
C ILE E 284 -7.98 5.10 -24.68
N MET E 285 -7.02 5.67 -23.94
CA MET E 285 -6.53 7.03 -24.15
C MET E 285 -5.06 7.05 -24.58
N LEU E 286 -4.76 7.79 -25.65
CA LEU E 286 -3.40 7.97 -26.15
C LEU E 286 -2.91 9.31 -25.62
N LEU E 287 -2.16 9.28 -24.51
CA LEU E 287 -1.66 10.47 -23.84
C LEU E 287 -0.36 10.99 -24.45
N TYR E 288 -0.36 12.29 -24.81
CA TYR E 288 0.79 12.99 -25.39
C TYR E 288 1.14 14.21 -24.53
N PRO E 289 1.79 14.03 -23.35
CA PRO E 289 2.11 15.20 -22.51
C PRO E 289 3.33 16.00 -22.98
N ASP E 290 3.25 17.32 -22.85
CA ASP E 290 4.33 18.25 -23.22
C ASP E 290 5.25 18.48 -22.02
N HIS E 291 4.78 18.08 -20.82
CA HIS E 291 5.46 18.19 -19.51
C HIS E 291 4.81 17.19 -18.52
N PRO E 292 5.40 16.87 -17.33
CA PRO E 292 4.74 15.93 -16.40
C PRO E 292 3.29 16.31 -16.09
N THR E 293 2.37 15.40 -16.42
CA THR E 293 0.93 15.59 -16.27
C THR E 293 0.31 14.49 -15.40
N LEU E 294 -0.42 14.89 -14.36
CA LEU E 294 -1.06 13.96 -13.43
C LEU E 294 -2.37 13.40 -13.98
N LEU E 295 -2.45 12.07 -14.08
CA LEU E 295 -3.63 11.35 -14.54
C LEU E 295 -4.24 10.65 -13.32
N SER E 296 -5.52 10.92 -13.05
CA SER E 296 -6.25 10.32 -11.95
C SER E 296 -7.60 9.79 -12.41
N TYR E 297 -8.08 8.70 -11.79
CA TYR E 297 -9.35 8.06 -12.14
C TYR E 297 -10.01 7.35 -10.96
N ARG E 298 -11.35 7.28 -11.00
CA ARG E 298 -12.18 6.64 -9.98
C ARG E 298 -13.50 6.14 -10.54
N ASN E 299 -14.01 5.05 -9.97
CA ASN E 299 -15.32 4.49 -10.32
C ASN E 299 -16.36 5.37 -9.61
N MET E 300 -17.51 5.61 -10.24
CA MET E 300 -18.55 6.45 -9.65
C MET E 300 -19.61 5.66 -8.87
N GLY E 301 -19.18 4.54 -8.29
CA GLY E 301 -20.01 3.66 -7.49
C GLY E 301 -19.56 3.59 -6.04
N GLU E 302 -19.96 2.51 -5.34
CA GLU E 302 -19.66 2.23 -3.94
C GLU E 302 -18.16 2.07 -3.67
N GLU E 303 -17.43 1.42 -4.60
CA GLU E 303 -15.99 1.19 -4.53
C GLU E 303 -15.31 2.08 -5.59
N PRO E 304 -14.88 3.31 -5.21
CA PRO E 304 -14.26 4.20 -6.20
C PRO E 304 -12.91 3.73 -6.73
N ASN E 305 -12.08 3.08 -5.86
CA ASN E 305 -10.75 2.55 -6.18
C ASN E 305 -9.88 3.61 -6.89
N TYR E 306 -9.63 4.72 -6.17
CA TYR E 306 -8.85 5.85 -6.68
C TYR E 306 -7.43 5.45 -7.02
N GLN E 307 -7.00 5.79 -8.24
CA GLN E 307 -5.65 5.51 -8.74
C GLN E 307 -5.08 6.77 -9.40
N GLU E 308 -3.78 7.00 -9.23
CA GLU E 308 -3.09 8.15 -9.82
C GLU E 308 -1.67 7.82 -10.29
N GLU E 309 -1.24 8.50 -11.35
CA GLU E 309 0.09 8.34 -11.95
C GLU E 309 0.52 9.61 -12.70
N TRP E 310 1.79 9.99 -12.55
CA TRP E 310 2.35 11.13 -13.24
C TRP E 310 2.85 10.65 -14.60
N VAL E 311 2.23 11.14 -15.68
CA VAL E 311 2.57 10.76 -17.05
C VAL E 311 3.65 11.71 -17.56
N MET E 312 4.85 11.16 -17.82
CA MET E 312 6.03 11.91 -18.27
C MET E 312 6.12 12.06 -19.78
N HIS E 313 5.83 10.97 -20.54
CA HIS E 313 5.88 10.98 -22.01
C HIS E 313 4.74 10.14 -22.61
N LYS E 314 4.82 9.84 -23.93
CA LYS E 314 3.84 9.07 -24.71
C LYS E 314 3.49 7.73 -24.03
N LYS E 315 2.23 7.58 -23.59
CA LYS E 315 1.75 6.38 -22.92
C LYS E 315 0.28 6.10 -23.23
N GLU E 316 -0.02 4.85 -23.63
CA GLU E 316 -1.39 4.40 -23.91
C GLU E 316 -1.95 3.82 -22.61
N VAL E 317 -3.11 4.32 -22.17
CA VAL E 317 -3.76 3.84 -20.94
C VAL E 317 -5.08 3.12 -21.20
N VAL E 318 -5.19 1.88 -20.69
CA VAL E 318 -6.38 1.04 -20.82
C VAL E 318 -7.09 1.05 -19.47
N LEU E 319 -8.31 1.62 -19.45
CA LEU E 319 -9.12 1.77 -18.24
C LEU E 319 -10.47 1.06 -18.36
N THR E 320 -10.88 0.36 -17.29
CA THR E 320 -12.16 -0.35 -17.25
C THR E 320 -13.27 0.59 -16.78
N VAL E 321 -14.33 0.70 -17.59
CA VAL E 321 -15.48 1.56 -17.30
C VAL E 321 -16.60 0.69 -16.69
N PRO E 322 -16.88 0.82 -15.37
CA PRO E 322 -17.96 0.00 -14.78
C PRO E 322 -19.35 0.55 -15.10
N THR E 323 -20.41 -0.23 -14.80
CA THR E 323 -21.82 0.13 -15.01
C THR E 323 -22.17 1.46 -14.31
N GLU E 324 -21.59 1.69 -13.11
CA GLU E 324 -21.78 2.89 -12.29
C GLU E 324 -21.15 4.13 -12.93
N GLY E 325 -20.12 3.93 -13.75
CA GLY E 325 -19.41 5.00 -14.44
C GLY E 325 -17.99 5.22 -13.98
N LEU E 326 -17.18 5.84 -14.84
CA LEU E 326 -15.77 6.15 -14.57
C LEU E 326 -15.48 7.64 -14.80
N GLU E 327 -14.82 8.28 -13.82
CA GLU E 327 -14.42 9.68 -13.88
C GLU E 327 -12.90 9.75 -14.04
N VAL E 328 -12.41 10.43 -15.10
CA VAL E 328 -10.98 10.56 -15.40
C VAL E 328 -10.55 12.02 -15.44
N THR E 329 -9.50 12.38 -14.68
CA THR E 329 -8.95 13.74 -14.66
C THR E 329 -7.52 13.72 -15.24
N TRP E 330 -7.33 14.44 -16.35
CA TRP E 330 -6.07 14.54 -17.07
C TRP E 330 -5.50 15.94 -16.90
N GLY E 331 -4.55 16.07 -15.97
CA GLY E 331 -3.91 17.34 -15.64
C GLY E 331 -4.89 18.35 -15.08
N ASN E 332 -4.77 19.62 -15.53
CA ASN E 332 -5.62 20.72 -15.09
C ASN E 332 -6.97 20.82 -15.81
N ASN E 333 -7.27 19.85 -16.70
CA ASN E 333 -8.54 19.80 -17.42
C ASN E 333 -9.67 19.37 -16.48
N GLU E 334 -10.92 19.74 -16.82
CA GLU E 334 -12.10 19.36 -16.07
C GLU E 334 -12.30 17.84 -16.20
N PRO E 335 -12.75 17.12 -15.16
CA PRO E 335 -12.88 15.66 -15.27
C PRO E 335 -13.78 15.13 -16.38
N TYR E 336 -13.31 14.10 -17.11
CA TYR E 336 -14.06 13.44 -18.16
C TYR E 336 -14.86 12.33 -17.50
N LYS E 337 -16.11 12.13 -17.93
CA LYS E 337 -16.96 11.07 -17.37
C LYS E 337 -17.32 10.06 -18.46
N TYR E 338 -17.22 8.77 -18.14
CA TYR E 338 -17.51 7.68 -19.07
C TYR E 338 -18.50 6.68 -18.48
N TRP E 339 -19.45 6.23 -19.31
CA TRP E 339 -20.49 5.26 -18.94
C TRP E 339 -20.66 4.21 -20.05
N PRO E 340 -20.96 2.93 -19.72
CA PRO E 340 -21.19 1.94 -20.79
C PRO E 340 -22.53 2.14 -21.48
N GLN E 341 -22.63 1.76 -22.77
CA GLN E 341 -23.85 1.90 -23.56
C GLN E 341 -24.83 0.77 -23.22
N TYR F 485 -54.51 18.13 -6.92
CA TYR F 485 -54.22 16.69 -6.99
C TYR F 485 -52.75 16.42 -6.67
N GLU F 486 -52.50 15.53 -5.69
CA GLU F 486 -51.14 15.16 -5.29
C GLU F 486 -50.59 14.01 -6.12
N HIS F 487 -49.53 14.27 -6.88
CA HIS F 487 -48.83 13.29 -7.69
C HIS F 487 -47.54 12.89 -6.96
N VAL F 488 -47.40 11.58 -6.66
CA VAL F 488 -46.24 11.05 -5.95
C VAL F 488 -45.49 10.07 -6.85
N THR F 489 -44.17 10.30 -7.00
CA THR F 489 -43.27 9.47 -7.78
C THR F 489 -41.89 9.37 -7.10
N VAL F 490 -41.05 8.43 -7.56
CA VAL F 490 -39.71 8.21 -7.02
C VAL F 490 -38.71 8.14 -8.18
N ILE F 491 -37.68 9.00 -8.15
CA ILE F 491 -36.65 9.04 -9.19
C ILE F 491 -35.28 8.65 -8.59
N PRO F 492 -34.35 8.02 -9.37
CA PRO F 492 -33.04 7.72 -8.80
C PRO F 492 -32.27 9.02 -8.51
N ASN F 493 -31.46 9.02 -7.45
CA ASN F 493 -30.67 10.18 -7.05
C ASN F 493 -29.46 10.34 -7.99
N THR F 494 -29.74 10.73 -9.25
CA THR F 494 -28.75 10.93 -10.30
C THR F 494 -29.01 12.26 -10.99
N VAL F 495 -27.99 13.13 -11.00
CA VAL F 495 -28.04 14.47 -11.58
C VAL F 495 -27.78 14.41 -13.10
N GLY F 496 -28.48 15.27 -13.85
CA GLY F 496 -28.33 15.41 -15.29
C GLY F 496 -29.12 14.41 -16.12
N VAL F 497 -30.08 13.71 -15.50
CA VAL F 497 -30.91 12.72 -16.19
C VAL F 497 -32.38 13.17 -16.18
N PRO F 498 -32.96 13.58 -17.33
CA PRO F 498 -34.37 13.98 -17.33
C PRO F 498 -35.29 12.76 -17.23
N TYR F 499 -36.25 12.82 -16.29
CA TYR F 499 -37.22 11.75 -16.06
C TYR F 499 -38.62 12.22 -16.40
N LYS F 500 -39.40 11.36 -17.07
CA LYS F 500 -40.77 11.68 -17.46
C LYS F 500 -41.74 10.99 -16.51
N THR F 501 -42.69 11.77 -15.97
CA THR F 501 -43.71 11.25 -15.06
C THR F 501 -45.11 11.55 -15.58
N LEU F 502 -45.96 10.51 -15.65
CA LEU F 502 -47.33 10.64 -16.13
C LEU F 502 -48.30 10.89 -14.97
N VAL F 503 -48.92 12.08 -14.98
CA VAL F 503 -49.89 12.50 -13.99
C VAL F 503 -51.26 12.15 -14.56
N ASN F 504 -51.98 11.22 -13.90
CA ASN F 504 -53.30 10.81 -14.34
C ASN F 504 -54.36 11.04 -13.27
N ARG F 505 -54.96 12.24 -13.28
CA ARG F 505 -56.05 12.63 -12.39
C ARG F 505 -57.34 12.07 -13.01
N PRO F 506 -58.13 11.25 -12.28
CA PRO F 506 -59.35 10.67 -12.88
C PRO F 506 -60.34 11.71 -13.39
N GLY F 507 -60.76 11.55 -14.65
CA GLY F 507 -61.68 12.45 -15.34
C GLY F 507 -61.02 13.66 -15.97
N TYR F 508 -59.68 13.72 -15.93
CA TYR F 508 -58.88 14.81 -16.48
C TYR F 508 -57.83 14.26 -17.43
N SER F 509 -57.57 15.00 -18.53
CA SER F 509 -56.60 14.63 -19.56
C SER F 509 -55.21 14.38 -18.96
N PRO F 510 -54.50 13.30 -19.39
CA PRO F 510 -53.17 13.01 -18.82
C PRO F 510 -52.19 14.16 -18.97
N MET F 511 -51.30 14.30 -17.98
CA MET F 511 -50.29 15.36 -17.93
C MET F 511 -48.89 14.75 -17.79
N VAL F 512 -47.96 15.15 -18.67
CA VAL F 512 -46.59 14.64 -18.63
C VAL F 512 -45.66 15.72 -18.08
N LEU F 513 -44.98 15.41 -16.97
CA LEU F 513 -44.03 16.33 -16.34
C LEU F 513 -42.61 15.78 -16.47
N GLU F 514 -41.70 16.62 -16.96
CA GLU F 514 -40.28 16.25 -17.08
C GLU F 514 -39.58 16.80 -15.85
N MET F 515 -38.85 15.94 -15.12
CA MET F 515 -38.12 16.31 -13.91
C MET F 515 -36.65 15.96 -14.05
N GLU F 516 -35.77 16.89 -13.68
CA GLU F 516 -34.33 16.68 -13.76
C GLU F 516 -33.65 17.28 -12.54
N LEU F 517 -32.84 16.46 -11.84
CA LEU F 517 -32.08 16.92 -10.69
C LEU F 517 -30.89 17.72 -11.19
N LEU F 518 -30.84 19.01 -10.85
CA LEU F 518 -29.76 19.92 -11.27
C LEU F 518 -28.56 19.79 -10.34
N SER F 519 -28.84 19.63 -9.04
CA SER F 519 -27.82 19.46 -7.98
C SER F 519 -28.44 18.90 -6.69
N VAL F 520 -27.66 18.07 -5.98
CA VAL F 520 -28.02 17.49 -4.69
C VAL F 520 -26.87 17.81 -3.74
N THR F 521 -27.13 18.69 -2.77
CA THR F 521 -26.13 19.17 -1.81
C THR F 521 -26.30 18.56 -0.42
N LEU F 522 -25.19 18.01 0.12
CA LEU F 522 -25.11 17.43 1.47
C LEU F 522 -24.15 18.34 2.26
N GLU F 523 -24.70 19.29 3.03
CA GLU F 523 -23.94 20.26 3.80
C GLU F 523 -23.90 19.89 5.30
N PRO F 524 -22.75 19.38 5.81
CA PRO F 524 -22.70 19.04 7.24
C PRO F 524 -22.54 20.24 8.15
N THR F 525 -23.02 20.13 9.40
CA THR F 525 -22.88 21.17 10.40
C THR F 525 -21.46 21.08 10.95
N LEU F 526 -20.69 22.18 10.83
CA LEU F 526 -19.30 22.21 11.26
C LEU F 526 -19.08 22.94 12.58
N SER F 527 -18.16 22.40 13.39
CA SER F 527 -17.75 22.98 14.67
C SER F 527 -16.23 23.01 14.68
N LEU F 528 -15.65 24.22 14.54
CA LEU F 528 -14.21 24.43 14.51
C LEU F 528 -13.55 24.09 15.84
N ASP F 529 -12.65 23.10 15.82
CA ASP F 529 -11.88 22.67 16.99
C ASP F 529 -10.67 23.58 17.11
N TYR F 530 -9.90 23.72 16.00
CA TYR F 530 -8.70 24.54 15.89
C TYR F 530 -8.27 24.72 14.44
N ILE F 531 -7.29 25.60 14.24
CA ILE F 531 -6.64 25.83 12.95
C ILE F 531 -5.16 25.52 13.13
N THR F 532 -4.50 25.09 12.05
CA THR F 532 -3.07 24.83 12.03
C THR F 532 -2.45 25.49 10.82
N CYS F 533 -1.16 25.81 10.91
CA CYS F 533 -0.39 26.50 9.89
C CYS F 533 1.09 26.29 10.17
N GLU F 534 1.97 26.97 9.40
CA GLU F 534 3.41 26.90 9.60
C GLU F 534 3.76 27.66 10.88
N TYR F 535 4.65 27.09 11.71
CA TYR F 535 5.05 27.75 12.95
C TYR F 535 6.20 28.72 12.69
N LYS F 536 6.47 29.61 13.65
CA LYS F 536 7.57 30.56 13.62
C LYS F 536 8.36 30.42 14.92
N THR F 537 9.67 30.17 14.82
CA THR F 537 10.55 30.07 15.99
C THR F 537 11.08 31.46 16.26
N VAL F 538 10.55 32.13 17.29
CA VAL F 538 10.95 33.48 17.65
C VAL F 538 12.21 33.43 18.50
N ILE F 539 13.32 33.90 17.92
CA ILE F 539 14.60 33.92 18.60
C ILE F 539 15.16 35.36 18.65
N PRO F 540 15.11 36.02 19.83
CA PRO F 540 15.68 37.37 19.91
C PRO F 540 17.21 37.31 19.97
N SER F 541 17.86 38.49 20.05
CA SER F 541 19.30 38.59 20.19
C SER F 541 19.73 37.90 21.49
N PRO F 542 20.73 36.99 21.48
CA PRO F 542 21.10 36.31 22.73
C PRO F 542 21.73 37.26 23.74
N TYR F 543 21.42 37.05 25.03
CA TYR F 543 21.97 37.89 26.08
C TYR F 543 23.35 37.36 26.48
N VAL F 544 24.39 38.01 25.95
CA VAL F 544 25.78 37.66 26.25
C VAL F 544 26.21 38.54 27.44
N LYS F 545 26.19 37.96 28.65
CA LYS F 545 26.57 38.68 29.87
C LYS F 545 28.08 38.58 30.06
N CYS F 546 28.79 39.68 29.74
CA CYS F 546 30.23 39.75 29.88
C CYS F 546 30.59 39.91 31.35
N CYS F 547 31.55 39.09 31.83
CA CYS F 547 32.06 39.06 33.20
C CYS F 547 30.99 38.71 34.27
N GLY F 548 29.95 38.01 33.85
CA GLY F 548 28.86 37.62 34.75
C GLY F 548 28.09 36.40 34.32
N THR F 549 27.17 35.94 35.18
CA THR F 549 26.33 34.77 34.95
C THR F 549 24.87 35.21 34.74
N ALA F 550 24.33 34.90 33.55
CA ALA F 550 22.93 35.20 33.19
C ALA F 550 22.02 34.16 33.84
N GLU F 551 20.75 34.51 34.09
CA GLU F 551 19.78 33.62 34.74
C GLU F 551 18.51 33.43 33.91
N CYS F 552 18.13 32.15 33.67
CA CYS F 552 16.92 31.78 32.94
C CYS F 552 15.71 31.82 33.86
N LYS F 553 14.59 32.37 33.38
CA LYS F 553 13.33 32.43 34.12
C LYS F 553 12.21 31.77 33.31
N ASP F 554 11.29 31.08 34.01
CA ASP F 554 10.17 30.38 33.37
C ASP F 554 9.14 31.36 32.81
N LYS F 555 9.07 31.44 31.47
CA LYS F 555 8.14 32.32 30.75
C LYS F 555 7.01 31.49 30.16
N ASN F 556 5.75 31.90 30.41
CA ASN F 556 4.56 31.21 29.91
C ASN F 556 4.35 31.52 28.42
N LEU F 557 5.19 30.91 27.57
CA LEU F 557 5.18 31.04 26.12
C LEU F 557 5.20 29.64 25.48
N PRO F 558 4.58 29.42 24.29
CA PRO F 558 4.58 28.07 23.71
C PRO F 558 5.98 27.60 23.30
N ASP F 559 6.33 26.37 23.73
CA ASP F 559 7.65 25.73 23.52
C ASP F 559 8.81 26.60 24.01
N TYR F 560 8.62 27.32 25.15
CA TYR F 560 9.65 28.19 25.71
C TYR F 560 10.88 27.38 26.11
N SER F 561 12.03 27.78 25.56
CA SER F 561 13.31 27.15 25.79
C SER F 561 14.32 28.21 26.23
N CYS F 562 15.05 27.94 27.31
CA CYS F 562 16.08 28.84 27.85
C CYS F 562 17.25 28.03 28.37
N LYS F 563 18.47 28.45 28.01
CA LYS F 563 19.71 27.81 28.44
C LYS F 563 20.83 28.84 28.55
N VAL F 564 21.59 28.77 29.67
CA VAL F 564 22.73 29.66 29.92
C VAL F 564 24.00 28.84 29.68
N PHE F 565 24.83 29.28 28.72
CA PHE F 565 26.07 28.63 28.36
C PHE F 565 27.27 29.33 28.97
N THR F 566 28.07 28.61 29.77
CA THR F 566 29.26 29.12 30.45
C THR F 566 30.52 28.93 29.60
N GLY F 567 31.55 29.72 29.90
CA GLY F 567 32.85 29.67 29.23
C GLY F 567 32.83 30.16 27.80
N VAL F 568 31.96 31.12 27.48
CA VAL F 568 31.88 31.70 26.14
C VAL F 568 32.84 32.88 25.98
N TYR F 569 33.37 33.07 24.77
CA TYR F 569 34.27 34.18 24.44
C TYR F 569 33.95 34.61 22.99
N PRO F 570 32.79 35.28 22.78
CA PRO F 570 32.40 35.63 21.41
C PRO F 570 33.16 36.81 20.81
N PHE F 571 33.31 36.77 19.47
CA PHE F 571 34.01 37.78 18.70
C PHE F 571 33.08 38.48 17.73
N MET F 572 33.32 39.78 17.53
CA MET F 572 32.64 40.61 16.53
C MET F 572 33.75 41.02 15.56
N TRP F 573 33.43 41.76 14.48
CA TRP F 573 34.42 42.17 13.48
C TRP F 573 35.70 42.84 14.04
N GLY F 574 35.52 43.74 15.02
CA GLY F 574 36.60 44.50 15.63
C GLY F 574 37.26 43.88 16.85
N GLY F 575 37.05 42.58 17.05
CA GLY F 575 37.63 41.83 18.16
C GLY F 575 36.62 41.22 19.11
N ALA F 576 37.08 40.84 20.31
CA ALA F 576 36.29 40.22 21.36
C ALA F 576 35.20 41.16 21.92
N TYR F 577 33.99 40.63 22.08
CA TYR F 577 32.84 41.36 22.61
C TYR F 577 32.95 41.59 24.12
N CYS F 578 33.56 40.64 24.85
CA CYS F 578 33.73 40.71 26.31
C CYS F 578 35.15 41.08 26.74
N PHE F 579 35.26 41.83 27.86
CA PHE F 579 36.53 42.25 28.47
C PHE F 579 37.22 41.06 29.14
N CYS F 580 36.44 40.19 29.80
CA CYS F 580 36.92 39.02 30.51
C CYS F 580 37.24 37.86 29.57
N ASP F 581 38.31 37.11 29.90
CA ASP F 581 38.74 35.92 29.14
C ASP F 581 37.80 34.75 29.49
N ALA F 582 37.58 34.54 30.81
CA ALA F 582 36.70 33.52 31.36
C ALA F 582 35.52 34.21 32.08
N GLU F 583 34.55 33.43 32.59
CA GLU F 583 33.36 33.92 33.32
C GLU F 583 32.34 34.73 32.53
N ASN F 584 32.27 34.50 31.20
CA ASN F 584 31.28 35.15 30.33
C ASN F 584 30.20 34.12 30.02
N THR F 585 28.93 34.52 30.05
CA THR F 585 27.82 33.61 29.80
C THR F 585 26.91 34.09 28.67
N GLN F 586 26.34 33.15 27.91
CA GLN F 586 25.37 33.47 26.85
C GLN F 586 24.04 32.84 27.20
N LEU F 587 23.01 33.69 27.34
CA LEU F 587 21.65 33.25 27.60
C LEU F 587 20.95 33.14 26.25
N SER F 588 20.64 31.92 25.84
CA SER F 588 19.92 31.67 24.59
C SER F 588 18.47 31.39 24.94
N GLU F 589 17.54 32.11 24.29
CA GLU F 589 16.12 31.94 24.53
C GLU F 589 15.31 31.91 23.25
N ALA F 590 14.26 31.07 23.23
CA ALA F 590 13.37 30.89 22.08
C ALA F 590 11.99 30.42 22.49
N HIS F 591 10.98 30.74 21.66
CA HIS F 591 9.60 30.32 21.82
C HIS F 591 8.94 30.15 20.44
N VAL F 592 7.81 29.43 20.41
CA VAL F 592 7.09 29.17 19.16
C VAL F 592 5.75 29.93 19.17
N GLU F 593 5.40 30.52 18.04
CA GLU F 593 4.13 31.22 17.82
C GLU F 593 3.72 31.04 16.36
N LYS F 594 2.51 31.52 16.00
CA LYS F 594 2.02 31.42 14.63
C LYS F 594 2.88 32.26 13.69
N SER F 595 3.17 31.74 12.50
CA SER F 595 3.93 32.45 11.47
C SER F 595 3.04 33.54 10.87
N GLU F 596 3.67 34.50 10.18
CA GLU F 596 2.99 35.62 9.48
C GLU F 596 2.06 35.08 8.40
N SER F 597 2.35 33.86 7.91
CA SER F 597 1.63 33.12 6.89
C SER F 597 0.29 32.53 7.34
N CYS F 598 0.09 32.38 8.66
CA CYS F 598 -1.11 31.77 9.26
C CYS F 598 -2.47 32.34 8.87
N LYS F 599 -2.51 33.61 8.44
CA LYS F 599 -3.73 34.27 7.98
C LYS F 599 -4.07 33.84 6.54
N THR F 600 -3.03 33.56 5.73
CA THR F 600 -3.12 33.18 4.32
C THR F 600 -3.04 31.66 4.11
N GLU F 601 -2.02 31.00 4.69
CA GLU F 601 -1.78 29.57 4.56
C GLU F 601 -2.14 28.83 5.85
N PHE F 602 -3.31 28.17 5.87
CA PHE F 602 -3.78 27.45 7.04
C PHE F 602 -4.76 26.31 6.71
N ALA F 603 -4.85 25.32 7.61
CA ALA F 603 -5.76 24.19 7.53
C ALA F 603 -6.65 24.24 8.76
N SER F 604 -7.96 24.02 8.57
CA SER F 604 -8.93 24.06 9.67
C SER F 604 -9.43 22.68 10.06
N ALA F 605 -9.41 22.37 11.36
CA ALA F 605 -9.88 21.09 11.90
C ALA F 605 -11.33 21.26 12.39
N TYR F 606 -12.27 20.56 11.73
CA TYR F 606 -13.70 20.64 12.04
C TYR F 606 -14.31 19.32 12.51
N ARG F 607 -15.30 19.41 13.41
CA ARG F 607 -16.09 18.28 13.87
C ARG F 607 -17.37 18.33 13.04
N ALA F 608 -17.51 17.39 12.08
CA ALA F 608 -18.67 17.33 11.18
C ALA F 608 -19.74 16.35 11.65
N HIS F 609 -20.98 16.87 11.81
CA HIS F 609 -22.13 16.07 12.25
C HIS F 609 -23.39 16.30 11.41
N THR F 610 -24.33 15.33 11.46
CA THR F 610 -25.64 15.25 10.79
C THR F 610 -25.90 16.28 9.68
N ALA F 611 -25.61 15.90 8.43
CA ALA F 611 -25.76 16.74 7.25
C ALA F 611 -27.20 16.94 6.83
N SER F 612 -27.53 18.16 6.38
CA SER F 612 -28.85 18.51 5.87
C SER F 612 -28.81 18.37 4.34
N ALA F 613 -29.67 17.50 3.79
CA ALA F 613 -29.72 17.24 2.34
C ALA F 613 -30.63 18.27 1.66
N SER F 614 -30.14 18.88 0.57
CA SER F 614 -30.85 19.87 -0.22
C SER F 614 -30.82 19.47 -1.70
N ALA F 615 -31.89 19.80 -2.45
CA ALA F 615 -31.98 19.45 -3.86
C ALA F 615 -32.52 20.58 -4.74
N LYS F 616 -31.91 20.75 -5.92
CA LYS F 616 -32.31 21.72 -6.93
C LYS F 616 -32.90 20.89 -8.07
N LEU F 617 -34.20 21.07 -8.33
CA LEU F 617 -34.93 20.29 -9.33
C LEU F 617 -35.55 21.15 -10.43
N ARG F 618 -35.29 20.79 -11.69
CA ARG F 618 -35.84 21.44 -12.86
C ARG F 618 -37.10 20.66 -13.25
N VAL F 619 -38.24 21.37 -13.35
CA VAL F 619 -39.52 20.74 -13.72
C VAL F 619 -40.09 21.44 -14.97
N LEU F 620 -40.32 20.67 -16.05
CA LEU F 620 -40.95 21.21 -17.25
C LEU F 620 -42.46 21.20 -16.94
N TYR F 621 -42.95 22.35 -16.49
CA TYR F 621 -44.33 22.55 -16.04
C TYR F 621 -45.02 23.63 -16.88
N GLN F 622 -46.07 23.23 -17.61
CA GLN F 622 -46.88 24.08 -18.50
C GLN F 622 -46.07 24.73 -19.64
N GLY F 623 -45.21 23.91 -20.26
CA GLY F 623 -44.34 24.32 -21.36
C GLY F 623 -43.17 25.21 -20.97
N ASN F 624 -43.00 25.45 -19.65
CA ASN F 624 -41.95 26.30 -19.10
C ASN F 624 -41.12 25.53 -18.07
N ASN F 625 -39.83 25.88 -17.94
CA ASN F 625 -38.94 25.24 -16.99
C ASN F 625 -38.95 26.01 -15.67
N ILE F 626 -39.35 25.31 -14.60
CA ILE F 626 -39.39 25.89 -13.25
C ILE F 626 -38.31 25.24 -12.38
N THR F 627 -37.69 26.03 -11.49
CA THR F 627 -36.64 25.55 -10.60
C THR F 627 -37.14 25.49 -9.17
N VAL F 628 -37.01 24.31 -8.53
CA VAL F 628 -37.45 24.08 -7.16
C VAL F 628 -36.24 23.72 -6.31
N THR F 629 -35.96 24.54 -5.28
CA THR F 629 -34.87 24.30 -4.34
C THR F 629 -35.50 23.99 -2.98
N ALA F 630 -35.32 22.75 -2.50
CA ALA F 630 -35.91 22.29 -1.24
C ALA F 630 -35.01 21.31 -0.51
N TYR F 631 -35.18 21.23 0.83
CA TYR F 631 -34.47 20.27 1.66
C TYR F 631 -35.11 18.91 1.43
N ALA F 632 -34.29 17.89 1.12
CA ALA F 632 -34.72 16.53 0.81
C ALA F 632 -35.04 15.70 2.08
N ASN F 633 -35.83 16.27 3.00
CA ASN F 633 -36.22 15.66 4.27
C ASN F 633 -37.67 15.17 4.29
N GLY F 634 -38.42 15.49 3.23
CA GLY F 634 -39.83 15.13 3.09
C GLY F 634 -40.77 15.93 3.98
N ASP F 635 -40.34 17.15 4.35
CA ASP F 635 -41.11 18.06 5.20
C ASP F 635 -41.16 19.48 4.63
N HIS F 636 -40.04 19.96 4.07
CA HIS F 636 -39.91 21.30 3.49
C HIS F 636 -40.74 21.47 2.23
N ALA F 637 -41.89 22.14 2.35
CA ALA F 637 -42.81 22.40 1.25
C ALA F 637 -42.45 23.69 0.52
N VAL F 638 -42.19 23.60 -0.79
CA VAL F 638 -41.82 24.74 -1.63
C VAL F 638 -42.85 24.88 -2.75
N THR F 639 -43.51 26.05 -2.81
CA THR F 639 -44.55 26.33 -3.80
C THR F 639 -44.04 27.25 -4.91
N VAL F 640 -44.11 26.75 -6.17
CA VAL F 640 -43.71 27.47 -7.38
C VAL F 640 -44.88 27.36 -8.37
N LYS F 641 -45.45 28.52 -8.77
CA LYS F 641 -46.59 28.64 -9.69
C LYS F 641 -47.82 27.83 -9.21
N ASP F 642 -48.11 27.93 -7.89
CA ASP F 642 -49.19 27.26 -7.16
C ASP F 642 -49.03 25.73 -6.97
N ALA F 643 -47.94 25.14 -7.51
CA ALA F 643 -47.64 23.72 -7.35
C ALA F 643 -46.74 23.52 -6.13
N LYS F 644 -47.24 22.79 -5.11
CA LYS F 644 -46.52 22.53 -3.87
C LYS F 644 -45.62 21.31 -4.01
N PHE F 645 -44.31 21.50 -3.75
CA PHE F 645 -43.30 20.45 -3.86
C PHE F 645 -42.77 20.01 -2.52
N ILE F 646 -42.76 18.68 -2.30
CA ILE F 646 -42.21 18.04 -1.10
C ILE F 646 -41.20 17.01 -1.63
N VAL F 647 -39.91 17.28 -1.39
CA VAL F 647 -38.78 16.47 -1.85
C VAL F 647 -38.24 15.61 -0.70
N GLY F 648 -38.02 14.33 -1.00
CA GLY F 648 -37.48 13.36 -0.04
C GLY F 648 -38.52 12.68 0.82
N PRO F 649 -38.13 12.02 1.94
CA PRO F 649 -36.75 11.87 2.46
C PRO F 649 -35.88 10.94 1.63
N MET F 650 -34.56 11.22 1.60
CA MET F 650 -33.55 10.47 0.85
C MET F 650 -33.54 9.01 1.31
N SER F 651 -33.48 8.05 0.36
CA SER F 651 -33.47 6.62 0.67
C SER F 651 -32.15 6.21 1.35
N SER F 652 -31.07 6.95 1.04
CA SER F 652 -29.75 6.72 1.63
C SER F 652 -29.33 7.93 2.47
N ALA F 653 -28.87 7.68 3.70
CA ALA F 653 -28.41 8.69 4.65
C ALA F 653 -26.87 8.78 4.60
N TRP F 654 -26.26 8.18 3.56
CA TRP F 654 -24.81 8.13 3.33
C TRP F 654 -24.21 9.51 3.06
N THR F 655 -23.02 9.74 3.63
CA THR F 655 -22.23 10.97 3.51
C THR F 655 -20.74 10.63 3.27
N PRO F 656 -20.02 11.35 2.37
CA PRO F 656 -18.59 11.06 2.20
C PRO F 656 -17.71 11.60 3.33
N PHE F 657 -18.31 12.38 4.25
CA PHE F 657 -17.62 13.00 5.37
C PHE F 657 -17.71 12.16 6.63
N ASP F 658 -16.56 12.00 7.32
CA ASP F 658 -16.46 11.29 8.60
C ASP F 658 -16.78 12.29 9.73
N ASN F 659 -16.69 11.84 11.00
CA ASN F 659 -16.95 12.67 12.17
C ASN F 659 -15.96 13.83 12.29
N LYS F 660 -14.71 13.61 11.89
CA LYS F 660 -13.63 14.62 11.95
C LYS F 660 -13.10 14.90 10.55
N ILE F 661 -13.11 16.19 10.14
CA ILE F 661 -12.62 16.62 8.82
C ILE F 661 -11.60 17.76 8.90
N VAL F 662 -10.74 17.87 7.87
CA VAL F 662 -9.72 18.90 7.74
C VAL F 662 -9.92 19.63 6.40
N VAL F 663 -9.98 20.97 6.45
CA VAL F 663 -10.23 21.81 5.27
C VAL F 663 -9.01 22.71 4.97
N TYR F 664 -8.50 22.63 3.73
CA TYR F 664 -7.41 23.45 3.23
C TYR F 664 -7.86 24.07 1.91
N LYS F 665 -8.14 25.38 1.92
CA LYS F 665 -8.60 26.16 0.77
C LYS F 665 -9.86 25.54 0.14
N GLY F 666 -9.74 24.98 -1.06
CA GLY F 666 -10.85 24.33 -1.76
C GLY F 666 -10.88 22.82 -1.63
N ASP F 667 -10.04 22.26 -0.73
CA ASP F 667 -9.91 20.82 -0.50
C ASP F 667 -10.33 20.39 0.90
N VAL F 668 -11.09 19.27 0.98
CA VAL F 668 -11.58 18.68 2.23
C VAL F 668 -10.98 17.27 2.37
N TYR F 669 -10.57 16.91 3.59
CA TYR F 669 -9.96 15.62 3.88
C TYR F 669 -10.62 14.98 5.10
N ASN F 670 -10.85 13.66 5.04
CA ASN F 670 -11.36 12.89 6.17
C ASN F 670 -10.13 12.55 6.99
N MET F 671 -10.00 13.15 8.18
CA MET F 671 -8.84 12.93 9.02
C MET F 671 -9.18 12.92 10.51
N ASP F 672 -8.71 11.88 11.20
CA ASP F 672 -8.86 11.74 12.64
C ASP F 672 -7.70 12.54 13.25
N TYR F 673 -7.77 13.89 13.10
CA TYR F 673 -6.76 14.84 13.53
C TYR F 673 -6.51 14.78 15.04
N PRO F 674 -5.27 15.07 15.53
CA PRO F 674 -5.05 15.01 16.98
C PRO F 674 -5.85 16.09 17.71
N PRO F 675 -6.38 15.83 18.92
CA PRO F 675 -7.13 16.87 19.65
C PRO F 675 -6.23 18.06 20.02
N PHE F 676 -6.84 19.19 20.43
CA PHE F 676 -6.08 20.37 20.85
C PHE F 676 -5.25 20.01 22.08
N GLY F 677 -3.96 20.32 22.02
CA GLY F 677 -3.01 20.03 23.09
C GLY F 677 -2.43 18.63 23.03
N ALA F 678 -2.60 17.94 21.88
CA ALA F 678 -2.12 16.57 21.65
C ALA F 678 -1.30 16.43 20.37
N GLY F 679 -0.99 17.55 19.72
CA GLY F 679 -0.20 17.59 18.49
C GLY F 679 1.22 17.11 18.68
N ARG F 680 1.74 16.38 17.69
CA ARG F 680 3.09 15.80 17.72
C ARG F 680 4.10 16.59 16.88
N PRO F 681 5.42 16.59 17.24
CA PRO F 681 6.41 17.33 16.43
C PRO F 681 6.56 16.79 15.01
N GLY F 682 6.70 17.70 14.05
CA GLY F 682 6.86 17.40 12.63
C GLY F 682 5.64 16.78 11.96
N GLN F 683 4.49 16.81 12.64
CA GLN F 683 3.23 16.24 12.17
C GLN F 683 2.11 17.28 12.22
N PHE F 684 0.98 17.00 11.55
CA PHE F 684 -0.21 17.86 11.52
C PHE F 684 -0.65 18.15 12.95
N GLY F 685 -0.59 19.41 13.34
CA GLY F 685 -0.97 19.84 14.68
C GLY F 685 0.18 20.13 15.62
N ASP F 686 1.43 20.19 15.10
CA ASP F 686 2.63 20.53 15.91
C ASP F 686 2.44 21.90 16.56
N ILE F 687 1.66 22.76 15.89
CA ILE F 687 1.20 24.06 16.34
C ILE F 687 -0.33 24.05 16.19
N GLN F 688 -1.06 24.44 17.25
CA GLN F 688 -2.52 24.47 17.23
C GLN F 688 -3.05 25.77 17.79
N SER F 689 -3.94 26.42 17.03
CA SER F 689 -4.59 27.68 17.42
C SER F 689 -6.09 27.46 17.33
N ARG F 690 -6.82 27.62 18.45
CA ARG F 690 -8.27 27.42 18.54
C ARG F 690 -9.06 28.20 17.48
N THR F 691 -8.65 29.45 17.23
CA THR F 691 -9.24 30.36 16.23
C THR F 691 -8.06 31.04 15.47
N PRO F 692 -8.24 31.59 14.25
CA PRO F 692 -7.12 32.24 13.57
C PRO F 692 -6.66 33.56 14.22
N GLU F 693 -7.53 34.16 15.06
CA GLU F 693 -7.28 35.42 15.77
C GLU F 693 -6.65 35.21 17.16
N SER F 694 -6.69 33.97 17.69
CA SER F 694 -6.16 33.55 18.99
C SER F 694 -4.74 34.02 19.27
N LYS F 695 -4.51 34.64 20.45
CA LYS F 695 -3.21 35.15 20.86
C LYS F 695 -2.31 34.02 21.38
N ASP F 696 -2.86 33.13 22.22
CA ASP F 696 -2.14 31.99 22.78
C ASP F 696 -2.33 30.76 21.89
N VAL F 697 -1.25 30.03 21.63
CA VAL F 697 -1.25 28.83 20.79
C VAL F 697 -0.59 27.65 21.51
N TYR F 698 -0.91 26.42 21.07
CA TYR F 698 -0.27 25.22 21.60
C TYR F 698 0.88 24.89 20.66
N ALA F 699 2.02 24.47 21.21
CA ALA F 699 3.18 24.11 20.41
C ALA F 699 3.97 22.94 20.99
N ASN F 700 4.29 21.97 20.13
CA ASN F 700 5.10 20.80 20.45
C ASN F 700 5.93 20.51 19.21
N THR F 701 7.05 21.24 19.08
CA THR F 701 7.95 21.16 17.93
C THR F 701 9.30 20.52 18.23
N GLN F 702 9.52 20.07 19.50
CA GLN F 702 10.76 19.46 19.99
C GLN F 702 11.95 20.43 19.89
N LEU F 703 11.70 21.71 20.22
CA LEU F 703 12.69 22.79 20.20
C LEU F 703 13.71 22.60 21.32
N VAL F 704 15.00 22.43 20.93
CA VAL F 704 16.12 22.24 21.85
C VAL F 704 17.26 23.19 21.46
N LEU F 705 17.65 24.07 22.39
CA LEU F 705 18.73 25.03 22.16
C LEU F 705 20.09 24.38 22.34
N GLN F 706 21.04 24.71 21.45
CA GLN F 706 22.40 24.14 21.45
C GLN F 706 23.45 25.18 21.84
N ARG F 707 24.62 24.71 22.30
CA ARG F 707 25.75 25.56 22.68
C ARG F 707 26.31 26.27 21.43
N PRO F 708 26.48 27.62 21.46
CA PRO F 708 27.01 28.31 20.28
C PRO F 708 28.45 27.92 19.94
N ALA F 709 28.84 28.08 18.67
CA ALA F 709 30.18 27.80 18.16
C ALA F 709 31.20 28.71 18.82
N ALA F 710 32.45 28.23 18.94
CA ALA F 710 33.56 28.96 19.56
C ALA F 710 33.74 30.35 18.92
N GLY F 711 33.69 31.38 19.78
CA GLY F 711 33.82 32.78 19.39
C GLY F 711 32.77 33.30 18.43
N THR F 712 31.58 32.68 18.42
CA THR F 712 30.50 33.04 17.50
C THR F 712 29.23 33.46 18.23
N VAL F 713 28.64 34.59 17.80
CA VAL F 713 27.37 35.06 18.33
C VAL F 713 26.29 34.58 17.36
N HIS F 714 25.49 33.62 17.83
CA HIS F 714 24.36 33.00 17.14
C HIS F 714 23.58 32.14 18.12
N VAL F 715 22.36 31.71 17.75
CA VAL F 715 21.53 30.86 18.60
C VAL F 715 21.26 29.54 17.87
N PRO F 716 22.18 28.55 17.92
CA PRO F 716 21.93 27.27 17.26
C PRO F 716 20.87 26.47 18.00
N TYR F 717 20.07 25.69 17.26
CA TYR F 717 18.99 24.89 17.81
C TYR F 717 18.61 23.71 16.92
N SER F 718 17.94 22.71 17.50
CA SER F 718 17.39 21.55 16.82
C SER F 718 15.89 21.59 17.02
N GLN F 719 15.13 21.37 15.94
CA GLN F 719 13.66 21.43 15.97
C GLN F 719 13.10 20.58 14.83
N ALA F 720 11.96 19.91 15.08
CA ALA F 720 11.29 19.10 14.07
C ALA F 720 10.66 20.04 13.02
N PRO F 721 10.87 19.81 11.71
CA PRO F 721 10.32 20.72 10.69
C PRO F 721 8.80 20.86 10.72
N SER F 722 8.28 21.96 10.14
CA SER F 722 6.85 22.30 10.08
C SER F 722 5.93 21.13 9.72
N GLY F 723 5.05 20.80 10.64
CA GLY F 723 4.06 19.73 10.49
C GLY F 723 3.03 20.03 9.42
N PHE F 724 2.68 21.33 9.26
CA PHE F 724 1.75 21.82 8.27
C PHE F 724 2.36 21.69 6.87
N LYS F 725 3.64 22.07 6.71
CA LYS F 725 4.40 21.96 5.46
C LYS F 725 4.52 20.48 5.07
N TYR F 726 4.72 19.62 6.09
CA TYR F 726 4.81 18.17 5.91
C TYR F 726 3.47 17.60 5.49
N TRP F 727 2.36 18.02 6.15
CA TRP F 727 1.02 17.57 5.80
C TRP F 727 0.63 17.98 4.37
N LEU F 728 1.01 19.21 3.95
CA LEU F 728 0.72 19.73 2.60
C LEU F 728 1.23 18.81 1.49
N LYS F 729 2.36 18.13 1.70
CA LYS F 729 2.93 17.19 0.73
C LYS F 729 2.51 15.73 0.97
N GLU F 730 2.07 15.40 2.21
CA GLU F 730 1.69 14.04 2.62
C GLU F 730 0.17 13.78 2.67
N ARG F 731 -0.65 14.84 2.51
CA ARG F 731 -2.12 14.76 2.56
C ARG F 731 -2.77 13.77 1.60
N GLY F 732 -2.17 13.59 0.43
CA GLY F 732 -2.69 12.73 -0.62
C GLY F 732 -3.82 13.41 -1.36
N ALA F 733 -4.62 12.65 -2.11
CA ALA F 733 -5.74 13.19 -2.86
C ALA F 733 -6.91 13.54 -1.93
N SER F 734 -7.56 14.68 -2.18
CA SER F 734 -8.70 15.16 -1.38
C SER F 734 -9.98 14.36 -1.68
N LEU F 735 -11.05 14.59 -0.89
CA LEU F 735 -12.35 13.92 -1.04
C LEU F 735 -12.97 14.04 -2.43
N GLN F 736 -12.73 15.17 -3.14
CA GLN F 736 -13.19 15.44 -4.51
C GLN F 736 -12.74 14.32 -5.49
N HIS F 737 -11.59 13.69 -5.19
CA HIS F 737 -10.97 12.65 -6.00
C HIS F 737 -11.17 11.23 -5.45
N THR F 738 -11.27 11.06 -4.12
CA THR F 738 -11.38 9.74 -3.49
C THR F 738 -12.79 9.27 -3.12
N ALA F 739 -13.74 10.20 -2.93
CA ALA F 739 -15.10 9.87 -2.49
C ALA F 739 -15.89 8.96 -3.44
N PRO F 740 -16.62 7.95 -2.88
CA PRO F 740 -17.45 7.09 -3.74
C PRO F 740 -18.66 7.82 -4.31
N PHE F 741 -19.43 7.14 -5.19
CA PHE F 741 -20.67 7.63 -5.84
C PHE F 741 -20.52 8.91 -6.67
N GLY F 742 -19.30 9.20 -7.13
CA GLY F 742 -18.97 10.36 -7.95
C GLY F 742 -19.20 11.70 -7.30
N CYS F 743 -19.03 11.78 -5.95
CA CYS F 743 -19.18 13.01 -5.16
C CYS F 743 -18.27 14.12 -5.64
N GLN F 744 -18.82 15.33 -5.73
CA GLN F 744 -18.07 16.55 -6.05
C GLN F 744 -17.96 17.26 -4.70
N ILE F 745 -16.77 17.72 -4.33
CA ILE F 745 -16.56 18.38 -3.03
C ILE F 745 -16.24 19.86 -3.20
N ALA F 746 -17.04 20.73 -2.54
CA ALA F 746 -16.88 22.17 -2.58
C ALA F 746 -16.69 22.74 -1.17
N THR F 747 -16.13 23.96 -1.08
CA THR F 747 -15.88 24.67 0.18
C THR F 747 -16.62 26.01 0.19
N ASN F 748 -16.69 26.65 1.38
CA ASN F 748 -17.35 27.94 1.62
C ASN F 748 -18.85 27.97 1.20
N PRO F 749 -19.76 27.16 1.80
CA PRO F 749 -19.54 26.20 2.89
C PRO F 749 -19.13 24.80 2.40
N VAL F 750 -18.54 23.99 3.30
CA VAL F 750 -18.11 22.61 3.03
C VAL F 750 -19.35 21.78 2.71
N ARG F 751 -19.38 21.17 1.51
CA ARG F 751 -20.52 20.38 1.04
C ARG F 751 -20.18 19.30 0.01
N ALA F 752 -20.99 18.22 0.00
CA ALA F 752 -20.88 17.12 -0.96
C ALA F 752 -21.95 17.37 -2.01
N VAL F 753 -21.54 17.50 -3.27
CA VAL F 753 -22.45 17.80 -4.38
C VAL F 753 -22.52 16.62 -5.36
N ASN F 754 -23.75 16.25 -5.76
CA ASN F 754 -24.06 15.20 -6.74
C ASN F 754 -23.55 13.79 -6.42
N CYS F 755 -23.73 13.34 -5.17
CA CYS F 755 -23.37 11.98 -4.75
C CYS F 755 -24.48 11.07 -5.28
N ALA F 756 -24.17 10.27 -6.32
CA ALA F 756 -25.14 9.37 -6.94
C ALA F 756 -25.40 8.11 -6.09
N VAL F 757 -26.19 8.28 -5.03
CA VAL F 757 -26.53 7.21 -4.08
C VAL F 757 -28.03 7.19 -3.74
N GLY F 758 -28.64 6.02 -3.92
CA GLY F 758 -30.06 5.79 -3.64
C GLY F 758 -31.01 6.49 -4.58
N ASN F 759 -32.25 6.69 -4.10
CA ASN F 759 -33.33 7.33 -4.84
C ASN F 759 -33.92 8.52 -4.08
N MET F 760 -34.79 9.30 -4.75
CA MET F 760 -35.40 10.47 -4.17
C MET F 760 -36.92 10.56 -4.45
N PRO F 761 -37.78 10.39 -3.41
CA PRO F 761 -39.23 10.53 -3.62
C PRO F 761 -39.62 11.99 -3.86
N ILE F 762 -40.56 12.22 -4.79
CA ILE F 762 -41.04 13.55 -5.14
C ILE F 762 -42.57 13.61 -5.01
N SER F 763 -43.06 14.60 -4.27
CA SER F 763 -44.48 14.86 -4.08
C SER F 763 -44.80 16.22 -4.70
N ILE F 764 -45.75 16.24 -5.65
CA ILE F 764 -46.18 17.48 -6.32
C ILE F 764 -47.69 17.64 -6.18
N ASP F 765 -48.11 18.70 -5.48
CA ASP F 765 -49.54 19.02 -5.30
C ASP F 765 -49.90 20.01 -6.42
N ILE F 766 -50.28 19.44 -7.58
CA ILE F 766 -50.62 20.20 -8.79
C ILE F 766 -51.98 20.90 -8.64
N PRO F 767 -52.06 22.24 -8.84
CA PRO F 767 -53.34 22.93 -8.69
C PRO F 767 -54.39 22.57 -9.73
N GLU F 768 -55.67 22.79 -9.37
CA GLU F 768 -56.88 22.54 -10.15
C GLU F 768 -56.85 23.16 -11.56
N ALA F 769 -56.35 24.41 -11.66
CA ALA F 769 -56.28 25.18 -12.91
C ALA F 769 -55.33 24.61 -13.97
N ALA F 770 -54.30 23.88 -13.54
CA ALA F 770 -53.31 23.27 -14.43
C ALA F 770 -53.89 22.13 -15.29
N PHE F 771 -54.95 21.48 -14.79
CA PHE F 771 -55.62 20.37 -15.46
C PHE F 771 -56.68 20.80 -16.47
N THR F 772 -56.86 19.96 -17.50
CA THR F 772 -57.87 20.15 -18.54
C THR F 772 -58.71 18.87 -18.55
N ARG F 773 -60.04 19.01 -18.50
CA ARG F 773 -60.98 17.87 -18.52
C ARG F 773 -60.88 17.12 -19.85
N VAL F 774 -61.12 15.79 -19.83
CA VAL F 774 -61.08 14.90 -21.01
C VAL F 774 -61.96 15.45 -22.13
N VAL F 775 -63.18 15.92 -21.79
CA VAL F 775 -64.17 16.51 -22.71
C VAL F 775 -63.61 17.83 -23.31
N ASP F 776 -62.88 18.62 -22.49
CA ASP F 776 -62.25 19.88 -22.91
C ASP F 776 -60.95 19.67 -23.69
N ALA F 777 -60.44 18.43 -23.70
CA ALA F 777 -59.23 18.04 -24.40
C ALA F 777 -59.57 17.35 -25.74
N PRO F 778 -58.69 17.40 -26.77
CA PRO F 778 -59.04 16.73 -28.06
C PRO F 778 -59.14 15.22 -27.95
N SER F 779 -60.06 14.63 -28.73
CA SER F 779 -60.28 13.17 -28.78
C SER F 779 -59.58 12.62 -30.01
N LEU F 780 -58.69 11.63 -29.83
CA LEU F 780 -57.91 11.03 -30.91
C LEU F 780 -58.38 9.64 -31.31
N THR F 781 -58.51 9.42 -32.62
CA THR F 781 -58.93 8.15 -33.24
C THR F 781 -58.08 7.87 -34.49
N ASP F 782 -58.24 6.67 -35.10
CA ASP F 782 -57.54 6.20 -36.31
C ASP F 782 -56.03 6.40 -36.23
N MET F 783 -55.42 5.99 -35.11
CA MET F 783 -54.00 6.14 -34.86
C MET F 783 -53.13 5.03 -35.41
N SER F 784 -52.02 5.41 -36.06
N SER F 784 -52.02 5.41 -36.07
CA SER F 784 -51.04 4.51 -36.66
CA SER F 784 -51.05 4.50 -36.66
C SER F 784 -49.62 5.02 -36.38
C SER F 784 -49.63 5.01 -36.40
N CYS F 785 -48.68 4.09 -36.16
CA CYS F 785 -47.28 4.43 -35.87
C CYS F 785 -46.27 3.78 -36.81
N GLU F 786 -45.34 4.59 -37.31
CA GLU F 786 -44.25 4.16 -38.19
C GLU F 786 -42.89 4.65 -37.67
N VAL F 787 -41.89 3.75 -37.65
CA VAL F 787 -40.55 4.05 -37.17
C VAL F 787 -39.57 4.01 -38.38
N PRO F 788 -39.28 5.17 -39.01
CA PRO F 788 -38.38 5.16 -40.17
C PRO F 788 -36.89 5.03 -39.84
N ALA F 789 -36.50 5.37 -38.60
CA ALA F 789 -35.11 5.33 -38.14
C ALA F 789 -34.97 5.03 -36.64
N CYS F 790 -34.15 4.03 -36.28
CA CYS F 790 -33.88 3.68 -34.88
C CYS F 790 -32.50 3.10 -34.63
N THR F 791 -31.88 3.58 -33.55
CA THR F 791 -30.58 3.17 -33.04
C THR F 791 -30.74 3.01 -31.52
N HIS F 792 -30.52 1.79 -30.99
CA HIS F 792 -30.64 1.56 -29.57
C HIS F 792 -29.42 2.05 -28.80
N SER F 793 -29.56 3.20 -28.11
CA SER F 793 -28.50 3.85 -27.36
C SER F 793 -29.03 4.56 -26.09
N SER F 794 -28.13 5.19 -25.32
CA SER F 794 -28.44 5.94 -24.10
C SER F 794 -29.25 7.21 -24.39
N ASP F 795 -29.05 7.82 -25.57
CA ASP F 795 -29.77 9.02 -26.01
C ASP F 795 -30.98 8.67 -26.90
N PHE F 796 -31.69 9.69 -27.40
CA PHE F 796 -32.86 9.52 -28.26
C PHE F 796 -32.45 9.20 -29.70
N GLY F 797 -32.12 7.92 -29.93
CA GLY F 797 -31.69 7.40 -31.22
C GLY F 797 -32.82 6.91 -32.11
N GLY F 798 -34.05 6.97 -31.59
CA GLY F 798 -35.24 6.54 -32.30
C GLY F 798 -36.12 7.68 -32.77
N VAL F 799 -36.73 7.53 -33.96
CA VAL F 799 -37.64 8.50 -34.58
C VAL F 799 -38.96 7.78 -34.89
N ALA F 800 -40.10 8.35 -34.46
CA ALA F 800 -41.42 7.77 -34.72
C ALA F 800 -42.42 8.79 -35.26
N ILE F 801 -43.12 8.42 -36.34
CA ILE F 801 -44.14 9.27 -36.97
C ILE F 801 -45.52 8.68 -36.66
N ILE F 802 -46.32 9.41 -35.88
CA ILE F 802 -47.65 8.97 -35.47
C ILE F 802 -48.75 9.77 -36.18
N LYS F 803 -49.59 9.08 -36.96
CA LYS F 803 -50.73 9.66 -37.67
C LYS F 803 -51.96 9.58 -36.77
N TYR F 804 -52.84 10.59 -36.84
CA TYR F 804 -54.02 10.67 -35.98
C TYR F 804 -55.19 11.41 -36.61
N ALA F 805 -56.37 11.30 -35.96
CA ALA F 805 -57.59 12.00 -36.32
C ALA F 805 -58.11 12.65 -35.03
N ALA F 806 -57.85 13.96 -34.88
CA ALA F 806 -58.24 14.73 -33.70
C ALA F 806 -59.60 15.41 -33.88
N SER F 807 -60.46 15.33 -32.85
CA SER F 807 -61.81 15.94 -32.84
C SER F 807 -61.76 17.46 -32.88
N LYS F 808 -60.75 18.07 -32.22
CA LYS F 808 -60.53 19.51 -32.16
C LYS F 808 -59.05 19.87 -31.99
N LYS F 809 -58.71 21.16 -32.12
CA LYS F 809 -57.35 21.66 -31.94
C LYS F 809 -57.07 21.80 -30.44
N GLY F 810 -55.84 21.50 -30.04
CA GLY F 810 -55.40 21.59 -28.65
C GLY F 810 -54.10 20.89 -28.37
N LYS F 811 -53.65 20.96 -27.11
CA LYS F 811 -52.40 20.34 -26.66
C LYS F 811 -52.65 18.96 -26.07
N CYS F 812 -51.84 17.98 -26.49
CA CYS F 812 -51.91 16.59 -26.02
C CYS F 812 -50.60 16.16 -25.39
N ALA F 813 -50.67 15.43 -24.28
CA ALA F 813 -49.50 14.90 -23.59
C ALA F 813 -49.03 13.64 -24.31
N VAL F 814 -47.69 13.49 -24.47
CA VAL F 814 -47.08 12.34 -25.13
C VAL F 814 -46.35 11.51 -24.07
N HIS F 815 -46.66 10.20 -23.98
CA HIS F 815 -46.05 9.31 -23.00
C HIS F 815 -45.93 7.87 -23.47
N SER F 816 -44.81 7.22 -23.13
CA SER F 816 -44.57 5.82 -23.46
C SER F 816 -45.17 4.93 -22.37
N MET F 817 -46.02 3.99 -22.78
CA MET F 817 -46.70 3.05 -21.88
C MET F 817 -45.84 1.82 -21.56
N THR F 818 -44.67 1.73 -22.20
CA THR F 818 -43.69 0.67 -22.02
C THR F 818 -42.48 1.30 -21.32
N ASN F 819 -42.06 0.75 -20.18
CA ASN F 819 -40.95 1.26 -19.37
C ASN F 819 -39.57 1.13 -20.02
N ALA F 820 -39.43 0.23 -21.02
CA ALA F 820 -38.18 0.00 -21.76
C ALA F 820 -37.91 1.07 -22.82
N VAL F 821 -38.90 1.94 -23.11
CA VAL F 821 -38.82 3.02 -24.10
C VAL F 821 -39.22 4.35 -23.44
N THR F 822 -38.48 5.44 -23.71
CA THR F 822 -38.77 6.77 -23.19
C THR F 822 -38.83 7.81 -24.31
N ILE F 823 -39.82 8.72 -24.26
CA ILE F 823 -40.02 9.75 -25.29
C ILE F 823 -39.52 11.12 -24.81
N ARG F 824 -38.79 11.84 -25.70
CA ARG F 824 -38.23 13.18 -25.47
C ARG F 824 -39.33 14.22 -25.29
N GLU F 825 -40.36 14.19 -26.15
CA GLU F 825 -41.48 15.13 -26.12
C GLU F 825 -42.45 14.80 -25.00
N ALA F 826 -42.86 15.83 -24.26
CA ALA F 826 -43.82 15.73 -23.15
C ALA F 826 -45.20 16.20 -23.58
N GLU F 827 -45.26 17.16 -24.53
CA GLU F 827 -46.50 17.76 -25.03
C GLU F 827 -46.34 18.23 -26.48
N ILE F 828 -47.35 17.94 -27.33
CA ILE F 828 -47.40 18.37 -28.73
C ILE F 828 -48.79 18.92 -29.08
N GLU F 829 -48.87 19.79 -30.11
CA GLU F 829 -50.12 20.39 -30.58
C GLU F 829 -50.75 19.52 -31.67
N VAL F 830 -52.04 19.17 -31.50
CA VAL F 830 -52.81 18.35 -32.45
C VAL F 830 -53.88 19.15 -33.20
N GLU F 831 -54.23 18.72 -34.45
CA GLU F 831 -55.24 19.34 -35.30
C GLU F 831 -55.70 18.41 -36.42
N GLY F 832 -56.96 17.94 -36.33
CA GLY F 832 -57.63 17.08 -37.30
C GLY F 832 -56.86 15.87 -37.76
N ASN F 833 -56.92 15.61 -39.09
CA ASN F 833 -56.22 14.51 -39.75
C ASN F 833 -54.80 14.94 -40.12
N SER F 834 -53.87 14.80 -39.16
CA SER F 834 -52.48 15.19 -39.32
C SER F 834 -51.53 14.13 -38.69
N GLN F 835 -50.22 14.42 -38.69
CA GLN F 835 -49.19 13.54 -38.14
C GLN F 835 -48.24 14.27 -37.19
N LEU F 836 -47.70 13.53 -36.21
CA LEU F 836 -46.74 14.04 -35.23
C LEU F 836 -45.41 13.27 -35.28
N GLN F 837 -44.30 13.97 -34.99
CA GLN F 837 -42.97 13.35 -34.96
C GLN F 837 -42.40 13.41 -33.55
N ILE F 838 -42.04 12.24 -33.01
CA ILE F 838 -41.46 12.10 -31.67
C ILE F 838 -40.07 11.47 -31.69
N SER F 839 -39.27 11.76 -30.66
CA SER F 839 -37.93 11.20 -30.47
C SER F 839 -37.99 10.25 -29.28
N PHE F 840 -37.48 9.03 -29.44
CA PHE F 840 -37.50 8.03 -28.37
C PHE F 840 -36.14 7.38 -28.10
N SER F 841 -35.93 6.92 -26.86
CA SER F 841 -34.72 6.24 -26.41
C SER F 841 -35.07 4.84 -25.91
N THR F 842 -34.30 3.83 -26.35
CA THR F 842 -34.45 2.42 -25.98
C THR F 842 -33.13 1.67 -26.04
N ALA F 843 -33.01 0.56 -25.29
CA ALA F 843 -31.83 -0.30 -25.27
C ALA F 843 -32.11 -1.59 -26.04
N LEU F 844 -33.38 -1.84 -26.37
CA LEU F 844 -33.87 -3.01 -27.09
C LEU F 844 -33.63 -2.95 -28.58
N ALA F 845 -33.20 -4.09 -29.18
CA ALA F 845 -32.96 -4.24 -30.61
C ALA F 845 -34.30 -4.33 -31.36
N SER F 846 -35.31 -4.95 -30.71
CA SER F 846 -36.67 -5.10 -31.23
C SER F 846 -37.60 -4.45 -30.21
N ALA F 847 -37.90 -3.16 -30.43
CA ALA F 847 -38.72 -2.36 -29.52
C ALA F 847 -40.19 -2.26 -29.94
N GLU F 848 -41.06 -2.91 -29.18
CA GLU F 848 -42.51 -2.90 -29.37
C GLU F 848 -43.08 -2.12 -28.18
N PHE F 849 -43.59 -0.90 -28.45
CA PHE F 849 -44.08 -0.01 -27.41
C PHE F 849 -45.37 0.72 -27.75
N ARG F 850 -46.10 1.14 -26.70
CA ARG F 850 -47.36 1.87 -26.83
C ARG F 850 -47.16 3.34 -26.46
N VAL F 851 -47.67 4.25 -27.30
CA VAL F 851 -47.57 5.70 -27.10
C VAL F 851 -48.96 6.27 -26.81
N GLN F 852 -49.13 6.92 -25.64
CA GLN F 852 -50.40 7.55 -25.28
C GLN F 852 -50.34 9.04 -25.59
N VAL F 853 -51.06 9.44 -26.64
CA VAL F 853 -51.19 10.84 -27.07
C VAL F 853 -52.60 11.23 -26.62
N CYS F 854 -52.67 12.12 -25.60
CA CYS F 854 -53.90 12.54 -24.91
C CYS F 854 -54.46 11.33 -24.15
N SER F 855 -55.65 10.82 -24.52
CA SER F 855 -56.25 9.66 -23.87
C SER F 855 -56.34 8.40 -24.76
N THR F 856 -55.66 8.42 -25.92
CA THR F 856 -55.65 7.30 -26.88
C THR F 856 -54.24 6.70 -27.04
N GLN F 857 -54.15 5.36 -27.04
CA GLN F 857 -52.89 4.61 -27.19
C GLN F 857 -52.68 4.10 -28.62
N VAL F 858 -51.42 4.11 -29.07
CA VAL F 858 -51.01 3.64 -30.39
C VAL F 858 -49.78 2.71 -30.27
N HIS F 859 -49.79 1.57 -30.96
CA HIS F 859 -48.68 0.61 -30.92
C HIS F 859 -47.62 0.98 -31.96
N CYS F 860 -46.36 1.04 -31.51
CA CYS F 860 -45.18 1.34 -32.34
C CYS F 860 -44.29 0.11 -32.42
N ALA F 861 -43.93 -0.30 -33.65
CA ALA F 861 -43.04 -1.43 -33.91
C ALA F 861 -41.72 -0.87 -34.44
N ALA F 862 -40.62 -1.13 -33.71
CA ALA F 862 -39.30 -0.60 -34.07
C ALA F 862 -38.18 -1.63 -34.06
N GLU F 863 -37.41 -1.65 -35.16
CA GLU F 863 -36.22 -2.49 -35.30
C GLU F 863 -35.06 -1.53 -35.11
N CYS F 864 -34.47 -1.54 -33.92
CA CYS F 864 -33.37 -0.64 -33.58
C CYS F 864 -32.01 -1.28 -33.77
N HIS F 865 -31.08 -0.51 -34.35
CA HIS F 865 -29.73 -0.94 -34.72
C HIS F 865 -28.67 -0.56 -33.68
N PRO F 866 -27.52 -1.29 -33.59
CA PRO F 866 -26.50 -0.94 -32.59
C PRO F 866 -25.78 0.40 -32.85
N PRO G 1 81.70 17.48 -5.91
CA PRO G 1 81.72 18.22 -7.18
C PRO G 1 80.84 17.58 -8.25
N VAL G 2 79.82 18.33 -8.72
CA VAL G 2 78.89 17.86 -9.75
C VAL G 2 79.37 18.36 -11.12
N MET G 3 79.61 17.43 -12.05
CA MET G 3 80.15 17.73 -13.38
C MET G 3 79.15 17.64 -14.54
N CYS G 4 79.24 18.60 -15.48
CA CYS G 4 78.42 18.70 -16.68
C CYS G 4 79.31 18.60 -17.93
N LEU G 5 78.71 18.40 -19.11
CA LEU G 5 79.44 18.21 -20.38
C LEU G 5 79.19 19.32 -21.42
N LEU G 6 80.26 19.76 -22.09
CA LEU G 6 80.23 20.74 -23.19
C LEU G 6 81.25 20.29 -24.23
N ALA G 7 80.74 19.73 -25.35
CA ALA G 7 81.50 19.17 -26.49
C ALA G 7 82.50 18.09 -26.05
N ASN G 8 83.80 18.43 -26.00
CA ASN G 8 84.86 17.51 -25.62
C ASN G 8 85.38 17.78 -24.18
N THR G 9 84.70 18.67 -23.42
CA THR G 9 85.10 19.04 -22.05
C THR G 9 84.06 18.70 -20.98
N THR G 10 84.53 18.65 -19.71
CA THR G 10 83.73 18.48 -18.48
C THR G 10 83.97 19.75 -17.66
N PHE G 11 82.94 20.25 -16.97
CA PHE G 11 83.00 21.49 -16.18
C PHE G 11 82.04 21.43 -14.98
N PRO G 12 82.16 22.29 -13.93
CA PRO G 12 81.17 22.23 -12.84
C PRO G 12 79.83 22.78 -13.33
N CYS G 13 78.75 21.98 -13.16
CA CYS G 13 77.38 22.31 -13.61
C CYS G 13 76.93 23.72 -13.26
N SER G 14 77.19 24.17 -12.02
CA SER G 14 76.84 25.50 -11.53
C SER G 14 77.71 26.62 -12.14
N GLN G 15 78.81 26.25 -12.82
CA GLN G 15 79.74 27.21 -13.43
C GLN G 15 80.00 26.98 -14.94
N PRO G 16 79.01 27.20 -15.85
CA PRO G 16 79.31 27.05 -17.28
C PRO G 16 80.22 28.19 -17.78
N PRO G 17 81.09 27.94 -18.80
CA PRO G 17 82.02 29.00 -19.24
C PRO G 17 81.40 30.25 -19.88
N CYS G 18 80.13 30.16 -20.29
CA CYS G 18 79.38 31.25 -20.94
C CYS G 18 78.94 32.36 -19.98
N THR G 19 78.96 32.12 -18.65
CA THR G 19 78.53 33.07 -17.61
C THR G 19 79.27 34.41 -17.64
N PRO G 20 78.58 35.56 -17.42
CA PRO G 20 77.14 35.72 -17.14
C PRO G 20 76.27 35.83 -18.39
N CYS G 21 74.94 35.71 -18.20
CA CYS G 21 73.90 35.82 -19.24
C CYS G 21 74.20 34.91 -20.45
N CYS G 22 74.29 33.58 -20.21
CA CYS G 22 74.56 32.56 -21.22
C CYS G 22 73.56 32.64 -22.38
N TYR G 23 72.26 32.68 -22.06
CA TYR G 23 71.16 32.75 -23.01
C TYR G 23 71.14 34.05 -23.82
N GLU G 24 71.36 35.20 -23.16
CA GLU G 24 71.37 36.51 -23.81
C GLU G 24 72.47 36.61 -24.87
N LYS G 25 73.67 36.08 -24.55
CA LYS G 25 74.84 36.07 -25.43
C LYS G 25 74.64 35.15 -26.64
N GLU G 26 74.40 33.85 -26.38
CA GLU G 26 74.22 32.82 -27.40
C GLU G 26 72.98 31.95 -27.06
N PRO G 27 71.76 32.34 -27.51
CA PRO G 27 70.57 31.54 -27.16
C PRO G 27 70.56 30.11 -27.68
N GLU G 28 70.95 29.90 -28.96
CA GLU G 28 70.99 28.57 -29.58
C GLU G 28 72.01 27.65 -28.89
N GLU G 29 73.26 28.14 -28.69
CA GLU G 29 74.36 27.43 -28.04
C GLU G 29 74.04 27.00 -26.61
N THR G 30 73.38 27.88 -25.84
CA THR G 30 72.97 27.63 -24.45
C THR G 30 71.97 26.48 -24.37
N LEU G 31 70.92 26.51 -25.22
CA LEU G 31 69.89 25.48 -25.28
C LEU G 31 70.47 24.14 -25.73
N ARG G 32 71.40 24.16 -26.71
CA ARG G 32 72.09 22.95 -27.19
C ARG G 32 72.91 22.31 -26.07
N MET G 33 73.62 23.14 -25.27
CA MET G 33 74.43 22.72 -24.12
C MET G 33 73.53 22.06 -23.04
N LEU G 34 72.37 22.69 -22.75
CA LEU G 34 71.40 22.19 -21.77
C LEU G 34 70.82 20.84 -22.21
N GLU G 35 70.50 20.69 -23.51
CA GLU G 35 69.97 19.46 -24.11
C GLU G 35 70.97 18.30 -23.98
N ASP G 36 72.28 18.61 -24.08
CA ASP G 36 73.38 17.64 -23.96
C ASP G 36 73.59 17.13 -22.53
N ASN G 37 73.03 17.85 -21.53
CA ASN G 37 73.14 17.51 -20.11
C ASN G 37 71.81 17.12 -19.46
N VAL G 38 70.77 16.83 -20.26
CA VAL G 38 69.43 16.47 -19.80
C VAL G 38 69.40 15.22 -18.88
N MET G 39 70.29 14.25 -19.11
CA MET G 39 70.38 13.01 -18.34
C MET G 39 71.32 13.11 -17.12
N ARG G 40 72.14 14.17 -17.08
CA ARG G 40 73.12 14.42 -16.00
C ARG G 40 72.44 14.81 -14.67
N PRO G 41 72.92 14.27 -13.51
CA PRO G 41 72.30 14.62 -12.21
C PRO G 41 72.33 16.11 -11.84
N GLY G 42 73.30 16.83 -12.36
CA GLY G 42 73.45 18.26 -12.11
C GLY G 42 72.85 19.15 -13.17
N TYR G 43 71.83 18.65 -13.90
CA TYR G 43 71.13 19.39 -14.96
C TYR G 43 70.48 20.68 -14.44
N TYR G 44 69.76 20.59 -13.30
CA TYR G 44 69.08 21.75 -12.73
C TYR G 44 70.01 22.82 -12.17
N GLN G 45 71.25 22.44 -11.82
CA GLN G 45 72.29 23.37 -11.38
C GLN G 45 72.76 24.15 -12.61
N LEU G 46 72.87 23.46 -13.77
CA LEU G 46 73.26 24.04 -15.05
C LEU G 46 72.15 24.94 -15.62
N LEU G 47 70.87 24.51 -15.50
CA LEU G 47 69.70 25.26 -15.95
C LEU G 47 69.59 26.58 -15.20
N GLN G 48 69.79 26.55 -13.87
CA GLN G 48 69.76 27.72 -12.99
C GLN G 48 70.82 28.75 -13.39
N ALA G 49 72.08 28.31 -13.54
CA ALA G 49 73.21 29.17 -13.92
C ALA G 49 73.12 29.73 -15.34
N SER G 50 72.67 28.92 -16.31
CA SER G 50 72.55 29.31 -17.72
C SER G 50 71.41 30.30 -18.00
N LEU G 51 70.31 30.20 -17.24
CA LEU G 51 69.14 31.07 -17.42
C LEU G 51 69.04 32.21 -16.39
N THR G 52 70.18 32.56 -15.78
CA THR G 52 70.33 33.68 -14.84
C THR G 52 71.15 34.75 -15.55
N CYS G 53 70.69 36.01 -15.49
CA CYS G 53 71.40 37.12 -16.10
C CYS G 53 71.68 38.26 -15.14
N SER G 54 72.95 38.39 -14.75
CA SER G 54 73.46 39.46 -13.91
C SER G 54 74.62 40.05 -14.70
N PRO G 55 74.34 41.00 -15.64
CA PRO G 55 75.41 41.52 -16.50
C PRO G 55 76.43 42.42 -15.80
N HIS G 56 77.58 42.63 -16.47
CA HIS G 56 78.69 43.47 -15.99
C HIS G 56 78.26 44.95 -15.93
N ARG G 57 77.57 45.43 -16.98
CA ARG G 57 77.10 46.82 -17.12
C ARG G 57 75.84 47.04 -16.26
N GLN G 58 76.00 46.89 -14.94
CA GLN G 58 74.94 47.00 -13.93
C GLN G 58 75.60 47.31 -12.58
N ARG G 59 74.96 48.14 -11.74
CA ARG G 59 75.49 48.49 -10.40
C ARG G 59 75.35 47.32 -9.43
N GLU G 60 74.13 46.76 -9.35
CA GLU G 60 73.75 45.68 -8.44
C GLU G 60 73.82 44.28 -9.06
N SER H 1 73.65 43.25 -8.21
CA SER H 1 73.65 41.84 -8.61
C SER H 1 72.23 41.32 -8.74
N THR H 2 71.95 40.64 -9.86
CA THR H 2 70.66 40.00 -10.11
C THR H 2 70.89 38.48 -10.25
N LYS H 3 71.78 37.93 -9.39
CA LYS H 3 72.16 36.51 -9.37
C LYS H 3 71.01 35.54 -9.04
N ASP H 4 69.88 36.06 -8.52
CA ASP H 4 68.70 35.27 -8.16
C ASP H 4 67.55 35.46 -9.16
N ASN H 5 67.84 36.07 -10.33
CA ASN H 5 66.83 36.34 -11.37
C ASN H 5 66.59 35.20 -12.38
N PHE H 6 66.87 33.93 -11.97
CA PHE H 6 66.65 32.75 -12.83
C PHE H 6 65.22 32.77 -13.36
N ASN H 7 65.09 32.94 -14.68
CA ASN H 7 63.81 33.02 -15.36
C ASN H 7 63.82 32.06 -16.54
N VAL H 8 63.18 30.90 -16.36
CA VAL H 8 63.08 29.84 -17.37
C VAL H 8 62.29 30.29 -18.62
N TYR H 9 61.39 31.28 -18.44
CA TYR H 9 60.53 31.84 -19.48
C TYR H 9 61.26 32.67 -20.54
N LYS H 10 62.56 32.97 -20.31
CA LYS H 10 63.39 33.68 -21.28
C LYS H 10 63.74 32.73 -22.44
N ALA H 11 63.83 31.42 -22.15
CA ALA H 11 64.14 30.35 -23.09
C ALA H 11 62.88 29.74 -23.72
N THR H 12 61.77 29.69 -22.96
CA THR H 12 60.50 29.11 -23.44
C THR H 12 59.61 30.16 -24.09
N ARG H 13 58.54 29.71 -24.76
CA ARG H 13 57.60 30.61 -25.45
C ARG H 13 56.18 30.02 -25.52
N PRO H 14 55.12 30.87 -25.58
CA PRO H 14 53.77 30.32 -25.80
C PRO H 14 53.67 29.86 -27.27
N TYR H 15 52.74 28.96 -27.58
CA TYR H 15 52.64 28.45 -28.95
C TYR H 15 51.21 28.18 -29.43
N LEU H 16 51.09 27.87 -30.74
CA LEU H 16 49.84 27.51 -31.39
C LEU H 16 49.87 26.00 -31.59
N ALA H 17 48.77 25.33 -31.25
CA ALA H 17 48.65 23.87 -31.39
C ALA H 17 47.21 23.49 -31.71
N HIS H 18 47.02 22.24 -32.19
CA HIS H 18 45.70 21.71 -32.56
C HIS H 18 44.74 21.63 -31.38
N CYS H 19 43.50 22.07 -31.63
CA CYS H 19 42.36 22.03 -30.71
C CYS H 19 41.18 21.48 -31.51
N PRO H 20 40.48 20.42 -31.06
CA PRO H 20 39.37 19.87 -31.85
C PRO H 20 38.13 20.77 -31.91
N ASP H 21 37.94 21.65 -30.92
CA ASP H 21 36.79 22.55 -30.83
C ASP H 21 37.19 23.94 -30.31
N CYS H 22 37.29 24.90 -31.24
CA CYS H 22 37.63 26.29 -30.94
C CYS H 22 36.36 27.15 -30.80
N GLY H 23 35.21 26.49 -30.74
CA GLY H 23 33.89 27.10 -30.67
C GLY H 23 33.07 26.65 -31.86
N GLU H 24 31.80 26.25 -31.60
CA GLU H 24 30.83 25.77 -32.60
C GLU H 24 31.22 24.41 -33.25
N GLY H 25 32.08 23.65 -32.56
CA GLY H 25 32.54 22.33 -32.99
C GLY H 25 33.64 22.29 -34.05
N HIS H 26 34.12 23.46 -34.49
CA HIS H 26 35.15 23.57 -35.53
C HIS H 26 36.57 23.61 -34.95
N SER H 27 37.49 22.83 -35.54
CA SER H 27 38.89 22.75 -35.13
C SER H 27 39.69 23.94 -35.64
N CYS H 28 40.77 24.32 -34.91
CA CYS H 28 41.65 25.44 -35.26
C CYS H 28 43.04 25.30 -34.66
N HIS H 29 43.99 26.15 -35.12
CA HIS H 29 45.35 26.26 -34.58
C HIS H 29 45.19 27.27 -33.46
N SER H 30 44.92 26.76 -32.25
CA SER H 30 44.60 27.54 -31.06
C SER H 30 45.76 28.13 -30.25
N PRO H 31 45.65 29.41 -29.81
CA PRO H 31 46.68 29.98 -28.92
C PRO H 31 46.42 29.65 -27.44
N VAL H 32 45.37 28.85 -27.17
CA VAL H 32 44.94 28.40 -25.84
C VAL H 32 44.62 26.87 -25.89
N ALA H 33 45.31 26.14 -26.78
CA ALA H 33 45.13 24.70 -26.99
C ALA H 33 45.34 23.89 -25.72
N LEU H 34 44.45 22.93 -25.46
CA LEU H 34 44.54 22.07 -24.30
C LEU H 34 45.51 20.93 -24.56
N GLU H 35 46.48 20.77 -23.65
CA GLU H 35 47.51 19.74 -23.73
C GLU H 35 47.15 18.52 -22.90
N ARG H 36 46.90 18.72 -21.59
CA ARG H 36 46.64 17.66 -20.63
C ARG H 36 45.87 18.20 -19.43
N ILE H 37 44.87 17.43 -18.97
CA ILE H 37 44.08 17.75 -17.77
C ILE H 37 44.40 16.66 -16.74
N ARG H 38 44.94 17.08 -15.58
CA ARG H 38 45.29 16.18 -14.50
C ARG H 38 44.27 16.27 -13.38
N ASN H 39 43.78 15.11 -12.92
CA ASN H 39 42.78 15.01 -11.86
C ASN H 39 43.13 13.92 -10.82
N GLU H 40 44.39 13.92 -10.36
CA GLU H 40 44.85 12.95 -9.37
C GLU H 40 44.54 13.40 -7.95
N ALA H 41 44.32 14.73 -7.76
CA ALA H 41 43.98 15.35 -6.49
C ALA H 41 42.59 14.90 -6.04
N THR H 42 42.54 14.22 -4.88
CA THR H 42 41.29 13.71 -4.30
C THR H 42 40.35 14.83 -3.84
N ASP H 43 40.90 16.03 -3.57
CA ASP H 43 40.11 17.21 -3.17
C ASP H 43 39.28 17.80 -4.34
N GLY H 44 39.48 17.27 -5.54
CA GLY H 44 38.75 17.67 -6.75
C GLY H 44 39.42 18.71 -7.62
N THR H 45 40.57 19.25 -7.19
CA THR H 45 41.32 20.28 -7.93
C THR H 45 41.85 19.72 -9.25
N LEU H 46 41.66 20.48 -10.34
CA LEU H 46 42.14 20.09 -11.67
C LEU H 46 43.39 20.87 -12.02
N LYS H 47 44.44 20.18 -12.51
CA LYS H 47 45.67 20.80 -12.97
C LYS H 47 45.62 20.75 -14.49
N ILE H 48 45.36 21.91 -15.10
CA ILE H 48 45.18 22.06 -16.54
C ILE H 48 46.42 22.64 -17.22
N GLN H 49 46.85 22.03 -18.35
CA GLN H 49 47.99 22.49 -19.14
C GLN H 49 47.52 23.04 -20.50
N VAL H 50 47.89 24.29 -20.80
CA VAL H 50 47.54 24.98 -22.05
C VAL H 50 48.77 25.43 -22.85
N SER H 51 48.57 25.80 -24.13
CA SER H 51 49.66 26.24 -25.02
C SER H 51 50.19 27.65 -24.71
N LEU H 52 49.40 28.51 -24.03
CA LEU H 52 49.81 29.86 -23.65
C LEU H 52 50.52 29.89 -22.29
N GLN H 53 51.09 31.05 -21.91
CA GLN H 53 51.80 31.24 -20.65
C GLN H 53 51.22 32.41 -19.84
N ILE H 54 50.67 32.11 -18.65
CA ILE H 54 50.04 33.08 -17.74
C ILE H 54 51.06 33.63 -16.74
N GLY H 55 50.94 34.92 -16.44
CA GLY H 55 51.80 35.60 -15.48
C GLY H 55 53.12 36.07 -16.02
N ILE H 56 53.33 35.93 -17.34
CA ILE H 56 54.55 36.31 -18.05
C ILE H 56 54.22 37.24 -19.20
N LYS H 57 55.02 38.30 -19.37
CA LYS H 57 54.87 39.27 -20.47
C LYS H 57 55.83 38.86 -21.60
N THR H 58 55.69 39.46 -22.80
CA THR H 58 56.53 39.18 -23.97
C THR H 58 58.03 39.45 -23.76
N ASP H 59 58.36 40.39 -22.85
CA ASP H 59 59.74 40.76 -22.49
C ASP H 59 60.32 39.82 -21.41
N ASP H 60 59.59 38.72 -21.11
CA ASP H 60 59.90 37.66 -20.13
C ASP H 60 59.65 38.02 -18.66
N SER H 61 59.36 39.29 -18.37
CA SER H 61 59.09 39.78 -17.01
C SER H 61 57.82 39.15 -16.42
N HIS H 62 57.85 38.89 -15.10
CA HIS H 62 56.73 38.29 -14.38
C HIS H 62 55.73 39.36 -13.95
N ASP H 63 54.46 39.18 -14.35
CA ASP H 63 53.34 40.07 -14.05
C ASP H 63 52.07 39.24 -13.98
N TRP H 64 51.54 39.04 -12.77
CA TRP H 64 50.34 38.23 -12.51
C TRP H 64 49.07 38.74 -13.21
N THR H 65 49.00 40.05 -13.53
CA THR H 65 47.85 40.68 -14.21
C THR H 65 47.92 40.46 -15.73
N LYS H 66 49.04 39.90 -16.23
CA LYS H 66 49.25 39.67 -17.66
C LYS H 66 49.30 38.20 -18.05
N LEU H 67 49.19 37.94 -19.37
CA LEU H 67 49.19 36.63 -20.00
C LEU H 67 49.85 36.78 -21.37
N ARG H 68 50.69 35.81 -21.77
CA ARG H 68 51.28 35.81 -23.12
C ARG H 68 50.86 34.58 -23.92
N TYR H 69 50.44 34.83 -25.16
CA TYR H 69 49.95 33.83 -26.11
C TYR H 69 50.62 34.05 -27.47
N MET H 70 50.65 33.01 -28.34
CA MET H 70 51.23 33.14 -29.67
C MET H 70 50.21 33.79 -30.63
N ASP H 71 50.53 34.98 -31.14
CA ASP H 71 49.70 35.73 -32.09
C ASP H 71 50.38 35.62 -33.47
N ASN H 72 49.87 34.71 -34.30
CA ASN H 72 50.38 34.40 -35.65
C ASN H 72 51.84 33.90 -35.58
N HIS H 73 52.84 34.79 -35.78
CA HIS H 73 54.27 34.47 -35.78
C HIS H 73 54.95 34.93 -34.49
N MET H 74 54.42 35.99 -33.84
CA MET H 74 55.02 36.57 -32.64
C MET H 74 54.13 36.49 -31.38
N PRO H 75 54.71 36.26 -30.18
CA PRO H 75 53.88 36.25 -28.95
C PRO H 75 53.36 37.66 -28.63
N ALA H 76 52.15 37.73 -28.06
CA ALA H 76 51.50 38.99 -27.70
C ALA H 76 50.96 38.98 -26.26
N ASP H 77 50.80 40.16 -25.65
CA ASP H 77 50.28 40.32 -24.30
C ASP H 77 48.75 40.38 -24.25
N ALA H 78 48.16 39.80 -23.21
CA ALA H 78 46.73 39.76 -22.94
C ALA H 78 46.47 39.86 -21.44
N GLU H 79 45.25 40.25 -21.03
CA GLU H 79 44.88 40.39 -19.63
C GLU H 79 44.56 39.06 -18.96
N ARG H 80 44.96 38.91 -17.69
CA ARG H 80 44.71 37.74 -16.86
C ARG H 80 43.21 37.66 -16.50
N ALA H 81 42.56 38.83 -16.31
CA ALA H 81 41.14 38.95 -15.97
C ALA H 81 40.21 38.32 -17.01
N GLY H 82 40.65 38.34 -18.28
CA GLY H 82 39.91 37.79 -19.40
C GLY H 82 39.98 36.27 -19.51
N LEU H 83 40.92 35.64 -18.77
CA LEU H 83 41.09 34.19 -18.74
C LEU H 83 39.93 33.54 -17.98
N PHE H 84 39.38 32.46 -18.54
CA PHE H 84 38.28 31.72 -17.96
C PHE H 84 38.41 30.21 -18.17
N VAL H 85 37.86 29.42 -17.23
CA VAL H 85 37.82 27.96 -17.28
C VAL H 85 36.36 27.56 -17.00
N ARG H 86 35.82 26.62 -17.79
CA ARG H 86 34.44 26.14 -17.63
C ARG H 86 34.23 24.69 -18.07
N THR H 87 33.29 23.99 -17.41
CA THR H 87 32.90 22.62 -17.73
C THR H 87 31.48 22.72 -18.26
N SER H 88 30.47 22.40 -17.43
CA SER H 88 29.05 22.56 -17.79
C SER H 88 28.64 24.00 -17.41
N ALA H 89 29.42 24.63 -16.51
CA ALA H 89 29.24 25.97 -15.97
C ALA H 89 30.63 26.57 -15.60
N PRO H 90 30.78 27.90 -15.29
CA PRO H 90 32.12 28.42 -14.95
C PRO H 90 32.84 27.77 -13.77
N CYS H 91 34.18 27.70 -13.86
CA CYS H 91 35.06 27.14 -12.82
C CYS H 91 35.67 28.24 -11.97
N THR H 92 36.11 27.87 -10.75
CA THR H 92 36.80 28.78 -9.84
C THR H 92 38.30 28.54 -10.06
N ILE H 93 39.00 29.53 -10.62
CA ILE H 93 40.44 29.44 -10.86
C ILE H 93 41.16 29.73 -9.55
N THR H 94 41.92 28.74 -9.03
CA THR H 94 42.64 28.85 -7.77
C THR H 94 44.11 29.25 -7.88
N GLY H 95 44.70 29.06 -9.06
CA GLY H 95 46.10 29.40 -9.32
C GLY H 95 46.47 29.34 -10.79
N THR H 96 47.35 30.27 -11.22
CA THR H 96 47.85 30.38 -12.60
C THR H 96 49.33 30.75 -12.61
N MET H 97 50.12 30.03 -13.44
CA MET H 97 51.56 30.24 -13.63
C MET H 97 52.01 29.46 -14.87
N GLY H 98 52.49 30.19 -15.88
CA GLY H 98 52.96 29.65 -17.15
C GLY H 98 51.88 28.89 -17.90
N HIS H 99 52.20 27.66 -18.32
CA HIS H 99 51.27 26.78 -19.05
C HIS H 99 50.20 26.14 -18.14
N PHE H 100 50.25 26.40 -16.82
CA PHE H 100 49.37 25.74 -15.85
C PHE H 100 48.30 26.57 -15.16
N ILE H 101 47.11 25.95 -15.01
CA ILE H 101 45.93 26.51 -14.35
C ILE H 101 45.40 25.50 -13.33
N LEU H 102 45.06 25.99 -12.13
CA LEU H 102 44.42 25.22 -11.08
C LEU H 102 42.97 25.67 -11.04
N ALA H 103 42.03 24.72 -11.11
CA ALA H 103 40.60 25.06 -11.11
C ALA H 103 39.71 24.08 -10.37
N ARG H 104 38.68 24.62 -9.70
CA ARG H 104 37.65 23.88 -8.99
C ARG H 104 36.42 24.00 -9.89
N CYS H 105 36.05 22.87 -10.52
CA CYS H 105 34.99 22.82 -11.52
C CYS H 105 33.75 22.04 -11.09
N PRO H 106 32.53 22.48 -11.51
CA PRO H 106 31.33 21.67 -11.23
C PRO H 106 31.27 20.47 -12.19
N LYS H 107 30.35 19.53 -11.95
CA LYS H 107 30.17 18.32 -12.76
C LYS H 107 29.95 18.66 -14.24
N GLY H 108 30.68 17.98 -15.12
CA GLY H 108 30.59 18.21 -16.56
C GLY H 108 31.09 17.07 -17.43
N GLU H 109 30.94 17.24 -18.76
CA GLU H 109 31.35 16.26 -19.77
C GLU H 109 32.40 16.82 -20.72
N THR H 110 32.64 18.14 -20.68
CA THR H 110 33.65 18.86 -21.48
C THR H 110 34.43 19.82 -20.59
N LEU H 111 35.60 20.28 -21.05
CA LEU H 111 36.43 21.26 -20.35
C LEU H 111 36.87 22.31 -21.34
N THR H 112 36.57 23.58 -21.04
CA THR H 112 36.88 24.74 -21.88
C THR H 112 37.80 25.72 -21.16
N VAL H 113 38.86 26.15 -21.84
CA VAL H 113 39.81 27.15 -21.36
C VAL H 113 39.89 28.24 -22.44
N GLY H 114 39.66 29.48 -22.04
CA GLY H 114 39.69 30.61 -22.96
C GLY H 114 40.23 31.90 -22.39
N PHE H 115 40.34 32.93 -23.27
CA PHE H 115 40.84 34.27 -22.94
C PHE H 115 40.40 35.28 -24.01
N THR H 116 40.59 36.58 -23.73
CA THR H 116 40.29 37.67 -24.65
C THR H 116 41.61 38.37 -25.00
N ASP H 117 41.91 38.47 -26.32
CA ASP H 117 43.15 39.08 -26.81
C ASP H 117 43.14 40.62 -26.79
N SER H 118 44.20 41.25 -27.34
CA SER H 118 44.38 42.70 -27.44
C SER H 118 43.29 43.36 -28.29
N ARG H 119 42.87 42.66 -29.38
CA ARG H 119 41.85 43.11 -30.35
C ARG H 119 40.42 42.83 -29.87
N LYS H 120 40.25 42.48 -28.56
CA LYS H 120 38.98 42.14 -27.90
C LYS H 120 38.32 40.87 -28.46
N ILE H 121 39.09 40.04 -29.19
CA ILE H 121 38.64 38.78 -29.79
C ILE H 121 38.81 37.63 -28.81
N SER H 122 37.72 36.89 -28.54
CA SER H 122 37.73 35.76 -27.63
C SER H 122 38.27 34.49 -28.30
N HIS H 123 39.13 33.75 -27.59
CA HIS H 123 39.72 32.50 -28.05
C HIS H 123 39.49 31.44 -26.99
N SER H 124 38.94 30.28 -27.38
CA SER H 124 38.67 29.19 -26.44
C SER H 124 38.98 27.81 -27.05
N CYS H 125 39.24 26.81 -26.19
CA CYS H 125 39.53 25.43 -26.59
C CYS H 125 38.72 24.46 -25.74
N THR H 126 37.89 23.63 -26.41
CA THR H 126 37.02 22.65 -25.75
C THR H 126 37.47 21.21 -26.06
N HIS H 127 37.64 20.42 -25.00
CA HIS H 127 38.04 19.01 -25.05
C HIS H 127 37.02 18.17 -24.28
N PRO H 128 36.68 16.94 -24.74
CA PRO H 128 35.78 16.10 -23.95
C PRO H 128 36.51 15.58 -22.71
N PHE H 129 35.95 15.89 -21.53
CA PHE H 129 36.53 15.50 -20.24
C PHE H 129 35.42 15.25 -19.22
N HIS H 130 35.30 14.01 -18.75
CA HIS H 130 34.29 13.66 -17.75
C HIS H 130 34.78 14.10 -16.36
N HIS H 131 34.13 15.13 -15.82
CA HIS H 131 34.45 15.66 -14.50
C HIS H 131 33.27 15.46 -13.55
N ASP H 132 33.48 14.62 -12.54
CA ASP H 132 32.55 14.30 -11.48
C ASP H 132 33.44 13.80 -10.34
N PRO H 133 34.07 14.73 -9.57
CA PRO H 133 35.03 14.30 -8.53
C PRO H 133 34.44 13.47 -7.40
N PRO H 134 35.14 12.39 -6.96
CA PRO H 134 34.61 11.56 -5.87
C PRO H 134 34.54 12.29 -4.53
N VAL H 135 33.64 11.82 -3.65
CA VAL H 135 33.41 12.37 -2.32
C VAL H 135 34.60 12.12 -1.37
N ILE H 136 35.03 13.18 -0.66
CA ILE H 136 36.06 13.09 0.36
C ILE H 136 35.30 12.79 1.65
N GLY H 137 35.51 11.59 2.17
CA GLY H 137 34.83 11.12 3.38
C GLY H 137 33.56 10.38 3.11
N ARG H 138 32.56 10.56 3.99
CA ARG H 138 31.27 9.89 3.93
C ARG H 138 30.06 10.84 3.84
N GLU H 139 30.31 12.12 3.50
CA GLU H 139 29.26 13.14 3.38
C GLU H 139 29.48 14.00 2.14
N LYS H 140 28.46 14.08 1.26
CA LYS H 140 28.53 14.88 0.03
C LYS H 140 28.09 16.31 0.33
N PHE H 141 29.06 17.19 0.62
CA PHE H 141 28.83 18.60 0.98
C PHE H 141 29.25 19.56 -0.15
N HIS H 142 28.73 20.80 -0.11
CA HIS H 142 28.99 21.83 -1.11
C HIS H 142 30.16 22.76 -0.75
N SER H 143 30.06 23.48 0.40
CA SER H 143 31.09 24.43 0.85
C SER H 143 32.07 23.85 1.86
N ARG H 144 33.32 24.35 1.83
CA ARG H 144 34.43 23.95 2.69
C ARG H 144 34.24 24.42 4.15
N PRO H 145 34.29 23.51 5.15
CA PRO H 145 34.16 23.94 6.56
C PRO H 145 35.48 24.39 7.18
N GLN H 146 35.41 25.32 8.15
CA GLN H 146 36.58 25.80 8.90
C GLN H 146 37.04 24.73 9.89
N HIS H 147 36.07 24.05 10.53
CA HIS H 147 36.28 22.97 11.50
C HIS H 147 35.58 21.70 11.04
N GLY H 148 36.17 20.56 11.37
CA GLY H 148 35.64 19.24 11.06
C GLY H 148 36.65 18.13 11.25
N LYS H 149 36.32 16.93 10.75
CA LYS H 149 37.18 15.76 10.81
C LYS H 149 38.33 15.92 9.80
N GLU H 150 39.58 15.74 10.26
CA GLU H 150 40.75 15.86 9.39
C GLU H 150 40.97 14.54 8.67
N LEU H 151 40.78 14.55 7.34
CA LEU H 151 40.95 13.36 6.51
C LEU H 151 42.08 13.50 5.50
N PRO H 152 42.85 12.41 5.21
CA PRO H 152 43.93 12.54 4.22
C PRO H 152 43.39 12.74 2.81
N CYS H 153 43.94 13.75 2.11
CA CYS H 153 43.57 14.10 0.74
C CYS H 153 44.76 14.71 0.00
N SER H 154 44.73 14.67 -1.33
CA SER H 154 45.77 15.27 -2.15
C SER H 154 45.25 16.49 -2.89
N THR H 155 46.15 17.46 -3.12
CA THR H 155 45.86 18.69 -3.84
C THR H 155 47.07 19.14 -4.63
N TYR H 156 46.87 20.08 -5.56
CA TYR H 156 47.95 20.70 -6.30
C TYR H 156 48.21 21.99 -5.53
N VAL H 157 49.37 22.10 -4.89
CA VAL H 157 49.74 23.25 -4.05
C VAL H 157 49.78 24.57 -4.82
N GLN H 158 49.14 25.63 -4.28
CA GLN H 158 49.06 26.95 -4.88
C GLN H 158 50.39 27.70 -5.01
N SER H 159 51.50 27.11 -4.50
CA SER H 159 52.84 27.69 -4.54
C SER H 159 53.35 27.82 -5.98
N THR H 160 53.76 29.05 -6.35
CA THR H 160 54.28 29.40 -7.68
C THR H 160 55.63 28.73 -7.97
N ALA H 161 56.34 28.30 -6.90
CA ALA H 161 57.64 27.63 -6.92
C ALA H 161 57.61 26.32 -7.71
N ALA H 162 58.63 26.09 -8.52
CA ALA H 162 58.80 24.91 -9.36
C ALA H 162 60.07 24.18 -8.90
N THR H 163 59.91 23.08 -8.13
CA THR H 163 61.03 22.31 -7.56
C THR H 163 61.01 20.79 -7.77
N THR H 164 59.81 20.17 -7.80
CA THR H 164 59.69 18.70 -7.94
C THR H 164 59.26 18.21 -9.33
N GLU H 165 57.99 18.48 -9.73
CA GLU H 165 57.42 18.06 -11.01
C GLU H 165 58.08 18.78 -12.21
N GLU H 166 58.08 18.12 -13.38
CA GLU H 166 58.72 18.63 -14.59
C GLU H 166 58.03 18.26 -15.91
N ILE H 167 58.37 18.98 -17.00
CA ILE H 167 57.91 18.75 -18.37
C ILE H 167 59.10 18.73 -19.32
N GLU H 168 58.96 18.00 -20.44
CA GLU H 168 59.99 17.93 -21.46
C GLU H 168 59.82 19.11 -22.42
N VAL H 169 60.95 19.70 -22.82
CA VAL H 169 60.98 20.84 -23.75
C VAL H 169 61.99 20.59 -24.86
N HIS H 170 61.76 21.19 -26.04
CA HIS H 170 62.64 21.12 -27.20
C HIS H 170 62.43 22.32 -28.11
N MET H 171 63.35 22.51 -29.08
CA MET H 171 63.26 23.59 -30.06
C MET H 171 62.02 23.39 -30.95
N PRO H 172 61.27 24.46 -31.27
CA PRO H 172 60.06 24.29 -32.11
C PRO H 172 60.40 23.91 -33.56
N PRO H 173 59.46 23.31 -34.33
CA PRO H 173 59.75 22.99 -35.73
C PRO H 173 59.74 24.27 -36.58
N ASP H 174 60.08 24.15 -37.87
CA ASP H 174 60.06 25.28 -38.80
C ASP H 174 58.63 25.81 -38.93
N THR H 175 58.47 27.13 -38.85
CA THR H 175 57.17 27.80 -38.91
C THR H 175 56.84 28.22 -40.36
N PRO H 176 55.89 27.53 -41.05
CA PRO H 176 55.57 27.92 -42.44
C PRO H 176 54.96 29.31 -42.56
N ASP H 177 55.47 30.10 -43.51
CA ASP H 177 55.02 31.48 -43.76
C ASP H 177 55.11 31.79 -45.24
N ARG H 178 53.95 31.91 -45.89
CA ARG H 178 53.82 32.20 -47.32
C ARG H 178 54.19 33.64 -47.66
N THR H 179 54.06 34.57 -46.69
CA THR H 179 54.37 36.00 -46.84
C THR H 179 55.85 36.29 -47.09
N LEU H 180 56.75 35.30 -46.81
CA LEU H 180 58.19 35.39 -47.03
C LEU H 180 58.50 35.44 -48.54
N MET H 181 57.66 34.79 -49.35
CA MET H 181 57.79 34.70 -50.80
C MET H 181 56.92 35.73 -51.53
N SER H 182 57.49 36.34 -52.58
CA SER H 182 56.82 37.34 -53.42
C SER H 182 57.18 37.11 -54.89
N GLN H 183 56.32 37.57 -55.81
CA GLN H 183 56.54 37.41 -57.24
C GLN H 183 57.27 38.60 -57.87
N GLN H 184 58.59 38.46 -58.06
CA GLN H 184 59.43 39.50 -58.68
C GLN H 184 59.30 39.38 -60.20
N SER H 185 58.33 40.12 -60.77
CA SER H 185 57.93 40.16 -62.19
C SER H 185 57.32 38.85 -62.70
N GLY H 186 58.07 37.76 -62.59
CA GLY H 186 57.67 36.42 -62.98
C GLY H 186 58.54 35.35 -62.37
N ASN H 187 59.23 35.69 -61.26
CA ASN H 187 60.14 34.82 -60.51
C ASN H 187 59.79 34.82 -59.00
N VAL H 188 60.56 34.09 -58.17
CA VAL H 188 60.32 33.99 -56.73
C VAL H 188 61.35 34.80 -55.94
N LYS H 189 60.87 35.69 -55.05
CA LYS H 189 61.72 36.51 -54.18
C LYS H 189 61.43 36.16 -52.72
N ILE H 190 62.44 35.58 -52.03
CA ILE H 190 62.34 35.22 -50.63
C ILE H 190 63.04 36.28 -49.79
N THR H 191 62.25 37.03 -48.97
CA THR H 191 62.75 38.08 -48.09
C THR H 191 62.78 37.55 -46.67
N VAL H 192 64.00 37.36 -46.13
CA VAL H 192 64.24 36.82 -44.79
C VAL H 192 63.83 37.72 -43.63
N ASN H 193 64.04 39.05 -43.76
CA ASN H 193 63.75 40.08 -42.75
C ASN H 193 64.47 39.82 -41.42
N GLY H 194 65.78 39.58 -41.51
CA GLY H 194 66.66 39.32 -40.37
C GLY H 194 66.41 38.00 -39.65
N GLN H 195 65.85 37.01 -40.36
CA GLN H 195 65.54 35.68 -39.82
C GLN H 195 66.26 34.58 -40.61
N THR H 196 66.29 33.36 -40.03
CA THR H 196 66.88 32.19 -40.69
C THR H 196 65.70 31.44 -41.31
N VAL H 197 65.63 31.44 -42.65
CA VAL H 197 64.54 30.84 -43.41
C VAL H 197 64.98 29.59 -44.17
N ARG H 198 64.22 28.49 -44.01
CA ARG H 198 64.46 27.26 -44.76
C ARG H 198 63.48 27.27 -45.92
N TYR H 199 64.00 27.24 -47.15
CA TYR H 199 63.19 27.29 -48.36
C TYR H 199 63.44 26.09 -49.26
N LYS H 200 62.44 25.74 -50.10
CA LYS H 200 62.49 24.65 -51.07
C LYS H 200 61.51 24.95 -52.21
N CYS H 201 62.02 24.93 -53.44
CA CYS H 201 61.25 25.20 -54.66
C CYS H 201 61.25 24.00 -55.59
N ASN H 202 60.15 23.81 -56.35
CA ASN H 202 60.01 22.73 -57.33
C ASN H 202 60.55 23.23 -58.68
N CYS H 203 61.81 23.74 -58.66
CA CYS H 203 62.53 24.30 -59.80
C CYS H 203 64.01 23.87 -59.78
N GLY H 204 64.76 24.23 -60.81
CA GLY H 204 66.18 23.92 -60.94
C GLY H 204 67.09 24.88 -60.20
N GLY H 205 68.39 24.60 -60.24
CA GLY H 205 69.43 25.39 -59.60
C GLY H 205 69.40 25.33 -58.08
N SER H 206 69.76 26.43 -57.41
CA SER H 206 69.78 26.53 -55.94
C SER H 206 68.34 26.66 -55.40
N ASN H 207 67.59 25.53 -55.45
CA ASN H 207 66.20 25.45 -55.01
C ASN H 207 66.01 25.36 -53.49
N GLU H 208 66.98 24.79 -52.76
CA GLU H 208 66.91 24.65 -51.29
C GLU H 208 68.09 25.29 -50.56
N GLY H 209 67.93 25.44 -49.24
CA GLY H 209 68.96 26.00 -48.39
C GLY H 209 68.46 26.69 -47.12
N LEU H 210 69.33 26.72 -46.11
CA LEU H 210 69.09 27.38 -44.83
C LEU H 210 69.77 28.75 -44.94
N THR H 211 69.00 29.75 -45.39
CA THR H 211 69.50 31.10 -45.63
C THR H 211 69.28 32.10 -44.50
N THR H 212 70.26 33.01 -44.34
CA THR H 212 70.27 34.11 -43.39
C THR H 212 70.10 35.44 -44.13
N THR H 213 70.27 35.40 -45.47
CA THR H 213 70.16 36.54 -46.40
C THR H 213 69.07 36.29 -47.46
N ASP H 214 68.62 37.37 -48.15
CA ASP H 214 67.61 37.32 -49.21
C ASP H 214 68.06 36.46 -50.39
N LYS H 215 67.13 35.68 -50.96
CA LYS H 215 67.39 34.81 -52.11
C LYS H 215 66.36 34.97 -53.21
N VAL H 216 66.79 34.86 -54.47
CA VAL H 216 65.93 34.96 -55.65
C VAL H 216 65.97 33.64 -56.44
N ILE H 217 64.79 33.13 -56.83
CA ILE H 217 64.67 31.89 -57.60
C ILE H 217 64.05 32.21 -58.97
N ASN H 218 64.93 32.42 -59.97
CA ASN H 218 64.52 32.74 -61.34
C ASN H 218 63.96 31.51 -62.06
N ASN H 219 63.02 31.74 -63.02
CA ASN H 219 62.30 30.72 -63.81
C ASN H 219 61.51 29.78 -62.88
N CYS H 220 60.85 30.38 -61.87
CA CYS H 220 60.07 29.67 -60.85
C CYS H 220 58.80 30.44 -60.48
N LYS H 221 57.72 29.71 -60.13
CA LYS H 221 56.44 30.28 -59.72
C LYS H 221 56.30 30.21 -58.19
N VAL H 222 55.59 31.18 -57.60
CA VAL H 222 55.37 31.30 -56.15
C VAL H 222 54.67 30.08 -55.49
N ASP H 223 53.82 29.37 -56.25
CA ASP H 223 53.09 28.18 -55.78
C ASP H 223 53.99 26.92 -55.76
N GLN H 224 55.10 26.93 -56.51
CA GLN H 224 56.08 25.84 -56.60
C GLN H 224 57.05 25.84 -55.40
N CYS H 225 57.00 26.91 -54.57
CA CYS H 225 57.90 27.09 -53.43
C CYS H 225 57.25 26.94 -52.05
N HIS H 226 58.06 26.55 -51.06
CA HIS H 226 57.70 26.37 -49.66
C HIS H 226 58.74 27.13 -48.82
N ALA H 227 58.28 28.01 -47.91
CA ALA H 227 59.14 28.80 -47.05
C ALA H 227 58.71 28.71 -45.59
N ALA H 228 59.70 28.62 -44.68
CA ALA H 228 59.46 28.51 -43.24
C ALA H 228 60.59 29.13 -42.42
N VAL H 229 60.21 29.82 -41.32
CA VAL H 229 61.15 30.47 -40.39
C VAL H 229 61.58 29.44 -39.33
N THR H 230 62.90 29.27 -39.15
CA THR H 230 63.45 28.33 -38.18
C THR H 230 63.51 28.96 -36.79
N ASN H 231 63.28 28.14 -35.75
CA ASN H 231 63.28 28.59 -34.35
C ASN H 231 64.31 27.77 -33.54
N HIS H 232 65.58 28.19 -33.60
CA HIS H 232 66.66 27.49 -32.88
C HIS H 232 67.09 28.22 -31.60
N LYS H 233 66.53 29.42 -31.35
CA LYS H 233 66.84 30.25 -30.20
C LYS H 233 65.85 30.04 -29.05
N LYS H 234 64.72 29.35 -29.29
CA LYS H 234 63.68 29.15 -28.30
C LYS H 234 63.38 27.68 -27.97
N TRP H 235 62.76 27.48 -26.79
CA TRP H 235 62.31 26.18 -26.30
C TRP H 235 60.79 26.19 -26.29
N GLN H 236 60.19 25.00 -26.40
CA GLN H 236 58.76 24.81 -26.44
C GLN H 236 58.45 23.47 -25.81
N TYR H 237 57.29 23.35 -25.13
CA TYR H 237 56.87 22.08 -24.52
C TYR H 237 56.85 20.98 -25.59
N ASN H 238 57.31 19.76 -25.23
CA ASN H 238 57.34 18.60 -26.12
C ASN H 238 55.87 18.15 -26.34
N SER H 239 55.16 18.92 -27.17
CA SER H 239 53.74 18.76 -27.47
C SER H 239 53.44 17.74 -28.56
N PRO H 240 52.52 16.78 -28.31
CA PRO H 240 52.15 15.83 -29.38
C PRO H 240 51.25 16.47 -30.45
N LEU H 241 50.85 17.75 -30.24
CA LEU H 241 49.99 18.54 -31.13
C LEU H 241 50.81 19.45 -32.07
N VAL H 242 52.15 19.43 -31.92
CA VAL H 242 53.10 20.23 -32.69
C VAL H 242 54.14 19.24 -33.30
N PRO H 243 54.56 19.37 -34.59
CA PRO H 243 55.54 18.40 -35.11
C PRO H 243 56.94 18.57 -34.54
N ARG H 244 57.73 17.49 -34.55
CA ARG H 244 59.11 17.47 -34.06
C ARG H 244 60.00 18.19 -35.07
N ASN H 245 61.14 18.74 -34.60
CA ASN H 245 62.08 19.41 -35.49
C ASN H 245 62.81 18.33 -36.30
N ALA H 246 62.76 18.44 -37.64
CA ALA H 246 63.34 17.47 -38.58
C ALA H 246 64.86 17.42 -38.54
N GLU H 247 65.53 18.59 -38.40
CA GLU H 247 66.99 18.74 -38.36
C GLU H 247 67.63 17.97 -37.19
N LEU H 248 67.25 18.32 -35.95
CA LEU H 248 67.76 17.67 -34.73
C LEU H 248 67.01 16.37 -34.44
N GLY H 249 67.74 15.39 -33.90
CA GLY H 249 67.20 14.06 -33.58
C GLY H 249 66.31 14.05 -32.36
N ASP H 250 66.71 13.30 -31.32
CA ASP H 250 65.97 13.16 -30.07
C ASP H 250 66.45 14.17 -29.00
N ARG H 251 66.86 15.37 -29.45
CA ARG H 251 67.37 16.45 -28.60
C ARG H 251 66.25 17.07 -27.78
N LYS H 252 66.41 17.07 -26.45
CA LYS H 252 65.42 17.61 -25.52
C LYS H 252 66.01 18.12 -24.21
N GLY H 253 65.31 19.08 -23.62
CA GLY H 253 65.62 19.65 -22.31
C GLY H 253 64.46 19.38 -21.38
N LYS H 254 64.58 19.81 -20.12
CA LYS H 254 63.51 19.65 -19.14
C LYS H 254 63.45 20.85 -18.19
N ILE H 255 62.23 21.24 -17.80
CA ILE H 255 62.02 22.40 -16.93
C ILE H 255 61.06 22.04 -15.80
N HIS H 256 61.29 22.59 -14.59
CA HIS H 256 60.41 22.36 -13.45
C HIS H 256 59.09 23.12 -13.65
N ILE H 257 58.00 22.57 -13.11
CA ILE H 257 56.66 23.16 -13.28
C ILE H 257 55.99 23.57 -11.96
N PRO H 258 55.13 24.61 -11.94
CA PRO H 258 54.46 24.98 -10.69
C PRO H 258 53.32 24.02 -10.32
N PHE H 259 52.77 24.20 -9.12
CA PHE H 259 51.65 23.45 -8.56
C PHE H 259 51.81 21.91 -8.52
N PRO H 260 52.86 21.34 -7.88
CA PRO H 260 52.96 19.87 -7.83
C PRO H 260 51.91 19.23 -6.92
N LEU H 261 51.61 17.95 -7.16
CA LEU H 261 50.65 17.21 -6.33
C LEU H 261 51.32 16.87 -5.00
N ALA H 262 50.61 17.12 -3.88
CA ALA H 262 51.12 16.85 -2.53
C ALA H 262 50.02 16.36 -1.60
N ASN H 263 50.41 15.53 -0.60
CA ASN H 263 49.50 14.99 0.40
C ASN H 263 49.24 16.05 1.47
N VAL H 264 47.96 16.38 1.68
CA VAL H 264 47.50 17.38 2.64
C VAL H 264 46.35 16.83 3.50
N THR H 265 45.64 17.73 4.20
CA THR H 265 44.49 17.39 5.03
C THR H 265 43.25 18.13 4.53
N CYS H 266 42.12 17.41 4.45
CA CYS H 266 40.83 17.94 4.03
C CYS H 266 39.89 17.89 5.22
N ARG H 267 39.31 19.04 5.59
CA ARG H 267 38.37 19.10 6.71
C ARG H 267 36.95 18.83 6.21
N VAL H 268 36.29 17.85 6.83
CA VAL H 268 34.93 17.42 6.45
C VAL H 268 33.92 17.64 7.59
N PRO H 269 32.68 18.05 7.30
CA PRO H 269 31.70 18.21 8.39
C PRO H 269 31.20 16.88 8.93
N LYS H 270 30.77 16.89 10.20
CA LYS H 270 30.23 15.72 10.87
C LYS H 270 28.73 15.93 10.99
N ALA H 271 27.94 15.02 10.37
CA ALA H 271 26.47 15.07 10.38
C ALA H 271 25.94 15.04 11.82
N ARG H 272 24.88 15.82 12.10
CA ARG H 272 24.28 15.90 13.43
C ARG H 272 23.78 14.54 13.93
N ASN H 273 24.11 14.22 15.21
CA ASN H 273 23.74 12.95 15.84
C ASN H 273 22.23 12.71 15.83
N PRO H 274 21.78 11.57 15.26
CA PRO H 274 20.32 11.33 15.15
C PRO H 274 19.61 11.05 16.48
N THR H 275 18.28 11.19 16.49
CA THR H 275 17.42 10.91 17.65
C THR H 275 17.32 9.39 17.73
N VAL H 276 17.86 8.80 18.81
CA VAL H 276 17.93 7.35 19.00
C VAL H 276 16.95 6.84 20.07
N THR H 277 16.12 5.85 19.68
CA THR H 277 15.15 5.17 20.56
C THR H 277 15.48 3.67 20.57
N TYR H 278 15.16 2.98 21.68
CA TYR H 278 15.49 1.55 21.83
C TYR H 278 14.29 0.60 21.95
N GLY H 279 14.57 -0.68 21.66
CA GLY H 279 13.65 -1.80 21.73
C GLY H 279 14.42 -3.10 21.95
N LYS H 280 13.70 -4.21 22.18
CA LYS H 280 14.30 -5.54 22.42
C LYS H 280 15.15 -5.97 21.22
N ASN H 281 16.50 -5.98 21.41
CA ASN H 281 17.53 -6.32 20.39
C ASN H 281 17.34 -5.47 19.11
N GLN H 282 16.92 -4.20 19.29
CA GLN H 282 16.59 -3.30 18.21
C GLN H 282 16.94 -1.83 18.52
N VAL H 283 17.49 -1.12 17.52
CA VAL H 283 17.83 0.30 17.61
C VAL H 283 17.11 1.08 16.50
N ILE H 284 16.43 2.18 16.87
CA ILE H 284 15.67 3.01 15.94
C ILE H 284 16.27 4.41 15.89
N MET H 285 16.75 4.83 14.71
CA MET H 285 17.36 6.14 14.48
C MET H 285 16.55 7.00 13.54
N LEU H 286 16.29 8.26 13.94
CA LEU H 286 15.57 9.24 13.12
C LEU H 286 16.63 10.12 12.48
N LEU H 287 17.00 9.80 11.21
CA LEU H 287 18.03 10.51 10.47
C LEU H 287 17.53 11.78 9.79
N TYR H 288 18.20 12.91 10.06
CA TYR H 288 17.87 14.22 9.49
C TYR H 288 19.12 14.78 8.76
N PRO H 289 19.45 14.28 7.54
CA PRO H 289 20.65 14.79 6.85
C PRO H 289 20.43 16.14 6.15
N ASP H 290 21.46 17.00 6.21
CA ASP H 290 21.45 18.32 5.58
C ASP H 290 21.99 18.22 4.14
N HIS H 291 22.61 17.08 3.82
CA HIS H 291 23.23 16.72 2.53
C HIS H 291 23.39 15.18 2.44
N PRO H 292 23.68 14.57 1.25
CA PRO H 292 23.84 13.09 1.22
C PRO H 292 24.86 12.59 2.24
N THR H 293 24.39 11.71 3.15
CA THR H 293 25.18 11.16 4.25
C THR H 293 25.18 9.63 4.21
N LEU H 294 26.38 9.03 4.22
CA LEU H 294 26.55 7.58 4.17
C LEU H 294 26.34 6.93 5.54
N LEU H 295 25.39 5.99 5.60
CA LEU H 295 25.08 5.21 6.79
C LEU H 295 25.57 3.78 6.56
N SER H 296 26.42 3.30 7.47
CA SER H 296 26.96 1.94 7.41
C SER H 296 26.83 1.24 8.76
N TYR H 297 26.64 -0.08 8.74
CA TYR H 297 26.50 -0.89 9.94
C TYR H 297 26.97 -2.33 9.78
N ARG H 298 27.42 -2.93 10.89
CA ARG H 298 27.93 -4.30 10.95
C ARG H 298 27.76 -4.90 12.34
N ASN H 299 27.55 -6.23 12.39
CA ASN H 299 27.47 -6.98 13.63
C ASN H 299 28.91 -7.19 14.10
N MET H 300 29.14 -7.15 15.42
CA MET H 300 30.49 -7.31 15.98
C MET H 300 30.83 -8.77 16.36
N GLY H 301 30.23 -9.70 15.62
CA GLY H 301 30.44 -11.14 15.80
C GLY H 301 31.09 -11.78 14.60
N GLU H 302 30.93 -13.12 14.48
CA GLU H 302 31.49 -13.96 13.41
C GLU H 302 30.94 -13.59 12.02
N GLU H 303 29.65 -13.23 11.94
CA GLU H 303 28.97 -12.83 10.70
C GLU H 303 28.68 -11.33 10.79
N PRO H 304 29.58 -10.45 10.28
CA PRO H 304 29.36 -9.00 10.39
C PRO H 304 28.17 -8.48 9.56
N ASN H 305 27.94 -9.08 8.36
CA ASN H 305 26.87 -8.73 7.42
C ASN H 305 26.83 -7.21 7.17
N TYR H 306 27.93 -6.68 6.60
CA TYR H 306 28.09 -5.26 6.31
C TYR H 306 27.06 -4.76 5.31
N GLN H 307 26.37 -3.67 5.69
CA GLN H 307 25.36 -3.03 4.86
C GLN H 307 25.61 -1.52 4.84
N GLU H 308 25.36 -0.89 3.67
CA GLU H 308 25.54 0.56 3.50
C GLU H 308 24.47 1.17 2.60
N GLU H 309 24.10 2.43 2.88
CA GLU H 309 23.13 3.21 2.13
C GLU H 309 23.37 4.71 2.27
N TRP H 310 23.23 5.44 1.16
CA TRP H 310 23.38 6.89 1.15
C TRP H 310 22.03 7.50 1.50
N VAL H 311 21.96 8.17 2.65
CA VAL H 311 20.73 8.80 3.14
C VAL H 311 20.64 10.22 2.59
N MET H 312 19.64 10.48 1.74
CA MET H 312 19.43 11.75 1.06
C MET H 312 18.57 12.73 1.86
N HIS H 313 17.48 12.25 2.48
CA HIS H 313 16.57 13.06 3.28
C HIS H 313 16.06 12.32 4.54
N LYS H 314 15.01 12.85 5.21
CA LYS H 314 14.40 12.30 6.42
C LYS H 314 14.01 10.83 6.26
N LYS H 315 14.68 9.94 7.03
CA LYS H 315 14.44 8.49 6.98
C LYS H 315 14.63 7.84 8.35
N GLU H 316 13.65 7.04 8.77
CA GLU H 316 13.69 6.28 10.02
C GLU H 316 14.30 4.91 9.72
N VAL H 317 15.37 4.54 10.44
CA VAL H 317 16.04 3.26 10.24
C VAL H 317 15.90 2.31 11.43
N VAL H 318 15.39 1.09 11.18
CA VAL H 318 15.20 0.05 12.18
C VAL H 318 16.31 -0.98 11.99
N LEU H 319 17.18 -1.10 13.00
CA LEU H 319 18.35 -2.00 12.98
C LEU H 319 18.31 -3.01 14.11
N THR H 320 18.63 -4.27 13.81
CA THR H 320 18.66 -5.35 14.79
C THR H 320 20.04 -5.40 15.48
N VAL H 321 20.04 -5.32 16.82
CA VAL H 321 21.25 -5.36 17.64
C VAL H 321 21.45 -6.79 18.15
N PRO H 322 22.46 -7.54 17.64
CA PRO H 322 22.67 -8.91 18.14
C PRO H 322 23.41 -8.92 19.49
N THR H 323 23.46 -10.10 20.14
CA THR H 323 24.12 -10.32 21.44
C THR H 323 25.62 -9.90 21.38
N GLU H 324 26.27 -10.14 20.23
CA GLU H 324 27.68 -9.81 19.96
C GLU H 324 27.91 -8.29 19.88
N GLY H 325 26.86 -7.56 19.49
CA GLY H 325 26.90 -6.10 19.37
C GLY H 325 26.78 -5.60 17.94
N LEU H 326 26.36 -4.32 17.79
CA LEU H 326 26.19 -3.66 16.51
C LEU H 326 26.97 -2.34 16.46
N GLU H 327 27.75 -2.12 15.39
CA GLU H 327 28.53 -0.91 15.16
C GLU H 327 27.89 -0.13 14.01
N VAL H 328 27.52 1.14 14.25
CA VAL H 328 26.86 2.01 13.27
C VAL H 328 27.69 3.27 13.01
N THR H 329 27.99 3.56 11.72
CA THR H 329 28.72 4.76 11.32
C THR H 329 27.80 5.66 10.49
N TRP H 330 27.54 6.87 11.00
CA TRP H 330 26.68 7.87 10.38
C TRP H 330 27.54 9.04 9.88
N GLY H 331 27.82 9.03 8.58
CA GLY H 331 28.66 10.02 7.92
C GLY H 331 30.08 10.04 8.45
N ASN H 332 30.63 11.24 8.66
CA ASN H 332 31.99 11.44 9.15
C ASN H 332 32.14 11.33 10.67
N ASN H 333 31.05 10.99 11.40
CA ASN H 333 31.07 10.81 12.85
C ASN H 333 31.78 9.51 13.20
N GLU H 334 32.32 9.44 14.44
CA GLU H 334 32.98 8.25 14.96
C GLU H 334 31.92 7.14 15.13
N PRO H 335 32.24 5.85 14.87
CA PRO H 335 31.21 4.80 14.96
C PRO H 335 30.53 4.65 16.33
N TYR H 336 29.18 4.52 16.31
CA TYR H 336 28.38 4.29 17.50
C TYR H 336 28.32 2.78 17.72
N LYS H 337 28.41 2.34 18.97
CA LYS H 337 28.35 0.92 19.31
C LYS H 337 27.14 0.64 20.18
N TYR H 338 26.39 -0.42 19.85
CA TYR H 338 25.19 -0.83 20.59
C TYR H 338 25.24 -2.29 21.01
N TRP H 339 24.80 -2.57 22.24
CA TRP H 339 24.76 -3.90 22.84
C TRP H 339 23.42 -4.13 23.56
N PRO H 340 22.85 -5.36 23.57
CA PRO H 340 21.61 -5.59 24.32
C PRO H 340 21.86 -5.63 25.83
N GLN H 341 20.84 -5.25 26.63
CA GLN H 341 20.93 -5.23 28.09
C GLN H 341 20.74 -6.64 28.63
N TYR I 485 54.23 -15.62 44.32
CA TYR I 485 53.08 -16.50 44.06
C TYR I 485 52.52 -16.24 42.67
N GLU I 486 52.40 -17.31 41.86
CA GLU I 486 51.86 -17.22 40.51
C GLU I 486 50.34 -17.37 40.48
N HIS I 487 49.65 -16.31 40.05
CA HIS I 487 48.20 -16.28 39.91
C HIS I 487 47.87 -16.42 38.42
N VAL I 488 47.10 -17.46 38.08
CA VAL I 488 46.70 -17.76 36.70
C VAL I 488 45.19 -17.65 36.54
N THR I 489 44.75 -16.84 35.57
CA THR I 489 43.34 -16.63 35.24
C THR I 489 43.15 -16.49 33.72
N VAL I 490 41.89 -16.56 33.26
CA VAL I 490 41.55 -16.45 31.84
C VAL I 490 40.40 -15.44 31.69
N ILE I 491 40.62 -14.40 30.87
CA ILE I 491 39.61 -13.37 30.62
C ILE I 491 39.17 -13.40 29.15
N PRO I 492 37.91 -13.03 28.81
CA PRO I 492 37.52 -13.00 27.38
C PRO I 492 38.29 -11.90 26.65
N ASN I 493 38.63 -12.14 25.37
CA ASN I 493 39.37 -11.17 24.55
C ASN I 493 38.43 -10.04 24.11
N THR I 494 38.05 -9.18 25.08
CA THR I 494 37.14 -8.05 24.88
C THR I 494 37.75 -6.82 25.55
N VAL I 495 37.96 -5.75 24.76
CA VAL I 495 38.55 -4.49 25.19
C VAL I 495 37.48 -3.59 25.86
N GLY I 496 37.89 -2.85 26.88
CA GLY I 496 37.05 -1.91 27.60
C GLY I 496 36.16 -2.51 28.67
N VAL I 497 36.43 -3.76 29.07
CA VAL I 497 35.65 -4.45 30.10
C VAL I 497 36.55 -4.75 31.32
N PRO I 498 36.34 -4.07 32.48
CA PRO I 498 37.17 -4.37 33.65
C PRO I 498 36.76 -5.70 34.29
N TYR I 499 37.74 -6.58 34.53
CA TYR I 499 37.52 -7.90 35.15
C TYR I 499 38.18 -7.96 36.51
N LYS I 500 37.49 -8.54 37.49
CA LYS I 500 37.99 -8.69 38.86
C LYS I 500 38.48 -10.11 39.07
N THR I 501 39.71 -10.24 39.57
CA THR I 501 40.30 -11.55 39.86
C THR I 501 40.74 -11.64 41.32
N LEU I 502 40.32 -12.72 42.00
CA LEU I 502 40.65 -12.94 43.40
C LEU I 502 41.90 -13.79 43.54
N VAL I 503 42.96 -13.19 44.11
CA VAL I 503 44.24 -13.86 44.36
C VAL I 503 44.19 -14.37 45.79
N ASN I 504 44.22 -15.70 45.95
CA ASN I 504 44.18 -16.32 47.27
C ASN I 504 45.42 -17.19 47.53
N ARG I 505 46.46 -16.57 48.09
CA ARG I 505 47.70 -17.24 48.47
C ARG I 505 47.44 -17.85 49.87
N PRO I 506 47.62 -19.18 50.06
CA PRO I 506 47.33 -19.79 51.38
C PRO I 506 48.13 -19.18 52.53
N GLY I 507 47.42 -18.78 53.58
CA GLY I 507 47.97 -18.15 54.77
C GLY I 507 48.18 -16.65 54.64
N TYR I 508 47.70 -16.06 53.53
CA TYR I 508 47.82 -14.64 53.24
C TYR I 508 46.45 -14.06 52.91
N SER I 509 46.19 -12.81 53.35
CA SER I 509 44.93 -12.10 53.13
C SER I 509 44.58 -12.03 51.64
N PRO I 510 43.30 -12.27 51.26
CA PRO I 510 42.93 -12.23 49.84
C PRO I 510 43.24 -10.89 49.16
N MET I 511 43.60 -10.96 47.87
CA MET I 511 43.97 -9.80 47.07
C MET I 511 43.09 -9.73 45.82
N VAL I 512 42.47 -8.56 45.58
CA VAL I 512 41.61 -8.37 44.41
C VAL I 512 42.32 -7.49 43.39
N LEU I 513 42.53 -8.04 42.18
CA LEU I 513 43.16 -7.32 41.08
C LEU I 513 42.15 -7.04 39.98
N GLU I 514 42.07 -5.78 39.54
CA GLU I 514 41.20 -5.38 38.44
C GLU I 514 42.06 -5.36 37.18
N MET I 515 41.62 -6.08 36.13
CA MET I 515 42.33 -6.15 34.85
C MET I 515 41.42 -5.72 33.72
N GLU I 516 41.95 -4.87 32.82
CA GLU I 516 41.21 -4.37 31.68
C GLU I 516 42.09 -4.32 30.44
N LEU I 517 41.64 -4.95 29.36
CA LEU I 517 42.36 -4.92 28.09
C LEU I 517 42.13 -3.57 27.44
N LEU I 518 43.22 -2.80 27.26
CA LEU I 518 43.16 -1.46 26.67
C LEU I 518 43.18 -1.55 25.15
N SER I 519 43.97 -2.51 24.61
CA SER I 519 44.11 -2.78 23.18
C SER I 519 44.73 -4.13 22.91
N VAL I 520 44.30 -4.79 21.83
CA VAL I 520 44.82 -6.08 21.36
C VAL I 520 45.17 -5.88 19.89
N THR I 521 46.47 -5.88 19.58
CA THR I 521 46.99 -5.64 18.24
C THR I 521 47.48 -6.91 17.55
N LEU I 522 47.01 -7.14 16.30
CA LEU I 522 47.40 -8.25 15.44
C LEU I 522 48.13 -7.62 14.24
N GLU I 523 49.48 -7.59 14.30
CA GLU I 523 50.32 -7.00 13.27
C GLU I 523 50.95 -8.07 12.36
N PRO I 524 50.46 -8.23 11.10
CA PRO I 524 51.08 -9.24 10.23
C PRO I 524 52.41 -8.79 9.63
N THR I 525 53.28 -9.77 9.30
CA THR I 525 54.56 -9.51 8.66
C THR I 525 54.27 -9.27 7.18
N LEU I 526 54.66 -8.09 6.67
CA LEU I 526 54.39 -7.71 5.28
C LEU I 526 55.61 -7.80 4.38
N SER I 527 55.38 -8.26 3.14
CA SER I 527 56.39 -8.37 2.10
C SER I 527 55.84 -7.70 0.84
N LEU I 528 56.36 -6.51 0.51
CA LEU I 528 55.93 -5.73 -0.64
C LEU I 528 56.24 -6.42 -1.97
N ASP I 529 55.19 -6.74 -2.73
CA ASP I 529 55.31 -7.36 -4.05
C ASP I 529 55.54 -6.26 -5.08
N TYR I 530 54.66 -5.24 -5.06
CA TYR I 530 54.70 -4.07 -5.94
C TYR I 530 53.76 -2.96 -5.45
N ILE I 531 53.87 -1.79 -6.09
CA ILE I 531 52.99 -0.65 -5.88
C ILE I 531 52.31 -0.35 -7.21
N THR I 532 51.11 0.21 -7.14
CA THR I 532 50.36 0.64 -8.32
C THR I 532 49.82 2.04 -8.09
N CYS I 533 49.60 2.76 -9.19
CA CYS I 533 49.15 4.15 -9.20
C CYS I 533 48.61 4.48 -10.58
N GLU I 534 48.25 5.75 -10.83
CA GLU I 534 47.77 6.21 -12.13
C GLU I 534 48.94 6.20 -13.11
N TYR I 535 48.71 5.71 -14.33
CA TYR I 535 49.76 5.68 -15.35
C TYR I 535 49.82 7.01 -16.10
N LYS I 536 50.92 7.24 -16.83
CA LYS I 536 51.12 8.41 -17.68
C LYS I 536 51.52 7.93 -19.06
N THR I 537 50.77 8.36 -20.10
CA THR I 537 51.08 8.02 -21.47
C THR I 537 51.99 9.11 -22.02
N VAL I 538 53.29 8.79 -22.15
CA VAL I 538 54.29 9.74 -22.63
C VAL I 538 54.28 9.77 -24.14
N ILE I 539 53.82 10.90 -24.70
CA ILE I 539 53.75 11.09 -26.13
C ILE I 539 54.55 12.33 -26.55
N PRO I 540 55.74 12.15 -27.15
CA PRO I 540 56.50 13.32 -27.61
C PRO I 540 55.90 13.89 -28.89
N SER I 541 56.51 14.97 -29.42
CA SER I 541 56.10 15.59 -30.68
C SER I 541 56.26 14.55 -31.79
N PRO I 542 55.24 14.32 -32.66
CA PRO I 542 55.38 13.31 -33.70
C PRO I 542 56.41 13.70 -34.75
N TYR I 543 57.16 12.71 -35.26
CA TYR I 543 58.17 12.98 -36.27
C TYR I 543 57.51 12.96 -37.65
N VAL I 544 57.23 14.16 -38.17
CA VAL I 544 56.63 14.34 -39.49
C VAL I 544 57.80 14.50 -40.48
N LYS I 545 58.15 13.41 -41.19
CA LYS I 545 59.22 13.43 -42.17
C LYS I 545 58.69 13.89 -43.52
N CYS I 546 58.97 15.16 -43.86
CA CYS I 546 58.55 15.74 -45.13
C CYS I 546 59.42 15.20 -46.25
N CYS I 547 58.76 14.76 -47.35
CA CYS I 547 59.38 14.21 -48.55
C CYS I 547 60.20 12.91 -48.31
N GLY I 548 59.88 12.19 -47.25
CA GLY I 548 60.58 10.95 -46.89
C GLY I 548 59.76 9.99 -46.07
N THR I 549 60.33 8.80 -45.84
CA THR I 549 59.72 7.72 -45.06
C THR I 549 60.45 7.54 -43.74
N ALA I 550 59.73 7.72 -42.62
CA ALA I 550 60.26 7.55 -41.26
C ALA I 550 60.29 6.06 -40.93
N GLU I 551 61.19 5.64 -40.02
CA GLU I 551 61.34 4.22 -39.63
C GLU I 551 61.20 4.00 -38.13
N CYS I 552 60.32 3.06 -37.74
CA CYS I 552 60.09 2.68 -36.35
C CYS I 552 61.15 1.69 -35.89
N LYS I 553 61.67 1.88 -34.67
CA LYS I 553 62.66 0.98 -34.06
C LYS I 553 62.14 0.46 -32.72
N ASP I 554 62.45 -0.80 -32.38
CA ASP I 554 62.02 -1.44 -31.14
C ASP I 554 62.76 -0.85 -29.93
N LYS I 555 62.02 -0.09 -29.10
CA LYS I 555 62.55 0.54 -27.89
C LYS I 555 62.07 -0.21 -26.66
N ASN I 556 63.00 -0.58 -25.75
CA ASN I 556 62.67 -1.31 -24.54
C ASN I 556 62.06 -0.36 -23.48
N LEU I 557 60.79 0.01 -23.72
CA LEU I 557 60.01 0.91 -22.86
C LEU I 557 58.64 0.25 -22.58
N PRO I 558 58.01 0.48 -21.40
CA PRO I 558 56.72 -0.18 -21.12
C PRO I 558 55.60 0.29 -22.05
N ASP I 559 54.88 -0.67 -22.66
CA ASP I 559 53.79 -0.46 -23.62
C ASP I 559 54.24 0.40 -24.82
N TYR I 560 55.50 0.20 -25.29
CA TYR I 560 56.03 0.96 -26.41
C TYR I 560 55.25 0.69 -27.69
N SER I 561 54.75 1.77 -28.28
CA SER I 561 53.96 1.72 -29.51
C SER I 561 54.56 2.68 -30.53
N CYS I 562 54.74 2.19 -31.77
CA CYS I 562 55.28 2.98 -32.87
C CYS I 562 54.59 2.61 -34.17
N LYS I 563 54.18 3.63 -34.94
CA LYS I 563 53.52 3.45 -36.23
C LYS I 563 53.87 4.60 -37.16
N VAL I 564 54.20 4.28 -38.42
CA VAL I 564 54.53 5.25 -39.46
C VAL I 564 53.32 5.34 -40.41
N PHE I 565 52.72 6.53 -40.51
CA PHE I 565 51.55 6.78 -41.35
C PHE I 565 51.95 7.47 -42.64
N THR I 566 51.63 6.84 -43.79
CA THR I 566 51.93 7.34 -45.13
C THR I 566 50.79 8.21 -45.68
N GLY I 567 51.12 9.05 -46.66
CA GLY I 567 50.16 9.93 -47.33
C GLY I 567 49.63 11.07 -46.49
N VAL I 568 50.45 11.56 -45.54
CA VAL I 568 50.07 12.68 -44.67
C VAL I 568 50.41 14.03 -45.32
N TYR I 569 49.59 15.05 -45.04
CA TYR I 569 49.81 16.41 -45.54
C TYR I 569 49.36 17.37 -44.44
N PRO I 570 50.14 17.48 -43.33
CA PRO I 570 49.70 18.33 -42.21
C PRO I 570 49.84 19.83 -42.44
N PHE I 571 48.95 20.60 -41.80
CA PHE I 571 48.91 22.05 -41.88
C PHE I 571 49.17 22.68 -40.54
N MET I 572 49.84 23.83 -40.55
CA MET I 572 50.08 24.68 -39.40
C MET I 572 49.32 25.98 -39.72
N TRP I 573 49.31 26.98 -38.81
CA TRP I 573 48.59 28.24 -39.03
C TRP I 573 48.91 28.96 -40.36
N GLY I 574 50.19 29.00 -40.74
CA GLY I 574 50.67 29.66 -41.94
C GLY I 574 50.72 28.83 -43.21
N GLY I 575 50.03 27.70 -43.21
CA GLY I 575 49.97 26.79 -44.35
C GLY I 575 50.52 25.41 -44.09
N ALA I 576 50.80 24.68 -45.19
CA ALA I 576 51.32 23.31 -45.16
C ALA I 576 52.74 23.22 -44.56
N TYR I 577 52.94 22.23 -43.68
CA TYR I 577 54.22 21.99 -43.01
C TYR I 577 55.26 21.36 -43.96
N CYS I 578 54.80 20.55 -44.92
CA CYS I 578 55.67 19.88 -45.89
C CYS I 578 55.64 20.51 -47.28
N PHE I 579 56.79 20.48 -47.97
CA PHE I 579 56.96 20.98 -49.34
C PHE I 579 56.27 20.06 -50.35
N CYS I 580 56.37 18.74 -50.13
CA CYS I 580 55.81 17.70 -50.98
C CYS I 580 54.32 17.52 -50.76
N ASP I 581 53.58 17.24 -51.85
CA ASP I 581 52.13 16.98 -51.82
C ASP I 581 51.91 15.55 -51.31
N ALA I 582 52.64 14.59 -51.90
CA ALA I 582 52.62 13.17 -51.54
C ALA I 582 54.00 12.78 -50.95
N GLU I 583 54.15 11.52 -50.49
CA GLU I 583 55.39 10.97 -49.92
C GLU I 583 55.87 11.56 -48.58
N ASN I 584 54.94 12.10 -47.78
CA ASN I 584 55.24 12.62 -46.44
C ASN I 584 54.76 11.58 -45.43
N THR I 585 55.55 11.32 -44.39
CA THR I 585 55.19 10.33 -43.37
C THR I 585 55.19 10.91 -41.97
N GLN I 586 54.29 10.40 -41.10
CA GLN I 586 54.26 10.81 -39.70
C GLN I 586 54.56 9.59 -38.83
N LEU I 587 55.63 9.70 -38.02
CA LEU I 587 56.01 8.66 -37.08
C LEU I 587 55.40 9.03 -35.75
N SER I 588 54.42 8.24 -35.31
CA SER I 588 53.76 8.43 -34.02
C SER I 588 54.35 7.43 -33.05
N GLU I 589 54.81 7.91 -31.89
CA GLU I 589 55.40 7.04 -30.85
C GLU I 589 54.91 7.39 -29.46
N ALA I 590 54.73 6.35 -28.63
CA ALA I 590 54.25 6.47 -27.26
C ALA I 590 54.71 5.32 -26.37
N HIS I 591 54.82 5.59 -25.07
CA HIS I 591 55.16 4.61 -24.04
C HIS I 591 54.47 4.96 -22.73
N VAL I 592 54.38 3.99 -21.81
CA VAL I 592 53.74 4.18 -20.52
C VAL I 592 54.78 4.14 -19.40
N GLU I 593 54.64 5.04 -18.43
CA GLU I 593 55.48 5.13 -17.24
C GLU I 593 54.63 5.62 -16.07
N LYS I 594 55.21 5.66 -14.85
CA LYS I 594 54.50 6.13 -13.67
C LYS I 594 54.17 7.61 -13.80
N SER I 595 52.97 8.00 -13.37
CA SER I 595 52.55 9.41 -13.38
C SER I 595 53.27 10.15 -12.25
N GLU I 596 53.28 11.50 -12.33
CA GLU I 596 53.89 12.39 -11.33
C GLU I 596 53.22 12.20 -9.96
N SER I 597 51.97 11.71 -9.98
CA SER I 597 51.12 11.42 -8.83
C SER I 597 51.51 10.18 -8.02
N CYS I 598 52.29 9.26 -8.63
CA CYS I 598 52.70 7.99 -8.02
C CYS I 598 53.38 8.04 -6.65
N LYS I 599 54.01 9.18 -6.31
CA LYS I 599 54.67 9.39 -5.02
C LYS I 599 53.62 9.71 -3.95
N THR I 600 52.53 10.40 -4.34
CA THR I 600 51.44 10.86 -3.48
C THR I 600 50.23 9.92 -3.48
N GLU I 601 49.74 9.55 -4.68
CA GLU I 601 48.57 8.69 -4.86
C GLU I 601 48.99 7.30 -5.36
N PHE I 602 49.00 6.32 -4.44
CA PHE I 602 49.40 4.95 -4.75
C PHE I 602 48.79 3.91 -3.81
N ALA I 603 48.68 2.66 -4.30
CA ALA I 603 48.21 1.50 -3.55
C ALA I 603 49.35 0.48 -3.53
N SER I 604 49.60 -0.13 -2.37
CA SER I 604 50.66 -1.10 -2.20
C SER I 604 50.14 -2.53 -2.08
N ALA I 605 50.71 -3.46 -2.85
CA ALA I 605 50.34 -4.88 -2.84
C ALA I 605 51.32 -5.64 -1.92
N TYR I 606 50.81 -6.18 -0.81
CA TYR I 606 51.61 -6.90 0.19
C TYR I 606 51.22 -8.36 0.35
N ARG I 607 52.21 -9.20 0.65
CA ARG I 607 52.01 -10.61 0.98
C ARG I 607 52.04 -10.67 2.51
N ALA I 608 50.87 -10.88 3.14
CA ALA I 608 50.74 -10.91 4.59
C ALA I 608 50.76 -12.33 5.16
N HIS I 609 51.69 -12.58 6.10
CA HIS I 609 51.85 -13.88 6.76
C HIS I 609 52.00 -13.79 8.28
N THR I 610 51.73 -14.92 8.97
CA THR I 610 51.77 -15.15 10.43
C THR I 610 51.91 -13.91 11.33
N ALA I 611 50.77 -13.38 11.78
CA ALA I 611 50.69 -12.19 12.62
C ALA I 611 51.14 -12.43 14.06
N SER I 612 51.83 -11.45 14.63
CA SER I 612 52.28 -11.47 16.03
C SER I 612 51.24 -10.72 16.86
N ALA I 613 50.63 -11.41 17.84
CA ALA I 613 49.60 -10.83 18.70
C ALA I 613 50.24 -10.10 19.88
N SER I 614 49.80 -8.84 20.13
CA SER I 614 50.29 -7.99 21.21
C SER I 614 49.10 -7.47 22.02
N ALA I 615 49.29 -7.28 23.34
CA ALA I 615 48.22 -6.79 24.22
C ALA I 615 48.67 -5.72 25.21
N LYS I 616 47.84 -4.69 25.39
CA LYS I 616 48.05 -3.61 26.35
C LYS I 616 47.01 -3.84 27.45
N LEU I 617 47.48 -4.11 28.67
CA LEU I 617 46.62 -4.44 29.80
C LEU I 617 46.80 -3.49 30.97
N ARG I 618 45.67 -2.94 31.46
CA ARG I 618 45.63 -2.06 32.63
C ARG I 618 45.34 -2.94 33.84
N VAL I 619 46.21 -2.87 34.86
CA VAL I 619 46.05 -3.65 36.09
C VAL I 619 45.99 -2.71 37.30
N LEU I 620 44.90 -2.77 38.08
CA LEU I 620 44.78 -1.99 39.31
C LEU I 620 45.55 -2.80 40.35
N TYR I 621 46.82 -2.44 40.55
CA TYR I 621 47.75 -3.12 41.43
C TYR I 621 48.27 -2.17 42.52
N GLN I 622 47.95 -2.50 43.79
CA GLN I 622 48.32 -1.76 45.01
C GLN I 622 47.75 -0.32 45.02
N GLY I 623 46.48 -0.20 44.64
CA GLY I 623 45.75 1.07 44.57
C GLY I 623 46.14 1.99 43.44
N ASN I 624 47.05 1.51 42.56
CA ASN I 624 47.57 2.27 41.41
C ASN I 624 47.33 1.50 40.11
N ASN I 625 47.14 2.23 39.00
CA ASN I 625 46.94 1.64 37.69
C ASN I 625 48.28 1.45 36.98
N ILE I 626 48.62 0.20 36.66
CA ILE I 626 49.84 -0.15 35.93
C ILE I 626 49.51 -0.63 34.53
N THR I 627 50.35 -0.28 33.55
CA THR I 627 50.14 -0.67 32.16
C THR I 627 51.18 -1.72 31.74
N VAL I 628 50.70 -2.85 31.22
CA VAL I 628 51.54 -3.96 30.78
C VAL I 628 51.34 -4.18 29.28
N THR I 629 52.42 -4.03 28.50
CA THR I 629 52.41 -4.26 27.05
C THR I 629 53.27 -5.49 26.78
N ALA I 630 52.64 -6.57 26.30
CA ALA I 630 53.31 -7.83 26.03
C ALA I 630 52.73 -8.57 24.84
N TYR I 631 53.55 -9.42 24.21
CA TYR I 631 53.12 -10.28 23.11
C TYR I 631 52.28 -11.41 23.71
N ALA I 632 51.08 -11.62 23.17
CA ALA I 632 50.12 -12.63 23.64
C ALA I 632 50.44 -14.05 23.13
N ASN I 633 51.72 -14.47 23.27
CA ASN I 633 52.21 -15.77 22.84
C ASN I 633 52.44 -16.75 24.00
N GLY I 634 52.32 -16.27 25.23
CA GLY I 634 52.53 -17.05 26.44
C GLY I 634 53.98 -17.34 26.73
N ASP I 635 54.89 -16.49 26.23
CA ASP I 635 56.34 -16.63 26.40
C ASP I 635 57.00 -15.32 26.83
N HIS I 636 56.55 -14.19 26.26
CA HIS I 636 57.07 -12.85 26.54
C HIS I 636 56.73 -12.38 27.97
N ALA I 637 57.73 -12.45 28.86
CA ALA I 637 57.59 -12.05 30.26
C ALA I 637 57.91 -10.57 30.44
N VAL I 638 56.94 -9.80 30.97
CA VAL I 638 57.06 -8.36 31.21
C VAL I 638 56.89 -8.09 32.71
N THR I 639 57.92 -7.49 33.34
CA THR I 639 57.92 -7.18 34.75
C THR I 639 57.67 -5.70 35.02
N VAL I 640 56.59 -5.39 35.76
CA VAL I 640 56.19 -4.05 36.18
C VAL I 640 55.97 -4.09 37.69
N LYS I 641 56.75 -3.27 38.45
CA LYS I 641 56.72 -3.16 39.91
C LYS I 641 56.93 -4.53 40.60
N ASP I 642 57.91 -5.30 40.08
CA ASP I 642 58.32 -6.63 40.51
C ASP I 642 57.31 -7.78 40.22
N ALA I 643 56.16 -7.45 39.61
CA ALA I 643 55.15 -8.44 39.21
C ALA I 643 55.41 -8.86 37.76
N LYS I 644 55.72 -10.15 37.56
CA LYS I 644 56.02 -10.73 36.24
C LYS I 644 54.73 -11.15 35.52
N PHE I 645 54.51 -10.60 34.32
CA PHE I 645 53.33 -10.86 33.52
C PHE I 645 53.62 -11.70 32.28
N ILE I 646 52.84 -12.77 32.09
CA ILE I 646 52.90 -13.65 30.92
C ILE I 646 51.48 -13.68 30.35
N VAL I 647 51.32 -13.06 29.18
CA VAL I 647 50.04 -12.93 28.49
C VAL I 647 49.93 -13.94 27.34
N GLY I 648 48.79 -14.61 27.27
CA GLY I 648 48.48 -15.60 26.25
C GLY I 648 48.95 -17.01 26.57
N PRO I 649 49.02 -17.93 25.57
CA PRO I 649 48.70 -17.74 24.14
C PRO I 649 47.20 -17.59 23.87
N MET I 650 46.87 -16.81 22.82
CA MET I 650 45.50 -16.52 22.38
C MET I 650 44.76 -17.82 22.06
N SER I 651 43.50 -17.96 22.51
CA SER I 651 42.70 -19.16 22.25
C SER I 651 42.32 -19.27 20.77
N SER I 652 42.21 -18.11 20.09
CA SER I 652 41.90 -18.03 18.67
C SER I 652 43.09 -17.44 17.90
N ALA I 653 43.48 -18.12 16.80
CA ALA I 653 44.57 -17.70 15.92
C ALA I 653 44.01 -16.95 14.70
N TRP I 654 42.73 -16.56 14.77
CA TRP I 654 41.99 -15.85 13.72
C TRP I 654 42.54 -14.46 13.44
N THR I 655 42.59 -14.11 12.14
CA THR I 655 43.05 -12.81 11.63
C THR I 655 42.10 -12.30 10.53
N PRO I 656 41.76 -10.98 10.49
CA PRO I 656 40.89 -10.50 9.41
C PRO I 656 41.61 -10.35 8.06
N PHE I 657 42.95 -10.53 8.07
CA PHE I 657 43.79 -10.43 6.87
C PHE I 657 44.01 -11.76 6.19
N ASP I 658 43.87 -11.76 4.85
CA ASP I 658 44.12 -12.93 4.01
C ASP I 658 45.62 -12.96 3.66
N ASN I 659 46.05 -13.94 2.83
CA ASN I 659 47.45 -14.10 2.41
C ASN I 659 47.95 -12.90 1.59
N LYS I 660 47.05 -12.31 0.78
CA LYS I 660 47.36 -11.17 -0.08
C LYS I 660 46.50 -9.96 0.30
N ILE I 661 47.14 -8.82 0.60
CA ILE I 661 46.45 -7.58 0.98
C ILE I 661 46.88 -6.36 0.15
N VAL I 662 45.99 -5.36 0.04
CA VAL I 662 46.23 -4.11 -0.67
C VAL I 662 46.00 -2.93 0.30
N VAL I 663 46.98 -2.02 0.38
CA VAL I 663 46.94 -0.87 1.28
C VAL I 663 46.90 0.46 0.51
N TYR I 664 45.88 1.29 0.79
CA TYR I 664 45.73 2.63 0.23
C TYR I 664 45.52 3.60 1.38
N LYS I 665 46.55 4.43 1.66
CA LYS I 665 46.57 5.42 2.74
C LYS I 665 46.24 4.78 4.10
N GLY I 666 45.08 5.08 4.66
CA GLY I 666 44.64 4.54 5.93
C GLY I 666 43.68 3.35 5.81
N ASP I 667 43.51 2.82 4.59
CA ASP I 667 42.61 1.70 4.30
C ASP I 667 43.33 0.45 3.82
N VAL I 668 42.91 -0.71 4.34
CA VAL I 668 43.45 -2.03 4.00
C VAL I 668 42.32 -2.87 3.36
N TYR I 669 42.66 -3.63 2.31
CA TYR I 669 41.71 -4.47 1.59
C TYR I 669 42.26 -5.88 1.40
N ASN I 670 41.40 -6.89 1.56
CA ASN I 670 41.76 -8.28 1.30
C ASN I 670 41.54 -8.46 -0.20
N MET I 671 42.64 -8.62 -0.95
CA MET I 671 42.55 -8.74 -2.40
C MET I 671 43.57 -9.71 -2.97
N ASP I 672 43.10 -10.64 -3.80
CA ASP I 672 43.94 -11.60 -4.51
C ASP I 672 44.40 -10.85 -5.78
N TYR I 673 45.26 -9.83 -5.57
CA TYR I 673 45.80 -8.95 -6.60
C TYR I 673 46.57 -9.72 -7.68
N PRO I 674 46.60 -9.25 -8.95
CA PRO I 674 47.35 -10.00 -9.97
C PRO I 674 48.86 -9.96 -9.68
N PRO I 675 49.62 -11.03 -9.97
CA PRO I 675 51.07 -11.00 -9.72
C PRO I 675 51.77 -9.96 -10.61
N PHE I 676 53.04 -9.63 -10.30
CA PHE I 676 53.81 -8.69 -11.12
C PHE I 676 53.99 -9.26 -12.52
N GLY I 677 53.67 -8.46 -13.52
CA GLY I 677 53.75 -8.86 -14.93
C GLY I 677 52.51 -9.59 -15.43
N ALA I 678 51.40 -9.53 -14.66
CA ALA I 678 50.14 -10.18 -14.99
C ALA I 678 48.92 -9.24 -14.93
N GLY I 679 49.18 -7.95 -14.76
CA GLY I 679 48.17 -6.91 -14.69
C GLY I 679 47.39 -6.75 -15.99
N ARG I 680 46.08 -6.52 -15.88
CA ARG I 680 45.17 -6.38 -17.02
C ARG I 680 44.82 -4.92 -17.32
N PRO I 681 44.52 -4.56 -18.61
CA PRO I 681 44.15 -3.17 -18.92
C PRO I 681 42.86 -2.72 -18.26
N GLY I 682 42.85 -1.47 -17.78
CA GLY I 682 41.71 -0.85 -17.10
C GLY I 682 41.35 -1.43 -15.75
N GLN I 683 42.23 -2.28 -15.21
CA GLN I 683 42.04 -2.97 -13.92
C GLN I 683 43.23 -2.72 -12.99
N PHE I 684 43.06 -3.03 -11.69
CA PHE I 684 44.11 -2.89 -10.67
C PHE I 684 45.35 -3.66 -11.12
N GLY I 685 46.44 -2.94 -11.33
CA GLY I 685 47.69 -3.53 -11.77
C GLY I 685 48.02 -3.34 -13.24
N ASP I 686 47.26 -2.48 -13.97
CA ASP I 686 47.52 -2.18 -15.39
C ASP I 686 48.94 -1.63 -15.55
N ILE I 687 49.42 -0.97 -14.49
CA ILE I 687 50.78 -0.47 -14.32
C ILE I 687 51.28 -1.04 -12.97
N GLN I 688 52.47 -1.65 -12.97
CA GLN I 688 53.04 -2.24 -11.76
C GLN I 688 54.51 -1.82 -11.60
N SER I 689 54.84 -1.32 -10.40
CA SER I 689 56.19 -0.90 -10.03
C SER I 689 56.57 -1.64 -8.76
N ARG I 690 57.64 -2.46 -8.81
CA ARG I 690 58.13 -3.27 -7.68
C ARG I 690 58.33 -2.45 -6.39
N THR I 691 58.88 -1.24 -6.52
CA THR I 691 59.13 -0.29 -5.43
C THR I 691 58.68 1.12 -5.92
N PRO I 692 58.38 2.11 -5.05
CA PRO I 692 57.98 3.43 -5.56
C PRO I 692 59.12 4.21 -6.24
N GLU I 693 60.38 3.82 -5.99
CA GLU I 693 61.58 4.45 -6.54
C GLU I 693 62.05 3.80 -7.87
N SER I 694 61.51 2.60 -8.19
CA SER I 694 61.83 1.81 -9.39
C SER I 694 61.76 2.60 -10.70
N LYS I 695 62.81 2.50 -11.52
CA LYS I 695 62.92 3.19 -12.81
C LYS I 695 62.10 2.47 -13.89
N ASP I 696 62.20 1.14 -13.96
CA ASP I 696 61.48 0.32 -14.92
C ASP I 696 60.17 -0.17 -14.31
N VAL I 697 59.08 -0.09 -15.08
CA VAL I 697 57.73 -0.50 -14.65
C VAL I 697 57.10 -1.46 -15.65
N TYR I 698 56.12 -2.25 -15.20
CA TYR I 698 55.36 -3.15 -16.08
C TYR I 698 54.11 -2.36 -16.49
N ALA I 699 53.70 -2.49 -17.77
CA ALA I 699 52.51 -1.82 -18.26
C ALA I 699 51.76 -2.65 -19.30
N ASN I 700 50.45 -2.74 -19.11
CA ASN I 700 49.51 -3.42 -20.00
C ASN I 700 48.23 -2.59 -19.98
N THR I 701 48.21 -1.52 -20.79
CA THR I 701 47.11 -0.56 -20.86
C THR I 701 46.33 -0.63 -22.18
N GLN I 702 46.70 -1.54 -23.10
CA GLN I 702 46.09 -1.74 -24.43
C GLN I 702 46.24 -0.47 -25.30
N LEU I 703 47.43 0.16 -25.22
CA LEU I 703 47.77 1.37 -25.98
C LEU I 703 47.92 1.06 -27.47
N VAL I 704 47.07 1.69 -28.30
CA VAL I 704 47.06 1.52 -29.76
C VAL I 704 47.04 2.91 -30.42
N LEU I 705 48.05 3.20 -31.24
CA LEU I 705 48.16 4.47 -31.94
C LEU I 705 47.29 4.48 -33.20
N GLN I 706 46.61 5.61 -33.44
CA GLN I 706 45.69 5.78 -34.57
C GLN I 706 46.23 6.76 -35.61
N ARG I 707 45.72 6.66 -36.86
CA ARG I 707 46.11 7.55 -37.95
C ARG I 707 45.62 8.98 -37.67
N PRO I 708 46.50 10.01 -37.77
CA PRO I 708 46.04 11.38 -37.49
C PRO I 708 45.01 11.89 -38.49
N ALA I 709 44.20 12.88 -38.07
CA ALA I 709 43.17 13.52 -38.88
C ALA I 709 43.81 14.24 -40.06
N ALA I 710 43.06 14.37 -41.18
CA ALA I 710 43.50 15.02 -42.40
C ALA I 710 44.01 16.44 -42.13
N GLY I 711 45.26 16.69 -42.52
CA GLY I 711 45.95 17.97 -42.35
C GLY I 711 46.13 18.43 -40.91
N THR I 712 46.16 17.48 -39.97
CA THR I 712 46.26 17.78 -38.54
C THR I 712 47.50 17.15 -37.89
N VAL I 713 48.24 17.96 -37.12
CA VAL I 713 49.39 17.47 -36.35
C VAL I 713 48.89 17.20 -34.95
N HIS I 714 48.82 15.91 -34.61
CA HIS I 714 48.41 15.36 -33.32
C HIS I 714 48.72 13.86 -33.28
N VAL I 715 48.67 13.25 -32.09
CA VAL I 715 48.93 11.82 -31.93
C VAL I 715 47.67 11.14 -31.35
N PRO I 716 46.67 10.80 -32.18
CA PRO I 716 45.48 10.13 -31.65
C PRO I 716 45.79 8.69 -31.24
N TYR I 717 45.11 8.21 -30.20
CA TYR I 717 45.32 6.86 -29.66
C TYR I 717 44.10 6.35 -28.90
N SER I 718 44.03 5.01 -28.73
CA SER I 718 43.02 4.31 -27.95
C SER I 718 43.77 3.60 -26.81
N GLN I 719 43.25 3.71 -25.59
CA GLN I 719 43.86 3.11 -24.41
C GLN I 719 42.82 2.89 -23.33
N ALA I 720 42.94 1.79 -22.57
CA ALA I 720 42.03 1.47 -21.48
C ALA I 720 42.29 2.46 -20.33
N PRO I 721 41.24 3.10 -19.75
CA PRO I 721 41.47 4.08 -18.68
C PRO I 721 42.18 3.52 -17.44
N SER I 722 42.80 4.41 -16.64
CA SER I 722 43.55 4.08 -15.42
C SER I 722 42.87 3.06 -14.52
N GLY I 723 43.56 1.92 -14.33
CA GLY I 723 43.11 0.82 -13.48
C GLY I 723 43.07 1.19 -12.01
N PHE I 724 44.01 2.06 -11.58
CA PHE I 724 44.10 2.57 -10.22
C PHE I 724 42.93 3.50 -9.92
N LYS I 725 42.59 4.40 -10.87
CA LYS I 725 41.45 5.33 -10.78
C LYS I 725 40.16 4.53 -10.73
N TYR I 726 40.09 3.42 -11.51
CA TYR I 726 38.95 2.52 -11.55
C TYR I 726 38.83 1.77 -10.22
N TRP I 727 39.94 1.24 -9.69
CA TRP I 727 39.95 0.54 -8.41
C TRP I 727 39.51 1.46 -7.26
N LEU I 728 39.96 2.74 -7.26
CA LEU I 728 39.61 3.72 -6.23
C LEU I 728 38.10 3.89 -6.04
N LYS I 729 37.31 3.75 -7.12
CA LYS I 729 35.85 3.85 -7.07
C LYS I 729 35.15 2.49 -6.94
N GLU I 730 35.85 1.39 -7.31
CA GLU I 730 35.31 0.02 -7.29
C GLU I 730 35.75 -0.83 -6.09
N ARG I 731 36.70 -0.33 -5.27
CA ARG I 731 37.25 -1.04 -4.10
C ARG I 731 36.24 -1.51 -3.06
N GLY I 732 35.16 -0.74 -2.90
CA GLY I 732 34.14 -1.01 -1.90
C GLY I 732 34.61 -0.59 -0.53
N ALA I 733 33.92 -1.07 0.53
CA ALA I 733 34.29 -0.74 1.90
C ALA I 733 35.55 -1.49 2.33
N SER I 734 36.44 -0.80 3.06
CA SER I 734 37.69 -1.39 3.56
C SER I 734 37.46 -2.33 4.74
N LEU I 735 38.52 -3.05 5.17
CA LEU I 735 38.47 -4.00 6.28
C LEU I 735 37.95 -3.42 7.61
N GLN I 736 38.19 -2.12 7.86
CA GLN I 736 37.73 -1.37 9.05
C GLN I 736 36.20 -1.45 9.18
N HIS I 737 35.49 -1.58 8.04
CA HIS I 737 34.03 -1.63 7.95
C HIS I 737 33.45 -3.04 7.74
N THR I 738 34.20 -3.93 7.05
CA THR I 738 33.71 -5.27 6.72
C THR I 738 34.16 -6.42 7.64
N ALA I 739 35.29 -6.26 8.34
CA ALA I 739 35.86 -7.31 9.19
C ALA I 739 34.97 -7.78 10.34
N PRO I 740 34.89 -9.11 10.57
CA PRO I 740 34.09 -9.63 11.70
C PRO I 740 34.72 -9.29 13.06
N PHE I 741 34.02 -9.63 14.16
CA PHE I 741 34.45 -9.44 15.55
C PHE I 741 34.77 -8.00 15.99
N GLY I 742 34.21 -7.03 15.26
CA GLY I 742 34.38 -5.61 15.52
C GLY I 742 35.80 -5.08 15.39
N CYS I 743 36.60 -5.68 14.47
CA CYS I 743 37.99 -5.30 14.21
C CYS I 743 38.12 -3.86 13.78
N GLN I 744 39.11 -3.16 14.34
CA GLN I 744 39.47 -1.80 13.96
C GLN I 744 40.74 -1.97 13.13
N ILE I 745 40.81 -1.34 11.96
CA ILE I 745 41.98 -1.48 11.09
C ILE I 745 42.78 -0.19 10.98
N ALA I 746 44.08 -0.26 11.28
CA ALA I 746 45.01 0.86 11.25
C ALA I 746 46.18 0.59 10.31
N THR I 747 46.85 1.66 9.85
CA THR I 747 48.01 1.58 8.96
C THR I 747 49.23 2.24 9.62
N ASN I 748 50.43 2.01 9.03
CA ASN I 748 51.73 2.53 9.48
C ASN I 748 52.07 2.16 10.95
N PRO I 749 52.23 0.85 11.31
CA PRO I 749 52.15 -0.36 10.46
C PRO I 749 50.72 -0.91 10.34
N VAL I 750 50.48 -1.74 9.30
CA VAL I 750 49.19 -2.40 9.05
C VAL I 750 48.90 -3.35 10.22
N ARG I 751 47.76 -3.15 10.90
CA ARG I 751 47.39 -3.95 12.06
C ARG I 751 45.88 -4.02 12.32
N ALA I 752 45.44 -5.13 12.95
CA ALA I 752 44.06 -5.37 13.36
C ALA I 752 44.00 -5.07 14.85
N VAL I 753 43.17 -4.10 15.25
CA VAL I 753 43.06 -3.66 16.64
C VAL I 753 41.67 -4.00 17.20
N ASN I 754 41.65 -4.57 18.43
CA ASN I 754 40.44 -4.93 19.20
C ASN I 754 39.47 -5.91 18.53
N CYS I 755 39.99 -6.99 17.95
CA CYS I 755 39.16 -8.03 17.35
C CYS I 755 38.64 -8.89 18.51
N ALA I 756 37.33 -8.77 18.82
CA ALA I 756 36.71 -9.49 19.94
C ALA I 756 36.46 -10.96 19.60
N VAL I 757 37.54 -11.77 19.64
CA VAL I 757 37.50 -13.20 19.34
C VAL I 757 38.28 -14.03 20.36
N GLY I 758 37.61 -15.04 20.91
CA GLY I 758 38.17 -15.95 21.89
C GLY I 758 38.46 -15.34 23.25
N ASN I 759 39.37 -15.99 24.00
CA ASN I 759 39.77 -15.57 25.34
C ASN I 759 41.29 -15.38 25.44
N MET I 760 41.76 -14.82 26.56
CA MET I 760 43.17 -14.55 26.79
C MET I 760 43.65 -14.98 28.18
N PRO I 761 44.50 -16.03 28.28
CA PRO I 761 45.02 -16.43 29.60
C PRO I 761 46.04 -15.42 30.11
N ILE I 762 46.00 -15.14 31.43
CA ILE I 762 46.90 -14.19 32.08
C ILE I 762 47.60 -14.87 33.26
N SER I 763 48.94 -14.75 33.29
CA SER I 763 49.79 -15.28 34.34
C SER I 763 50.48 -14.10 35.04
N ILE I 764 50.29 -13.96 36.35
CA ILE I 764 50.90 -12.88 37.14
C ILE I 764 51.68 -13.49 38.30
N ASP I 765 53.01 -13.28 38.30
CA ASP I 765 53.89 -13.75 39.37
C ASP I 765 54.03 -12.59 40.35
N ILE I 766 53.09 -12.51 41.30
CA ILE I 766 53.00 -11.45 42.31
C ILE I 766 54.11 -11.60 43.37
N PRO I 767 54.94 -10.56 43.60
CA PRO I 767 56.02 -10.68 44.59
C PRO I 767 55.54 -10.82 46.04
N GLU I 768 56.38 -11.40 46.90
CA GLU I 768 56.04 -11.58 48.30
C GLU I 768 55.70 -10.26 48.97
N ALA I 769 56.09 -9.15 48.33
CA ALA I 769 55.83 -7.82 48.86
C ALA I 769 54.35 -7.63 49.15
N ALA I 770 53.52 -7.91 48.15
CA ALA I 770 52.07 -7.77 48.29
C ALA I 770 51.41 -9.09 48.65
N PHE I 771 51.86 -9.70 49.75
CA PHE I 771 51.32 -10.97 50.21
C PHE I 771 51.39 -11.08 51.72
N THR I 772 50.42 -10.47 52.40
CA THR I 772 50.36 -10.50 53.86
C THR I 772 49.90 -11.86 54.36
N ARG I 773 50.22 -12.17 55.61
CA ARG I 773 49.84 -13.44 56.22
C ARG I 773 48.43 -13.37 56.80
N VAL I 774 47.75 -14.51 56.85
CA VAL I 774 46.38 -14.59 57.38
C VAL I 774 46.32 -14.04 58.82
N VAL I 775 47.32 -14.42 59.67
CA VAL I 775 47.48 -14.00 61.07
C VAL I 775 47.73 -12.47 61.13
N ASP I 776 48.51 -11.94 60.16
CA ASP I 776 48.84 -10.51 60.06
C ASP I 776 47.70 -9.68 59.44
N ALA I 777 46.69 -10.37 58.89
CA ALA I 777 45.51 -9.76 58.27
C ALA I 777 44.31 -9.80 59.24
N PRO I 778 43.33 -8.86 59.14
CA PRO I 778 42.18 -8.89 60.08
C PRO I 778 41.31 -10.12 59.91
N SER I 779 40.74 -10.62 61.03
CA SER I 779 39.85 -11.77 61.05
C SER I 779 38.41 -11.27 61.14
N LEU I 780 37.56 -11.68 60.20
CA LEU I 780 36.16 -11.25 60.11
C LEU I 780 35.16 -12.31 60.55
N THR I 781 34.20 -11.91 61.40
CA THR I 781 33.12 -12.75 61.95
C THR I 781 31.80 -11.97 61.94
N ASP I 782 30.68 -12.64 62.28
CA ASP I 782 29.31 -12.10 62.37
C ASP I 782 28.93 -11.27 61.13
N MET I 783 29.17 -11.84 59.95
CA MET I 783 28.90 -11.19 58.67
C MET I 783 27.49 -11.36 58.15
N SER I 784 26.89 -10.24 57.68
N SER I 784 26.89 -10.24 57.69
CA SER I 784 25.54 -10.17 57.14
CA SER I 784 25.54 -10.18 57.13
C SER I 784 25.53 -9.28 55.90
C SER I 784 25.51 -9.27 55.91
N CYS I 785 24.70 -9.63 54.89
CA CYS I 785 24.61 -8.88 53.64
C CYS I 785 23.18 -8.45 53.30
N GLU I 786 23.03 -7.16 52.94
CA GLU I 786 21.76 -6.55 52.52
C GLU I 786 21.92 -5.81 51.19
N VAL I 787 20.98 -6.03 50.26
CA VAL I 787 20.98 -5.41 48.94
C VAL I 787 19.80 -4.42 48.84
N PRO I 788 20.03 -3.11 49.12
CA PRO I 788 18.93 -2.15 49.08
C PRO I 788 18.51 -1.72 47.67
N ALA I 789 19.40 -1.88 46.67
CA ALA I 789 19.15 -1.49 45.28
C ALA I 789 19.89 -2.37 44.27
N CYS I 790 19.16 -2.90 43.27
CA CYS I 790 19.75 -3.71 42.20
C CYS I 790 19.02 -3.62 40.87
N THR I 791 19.81 -3.50 39.80
CA THR I 791 19.40 -3.46 38.41
C THR I 791 20.35 -4.37 37.64
N HIS I 792 19.82 -5.43 37.01
CA HIS I 792 20.64 -6.36 36.24
C HIS I 792 21.02 -5.77 34.87
N SER I 793 22.27 -5.33 34.74
CA SER I 793 22.80 -4.71 33.51
C SER I 793 24.28 -5.03 33.30
N SER I 794 24.88 -4.51 32.20
CA SER I 794 26.28 -4.69 31.84
C SER I 794 27.23 -3.98 32.82
N ASP I 795 26.77 -2.86 33.42
CA ASP I 795 27.54 -2.09 34.40
C ASP I 795 27.17 -2.48 35.84
N PHE I 796 27.79 -1.81 36.83
CA PHE I 796 27.55 -2.06 38.25
C PHE I 796 26.23 -1.43 38.72
N GLY I 797 25.13 -2.11 38.43
CA GLY I 797 23.78 -1.69 38.77
C GLY I 797 23.30 -2.15 40.14
N GLY I 798 24.13 -2.92 40.84
CA GLY I 798 23.83 -3.45 42.15
C GLY I 798 24.60 -2.78 43.27
N VAL I 799 23.95 -2.60 44.43
CA VAL I 799 24.51 -2.00 45.64
C VAL I 799 24.34 -2.99 46.80
N ALA I 800 25.42 -3.31 47.53
CA ALA I 800 25.35 -4.23 48.67
C ALA I 800 26.04 -3.67 49.91
N ILE I 801 25.36 -3.75 51.07
CA ILE I 801 25.87 -3.28 52.36
C ILE I 801 26.21 -4.50 53.22
N ILE I 802 27.49 -4.70 53.50
CA ILE I 802 27.97 -5.85 54.27
C ILE I 802 28.44 -5.42 55.67
N LYS I 803 27.79 -5.95 56.71
CA LYS I 803 28.14 -5.71 58.11
C LYS I 803 29.13 -6.77 58.56
N TYR I 804 30.09 -6.39 59.44
CA TYR I 804 31.14 -7.29 59.89
C TYR I 804 31.65 -6.98 61.30
N ALA I 805 32.44 -7.91 61.86
CA ALA I 805 33.12 -7.79 63.14
C ALA I 805 34.58 -8.16 62.88
N ALA I 806 35.45 -7.14 62.75
CA ALA I 806 36.88 -7.31 62.47
C ALA I 806 37.70 -7.34 63.75
N SER I 807 38.66 -8.29 63.83
CA SER I 807 39.55 -8.47 64.99
C SER I 807 40.51 -7.29 65.16
N LYS I 808 40.96 -6.69 64.04
CA LYS I 808 41.88 -5.54 64.02
C LYS I 808 41.66 -4.68 62.76
N LYS I 809 42.30 -3.48 62.73
CA LYS I 809 42.24 -2.57 61.59
C LYS I 809 43.21 -3.06 60.51
N GLY I 810 42.81 -2.90 59.25
CA GLY I 810 43.62 -3.30 58.10
C GLY I 810 42.86 -3.36 56.81
N LYS I 811 43.56 -3.70 55.72
CA LYS I 811 42.98 -3.81 54.37
C LYS I 811 42.56 -5.24 54.07
N CYS I 812 41.34 -5.40 53.53
CA CYS I 812 40.77 -6.68 53.15
C CYS I 812 40.41 -6.69 51.67
N ALA I 813 40.68 -7.82 51.00
CA ALA I 813 40.35 -8.00 49.59
C ALA I 813 38.87 -8.36 49.46
N VAL I 814 38.18 -7.79 48.47
CA VAL I 814 36.76 -8.04 48.22
C VAL I 814 36.64 -8.83 46.91
N HIS I 815 35.96 -10.00 46.95
CA HIS I 815 35.79 -10.84 45.77
C HIS I 815 34.49 -11.64 45.78
N SER I 816 33.88 -11.77 44.60
CA SER I 816 32.65 -12.54 44.40
C SER I 816 33.01 -14.00 44.16
N MET I 817 32.44 -14.91 44.96
CA MET I 817 32.67 -16.35 44.87
C MET I 817 31.76 -17.02 43.84
N THR I 818 30.84 -16.24 43.26
CA THR I 818 29.89 -16.67 42.22
C THR I 818 30.31 -15.96 40.93
N ASN I 819 30.55 -16.75 39.86
CA ASN I 819 31.00 -16.23 38.56
C ASN I 819 29.97 -15.37 37.81
N ALA I 820 28.67 -15.50 38.16
CA ALA I 820 27.57 -14.75 37.57
C ALA I 820 27.47 -13.31 38.10
N VAL I 821 28.22 -12.99 39.17
CA VAL I 821 28.25 -11.66 39.82
C VAL I 821 29.71 -11.18 39.92
N THR I 822 29.95 -9.89 39.62
CA THR I 822 31.29 -9.28 39.72
C THR I 822 31.24 -8.00 40.55
N ILE I 823 32.25 -7.80 41.42
CA ILE I 823 32.33 -6.64 42.31
C ILE I 823 33.34 -5.60 41.80
N ARG I 824 32.96 -4.31 41.83
CA ARG I 824 33.77 -3.16 41.40
C ARG I 824 35.00 -2.98 42.31
N GLU I 825 34.79 -3.06 43.64
CA GLU I 825 35.85 -2.90 44.65
C GLU I 825 36.73 -4.12 44.72
N ALA I 826 38.05 -3.90 44.75
CA ALA I 826 39.05 -4.95 44.87
C ALA I 826 39.60 -5.04 46.29
N GLU I 827 39.64 -3.89 47.00
CA GLU I 827 40.16 -3.77 48.36
C GLU I 827 39.46 -2.66 49.14
N ILE I 828 39.09 -2.94 50.40
CA ILE I 828 38.46 -1.97 51.32
C ILE I 828 39.12 -2.03 52.71
N GLU I 829 39.04 -0.92 53.48
CA GLU I 829 39.60 -0.83 54.83
C GLU I 829 38.55 -1.25 55.87
N VAL I 830 38.91 -2.19 56.76
CA VAL I 830 38.03 -2.71 57.83
C VAL I 830 38.46 -2.24 59.23
N GLU I 831 37.49 -2.12 60.16
CA GLU I 831 37.72 -1.71 61.57
C GLU I 831 36.54 -2.09 62.47
N GLY I 832 36.77 -3.06 63.37
CA GLY I 832 35.82 -3.55 64.36
C GLY I 832 34.43 -3.87 63.87
N ASN I 833 33.42 -3.45 64.66
CA ASN I 833 32.00 -3.63 64.34
C ASN I 833 31.51 -2.48 63.46
N SER I 834 31.71 -2.61 62.14
CA SER I 834 31.33 -1.61 61.15
C SER I 834 30.69 -2.25 59.91
N GLN I 835 30.40 -1.43 58.89
CA GLN I 835 29.80 -1.88 57.63
C GLN I 835 30.54 -1.36 56.40
N LEU I 836 30.49 -2.12 55.31
CA LEU I 836 31.11 -1.77 54.03
C LEU I 836 30.08 -1.70 52.89
N GLN I 837 30.32 -0.81 51.91
CA GLN I 837 29.43 -0.66 50.75
C GLN I 837 30.19 -1.04 49.48
N ILE I 838 29.64 -2.01 48.73
CA ILE I 838 30.21 -2.48 47.47
C ILE I 838 29.26 -2.30 46.29
N SER I 839 29.83 -2.22 45.08
CA SER I 839 29.09 -2.10 43.83
C SER I 839 29.27 -3.40 43.05
N PHE I 840 28.17 -4.00 42.60
CA PHE I 840 28.23 -5.26 41.86
C PHE I 840 27.46 -5.25 40.53
N SER I 841 27.91 -6.10 39.60
CA SER I 841 27.30 -6.26 38.27
C SER I 841 26.84 -7.71 38.08
N THR I 842 25.61 -7.89 37.59
CA THR I 842 24.99 -9.19 37.33
C THR I 842 23.96 -9.10 36.20
N ALA I 843 23.69 -10.24 35.54
CA ALA I 843 22.70 -10.34 34.46
C ALA I 843 21.44 -11.07 34.97
N LEU I 844 21.54 -11.68 36.17
CA LEU I 844 20.49 -12.44 36.82
C LEU I 844 19.45 -11.56 37.51
N ALA I 845 18.16 -11.93 37.37
CA ALA I 845 17.02 -11.23 38.00
C ALA I 845 16.98 -11.57 39.49
N SER I 846 17.36 -12.81 39.85
CA SER I 846 17.43 -13.31 41.23
C SER I 846 18.88 -13.74 41.47
N ALA I 847 19.70 -12.80 41.98
CA ALA I 847 21.13 -13.03 42.21
C ALA I 847 21.46 -13.43 43.65
N GLU I 848 21.87 -14.69 43.83
CA GLU I 848 22.28 -15.26 45.12
C GLU I 848 23.79 -15.50 44.98
N PHE I 849 24.59 -14.70 45.70
CA PHE I 849 26.05 -14.76 45.59
C PHE I 849 26.80 -14.66 46.93
N ARG I 850 28.03 -15.19 46.96
CA ARG I 850 28.90 -15.16 48.13
C ARG I 850 30.02 -14.15 47.94
N VAL I 851 30.26 -13.31 48.95
CA VAL I 851 31.31 -12.28 48.93
C VAL I 851 32.38 -12.64 49.94
N GLN I 852 33.63 -12.78 49.49
CA GLN I 852 34.76 -13.08 50.37
C GLN I 852 35.51 -11.80 50.70
N VAL I 853 35.36 -11.32 51.95
CA VAL I 853 36.05 -10.13 52.46
C VAL I 853 37.11 -10.71 53.38
N CYS I 854 38.40 -10.57 52.97
CA CYS I 854 39.59 -11.15 53.60
C CYS I 854 39.50 -12.68 53.46
N SER I 855 39.37 -13.44 54.56
CA SER I 855 39.26 -14.89 54.52
C SER I 855 37.89 -15.44 54.95
N THR I 856 36.88 -14.55 55.09
CA THR I 856 35.52 -14.93 55.49
C THR I 856 34.49 -14.65 54.38
N GLN I 857 33.58 -15.61 54.14
CA GLN I 857 32.53 -15.50 53.13
C GLN I 857 31.18 -15.10 53.73
N VAL I 858 30.41 -14.30 52.97
CA VAL I 858 29.07 -13.81 53.35
C VAL I 858 28.09 -14.00 52.18
N HIS I 859 26.88 -14.52 52.45
CA HIS I 859 25.88 -14.74 51.41
C HIS I 859 25.03 -13.48 51.21
N CYS I 860 24.90 -13.06 49.94
CA CYS I 860 24.11 -11.90 49.51
C CYS I 860 22.91 -12.37 48.69
N ALA I 861 21.71 -11.92 49.06
CA ALA I 861 20.47 -12.23 48.36
C ALA I 861 19.99 -10.95 47.67
N ALA I 862 19.89 -10.98 46.33
CA ALA I 862 19.51 -9.80 45.56
C ALA I 862 18.42 -10.05 44.53
N GLU I 863 17.40 -9.18 44.53
CA GLU I 863 16.32 -9.19 43.56
C GLU I 863 16.63 -8.02 42.63
N CYS I 864 17.19 -8.33 41.47
CA CYS I 864 17.59 -7.32 40.50
C CYS I 864 16.54 -7.08 39.43
N HIS I 865 16.31 -5.79 39.12
CA HIS I 865 15.28 -5.32 38.19
C HIS I 865 15.81 -5.04 36.78
N PRO I 866 14.96 -5.08 35.71
CA PRO I 866 15.48 -4.83 34.35
C PRO I 866 15.91 -3.38 34.10
N PRO J 1 11.55 34.27 -72.85
CA PRO J 1 11.11 35.56 -72.29
C PRO J 1 10.09 35.39 -71.16
N VAL J 2 10.46 35.85 -69.95
CA VAL J 2 9.60 35.77 -68.76
C VAL J 2 8.83 37.08 -68.60
N MET J 3 7.48 36.99 -68.58
CA MET J 3 6.60 38.16 -68.53
C MET J 3 5.91 38.40 -67.18
N CYS J 4 5.84 39.68 -66.78
CA CYS J 4 5.20 40.16 -65.56
C CYS J 4 4.04 41.10 -65.90
N LEU J 5 3.17 41.41 -64.92
CA LEU J 5 1.97 42.24 -65.12
C LEU J 5 1.98 43.56 -64.35
N LEU J 6 1.56 44.65 -65.01
CA LEU J 6 1.39 45.99 -64.44
C LEU J 6 0.13 46.60 -65.03
N ALA J 7 -0.95 46.63 -64.20
CA ALA J 7 -2.29 47.13 -64.53
C ALA J 7 -2.90 46.41 -65.75
N ASN J 8 -2.92 47.09 -66.92
CA ASN J 8 -3.48 46.55 -68.15
C ASN J 8 -2.37 46.10 -69.15
N THR J 9 -1.08 46.11 -68.70
CA THR J 9 0.06 45.75 -69.54
C THR J 9 0.86 44.54 -69.06
N THR J 10 1.65 43.94 -69.98
CA THR J 10 2.60 42.85 -69.74
C THR J 10 3.98 43.41 -70.11
N PHE J 11 5.03 43.03 -69.36
CA PHE J 11 6.39 43.54 -69.57
C PHE J 11 7.44 42.49 -69.16
N PRO J 12 8.74 42.57 -69.57
CA PRO J 12 9.71 41.57 -69.09
C PRO J 12 10.00 41.80 -67.60
N CYS J 13 9.82 40.74 -66.78
CA CYS J 13 10.01 40.75 -65.33
C CYS J 13 11.28 41.47 -64.85
N SER J 14 12.42 41.18 -65.52
CA SER J 14 13.72 41.79 -65.20
C SER J 14 13.80 43.27 -65.62
N GLN J 15 12.84 43.76 -66.42
CA GLN J 15 12.82 45.14 -66.91
C GLN J 15 11.52 45.91 -66.60
N PRO J 16 11.21 46.25 -65.32
CA PRO J 16 10.01 47.06 -65.05
C PRO J 16 10.18 48.51 -65.55
N PRO J 17 9.10 49.20 -65.98
CA PRO J 17 9.26 50.56 -66.53
C PRO J 17 9.74 51.64 -65.55
N CYS J 18 9.65 51.38 -64.25
CA CYS J 18 10.05 52.29 -63.17
C CYS J 18 11.57 52.44 -63.00
N THR J 19 12.37 51.50 -63.55
CA THR J 19 13.84 51.47 -63.44
C THR J 19 14.54 52.76 -63.94
N PRO J 20 15.59 53.25 -63.24
CA PRO J 20 16.20 52.72 -62.01
C PRO J 20 15.55 53.20 -60.72
N CYS J 21 15.90 52.55 -59.59
CA CYS J 21 15.43 52.87 -58.23
C CYS J 21 13.90 52.98 -58.15
N CYS J 22 13.19 51.87 -58.49
CA CYS J 22 11.73 51.77 -58.48
C CYS J 22 11.16 52.15 -57.12
N TYR J 23 11.70 51.55 -56.05
CA TYR J 23 11.28 51.76 -54.67
C TYR J 23 11.54 53.18 -54.17
N GLU J 24 12.73 53.75 -54.48
CA GLU J 24 13.10 55.11 -54.06
C GLU J 24 12.16 56.16 -54.65
N LYS J 25 11.78 55.99 -55.94
CA LYS J 25 10.88 56.89 -56.67
C LYS J 25 9.46 56.81 -56.14
N GLU J 26 8.85 55.61 -56.20
CA GLU J 26 7.47 55.35 -55.76
C GLU J 26 7.42 54.09 -54.88
N PRO J 27 7.61 54.21 -53.54
CA PRO J 27 7.60 53.00 -52.69
C PRO J 27 6.29 52.22 -52.65
N GLU J 28 5.14 52.92 -52.56
CA GLU J 28 3.81 52.29 -52.52
C GLU J 28 3.51 51.56 -53.84
N GLU J 29 3.70 52.25 -55.00
CA GLU J 29 3.47 51.72 -56.35
C GLU J 29 4.29 50.48 -56.66
N THR J 30 5.58 50.47 -56.23
CA THR J 30 6.52 49.37 -56.43
C THR J 30 6.05 48.12 -55.69
N LEU J 31 5.67 48.27 -54.41
CA LEU J 31 5.18 47.16 -53.58
C LEU J 31 3.85 46.61 -54.10
N ARG J 32 2.95 47.51 -54.58
CA ARG J 32 1.67 47.12 -55.17
C ARG J 32 1.90 46.27 -56.44
N MET J 33 2.87 46.69 -57.29
CA MET J 33 3.25 46.00 -58.52
C MET J 33 3.80 44.60 -58.20
N LEU J 34 4.67 44.50 -57.18
CA LEU J 34 5.26 43.23 -56.73
C LEU J 34 4.20 42.27 -56.20
N GLU J 35 3.21 42.79 -55.43
CA GLU J 35 2.09 42.02 -54.88
C GLU J 35 1.22 41.43 -55.99
N ASP J 36 1.06 42.17 -57.11
CA ASP J 36 0.29 41.75 -58.28
C ASP J 36 0.96 40.63 -59.08
N ASN J 37 2.27 40.41 -58.86
CA ASN J 37 3.07 39.39 -59.56
C ASN J 37 3.57 38.27 -58.64
N VAL J 38 3.02 38.16 -57.42
CA VAL J 38 3.41 37.15 -56.42
C VAL J 38 3.28 35.68 -56.91
N MET J 39 2.28 35.41 -57.76
CA MET J 39 2.02 34.07 -58.31
C MET J 39 2.77 33.78 -59.61
N ARG J 40 3.32 34.83 -60.25
CA ARG J 40 4.06 34.74 -61.52
C ARG J 40 5.42 34.04 -61.37
N PRO J 41 5.81 33.15 -62.32
CA PRO J 41 7.12 32.46 -62.20
C PRO J 41 8.35 33.37 -62.18
N GLY J 42 8.23 34.55 -62.79
CA GLY J 42 9.31 35.53 -62.83
C GLY J 42 9.25 36.59 -61.74
N TYR J 43 8.61 36.27 -60.60
CA TYR J 43 8.47 37.20 -59.47
C TYR J 43 9.82 37.64 -58.91
N TYR J 44 10.76 36.69 -58.70
CA TYR J 44 12.08 36.98 -58.14
C TYR J 44 12.98 37.79 -59.07
N GLN J 45 12.72 37.74 -60.39
CA GLN J 45 13.42 38.54 -61.38
C GLN J 45 12.93 39.99 -61.25
N LEU J 46 11.61 40.16 -60.99
CA LEU J 46 10.97 41.46 -60.78
C LEU J 46 11.38 42.06 -59.43
N LEU J 47 11.45 41.23 -58.37
CA LEU J 47 11.86 41.66 -57.02
C LEU J 47 13.30 42.19 -57.04
N GLN J 48 14.20 41.47 -57.74
CA GLN J 48 15.61 41.84 -57.89
C GLN J 48 15.76 43.20 -58.57
N ALA J 49 15.09 43.39 -59.73
CA ALA J 49 15.14 44.63 -60.50
C ALA J 49 14.49 45.83 -59.80
N SER J 50 13.35 45.62 -59.11
CA SER J 50 12.60 46.67 -58.42
C SER J 50 13.28 47.17 -57.14
N LEU J 51 14.02 46.29 -56.44
CA LEU J 51 14.70 46.64 -55.19
C LEU J 51 16.21 46.89 -55.34
N THR J 52 16.64 47.19 -56.58
CA THR J 52 18.02 47.54 -56.93
C THR J 52 18.03 49.03 -57.28
N CYS J 53 18.99 49.78 -56.70
CA CYS J 53 19.10 51.20 -56.97
C CYS J 53 20.49 51.61 -57.46
N SER J 54 20.58 51.92 -58.75
CA SER J 54 21.79 52.42 -59.40
C SER J 54 21.34 53.72 -60.08
N PRO J 55 21.34 54.86 -59.34
CA PRO J 55 20.82 56.11 -59.93
C PRO J 55 21.69 56.73 -61.01
N HIS J 56 21.10 57.66 -61.78
CA HIS J 56 21.75 58.42 -62.86
C HIS J 56 22.84 59.34 -62.31
N ARG J 57 22.55 60.05 -61.21
CA ARG J 57 23.45 61.00 -60.55
C ARG J 57 24.48 60.24 -59.69
N GLN J 58 25.32 59.45 -60.37
CA GLN J 58 26.36 58.59 -59.78
C GLN J 58 27.40 58.28 -60.86
N ARG J 59 28.69 58.21 -60.49
CA ARG J 59 29.77 57.90 -61.44
C ARG J 59 29.75 56.42 -61.83
N GLU J 60 29.71 55.53 -60.83
CA GLU J 60 29.76 54.08 -60.97
C GLU J 60 28.37 53.41 -60.98
N SER K 1 28.35 52.10 -61.28
CA SER K 1 27.15 51.28 -61.31
C SER K 1 27.02 50.47 -60.04
N THR K 2 25.83 50.49 -59.43
CA THR K 2 25.50 49.71 -58.24
C THR K 2 24.36 48.74 -58.59
N LYS K 3 24.44 48.14 -59.80
CA LYS K 3 23.46 47.20 -60.34
C LYS K 3 23.31 45.89 -59.55
N ASP K 4 24.27 45.59 -58.65
CA ASP K 4 24.27 44.38 -57.82
C ASP K 4 23.92 44.71 -56.35
N ASN K 5 23.39 45.92 -56.08
CA ASN K 5 23.03 46.37 -54.73
C ASN K 5 21.60 46.00 -54.27
N PHE K 6 21.02 44.92 -54.84
CA PHE K 6 19.68 44.44 -54.46
C PHE K 6 19.61 44.26 -52.95
N ASN K 7 18.78 45.10 -52.31
CA ASN K 7 18.61 45.10 -50.86
C ASN K 7 17.13 45.06 -50.54
N VAL K 8 16.64 43.86 -50.17
CA VAL K 8 15.25 43.61 -49.84
C VAL K 8 14.80 44.38 -48.57
N TYR K 9 15.76 44.71 -47.70
CA TYR K 9 15.56 45.42 -46.43
C TYR K 9 15.16 46.89 -46.59
N LYS K 10 15.25 47.43 -47.82
CA LYS K 10 14.82 48.80 -48.11
C LYS K 10 13.28 48.87 -48.11
N ALA K 11 12.62 47.75 -48.47
CA ALA K 11 11.17 47.59 -48.53
C ALA K 11 10.59 47.05 -47.22
N THR K 12 11.35 46.21 -46.50
CA THR K 12 10.89 45.60 -45.24
C THR K 12 11.30 46.46 -44.03
N ARG K 13 10.74 46.14 -42.85
CA ARG K 13 11.03 46.87 -41.62
C ARG K 13 10.90 45.99 -40.36
N PRO K 14 11.64 46.28 -39.26
CA PRO K 14 11.41 45.53 -38.01
C PRO K 14 10.07 45.98 -37.41
N TYR K 15 9.45 45.17 -36.56
CA TYR K 15 8.14 45.52 -36.02
C TYR K 15 7.93 45.11 -34.56
N LEU K 16 6.80 45.58 -33.98
CA LEU K 16 6.36 45.24 -32.63
C LEU K 16 5.22 44.23 -32.77
N ALA K 17 5.27 43.16 -31.98
CA ALA K 17 4.25 42.11 -32.01
C ALA K 17 4.07 41.50 -30.63
N HIS K 18 2.95 40.77 -30.43
CA HIS K 18 2.63 40.13 -29.15
C HIS K 18 3.64 39.07 -28.73
N CYS K 19 4.01 39.12 -27.45
CA CYS K 19 4.89 38.18 -26.77
C CYS K 19 4.21 37.82 -25.45
N PRO K 20 4.00 36.52 -25.13
CA PRO K 20 3.32 36.18 -23.87
C PRO K 20 4.11 36.45 -22.60
N ASP K 21 5.45 36.49 -22.70
CA ASP K 21 6.35 36.71 -21.56
C ASP K 21 7.54 37.60 -21.94
N CYS K 22 7.48 38.88 -21.56
CA CYS K 22 8.53 39.87 -21.80
C CYS K 22 9.46 40.01 -20.59
N GLY K 23 9.31 39.07 -19.65
CA GLY K 23 10.04 39.04 -18.39
C GLY K 23 9.06 39.09 -17.23
N GLU K 24 9.26 38.22 -16.22
CA GLU K 24 8.42 38.08 -15.03
C GLU K 24 6.99 37.56 -15.31
N GLY K 25 6.81 36.90 -16.45
CA GLY K 25 5.54 36.31 -16.88
C GLY K 25 4.51 37.25 -17.48
N HIS K 26 4.85 38.55 -17.59
CA HIS K 26 3.93 39.58 -18.13
C HIS K 26 4.09 39.76 -19.63
N SER K 27 2.95 39.83 -20.36
CA SER K 27 2.90 40.01 -21.80
C SER K 27 3.13 41.49 -22.19
N CYS K 28 3.67 41.72 -23.40
CA CYS K 28 3.95 43.07 -23.92
C CYS K 28 4.00 43.10 -25.45
N HIS K 29 4.02 44.32 -26.03
CA HIS K 29 4.18 44.57 -27.46
C HIS K 29 5.69 44.63 -27.62
N SER K 30 6.30 43.47 -27.91
CA SER K 30 7.74 43.26 -27.97
C SER K 30 8.46 43.65 -29.27
N PRO K 31 9.65 44.32 -29.17
CA PRO K 31 10.43 44.61 -30.37
C PRO K 31 11.36 43.43 -30.75
N VAL K 32 11.27 42.31 -30.00
CA VAL K 32 12.03 41.08 -30.17
C VAL K 32 11.08 39.85 -30.06
N ALA K 33 9.79 40.05 -30.45
CA ALA K 33 8.75 39.03 -30.38
C ALA K 33 9.11 37.78 -31.18
N LEU K 34 8.85 36.60 -30.58
CA LEU K 34 9.12 35.32 -31.22
C LEU K 34 7.99 34.95 -32.15
N GLU K 35 8.34 34.67 -33.41
CA GLU K 35 7.39 34.29 -34.45
C GLU K 35 7.27 32.78 -34.61
N ARG K 36 8.42 32.11 -34.85
CA ARG K 36 8.48 30.67 -35.11
C ARG K 36 9.87 30.12 -34.81
N ILE K 37 9.92 28.95 -34.17
CA ILE K 37 11.17 28.23 -33.87
C ILE K 37 11.15 26.95 -34.70
N ARG K 38 12.15 26.80 -35.59
CA ARG K 38 12.28 25.63 -36.45
C ARG K 38 13.37 24.70 -35.94
N ASN K 39 13.06 23.41 -35.81
CA ASN K 39 13.98 22.39 -35.31
C ASN K 39 13.95 21.11 -36.17
N GLU K 40 14.02 21.28 -37.50
CA GLU K 40 14.01 20.15 -38.44
C GLU K 40 15.41 19.58 -38.63
N ALA K 41 16.45 20.39 -38.33
CA ALA K 41 17.85 20.01 -38.43
C ALA K 41 18.20 18.95 -37.40
N THR K 42 18.60 17.76 -37.89
CA THR K 42 18.96 16.62 -37.03
C THR K 42 20.23 16.88 -36.21
N ASP K 43 21.10 17.81 -36.65
CA ASP K 43 22.31 18.20 -35.93
C ASP K 43 22.02 19.01 -34.65
N GLY K 44 20.76 19.37 -34.44
CA GLY K 44 20.29 20.10 -33.26
C GLY K 44 20.19 21.61 -33.40
N THR K 45 20.62 22.17 -34.54
CA THR K 45 20.58 23.60 -34.82
C THR K 45 19.14 24.12 -34.87
N LEU K 46 18.88 25.24 -34.18
CA LEU K 46 17.56 25.87 -34.15
C LEU K 46 17.55 27.08 -35.06
N LYS K 47 16.51 27.20 -35.90
CA LYS K 47 16.31 28.35 -36.79
C LYS K 47 15.18 29.15 -36.15
N ILE K 48 15.55 30.28 -35.53
CA ILE K 48 14.63 31.14 -34.79
C ILE K 48 14.25 32.39 -35.59
N GLN K 49 12.94 32.72 -35.63
CA GLN K 49 12.42 33.91 -36.30
C GLN K 49 11.88 34.92 -35.29
N VAL K 50 12.39 36.16 -35.34
CA VAL K 50 12.02 37.27 -34.46
C VAL K 50 11.45 38.48 -35.21
N SER K 51 10.82 39.42 -34.49
CA SER K 51 10.22 40.61 -35.08
C SER K 51 11.25 41.69 -35.51
N LEU K 52 12.46 41.66 -34.93
CA LEU K 52 13.53 42.61 -35.30
C LEU K 52 14.39 42.10 -36.45
N GLN K 53 15.30 42.96 -36.97
CA GLN K 53 16.19 42.63 -38.08
C GLN K 53 17.66 42.85 -37.71
N ILE K 54 18.45 41.75 -37.70
CA ILE K 54 19.89 41.75 -37.35
C ILE K 54 20.76 41.94 -38.60
N GLY K 55 21.83 42.70 -38.44
CA GLY K 55 22.80 42.96 -39.50
C GLY K 55 22.41 44.08 -40.45
N ILE K 56 21.31 44.79 -40.15
CA ILE K 56 20.77 45.89 -40.94
C ILE K 56 20.62 47.14 -40.07
N LYS K 57 21.02 48.30 -40.60
CA LYS K 57 20.88 49.59 -39.93
C LYS K 57 19.58 50.25 -40.41
N THR K 58 19.12 51.34 -39.74
CA THR K 58 17.90 52.08 -40.10
C THR K 58 17.92 52.68 -41.51
N ASP K 59 19.12 52.99 -42.04
CA ASP K 59 19.33 53.53 -43.39
C ASP K 59 19.38 52.42 -44.46
N ASP K 60 19.04 51.16 -44.06
CA ASP K 60 18.99 49.92 -44.85
C ASP K 60 20.35 49.28 -45.14
N SER K 61 21.47 49.97 -44.82
CA SER K 61 22.82 49.47 -45.04
C SER K 61 23.12 48.23 -44.19
N HIS K 62 23.91 47.30 -44.75
CA HIS K 62 24.28 46.05 -44.08
C HIS K 62 25.50 46.27 -43.19
N ASP K 63 25.36 45.91 -41.91
CA ASP K 63 26.41 46.03 -40.89
C ASP K 63 26.18 44.93 -39.86
N TRP K 64 27.06 43.90 -39.87
CA TRP K 64 26.98 42.74 -38.97
C TRP K 64 27.07 43.08 -37.48
N THR K 65 27.71 44.23 -37.13
CA THR K 65 27.87 44.69 -35.73
C THR K 65 26.60 45.41 -35.23
N LYS K 66 25.64 45.66 -36.13
CA LYS K 66 24.39 46.36 -35.81
C LYS K 66 23.14 45.51 -35.89
N LEU K 67 22.05 46.02 -35.33
CA LEU K 67 20.72 45.39 -35.25
C LEU K 67 19.68 46.52 -35.31
N ARG K 68 18.58 46.30 -36.04
CA ARG K 68 17.47 47.27 -36.06
C ARG K 68 16.18 46.66 -35.53
N TYR K 69 15.52 47.40 -34.63
CA TYR K 69 14.28 47.02 -33.96
C TYR K 69 13.29 48.19 -34.01
N MET K 70 11.98 47.91 -33.84
CA MET K 70 10.97 48.96 -33.84
C MET K 70 10.91 49.63 -32.45
N ASP K 71 11.24 50.94 -32.40
CA ASP K 71 11.21 51.75 -31.18
C ASP K 71 10.01 52.68 -31.28
N ASN K 72 8.90 52.29 -30.60
CA ASN K 72 7.62 53.00 -30.60
C ASN K 72 7.03 53.08 -32.03
N HIS K 73 7.24 54.22 -32.73
CA HIS K 73 6.74 54.46 -34.09
C HIS K 73 7.83 54.32 -35.16
N MET K 74 9.09 54.56 -34.79
CA MET K 74 10.23 54.51 -35.71
C MET K 74 11.28 53.44 -35.40
N PRO K 75 11.88 52.78 -36.42
CA PRO K 75 12.95 51.80 -36.14
C PRO K 75 14.21 52.48 -35.61
N ALA K 76 14.94 51.81 -34.70
CA ALA K 76 16.16 52.32 -34.10
C ALA K 76 17.31 51.31 -34.15
N ASP K 77 18.56 51.80 -34.09
CA ASP K 77 19.76 50.96 -34.11
C ASP K 77 20.16 50.47 -32.73
N ALA K 78 20.67 49.23 -32.66
CA ALA K 78 21.15 48.56 -31.46
C ALA K 78 22.36 47.69 -31.79
N GLU K 79 23.17 47.34 -30.79
CA GLU K 79 24.37 46.52 -30.97
C GLU K 79 24.06 45.04 -31.11
N ARG K 80 24.81 44.34 -31.98
CA ARG K 80 24.70 42.90 -32.22
C ARG K 80 25.23 42.13 -31.00
N ALA K 81 26.27 42.66 -30.32
CA ALA K 81 26.91 42.07 -29.14
C ALA K 81 25.93 41.87 -27.97
N GLY K 82 24.94 42.76 -27.88
CA GLY K 82 23.90 42.73 -26.84
C GLY K 82 22.83 41.68 -27.07
N LEU K 83 22.76 41.11 -28.29
CA LEU K 83 21.80 40.07 -28.65
C LEU K 83 22.18 38.75 -27.97
N PHE K 84 21.18 38.07 -27.38
CA PHE K 84 21.37 36.79 -26.69
C PHE K 84 20.20 35.84 -26.94
N VAL K 85 20.50 34.53 -26.89
CA VAL K 85 19.52 33.45 -27.02
C VAL K 85 19.77 32.49 -25.85
N ARG K 86 18.70 32.04 -25.16
CA ARG K 86 18.80 31.12 -24.03
C ARG K 86 17.58 30.21 -23.86
N THR K 87 17.82 28.99 -23.34
CA THR K 87 16.77 28.01 -23.05
C THR K 87 16.75 27.89 -21.53
N SER K 88 17.37 26.84 -20.96
CA SER K 88 17.52 26.68 -19.51
C SER K 88 18.81 27.39 -19.10
N ALA K 89 19.72 27.63 -20.07
CA ALA K 89 21.03 28.26 -19.95
C ALA K 89 21.39 28.98 -21.28
N PRO K 90 22.44 29.84 -21.37
CA PRO K 90 22.74 30.52 -22.65
C PRO K 90 23.03 29.61 -23.85
N CYS K 91 22.63 30.06 -25.05
CA CYS K 91 22.82 29.35 -26.32
C CYS K 91 24.03 29.91 -27.08
N THR K 92 24.58 29.09 -27.98
CA THR K 92 25.70 29.49 -28.85
C THR K 92 25.06 29.96 -30.16
N ILE K 93 25.14 31.27 -30.46
CA ILE K 93 24.59 31.82 -31.69
C ILE K 93 25.59 31.54 -32.83
N THR K 94 25.15 30.77 -33.84
CA THR K 94 25.99 30.38 -34.98
C THR K 94 25.85 31.26 -36.23
N GLY K 95 24.73 31.98 -36.33
CA GLY K 95 24.47 32.86 -37.46
C GLY K 95 23.28 33.78 -37.24
N THR K 96 23.38 35.02 -37.77
CA THR K 96 22.34 36.06 -37.68
C THR K 96 22.25 36.86 -38.97
N MET K 97 21.02 37.05 -39.47
CA MET K 97 20.70 37.82 -40.69
C MET K 97 19.19 38.09 -40.73
N GLY K 98 18.84 39.38 -40.68
CA GLY K 98 17.45 39.85 -40.69
C GLY K 98 16.64 39.33 -39.52
N HIS K 99 15.47 38.76 -39.81
CA HIS K 99 14.57 38.20 -38.79
C HIS K 99 15.05 36.84 -38.24
N PHE K 100 16.16 36.30 -38.76
CA PHE K 100 16.63 34.95 -38.41
C PHE K 100 17.90 34.81 -37.60
N ILE K 101 17.87 33.85 -36.65
CA ILE K 101 18.96 33.49 -35.75
C ILE K 101 19.17 31.98 -35.78
N LEU K 102 20.44 31.56 -35.88
CA LEU K 102 20.83 30.16 -35.80
C LEU K 102 21.47 29.97 -34.43
N ALA K 103 21.00 28.98 -33.66
CA ALA K 103 21.53 28.74 -32.32
C ALA K 103 21.63 27.28 -31.92
N ARG K 104 22.69 26.95 -31.16
CA ARG K 104 22.94 25.64 -30.58
C ARG K 104 22.63 25.81 -29.10
N CYS K 105 21.52 25.20 -28.66
CA CYS K 105 20.98 25.36 -27.32
C CYS K 105 21.06 24.11 -26.45
N PRO K 106 21.30 24.25 -25.12
CA PRO K 106 21.24 23.08 -24.23
C PRO K 106 19.77 22.70 -23.97
N LYS K 107 19.52 21.54 -23.34
CA LYS K 107 18.19 21.03 -23.01
C LYS K 107 17.38 22.06 -22.20
N GLY K 108 16.14 22.29 -22.62
CA GLY K 108 15.26 23.25 -21.95
C GLY K 108 13.78 23.06 -22.22
N GLU K 109 12.95 23.88 -21.55
CA GLU K 109 11.49 23.87 -21.66
C GLU K 109 10.92 25.20 -22.19
N THR K 110 11.77 26.23 -22.25
CA THR K 110 11.43 27.57 -22.77
C THR K 110 12.54 28.05 -23.71
N LEU K 111 12.26 29.06 -24.54
CA LEU K 111 13.23 29.68 -25.44
C LEU K 111 13.09 31.20 -25.32
N THR K 112 14.20 31.87 -24.99
CA THR K 112 14.27 33.31 -24.81
C THR K 112 15.24 33.95 -25.80
N VAL K 113 14.79 35.04 -26.45
CA VAL K 113 15.60 35.85 -27.38
C VAL K 113 15.49 37.29 -26.89
N GLY K 114 16.63 37.92 -26.68
CA GLY K 114 16.70 39.29 -26.20
C GLY K 114 17.83 40.12 -26.75
N PHE K 115 17.84 41.43 -26.38
CA PHE K 115 18.84 42.41 -26.79
C PHE K 115 18.81 43.63 -25.84
N THR K 116 19.82 44.51 -25.96
CA THR K 116 19.93 45.74 -25.18
C THR K 116 19.84 46.92 -26.17
N ASP K 117 18.88 47.85 -25.93
CA ASP K 117 18.66 49.00 -26.79
C ASP K 117 19.68 50.15 -26.59
N SER K 118 19.45 51.29 -27.27
CA SER K 118 20.29 52.49 -27.20
C SER K 118 20.32 53.10 -25.79
N ARG K 119 19.17 53.05 -25.08
CA ARG K 119 18.97 53.58 -23.73
C ARG K 119 19.45 52.60 -22.63
N LYS K 120 20.22 51.55 -23.03
CA LYS K 120 20.75 50.49 -22.16
C LYS K 120 19.66 49.61 -21.51
N ILE K 121 18.42 49.67 -22.04
CA ILE K 121 17.26 48.92 -21.55
C ILE K 121 17.18 47.56 -22.25
N SER K 122 17.13 46.48 -21.45
CA SER K 122 17.06 45.11 -21.95
C SER K 122 15.63 44.74 -22.34
N HIS K 123 15.49 44.09 -23.51
CA HIS K 123 14.21 43.61 -24.04
C HIS K 123 14.35 42.13 -24.35
N SER K 124 13.42 41.29 -23.87
CA SER K 124 13.45 39.85 -24.11
C SER K 124 12.05 39.27 -24.34
N CYS K 125 11.97 38.12 -25.04
CA CYS K 125 10.72 37.41 -25.33
C CYS K 125 10.88 35.92 -25.03
N THR K 126 10.04 35.40 -24.13
CA THR K 126 10.07 34.00 -23.72
C THR K 126 8.82 33.25 -24.19
N HIS K 127 9.03 32.11 -24.87
CA HIS K 127 7.99 31.23 -25.38
C HIS K 127 8.22 29.80 -24.87
N PRO K 128 7.15 29.04 -24.54
CA PRO K 128 7.38 27.64 -24.12
C PRO K 128 7.80 26.80 -25.33
N PHE K 129 8.98 26.17 -25.23
CA PHE K 129 9.54 25.35 -26.30
C PHE K 129 10.36 24.21 -25.73
N HIS K 130 9.91 22.97 -25.96
CA HIS K 130 10.64 21.80 -25.47
C HIS K 130 11.82 21.50 -26.39
N HIS K 131 13.04 21.74 -25.87
CA HIS K 131 14.27 21.49 -26.60
C HIS K 131 15.09 20.42 -25.92
N ASP K 132 15.22 19.28 -26.61
CA ASP K 132 16.00 18.11 -26.21
C ASP K 132 16.31 17.41 -27.53
N PRO K 133 17.34 17.88 -28.28
CA PRO K 133 17.61 17.30 -29.61
C PRO K 133 18.03 15.83 -29.61
N PRO K 134 17.49 15.02 -30.55
CA PRO K 134 17.87 13.60 -30.60
C PRO K 134 19.32 13.36 -30.95
N VAL K 135 19.85 12.20 -30.53
CA VAL K 135 21.23 11.79 -30.76
C VAL K 135 21.50 11.48 -32.25
N ILE K 136 22.63 12.00 -32.78
CA ILE K 136 23.08 11.71 -34.13
C ILE K 136 24.00 10.50 -33.97
N GLY K 137 23.55 9.38 -34.51
CA GLY K 137 24.27 8.11 -34.42
C GLY K 137 23.86 7.27 -33.24
N ARG K 138 24.83 6.56 -32.65
CA ARG K 138 24.64 5.65 -31.54
C ARG K 138 25.44 6.00 -30.27
N GLU K 139 25.98 7.23 -30.21
CA GLU K 139 26.78 7.70 -29.07
C GLU K 139 26.38 9.12 -28.68
N LYS K 140 26.01 9.33 -27.40
CA LYS K 140 25.62 10.65 -26.89
C LYS K 140 26.87 11.40 -26.41
N PHE K 141 27.45 12.22 -27.30
CA PHE K 141 28.66 13.00 -27.05
C PHE K 141 28.38 14.51 -26.88
N HIS K 142 29.33 15.23 -26.25
CA HIS K 142 29.22 16.66 -25.97
C HIS K 142 29.83 17.55 -27.06
N SER K 143 31.14 17.41 -27.32
CA SER K 143 31.87 18.22 -28.31
C SER K 143 32.03 17.55 -29.68
N ARG K 144 32.06 18.38 -30.73
CA ARG K 144 32.20 17.96 -32.13
C ARG K 144 33.60 17.42 -32.46
N PRO K 145 33.73 16.18 -33.01
CA PRO K 145 35.06 15.68 -33.37
C PRO K 145 35.52 16.12 -34.76
N GLN K 146 36.84 16.23 -34.96
CA GLN K 146 37.45 16.58 -36.24
C GLN K 146 37.38 15.37 -37.19
N HIS K 147 37.61 14.17 -36.64
CA HIS K 147 37.58 12.88 -37.33
C HIS K 147 36.57 11.95 -36.68
N GLY K 148 35.93 11.11 -37.50
CA GLY K 148 34.97 10.12 -37.07
C GLY K 148 34.17 9.53 -38.22
N LYS K 149 33.09 8.80 -37.87
CA LYS K 149 32.19 8.19 -38.84
C LYS K 149 31.32 9.27 -39.46
N GLU K 150 31.26 9.31 -40.81
CA GLU K 150 30.45 10.29 -41.54
C GLU K 150 29.03 9.78 -41.62
N LEU K 151 28.10 10.48 -40.95
CA LEU K 151 26.68 10.11 -40.93
C LEU K 151 25.80 11.19 -41.56
N PRO K 152 24.71 10.81 -42.28
CA PRO K 152 23.84 11.83 -42.87
C PRO K 152 23.06 12.60 -41.82
N CYS K 153 23.10 13.94 -41.91
CA CYS K 153 22.41 14.84 -41.00
C CYS K 153 22.00 16.12 -41.72
N SER K 154 21.02 16.84 -41.18
CA SER K 154 20.58 18.12 -41.76
C SER K 154 20.95 19.26 -40.84
N THR K 155 21.21 20.43 -41.44
CA THR K 155 21.56 21.67 -40.73
C THR K 155 21.01 22.86 -41.48
N TYR K 156 20.99 24.02 -40.83
CA TYR K 156 20.62 25.28 -41.45
C TYR K 156 21.96 25.90 -41.81
N VAL K 157 22.26 26.01 -43.12
CA VAL K 157 23.53 26.53 -43.61
C VAL K 157 23.82 27.97 -43.18
N GLN K 158 25.04 28.22 -42.67
CA GLN K 158 25.48 29.54 -42.19
C GLN K 158 25.58 30.63 -43.27
N SER K 159 25.35 30.28 -44.55
CA SER K 159 25.39 31.20 -45.69
C SER K 159 24.33 32.29 -45.58
N THR K 160 24.76 33.56 -45.66
CA THR K 160 23.91 34.75 -45.58
C THR K 160 22.97 34.88 -46.79
N ALA K 161 23.33 34.20 -47.90
CA ALA K 161 22.58 34.17 -49.17
C ALA K 161 21.17 33.61 -49.00
N ALA K 162 20.21 34.26 -49.66
CA ALA K 162 18.80 33.90 -49.65
C ALA K 162 18.38 33.54 -51.08
N THR K 163 18.26 32.21 -51.36
CA THR K 163 17.94 31.70 -52.71
C THR K 163 16.80 30.68 -52.79
N THR K 164 16.62 29.82 -51.77
CA THR K 164 15.60 28.77 -51.80
C THR K 164 14.36 29.03 -50.94
N GLU K 165 14.52 29.01 -49.59
CA GLU K 165 13.44 29.24 -48.62
C GLU K 165 12.88 30.66 -48.68
N GLU K 166 11.60 30.85 -48.31
CA GLU K 166 10.92 32.14 -48.37
C GLU K 166 9.86 32.37 -47.27
N ILE K 167 9.47 33.65 -47.08
CA ILE K 167 8.42 34.08 -46.15
C ILE K 167 7.46 35.02 -46.87
N GLU K 168 6.20 35.06 -46.41
CA GLU K 168 5.18 35.95 -46.97
C GLU K 168 5.28 37.30 -46.29
N VAL K 169 5.14 38.37 -47.10
CA VAL K 169 5.19 39.75 -46.62
C VAL K 169 4.00 40.55 -47.15
N HIS K 170 3.59 41.58 -46.41
CA HIS K 170 2.50 42.49 -46.77
C HIS K 170 2.67 43.83 -46.07
N MET K 171 1.88 44.84 -46.51
CA MET K 171 1.89 46.18 -45.92
C MET K 171 1.38 46.10 -44.47
N PRO K 172 2.00 46.83 -43.52
CA PRO K 172 1.54 46.76 -42.12
C PRO K 172 0.17 47.41 -41.92
N PRO K 173 -0.58 47.07 -40.83
CA PRO K 173 -1.88 47.73 -40.60
C PRO K 173 -1.66 49.16 -40.10
N ASP K 174 -2.76 49.93 -39.93
CA ASP K 174 -2.69 51.28 -39.41
C ASP K 174 -2.14 51.26 -37.98
N THR K 175 -1.19 52.16 -37.69
CA THR K 175 -0.52 52.24 -36.40
C THR K 175 -1.22 53.27 -35.48
N PRO K 176 -1.97 52.82 -34.45
CA PRO K 176 -2.67 53.78 -33.56
C PRO K 176 -1.71 54.68 -32.79
N ASP K 177 -1.99 55.99 -32.78
CA ASP K 177 -1.19 57.00 -32.10
C ASP K 177 -2.08 58.11 -31.56
N ARG K 178 -2.23 58.16 -30.23
CA ARG K 178 -3.06 59.14 -29.52
C ARG K 178 -2.45 60.55 -29.55
N THR K 179 -1.11 60.64 -29.69
CA THR K 179 -0.36 61.90 -29.73
C THR K 179 -0.68 62.78 -30.95
N LEU K 180 -1.31 62.18 -31.99
CA LEU K 180 -1.72 62.87 -33.22
C LEU K 180 -2.85 63.87 -32.92
N MET K 181 -3.67 63.55 -31.92
CA MET K 181 -4.83 64.36 -31.50
C MET K 181 -4.50 65.24 -30.30
N SER K 182 -4.99 66.49 -30.33
CA SER K 182 -4.81 67.49 -29.27
C SER K 182 -6.11 68.26 -29.06
N GLN K 183 -6.29 68.84 -27.86
CA GLN K 183 -7.49 69.60 -27.52
C GLN K 183 -7.33 71.10 -27.80
N GLN K 184 -7.84 71.57 -28.95
CA GLN K 184 -7.80 72.97 -29.34
C GLN K 184 -8.96 73.70 -28.66
N SER K 185 -8.68 74.25 -27.44
CA SER K 185 -9.60 74.95 -26.54
C SER K 185 -10.69 74.04 -25.95
N GLY K 186 -11.48 73.42 -26.83
CA GLY K 186 -12.56 72.50 -26.47
C GLY K 186 -12.99 71.65 -27.65
N ASN K 187 -12.11 71.51 -28.66
CA ASN K 187 -12.33 70.75 -29.89
C ASN K 187 -11.15 69.79 -30.15
N VAL K 188 -11.19 69.03 -31.27
CA VAL K 188 -10.15 68.05 -31.61
C VAL K 188 -9.27 68.56 -32.76
N LYS K 189 -7.94 68.56 -32.55
CA LYS K 189 -6.95 68.97 -33.55
C LYS K 189 -6.06 67.79 -33.90
N ILE K 190 -6.15 67.31 -35.15
CA ILE K 190 -5.34 66.21 -35.66
C ILE K 190 -4.18 66.78 -36.47
N THR K 191 -2.95 66.60 -35.98
CA THR K 191 -1.72 67.06 -36.63
C THR K 191 -1.04 65.86 -37.28
N VAL K 192 -1.03 65.84 -38.63
CA VAL K 192 -0.46 64.75 -39.43
C VAL K 192 1.08 64.63 -39.39
N ASN K 193 1.79 65.78 -39.36
CA ASN K 193 3.26 65.88 -39.35
C ASN K 193 3.91 65.18 -40.56
N GLY K 194 3.40 65.50 -41.75
CA GLY K 194 3.87 64.95 -43.02
C GLY K 194 3.59 63.48 -43.24
N GLN K 195 2.55 62.95 -42.59
CA GLN K 195 2.15 61.54 -42.67
C GLN K 195 0.70 61.41 -43.18
N THR K 196 0.33 60.19 -43.59
CA THR K 196 -1.04 59.88 -44.02
C THR K 196 -1.73 59.26 -42.80
N VAL K 197 -2.69 60.00 -42.23
CA VAL K 197 -3.40 59.61 -41.01
C VAL K 197 -4.86 59.25 -41.29
N ARG K 198 -5.31 58.08 -40.80
CA ARG K 198 -6.69 57.65 -40.88
C ARG K 198 -7.31 57.99 -39.53
N TYR K 199 -8.35 58.84 -39.55
CA TYR K 199 -9.03 59.28 -38.33
C TYR K 199 -10.52 58.98 -38.37
N LYS K 200 -11.14 58.86 -37.18
CA LYS K 200 -12.56 58.60 -36.98
C LYS K 200 -12.99 59.13 -35.61
N CYS K 201 -14.00 60.00 -35.60
CA CYS K 201 -14.55 60.63 -34.40
C CYS K 201 -16.02 60.25 -34.20
N ASN K 202 -16.46 60.16 -32.93
CA ASN K 202 -17.84 59.85 -32.56
C ASN K 202 -18.62 61.18 -32.47
N CYS K 203 -18.55 61.98 -33.56
CA CYS K 203 -19.16 63.30 -33.71
C CYS K 203 -19.74 63.47 -35.13
N GLY K 204 -20.42 64.60 -35.36
CA GLY K 204 -21.02 64.92 -36.65
C GLY K 204 -20.06 65.53 -37.64
N GLY K 205 -20.55 65.79 -38.86
CA GLY K 205 -19.79 66.38 -39.95
C GLY K 205 -18.72 65.45 -40.52
N SER K 206 -17.59 66.03 -40.97
CA SER K 206 -16.46 65.28 -41.53
C SER K 206 -15.68 64.57 -40.41
N ASN K 207 -16.27 63.50 -39.85
CA ASN K 207 -15.71 62.71 -38.76
C ASN K 207 -14.63 61.71 -39.17
N GLU K 208 -14.68 61.20 -40.43
CA GLU K 208 -13.68 60.25 -40.93
C GLU K 208 -12.97 60.72 -42.21
N GLY K 209 -11.88 60.03 -42.56
CA GLY K 209 -11.12 60.32 -43.77
C GLY K 209 -9.66 59.95 -43.71
N LEU K 210 -9.07 59.70 -44.88
CA LEU K 210 -7.66 59.38 -45.07
C LEU K 210 -7.00 60.71 -45.46
N THR K 211 -6.51 61.45 -44.46
CA THR K 211 -5.92 62.77 -44.65
C THR K 211 -4.39 62.81 -44.76
N THR K 212 -3.90 63.73 -45.60
CA THR K 212 -2.49 64.01 -45.84
C THR K 212 -2.14 65.38 -45.22
N THR K 213 -3.17 66.17 -44.86
CA THR K 213 -3.08 67.50 -44.26
C THR K 213 -3.77 67.54 -42.89
N ASP K 214 -3.49 68.58 -42.07
CA ASP K 214 -4.07 68.79 -40.75
C ASP K 214 -5.59 68.99 -40.81
N LYS K 215 -6.31 68.40 -39.84
CA LYS K 215 -7.77 68.48 -39.76
C LYS K 215 -8.24 68.87 -38.37
N VAL K 216 -9.33 69.65 -38.29
CA VAL K 216 -9.94 70.10 -37.04
C VAL K 216 -11.39 69.58 -36.93
N ILE K 217 -11.75 69.00 -35.77
CA ILE K 217 -13.09 68.46 -35.52
C ILE K 217 -13.74 69.27 -34.41
N ASN K 218 -14.52 70.31 -34.78
CA ASN K 218 -15.23 71.18 -33.85
C ASN K 218 -16.43 70.47 -33.21
N ASN K 219 -16.78 70.87 -31.96
CA ASN K 219 -17.86 70.29 -31.13
C ASN K 219 -17.63 68.80 -30.88
N CYS K 220 -16.36 68.44 -30.60
CA CYS K 220 -15.91 67.07 -30.37
C CYS K 220 -14.87 67.00 -29.24
N LYS K 221 -14.86 65.88 -28.50
CA LYS K 221 -13.91 65.63 -27.40
C LYS K 221 -12.81 64.67 -27.88
N VAL K 222 -11.59 64.81 -27.32
CA VAL K 222 -10.41 64.00 -27.67
C VAL K 222 -10.58 62.48 -27.44
N ASP K 223 -11.40 62.08 -26.46
CA ASP K 223 -11.69 60.68 -26.13
C ASP K 223 -12.67 60.03 -27.12
N GLN K 224 -13.46 60.86 -27.85
CA GLN K 224 -14.44 60.41 -28.84
C GLN K 224 -13.77 60.08 -30.20
N CYS K 225 -12.46 60.38 -30.33
CA CYS K 225 -11.71 60.19 -31.57
C CYS K 225 -10.66 59.08 -31.52
N HIS K 226 -10.38 58.49 -32.70
CA HIS K 226 -9.39 57.44 -32.93
C HIS K 226 -8.51 57.89 -34.11
N ALA K 227 -7.18 57.88 -33.91
CA ALA K 227 -6.22 58.28 -34.94
C ALA K 227 -5.12 57.24 -35.12
N ALA K 228 -4.73 56.99 -36.39
CA ALA K 228 -3.71 56.02 -36.74
C ALA K 228 -2.93 56.41 -38.01
N VAL K 229 -1.61 56.17 -37.99
CA VAL K 229 -0.70 56.45 -39.12
C VAL K 229 -0.71 55.23 -40.06
N THR K 230 -0.96 55.45 -41.36
CA THR K 230 -0.98 54.39 -42.36
C THR K 230 0.43 54.09 -42.86
N ASN K 231 0.70 52.81 -43.16
CA ASN K 231 2.01 52.35 -43.63
C ASN K 231 1.84 51.64 -44.99
N HIS K 232 1.80 52.41 -46.09
CA HIS K 232 1.64 51.86 -47.44
C HIS K 232 2.95 51.83 -48.23
N LYS K 233 4.03 52.39 -47.66
CA LYS K 233 5.35 52.47 -48.29
C LYS K 233 6.27 51.33 -47.85
N LYS K 234 5.88 50.56 -46.80
CA LYS K 234 6.69 49.48 -46.26
C LYS K 234 6.05 48.09 -46.30
N TRP K 235 6.90 47.06 -46.21
CA TRP K 235 6.52 45.65 -46.16
C TRP K 235 6.86 45.13 -44.77
N GLN K 236 6.14 44.10 -44.34
CA GLN K 236 6.29 43.48 -43.03
C GLN K 236 5.94 42.02 -43.17
N TYR K 237 6.61 41.13 -42.39
CA TYR K 237 6.31 39.70 -42.41
C TYR K 237 4.82 39.48 -42.12
N ASN K 238 4.20 38.54 -42.83
CA ASN K 238 2.79 38.17 -42.66
C ASN K 238 2.66 37.45 -41.30
N SER K 239 2.71 38.25 -40.23
CA SER K 239 2.68 37.81 -38.83
C SER K 239 1.29 37.56 -38.28
N PRO K 240 1.04 36.39 -37.66
CA PRO K 240 -0.28 36.16 -37.03
C PRO K 240 -0.45 36.93 -35.72
N LEU K 241 0.63 37.63 -35.25
CA LEU K 241 0.67 38.44 -34.03
C LEU K 241 0.41 39.92 -34.30
N VAL K 242 0.22 40.29 -35.58
CA VAL K 242 -0.04 41.65 -36.05
C VAL K 242 -1.33 41.61 -36.90
N PRO K 243 -2.29 42.59 -36.77
CA PRO K 243 -3.50 42.49 -37.59
C PRO K 243 -3.28 42.78 -39.07
N ARG K 244 -4.16 42.25 -39.92
CA ARG K 244 -4.11 42.42 -41.37
C ARG K 244 -4.57 43.84 -41.72
N ASN K 245 -4.12 44.39 -42.86
CA ASN K 245 -4.54 45.72 -43.29
C ASN K 245 -5.99 45.62 -43.79
N ALA K 246 -6.87 46.44 -43.20
CA ALA K 246 -8.31 46.45 -43.50
C ALA K 246 -8.65 46.91 -44.92
N GLU K 247 -7.93 47.93 -45.43
CA GLU K 247 -8.12 48.53 -46.76
C GLU K 247 -7.90 47.51 -47.89
N LEU K 248 -6.68 46.93 -47.97
CA LEU K 248 -6.33 45.94 -48.99
C LEU K 248 -6.80 44.53 -48.60
N GLY K 249 -7.21 43.75 -49.59
CA GLY K 249 -7.70 42.39 -49.39
C GLY K 249 -6.64 41.38 -49.05
N ASP K 250 -6.46 40.37 -49.92
CA ASP K 250 -5.47 39.30 -49.73
C ASP K 250 -4.15 39.61 -50.45
N ARG K 251 -3.79 40.92 -50.51
CA ARG K 251 -2.57 41.41 -51.15
C ARG K 251 -1.34 41.03 -50.36
N LYS K 252 -0.39 40.34 -51.02
CA LYS K 252 0.84 39.87 -50.40
C LYS K 252 2.00 39.71 -51.39
N GLY K 253 3.20 39.84 -50.86
CA GLY K 253 4.46 39.64 -51.57
C GLY K 253 5.23 38.52 -50.90
N LYS K 254 6.40 38.17 -51.44
CA LYS K 254 7.25 37.12 -50.87
C LYS K 254 8.71 37.47 -51.01
N ILE K 255 9.52 37.12 -50.00
CA ILE K 255 10.95 37.41 -49.99
C ILE K 255 11.75 36.17 -49.59
N HIS K 256 12.93 35.99 -50.20
CA HIS K 256 13.82 34.87 -49.87
C HIS K 256 14.43 35.09 -48.49
N ILE K 257 14.71 34.00 -47.77
CA ILE K 257 15.26 34.07 -46.40
C ILE K 257 16.63 33.39 -46.24
N PRO K 258 17.50 33.88 -45.33
CA PRO K 258 18.81 33.21 -45.15
C PRO K 258 18.69 31.90 -44.38
N PHE K 259 19.80 31.15 -44.32
CA PHE K 259 19.96 29.89 -43.60
C PHE K 259 18.95 28.77 -43.95
N PRO K 260 18.83 28.35 -45.24
CA PRO K 260 17.89 27.25 -45.55
C PRO K 260 18.37 25.90 -45.02
N LEU K 261 17.42 24.97 -44.81
CA LEU K 261 17.75 23.61 -44.35
C LEU K 261 18.35 22.84 -45.52
N ALA K 262 19.48 22.15 -45.28
CA ALA K 262 20.18 21.36 -46.30
C ALA K 262 20.78 20.08 -45.71
N ASN K 263 20.88 19.03 -46.55
CA ASN K 263 21.46 17.74 -46.18
C ASN K 263 22.98 17.84 -46.22
N VAL K 264 23.62 17.53 -45.08
CA VAL K 264 25.07 17.58 -44.91
C VAL K 264 25.59 16.29 -44.26
N THR K 265 26.83 16.31 -43.76
CA THR K 265 27.47 15.20 -43.08
C THR K 265 27.86 15.60 -41.65
N CYS K 266 27.56 14.72 -40.68
CA CYS K 266 27.89 14.91 -39.28
C CYS K 266 28.93 13.87 -38.87
N ARG K 267 30.06 14.32 -38.34
CA ARG K 267 31.12 13.42 -37.90
C ARG K 267 30.89 13.01 -36.45
N VAL K 268 30.84 11.70 -36.20
CA VAL K 268 30.59 11.12 -34.88
C VAL K 268 31.75 10.28 -34.37
N PRO K 269 32.09 10.33 -33.06
CA PRO K 269 33.21 9.51 -32.57
C PRO K 269 32.84 8.03 -32.50
N LYS K 270 33.87 7.17 -32.59
CA LYS K 270 33.70 5.72 -32.51
C LYS K 270 34.25 5.29 -31.15
N ALA K 271 33.38 4.70 -30.31
CA ALA K 271 33.73 4.22 -28.96
C ALA K 271 34.87 3.20 -29.04
N ARG K 272 35.82 3.26 -28.08
CA ARG K 272 36.97 2.36 -28.03
C ARG K 272 36.55 0.89 -27.95
N ASN K 273 37.21 0.03 -28.77
CA ASN K 273 36.93 -1.40 -28.85
C ASN K 273 37.08 -2.09 -27.49
N PRO K 274 36.02 -2.78 -27.00
CA PRO K 274 36.11 -3.40 -25.67
C PRO K 274 37.04 -4.60 -25.57
N THR K 275 37.43 -4.96 -24.32
CA THR K 275 38.26 -6.13 -24.03
C THR K 275 37.36 -7.35 -24.17
N VAL K 276 37.65 -8.22 -25.15
CA VAL K 276 36.84 -9.38 -25.48
C VAL K 276 37.50 -10.70 -25.05
N THR K 277 36.75 -11.51 -24.27
CA THR K 277 37.15 -12.86 -23.82
C THR K 277 36.12 -13.87 -24.32
N TYR K 278 36.54 -15.13 -24.55
CA TYR K 278 35.66 -16.16 -25.09
C TYR K 278 35.38 -17.35 -24.15
N GLY K 279 34.28 -18.06 -24.46
CA GLY K 279 33.79 -19.25 -23.80
C GLY K 279 32.95 -20.08 -24.75
N LYS K 280 32.55 -21.30 -24.33
CA LYS K 280 31.73 -22.22 -25.14
C LYS K 280 30.39 -21.57 -25.51
N ASN K 281 30.23 -21.22 -26.81
CA ASN K 281 29.05 -20.55 -27.40
C ASN K 281 28.70 -19.25 -26.63
N GLN K 282 29.75 -18.55 -26.15
CA GLN K 282 29.63 -17.36 -25.31
C GLN K 282 30.73 -16.33 -25.58
N VAL K 283 30.35 -15.04 -25.60
CA VAL K 283 31.26 -13.91 -25.77
C VAL K 283 31.11 -12.94 -24.58
N ILE K 284 32.25 -12.57 -23.96
CA ILE K 284 32.26 -11.68 -22.79
C ILE K 284 33.02 -10.39 -23.14
N MET K 285 32.32 -9.24 -23.07
CA MET K 285 32.88 -7.93 -23.38
C MET K 285 32.92 -7.02 -22.14
N LEU K 286 34.09 -6.40 -21.91
CA LEU K 286 34.28 -5.45 -20.81
C LEU K 286 34.16 -4.06 -21.43
N LEU K 287 32.96 -3.46 -21.31
CA LEU K 287 32.64 -2.15 -21.88
C LEU K 287 33.09 -1.00 -20.99
N TYR K 288 33.87 -0.07 -21.56
CA TYR K 288 34.37 1.13 -20.88
C TYR K 288 33.94 2.40 -21.65
N PRO K 289 32.66 2.83 -21.56
CA PRO K 289 32.24 4.01 -22.32
C PRO K 289 32.65 5.34 -21.68
N ASP K 290 33.02 6.31 -22.52
CA ASP K 290 33.43 7.65 -22.11
C ASP K 290 32.20 8.57 -22.06
N HIS K 291 31.09 8.11 -22.66
CA HIS K 291 29.79 8.79 -22.76
C HIS K 291 28.68 7.74 -23.07
N PRO K 292 27.36 8.05 -22.96
CA PRO K 292 26.34 7.02 -23.28
C PRO K 292 26.53 6.41 -24.68
N THR K 293 26.73 5.08 -24.71
CA THR K 293 27.00 4.32 -25.93
C THR K 293 25.98 3.19 -26.11
N LEU K 294 25.33 3.16 -27.29
CA LEU K 294 24.32 2.16 -27.61
C LEU K 294 24.94 0.82 -28.03
N LEU K 295 24.57 -0.24 -27.31
CA LEU K 295 25.01 -1.60 -27.59
C LEU K 295 23.81 -2.38 -28.12
N SER K 296 23.96 -2.96 -29.32
CA SER K 296 22.93 -3.76 -29.96
C SER K 296 23.48 -5.09 -30.46
N TYR K 297 22.64 -6.13 -30.45
CA TYR K 297 23.03 -7.47 -30.89
C TYR K 297 21.88 -8.30 -31.44
N ARG K 298 22.20 -9.22 -32.36
CA ARG K 298 21.24 -10.10 -33.02
C ARG K 298 21.90 -11.40 -33.47
N ASN K 299 21.12 -12.49 -33.48
CA ASN K 299 21.55 -13.79 -33.98
C ASN K 299 21.45 -13.72 -35.49
N MET K 300 22.38 -14.35 -36.21
CA MET K 300 22.40 -14.32 -37.68
C MET K 300 21.66 -15.51 -38.33
N GLY K 301 20.64 -16.00 -37.62
CA GLY K 301 19.79 -17.10 -38.06
C GLY K 301 18.35 -16.68 -38.28
N GLU K 302 17.43 -17.67 -38.26
CA GLU K 302 15.99 -17.50 -38.46
C GLU K 302 15.34 -16.63 -37.39
N GLU K 303 15.78 -16.75 -36.13
CA GLU K 303 15.29 -16.00 -34.97
C GLU K 303 16.40 -15.01 -34.55
N PRO K 304 16.40 -13.76 -35.07
CA PRO K 304 17.47 -12.81 -34.71
C PRO K 304 17.45 -12.37 -33.25
N ASN K 305 16.25 -12.21 -32.65
CA ASN K 305 16.03 -11.78 -31.26
C ASN K 305 16.83 -10.51 -30.93
N TYR K 306 16.52 -9.42 -31.66
CA TYR K 306 17.20 -8.14 -31.51
C TYR K 306 17.03 -7.55 -30.11
N GLN K 307 18.15 -7.18 -29.49
CA GLN K 307 18.18 -6.58 -28.16
C GLN K 307 19.10 -5.35 -28.18
N GLU K 308 18.71 -4.31 -27.43
CA GLU K 308 19.48 -3.07 -27.33
C GLU K 308 19.46 -2.46 -25.93
N GLU K 309 20.56 -1.81 -25.56
CA GLU K 309 20.73 -1.14 -24.26
C GLU K 309 21.76 -0.02 -24.35
N TRP K 310 21.45 1.12 -23.70
CA TRP K 310 22.35 2.26 -23.64
C TRP K 310 23.29 2.05 -22.46
N VAL K 311 24.58 1.89 -22.75
CA VAL K 311 25.61 1.64 -21.73
C VAL K 311 26.15 2.99 -21.27
N MET K 312 25.92 3.32 -19.99
CA MET K 312 26.30 4.60 -19.37
C MET K 312 27.70 4.57 -18.77
N HIS K 313 28.07 3.48 -18.07
CA HIS K 313 29.39 3.33 -17.44
C HIS K 313 29.93 1.89 -17.55
N LYS K 314 30.99 1.54 -16.79
CA LYS K 314 31.65 0.23 -16.76
C LYS K 314 30.65 -0.91 -16.54
N LYS K 315 30.49 -1.78 -17.55
CA LYS K 315 29.57 -2.92 -17.50
C LYS K 315 30.10 -4.12 -18.30
N GLU K 316 30.10 -5.30 -17.67
CA GLU K 316 30.51 -6.56 -18.29
C GLU K 316 29.27 -7.20 -18.89
N VAL K 317 29.32 -7.52 -20.20
CA VAL K 317 28.20 -8.14 -20.90
C VAL K 317 28.49 -9.57 -21.35
N VAL K 318 27.61 -10.50 -20.96
CA VAL K 318 27.71 -11.92 -21.30
C VAL K 318 26.66 -12.21 -22.37
N LEU K 319 27.13 -12.57 -23.58
CA LEU K 319 26.27 -12.83 -24.74
C LEU K 319 26.45 -14.24 -25.28
N THR K 320 25.34 -14.90 -25.62
CA THR K 320 25.36 -16.25 -26.17
C THR K 320 25.53 -16.21 -27.68
N VAL K 321 26.55 -16.91 -28.20
CA VAL K 321 26.86 -16.97 -29.63
C VAL K 321 26.27 -18.28 -30.20
N PRO K 322 25.19 -18.19 -31.01
CA PRO K 322 24.62 -19.44 -31.58
C PRO K 322 25.43 -19.96 -32.77
N THR K 323 25.12 -21.19 -33.23
CA THR K 323 25.78 -21.86 -34.36
C THR K 323 25.70 -21.00 -35.64
N GLU K 324 24.56 -20.30 -35.83
CA GLU K 324 24.28 -19.42 -36.97
C GLU K 324 25.16 -18.15 -36.94
N GLY K 325 25.58 -17.74 -35.75
CA GLY K 325 26.43 -16.57 -35.54
C GLY K 325 25.74 -15.43 -34.83
N LEU K 326 26.55 -14.54 -34.23
CA LEU K 326 26.08 -13.36 -33.49
C LEU K 326 26.75 -12.09 -34.01
N GLU K 327 25.93 -11.05 -34.28
CA GLU K 327 26.38 -9.74 -34.76
C GLU K 327 26.19 -8.73 -33.63
N VAL K 328 27.27 -8.04 -33.22
CA VAL K 328 27.26 -7.06 -32.11
C VAL K 328 27.72 -5.68 -32.61
N THR K 329 26.90 -4.64 -32.35
CA THR K 329 27.23 -3.26 -32.71
C THR K 329 27.41 -2.42 -31.44
N TRP K 330 28.63 -1.91 -31.24
CA TRP K 330 29.00 -1.10 -30.09
C TRP K 330 29.21 0.35 -30.53
N GLY K 331 28.20 1.19 -30.29
CA GLY K 331 28.19 2.58 -30.67
C GLY K 331 28.28 2.79 -32.16
N ASN K 332 29.09 3.76 -32.59
CA ASN K 332 29.29 4.11 -34.00
C ASN K 332 30.29 3.22 -34.75
N ASN K 333 30.83 2.18 -34.07
CA ASN K 333 31.77 1.22 -34.67
C ASN K 333 31.03 0.30 -35.62
N GLU K 334 31.77 -0.28 -36.60
CA GLU K 334 31.23 -1.23 -37.57
C GLU K 334 30.87 -2.52 -36.80
N PRO K 335 29.77 -3.24 -37.16
CA PRO K 335 29.38 -4.43 -36.39
C PRO K 335 30.43 -5.54 -36.31
N TYR K 336 30.60 -6.10 -35.09
CA TYR K 336 31.50 -7.23 -34.84
C TYR K 336 30.70 -8.50 -35.07
N LYS K 337 31.31 -9.50 -35.69
CA LYS K 337 30.64 -10.77 -35.95
C LYS K 337 31.35 -11.91 -35.21
N TYR K 338 30.58 -12.77 -34.55
CA TYR K 338 31.11 -13.90 -33.77
C TYR K 338 30.46 -15.22 -34.17
N TRP K 339 31.27 -16.28 -34.29
CA TRP K 339 30.84 -17.63 -34.65
C TRP K 339 31.51 -18.66 -33.74
N PRO K 340 30.83 -19.78 -33.37
CA PRO K 340 31.50 -20.81 -32.56
C PRO K 340 32.52 -21.61 -33.36
N GLN K 341 33.57 -22.13 -32.70
CA GLN K 341 34.63 -22.91 -33.34
C GLN K 341 34.16 -24.35 -33.55
N TYR L 485 32.55 -28.42 -71.36
CA TYR L 485 32.04 -29.33 -70.32
C TYR L 485 31.30 -28.54 -69.24
N GLU L 486 30.04 -28.92 -68.95
CA GLU L 486 29.23 -28.27 -67.94
C GLU L 486 29.44 -28.90 -66.55
N HIS L 487 29.97 -28.09 -65.62
CA HIS L 487 30.20 -28.49 -64.23
C HIS L 487 29.09 -27.87 -63.38
N VAL L 488 28.33 -28.72 -62.68
CA VAL L 488 27.22 -28.29 -61.83
C VAL L 488 27.50 -28.65 -60.37
N THR L 489 27.41 -27.65 -59.49
CA THR L 489 27.61 -27.79 -58.05
C THR L 489 26.64 -26.89 -57.26
N VAL L 490 26.52 -27.11 -55.95
CA VAL L 490 25.63 -26.34 -55.08
C VAL L 490 26.43 -25.89 -53.85
N ILE L 491 26.46 -24.57 -53.59
CA ILE L 491 27.16 -24.01 -52.43
C ILE L 491 26.17 -23.34 -51.47
N PRO L 492 26.42 -23.31 -50.13
CA PRO L 492 25.49 -22.62 -49.24
C PRO L 492 25.51 -21.11 -49.52
N ASN L 493 24.35 -20.45 -49.36
CA ASN L 493 24.23 -19.01 -49.60
C ASN L 493 24.85 -18.23 -48.42
N THR L 494 26.19 -18.28 -48.33
CA THR L 494 26.97 -17.62 -47.28
C THR L 494 28.13 -16.87 -47.94
N VAL L 495 28.20 -15.56 -47.69
CA VAL L 495 29.22 -14.66 -48.23
C VAL L 495 30.51 -14.72 -47.40
N GLY L 496 31.65 -14.61 -48.07
CA GLY L 496 32.97 -14.60 -47.45
C GLY L 496 33.55 -15.97 -47.13
N VAL L 497 32.97 -17.04 -47.69
CA VAL L 497 33.44 -18.41 -47.46
C VAL L 497 33.94 -19.01 -48.79
N PRO L 498 35.27 -19.22 -48.96
CA PRO L 498 35.75 -19.83 -50.22
C PRO L 498 35.44 -21.33 -50.25
N TYR L 499 34.84 -21.79 -51.36
CA TYR L 499 34.48 -23.19 -51.56
C TYR L 499 35.28 -23.79 -52.70
N LYS L 500 35.77 -25.01 -52.52
CA LYS L 500 36.56 -25.72 -53.52
C LYS L 500 35.69 -26.74 -54.23
N THR L 501 35.70 -26.71 -55.57
CA THR L 501 34.94 -27.64 -56.40
C THR L 501 35.85 -28.39 -57.37
N LEU L 502 35.74 -29.73 -57.38
CA LEU L 502 36.54 -30.58 -58.26
C LEU L 502 35.81 -30.85 -59.56
N VAL L 503 36.39 -30.37 -60.67
CA VAL L 503 35.87 -30.57 -62.02
C VAL L 503 36.59 -31.78 -62.59
N ASN L 504 35.84 -32.85 -62.85
CA ASN L 504 36.40 -34.08 -63.41
C ASN L 504 35.76 -34.46 -64.74
N ARG L 505 36.34 -33.94 -65.83
CA ARG L 505 35.92 -34.23 -67.20
C ARG L 505 36.60 -35.57 -67.57
N PRO L 506 35.83 -36.61 -67.99
CA PRO L 506 36.46 -37.91 -68.31
C PRO L 506 37.52 -37.83 -69.41
N GLY L 507 38.70 -38.37 -69.10
CA GLY L 507 39.86 -38.38 -69.99
C GLY L 507 40.70 -37.12 -69.93
N TYR L 508 40.37 -36.21 -69.00
CA TYR L 508 41.06 -34.94 -68.81
C TYR L 508 41.49 -34.80 -67.36
N SER L 509 42.68 -34.20 -67.13
CA SER L 509 43.25 -33.98 -65.81
C SER L 509 42.29 -33.20 -64.89
N PRO L 510 42.13 -33.61 -63.61
CA PRO L 510 41.20 -32.89 -62.72
C PRO L 510 41.51 -31.41 -62.57
N MET L 511 40.46 -30.61 -62.42
CA MET L 511 40.54 -29.16 -62.29
C MET L 511 39.87 -28.70 -60.99
N VAL L 512 40.59 -27.90 -60.18
CA VAL L 512 40.04 -27.39 -58.92
C VAL L 512 39.71 -25.91 -59.07
N LEU L 513 38.43 -25.56 -58.86
CA LEU L 513 37.97 -24.18 -58.93
C LEU L 513 37.55 -23.69 -57.55
N GLU L 514 38.07 -22.53 -57.14
CA GLU L 514 37.72 -21.91 -55.87
C GLU L 514 36.62 -20.89 -56.17
N MET L 515 35.50 -20.98 -55.44
CA MET L 515 34.36 -20.07 -55.61
C MET L 515 34.01 -19.40 -54.30
N GLU L 516 33.80 -18.09 -54.32
CA GLU L 516 33.45 -17.31 -53.14
C GLU L 516 32.39 -16.28 -53.47
N LEU L 517 31.28 -16.30 -52.71
CA LEU L 517 30.22 -15.30 -52.89
C LEU L 517 30.69 -14.00 -52.26
N LEU L 518 30.82 -12.95 -53.08
CA LEU L 518 31.26 -11.63 -52.62
C LEU L 518 30.10 -10.83 -52.08
N SER L 519 28.91 -10.97 -52.71
CA SER L 519 27.67 -10.31 -52.31
C SER L 519 26.45 -10.97 -52.97
N VAL L 520 25.32 -10.99 -52.23
CA VAL L 520 24.04 -11.51 -52.69
C VAL L 520 23.02 -10.40 -52.41
N THR L 521 22.50 -9.79 -53.49
CA THR L 521 21.59 -8.66 -53.41
C THR L 521 20.15 -9.06 -53.76
N LEU L 522 19.19 -8.68 -52.88
CA LEU L 522 17.76 -8.90 -53.05
C LEU L 522 17.13 -7.50 -53.18
N GLU L 523 16.91 -7.05 -54.42
CA GLU L 523 16.36 -5.73 -54.72
C GLU L 523 14.87 -5.78 -55.09
N PRO L 524 13.96 -5.37 -54.18
CA PRO L 524 12.53 -5.41 -54.53
C PRO L 524 12.09 -4.29 -55.45
N THR L 525 11.04 -4.54 -56.25
CA THR L 525 10.46 -3.54 -57.14
C THR L 525 9.60 -2.61 -56.27
N LEU L 526 9.91 -1.31 -56.28
CA LEU L 526 9.20 -0.33 -55.46
C LEU L 526 8.22 0.53 -56.24
N SER L 527 7.07 0.81 -55.61
CA SER L 527 6.03 1.67 -56.15
C SER L 527 5.67 2.68 -55.07
N LEU L 528 6.08 3.94 -55.27
CA LEU L 528 5.85 5.04 -54.33
C LEU L 528 4.37 5.38 -54.20
N ASP L 529 3.82 5.20 -52.99
CA ASP L 529 2.43 5.53 -52.66
C ASP L 529 2.35 7.01 -52.33
N TYR L 530 3.22 7.47 -51.41
CA TYR L 530 3.33 8.86 -50.95
C TYR L 530 4.60 9.08 -50.14
N ILE L 531 4.87 10.35 -49.84
CA ILE L 531 5.96 10.80 -48.98
C ILE L 531 5.33 11.54 -47.79
N THR L 532 6.01 11.50 -46.64
CA THR L 532 5.59 12.23 -45.45
C THR L 532 6.78 12.97 -44.87
N CYS L 533 6.50 14.06 -44.16
CA CYS L 533 7.48 14.95 -43.57
C CYS L 533 6.81 15.79 -42.49
N GLU L 534 7.53 16.76 -41.91
CA GLU L 534 7.00 17.67 -40.91
C GLU L 534 6.02 18.62 -41.60
N TYR L 535 4.86 18.88 -40.98
CA TYR L 535 3.88 19.79 -41.56
C TYR L 535 4.17 21.22 -41.15
N LYS L 536 3.55 22.19 -41.85
CA LYS L 536 3.65 23.61 -41.55
C LYS L 536 2.24 24.18 -41.44
N THR L 537 1.95 24.83 -40.31
CA THR L 537 0.64 25.46 -40.10
C THR L 537 0.76 26.90 -40.59
N VAL L 538 0.19 27.17 -41.76
CA VAL L 538 0.24 28.50 -42.36
C VAL L 538 -0.85 29.38 -41.78
N ILE L 539 -0.42 30.38 -41.00
CA ILE L 539 -1.32 31.31 -40.35
C ILE L 539 -0.99 32.75 -40.77
N PRO L 540 -1.82 33.38 -41.64
CA PRO L 540 -1.54 34.77 -42.01
C PRO L 540 -1.98 35.72 -40.89
N SER L 541 -1.80 37.03 -41.11
CA SER L 541 -2.22 38.07 -40.17
C SER L 541 -3.74 37.97 -40.02
N PRO L 542 -4.29 37.94 -38.78
CA PRO L 542 -5.76 37.82 -38.64
C PRO L 542 -6.49 39.06 -39.13
N TYR L 543 -7.66 38.87 -39.75
CA TYR L 543 -8.45 40.00 -40.23
C TYR L 543 -9.31 40.54 -39.12
N VAL L 544 -8.86 41.63 -38.50
CA VAL L 544 -9.57 42.31 -37.43
C VAL L 544 -10.44 43.38 -38.08
N LYS L 545 -11.74 43.08 -38.27
CA LYS L 545 -12.67 44.03 -38.88
C LYS L 545 -13.24 44.96 -37.81
N CYS L 546 -12.73 46.20 -37.77
CA CYS L 546 -13.18 47.22 -36.82
C CYS L 546 -14.54 47.74 -37.25
N CYS L 547 -15.48 47.79 -36.29
CA CYS L 547 -16.86 48.29 -36.47
C CYS L 547 -17.70 47.47 -37.48
N GLY L 548 -17.32 46.21 -37.68
CA GLY L 548 -18.01 45.33 -38.61
C GLY L 548 -17.87 43.84 -38.31
N THR L 549 -18.60 43.02 -39.08
CA THR L 549 -18.59 41.56 -38.95
C THR L 549 -17.91 40.94 -40.16
N ALA L 550 -16.82 40.19 -39.90
CA ALA L 550 -16.05 39.48 -40.94
C ALA L 550 -16.79 38.18 -41.29
N GLU L 551 -16.60 37.66 -42.51
CA GLU L 551 -17.26 36.44 -42.98
C GLU L 551 -16.28 35.37 -43.46
N CYS L 552 -16.42 34.14 -42.93
CA CYS L 552 -15.60 32.98 -43.30
C CYS L 552 -16.15 32.35 -44.58
N LYS L 553 -15.24 31.98 -45.50
CA LYS L 553 -15.60 31.30 -46.74
C LYS L 553 -14.84 29.98 -46.86
N ASP L 554 -15.49 28.95 -47.43
CA ASP L 554 -14.90 27.62 -47.60
C ASP L 554 -13.80 27.63 -48.67
N LYS L 555 -12.55 27.47 -48.22
CA LYS L 555 -11.36 27.44 -49.08
C LYS L 555 -10.85 26.01 -49.21
N ASN L 556 -10.64 25.55 -50.45
CA ASN L 556 -10.14 24.20 -50.72
C ASN L 556 -8.63 24.11 -50.44
N LEU L 557 -8.29 24.08 -49.14
CA LEU L 557 -6.92 23.99 -48.64
C LEU L 557 -6.85 22.87 -47.59
N PRO L 558 -5.69 22.16 -47.44
CA PRO L 558 -5.65 21.07 -46.45
C PRO L 558 -5.77 21.56 -45.00
N ASP L 559 -6.68 20.93 -44.23
CA ASP L 559 -7.02 21.27 -42.85
C ASP L 559 -7.43 22.74 -42.69
N TYR L 560 -8.17 23.29 -43.69
CA TYR L 560 -8.61 24.67 -43.64
C TYR L 560 -9.55 24.93 -42.47
N SER L 561 -9.18 25.90 -41.64
CA SER L 561 -9.92 26.29 -40.45
C SER L 561 -10.18 27.78 -40.48
N CYS L 562 -11.43 28.19 -40.24
CA CYS L 562 -11.84 29.59 -40.21
C CYS L 562 -12.88 29.80 -39.12
N LYS L 563 -12.68 30.86 -38.32
CA LYS L 563 -13.60 31.24 -37.25
C LYS L 563 -13.60 32.75 -37.04
N VAL L 564 -14.81 33.33 -36.91
CA VAL L 564 -15.00 34.76 -36.68
C VAL L 564 -15.38 34.94 -35.20
N PHE L 565 -14.55 35.69 -34.47
CA PHE L 565 -14.74 35.95 -33.04
C PHE L 565 -15.32 37.34 -32.81
N THR L 566 -16.50 37.40 -32.16
CA THR L 566 -17.22 38.64 -31.87
C THR L 566 -16.81 39.21 -30.49
N GLY L 567 -17.05 40.51 -30.30
CA GLY L 567 -16.76 41.21 -29.06
C GLY L 567 -15.29 41.41 -28.76
N VAL L 568 -14.46 41.52 -29.80
CA VAL L 568 -13.02 41.73 -29.64
C VAL L 568 -12.68 43.23 -29.53
N TYR L 569 -11.64 43.56 -28.76
CA TYR L 569 -11.17 44.93 -28.59
C TYR L 569 -9.63 44.87 -28.48
N PRO L 570 -8.93 44.60 -29.60
CA PRO L 570 -7.47 44.45 -29.52
C PRO L 570 -6.69 45.75 -29.38
N PHE L 571 -5.54 45.66 -28.71
CA PHE L 571 -4.65 46.77 -28.45
C PHE L 571 -3.30 46.58 -29.12
N MET L 572 -2.71 47.68 -29.59
CA MET L 572 -1.37 47.74 -30.13
C MET L 572 -0.60 48.64 -29.16
N TRP L 573 0.72 48.87 -29.36
CA TRP L 573 1.54 49.68 -28.46
C TRP L 573 0.96 51.09 -28.15
N GLY L 574 0.44 51.77 -29.16
CA GLY L 574 -0.11 53.11 -29.06
C GLY L 574 -1.59 53.24 -28.72
N GLY L 575 -2.17 52.14 -28.23
CA GLY L 575 -3.58 52.09 -27.85
C GLY L 575 -4.42 51.09 -28.63
N ALA L 576 -5.75 51.26 -28.57
CA ALA L 576 -6.72 50.41 -29.24
C ALA L 576 -6.65 50.49 -30.76
N TYR L 577 -6.69 49.31 -31.42
CA TYR L 577 -6.64 49.19 -32.88
C TYR L 577 -7.96 49.62 -33.54
N CYS L 578 -9.10 49.40 -32.86
CA CYS L 578 -10.43 49.74 -33.37
C CYS L 578 -11.02 51.00 -32.72
N PHE L 579 -11.80 51.76 -33.52
CA PHE L 579 -12.50 52.98 -33.07
C PHE L 579 -13.68 52.62 -32.18
N CYS L 580 -14.40 51.54 -32.53
CA CYS L 580 -15.58 51.05 -31.82
C CYS L 580 -15.22 50.27 -30.55
N ASP L 581 -16.04 50.43 -29.50
CA ASP L 581 -15.87 49.72 -28.23
C ASP L 581 -16.38 48.28 -28.40
N ALA L 582 -17.59 48.14 -28.97
CA ALA L 582 -18.24 46.87 -29.27
C ALA L 582 -18.37 46.73 -30.81
N GLU L 583 -18.89 45.57 -31.29
CA GLU L 583 -19.10 45.26 -32.71
C GLU L 583 -17.83 45.11 -33.59
N ASN L 584 -16.70 44.75 -32.97
CA ASN L 584 -15.46 44.48 -33.70
C ASN L 584 -15.29 42.96 -33.77
N THR L 585 -14.87 42.45 -34.94
CA THR L 585 -14.70 41.01 -35.13
C THR L 585 -13.30 40.65 -35.60
N GLN L 586 -12.80 39.47 -35.18
CA GLN L 586 -11.51 38.96 -35.63
C GLN L 586 -11.73 37.67 -36.39
N LEU L 587 -11.31 37.66 -37.67
CA LEU L 587 -11.38 36.47 -38.52
C LEU L 587 -10.03 35.78 -38.42
N SER L 588 -10.00 34.61 -37.80
CA SER L 588 -8.81 33.79 -37.67
C SER L 588 -8.88 32.69 -38.72
N GLU L 589 -7.82 32.56 -39.52
CA GLU L 589 -7.75 31.53 -40.56
C GLU L 589 -6.41 30.83 -40.60
N ALA L 590 -6.44 29.52 -40.90
CA ALA L 590 -5.25 28.67 -40.97
C ALA L 590 -5.47 27.47 -41.88
N HIS L 591 -4.36 26.96 -42.45
CA HIS L 591 -4.33 25.76 -43.28
C HIS L 591 -2.99 25.04 -43.11
N VAL L 592 -2.93 23.77 -43.51
CA VAL L 592 -1.74 22.95 -43.39
C VAL L 592 -1.16 22.66 -44.78
N GLU L 593 0.16 22.73 -44.90
CA GLU L 593 0.90 22.42 -46.13
C GLU L 593 2.26 21.82 -45.74
N LYS L 594 3.04 21.36 -46.73
CA LYS L 594 4.37 20.80 -46.48
C LYS L 594 5.30 21.88 -45.93
N SER L 595 6.14 21.51 -44.95
CA SER L 595 7.13 22.42 -44.39
C SER L 595 8.28 22.59 -45.38
N GLU L 596 9.10 23.63 -45.18
CA GLU L 596 10.26 23.95 -46.01
C GLU L 596 11.28 22.80 -45.95
N SER L 597 11.22 22.01 -44.87
CA SER L 597 12.07 20.86 -44.56
C SER L 597 11.76 19.61 -45.40
N CYS L 598 10.56 19.53 -45.98
CA CYS L 598 10.09 18.37 -46.76
C CYS L 598 10.97 17.87 -47.90
N LYS L 599 11.81 18.74 -48.46
CA LYS L 599 12.75 18.40 -49.53
C LYS L 599 13.97 17.68 -48.95
N THR L 600 14.36 18.05 -47.71
CA THR L 600 15.53 17.52 -47.00
C THR L 600 15.17 16.40 -46.00
N GLU L 601 14.16 16.63 -45.14
CA GLU L 601 13.72 15.69 -44.12
C GLU L 601 12.38 15.07 -44.49
N PHE L 602 12.41 13.83 -44.98
CA PHE L 602 11.20 13.11 -45.40
C PHE L 602 11.34 11.59 -45.34
N ALA L 603 10.19 10.90 -45.22
CA ALA L 603 10.08 9.44 -45.22
C ALA L 603 9.19 9.05 -46.40
N SER L 604 9.60 8.02 -47.15
CA SER L 604 8.84 7.57 -48.32
C SER L 604 8.13 6.25 -48.07
N ALA L 605 6.83 6.18 -48.42
CA ALA L 605 6.00 5.00 -48.27
C ALA L 605 5.97 4.25 -49.61
N TYR L 606 6.53 3.02 -49.64
CA TYR L 606 6.62 2.21 -50.85
C TYR L 606 5.87 0.88 -50.74
N ARG L 607 5.33 0.42 -51.88
CA ARG L 607 4.69 -0.89 -52.01
C ARG L 607 5.76 -1.78 -52.63
N ALA L 608 6.34 -2.70 -51.83
CA ALA L 608 7.40 -3.60 -52.26
C ALA L 608 6.89 -4.97 -52.68
N HIS L 609 7.21 -5.37 -53.93
CA HIS L 609 6.81 -6.66 -54.51
C HIS L 609 7.96 -7.40 -55.21
N THR L 610 7.78 -8.74 -55.38
CA THR L 610 8.67 -9.73 -56.01
C THR L 610 10.10 -9.25 -56.32
N ALA L 611 11.03 -9.50 -55.39
CA ALA L 611 12.43 -9.11 -55.48
C ALA L 611 13.22 -9.96 -56.47
N SER L 612 14.15 -9.31 -57.20
CA SER L 612 15.04 -9.95 -58.15
C SER L 612 16.37 -10.22 -57.42
N ALA L 613 16.76 -11.50 -57.34
CA ALA L 613 17.99 -11.91 -56.65
C ALA L 613 19.18 -11.81 -57.59
N SER L 614 20.27 -11.18 -57.13
CA SER L 614 21.51 -10.98 -57.87
C SER L 614 22.70 -11.45 -57.04
N ALA L 615 23.74 -11.99 -57.69
CA ALA L 615 24.92 -12.49 -56.99
C ALA L 615 26.23 -12.10 -57.66
N LYS L 616 27.22 -11.73 -56.83
CA LYS L 616 28.58 -11.38 -57.24
C LYS L 616 29.45 -12.53 -56.75
N LEU L 617 30.07 -13.26 -57.69
CA LEU L 617 30.87 -14.44 -57.37
C LEU L 617 32.30 -14.33 -57.86
N ARG L 618 33.26 -14.59 -56.95
CA ARG L 618 34.68 -14.61 -57.25
C ARG L 618 35.06 -16.06 -57.57
N VAL L 619 35.67 -16.28 -58.75
CA VAL L 619 36.08 -17.61 -59.17
C VAL L 619 37.59 -17.62 -59.47
N LEU L 620 38.36 -18.48 -58.77
CA LEU L 620 39.79 -18.63 -59.04
C LEU L 620 39.85 -19.57 -60.25
N TYR L 621 39.97 -18.97 -61.44
CA TYR L 621 39.96 -19.66 -62.72
C TYR L 621 41.25 -19.38 -63.48
N GLN L 622 42.03 -20.46 -63.73
CA GLN L 622 43.32 -20.46 -64.43
C GLN L 622 44.40 -19.59 -63.73
N GLY L 623 44.47 -19.72 -62.41
CA GLY L 623 45.40 -18.99 -61.55
C GLY L 623 45.08 -17.52 -61.36
N ASN L 624 43.95 -17.06 -61.91
CA ASN L 624 43.48 -15.68 -61.84
C ASN L 624 42.08 -15.59 -61.23
N ASN L 625 41.80 -14.49 -60.54
CA ASN L 625 40.49 -14.26 -59.92
C ASN L 625 39.57 -13.53 -60.89
N ILE L 626 38.45 -14.17 -61.24
CA ILE L 626 37.44 -13.61 -62.12
C ILE L 626 36.17 -13.28 -61.34
N THR L 627 35.51 -12.17 -61.69
CA THR L 627 34.28 -11.74 -61.02
C THR L 627 33.08 -11.94 -61.94
N VAL L 628 32.05 -12.65 -61.44
CA VAL L 628 30.84 -12.94 -62.18
C VAL L 628 29.65 -12.33 -61.45
N THR L 629 28.94 -11.41 -62.12
CA THR L 629 27.75 -10.77 -61.58
C THR L 629 26.56 -11.23 -62.42
N ALA L 630 25.64 -11.99 -61.80
CA ALA L 630 24.48 -12.55 -62.47
C ALA L 630 23.25 -12.63 -61.58
N TYR L 631 22.06 -12.63 -62.19
CA TYR L 631 20.79 -12.79 -61.50
C TYR L 631 20.67 -14.26 -61.11
N ALA L 632 20.42 -14.53 -59.82
CA ALA L 632 20.31 -15.88 -59.27
C ALA L 632 18.94 -16.54 -59.53
N ASN L 633 18.49 -16.51 -60.80
CA ASN L 633 17.22 -17.07 -61.27
C ASN L 633 17.38 -18.38 -62.05
N GLY L 634 18.63 -18.75 -62.35
CA GLY L 634 18.95 -19.95 -63.10
C GLY L 634 18.66 -19.84 -64.59
N ASP L 635 18.66 -18.60 -65.11
CA ASP L 635 18.38 -18.31 -66.52
C ASP L 635 19.40 -17.34 -67.13
N HIS L 636 19.82 -16.32 -66.34
CA HIS L 636 20.79 -15.30 -66.75
C HIS L 636 22.20 -15.88 -66.94
N ALA L 637 22.59 -16.09 -68.21
CA ALA L 637 23.90 -16.63 -68.56
C ALA L 637 24.92 -15.51 -68.72
N VAL L 638 26.02 -15.57 -67.95
CA VAL L 638 27.10 -14.59 -67.97
C VAL L 638 28.41 -15.29 -68.35
N THR L 639 29.03 -14.84 -69.44
CA THR L 639 30.27 -15.42 -69.96
C THR L 639 31.49 -14.54 -69.65
N VAL L 640 32.46 -15.11 -68.91
CA VAL L 640 33.71 -14.46 -68.53
C VAL L 640 34.84 -15.43 -68.91
N LYS L 641 35.75 -14.98 -69.81
CA LYS L 641 36.90 -15.73 -70.33
C LYS L 641 36.46 -17.08 -70.96
N ASP L 642 35.37 -17.02 -71.76
CA ASP L 642 34.74 -18.13 -72.47
C ASP L 642 33.99 -19.16 -71.60
N ALA L 643 34.00 -18.97 -70.26
CA ALA L 643 33.29 -19.83 -69.31
C ALA L 643 31.90 -19.24 -69.03
N LYS L 644 30.84 -19.98 -69.41
CA LYS L 644 29.45 -19.57 -69.25
C LYS L 644 28.94 -19.92 -67.86
N PHE L 645 28.46 -18.89 -67.12
CA PHE L 645 27.95 -19.05 -65.76
C PHE L 645 26.45 -18.87 -65.67
N ILE L 646 25.78 -19.83 -65.02
CA ILE L 646 24.35 -19.81 -64.74
C ILE L 646 24.22 -20.00 -63.23
N VAL L 647 23.79 -18.94 -62.54
CA VAL L 647 23.66 -18.88 -61.09
C VAL L 647 22.18 -19.03 -60.67
N GLY L 648 21.95 -19.88 -59.69
CA GLY L 648 20.62 -20.15 -59.15
C GLY L 648 19.84 -21.23 -59.88
N PRO L 649 18.50 -21.33 -59.68
CA PRO L 649 17.64 -20.49 -58.81
C PRO L 649 17.87 -20.72 -57.32
N MET L 650 17.69 -19.67 -56.52
CA MET L 650 17.85 -19.68 -55.06
C MET L 650 16.93 -20.72 -54.42
N SER L 651 17.43 -21.52 -53.46
CA SER L 651 16.63 -22.54 -52.78
C SER L 651 15.57 -21.91 -51.88
N SER L 652 15.85 -20.70 -51.37
CA SER L 652 14.93 -19.94 -50.53
C SER L 652 14.49 -18.66 -51.25
N ALA L 653 13.18 -18.41 -51.27
CA ALA L 653 12.57 -17.22 -51.88
C ALA L 653 12.28 -16.16 -50.79
N TRP L 654 12.87 -16.35 -49.59
CA TRP L 654 12.72 -15.48 -48.42
C TRP L 654 13.31 -14.09 -48.64
N THR L 655 12.58 -13.07 -48.14
CA THR L 655 12.94 -11.65 -48.20
C THR L 655 12.69 -10.97 -46.83
N PRO L 656 13.58 -10.08 -46.35
CA PRO L 656 13.30 -9.40 -45.07
C PRO L 656 12.25 -8.29 -45.19
N PHE L 657 11.86 -7.96 -46.44
CA PHE L 657 10.88 -6.92 -46.74
C PHE L 657 9.46 -7.44 -46.85
N ASP L 658 8.52 -6.75 -46.20
CA ASP L 658 7.09 -7.06 -46.26
C ASP L 658 6.49 -6.37 -47.50
N ASN L 659 5.16 -6.48 -47.70
CA ASN L 659 4.45 -5.88 -48.83
C ASN L 659 4.52 -4.35 -48.81
N LYS L 660 4.50 -3.75 -47.61
CA LYS L 660 4.56 -2.31 -47.41
C LYS L 660 5.80 -1.91 -46.62
N ILE L 661 6.63 -1.00 -47.17
CA ILE L 661 7.87 -0.52 -46.53
C ILE L 661 7.95 1.00 -46.44
N VAL L 662 8.72 1.51 -45.46
CA VAL L 662 8.96 2.93 -45.24
C VAL L 662 10.47 3.17 -45.25
N VAL L 663 10.92 4.16 -46.06
CA VAL L 663 12.34 4.49 -46.22
C VAL L 663 12.64 5.91 -45.73
N TYR L 664 13.62 6.02 -44.79
CA TYR L 664 14.10 7.28 -44.27
C TYR L 664 15.62 7.29 -44.38
N LYS L 665 16.14 8.10 -45.33
CA LYS L 665 17.57 8.25 -45.64
C LYS L 665 18.22 6.88 -45.95
N GLY L 666 19.07 6.39 -45.05
CA GLY L 666 19.74 5.10 -45.22
C GLY L 666 19.09 3.96 -44.45
N ASP L 667 17.88 4.20 -43.90
CA ASP L 667 17.14 3.22 -43.10
C ASP L 667 15.82 2.80 -43.74
N VAL L 668 15.54 1.49 -43.69
CA VAL L 668 14.31 0.88 -44.23
C VAL L 668 13.55 0.22 -43.08
N TYR L 669 12.21 0.37 -43.07
CA TYR L 669 11.35 -0.18 -42.03
C TYR L 669 10.18 -0.94 -42.64
N ASN L 670 9.82 -2.09 -42.05
CA ASN L 670 8.65 -2.86 -42.45
C ASN L 670 7.49 -2.21 -41.71
N MET L 671 6.59 -1.53 -42.44
CA MET L 671 5.48 -0.83 -41.81
C MET L 671 4.22 -0.88 -42.66
N ASP L 672 3.11 -1.28 -42.01
CA ASP L 672 1.78 -1.29 -42.64
C ASP L 672 1.25 0.14 -42.48
N TYR L 673 1.88 1.08 -43.22
CA TYR L 673 1.58 2.52 -43.19
C TYR L 673 0.13 2.82 -43.59
N PRO L 674 -0.50 3.89 -43.05
CA PRO L 674 -1.88 4.17 -43.46
C PRO L 674 -1.97 4.56 -44.93
N PRO L 675 -3.04 4.17 -45.65
CA PRO L 675 -3.16 4.56 -47.08
C PRO L 675 -3.29 6.08 -47.23
N PHE L 676 -3.12 6.59 -48.48
CA PHE L 676 -3.26 8.03 -48.74
C PHE L 676 -4.69 8.45 -48.45
N GLY L 677 -4.83 9.51 -47.66
CA GLY L 677 -6.13 10.03 -47.24
C GLY L 677 -6.71 9.35 -46.02
N ALA L 678 -5.86 8.57 -45.29
CA ALA L 678 -6.26 7.83 -44.09
C ALA L 678 -5.34 8.09 -42.89
N GLY L 679 -4.43 9.05 -43.03
CA GLY L 679 -3.49 9.44 -41.98
C GLY L 679 -4.16 10.02 -40.75
N ARG L 680 -3.65 9.67 -39.56
CA ARG L 680 -4.20 10.11 -38.29
C ARG L 680 -3.40 11.26 -37.65
N PRO L 681 -4.04 12.16 -36.83
CA PRO L 681 -3.29 13.25 -36.20
C PRO L 681 -2.22 12.77 -35.21
N GLY L 682 -1.07 13.42 -35.23
CA GLY L 682 0.07 13.12 -34.37
C GLY L 682 0.76 11.78 -34.63
N GLN L 683 0.42 11.14 -35.76
CA GLN L 683 0.94 9.85 -36.17
C GLN L 683 1.52 9.91 -37.59
N PHE L 684 2.32 8.88 -37.97
CA PHE L 684 2.92 8.76 -39.30
C PHE L 684 1.82 8.87 -40.36
N GLY L 685 1.91 9.91 -41.18
CA GLY L 685 0.94 10.15 -42.24
C GLY L 685 -0.08 11.23 -41.94
N ASP L 686 0.11 12.03 -40.86
CA ASP L 686 -0.78 13.15 -40.50
C ASP L 686 -0.85 14.14 -41.67
N ILE L 687 0.24 14.20 -42.44
CA ILE L 687 0.40 14.94 -43.68
C ILE L 687 0.91 13.93 -44.72
N GLN L 688 0.25 13.89 -45.89
CA GLN L 688 0.62 12.96 -46.96
C GLN L 688 0.70 13.67 -48.30
N SER L 689 1.83 13.49 -49.00
CA SER L 689 2.09 14.06 -50.32
C SER L 689 2.44 12.91 -51.25
N ARG L 690 1.65 12.70 -52.33
CA ARG L 690 1.84 11.63 -53.31
C ARG L 690 3.27 11.57 -53.89
N THR L 691 3.84 12.74 -54.19
CA THR L 691 5.20 12.93 -54.71
C THR L 691 5.86 14.10 -53.93
N PRO L 692 7.20 14.24 -53.86
CA PRO L 692 7.77 15.39 -53.13
C PRO L 692 7.54 16.75 -53.80
N GLU L 693 7.20 16.75 -55.11
CA GLU L 693 6.94 17.94 -55.91
C GLU L 693 5.46 18.38 -55.90
N SER L 694 4.56 17.48 -55.45
CA SER L 694 3.10 17.66 -55.38
C SER L 694 2.68 18.97 -54.71
N LYS L 695 1.78 19.73 -55.37
CA LYS L 695 1.27 21.01 -54.87
C LYS L 695 0.20 20.81 -53.81
N ASP L 696 -0.75 19.88 -54.05
CA ASP L 696 -1.82 19.55 -53.12
C ASP L 696 -1.42 18.39 -52.22
N VAL L 697 -1.68 18.52 -50.92
CA VAL L 697 -1.35 17.50 -49.91
C VAL L 697 -2.58 17.13 -49.07
N TYR L 698 -2.55 15.95 -48.45
CA TYR L 698 -3.60 15.52 -47.53
C TYR L 698 -3.14 15.90 -46.13
N ALA L 699 -4.05 16.39 -45.29
CA ALA L 699 -3.72 16.76 -43.91
C ALA L 699 -4.85 16.47 -42.94
N ASN L 700 -4.49 15.84 -41.81
CA ASN L 700 -5.39 15.52 -40.71
C ASN L 700 -4.55 15.68 -39.44
N THR L 701 -4.45 16.93 -38.98
CA THR L 701 -3.64 17.31 -37.82
C THR L 701 -4.47 17.75 -36.60
N GLN L 702 -5.81 17.71 -36.71
CA GLN L 702 -6.77 18.11 -35.66
C GLN L 702 -6.63 19.60 -35.30
N LEU L 703 -6.41 20.44 -36.33
CA LEU L 703 -6.24 21.89 -36.21
C LEU L 703 -7.57 22.56 -35.81
N VAL L 704 -7.58 23.21 -34.63
CA VAL L 704 -8.75 23.90 -34.08
C VAL L 704 -8.33 25.30 -33.63
N LEU L 705 -8.96 26.34 -34.20
CA LEU L 705 -8.66 27.73 -33.87
C LEU L 705 -9.39 28.15 -32.58
N GLN L 706 -8.68 28.89 -31.72
CA GLN L 706 -9.19 29.34 -30.42
C GLN L 706 -9.44 30.85 -30.39
N ARG L 707 -10.30 31.31 -29.46
CA ARG L 707 -10.61 32.73 -29.27
C ARG L 707 -9.37 33.46 -28.75
N PRO L 708 -8.95 34.60 -29.39
CA PRO L 708 -7.76 35.31 -28.90
C PRO L 708 -7.94 35.91 -27.51
N ALA L 709 -6.81 36.12 -26.80
CA ALA L 709 -6.76 36.71 -25.47
C ALA L 709 -7.29 38.14 -25.50
N ALA L 710 -7.86 38.61 -24.37
CA ALA L 710 -8.43 39.94 -24.23
C ALA L 710 -7.41 41.03 -24.61
N GLY L 711 -7.80 41.87 -25.57
CA GLY L 711 -6.99 42.97 -26.09
C GLY L 711 -5.68 42.56 -26.75
N THR L 712 -5.62 41.32 -27.26
CA THR L 712 -4.41 40.77 -27.87
C THR L 712 -4.61 40.36 -29.32
N VAL L 713 -3.68 40.79 -30.20
CA VAL L 713 -3.69 40.38 -31.61
C VAL L 713 -2.74 39.20 -31.72
N HIS L 714 -3.31 38.02 -31.96
CA HIS L 714 -2.63 36.73 -32.16
C HIS L 714 -3.65 35.71 -32.64
N VAL L 715 -3.16 34.56 -33.13
CA VAL L 715 -4.04 33.49 -33.62
C VAL L 715 -3.78 32.22 -32.79
N PRO L 716 -4.40 32.08 -31.59
CA PRO L 716 -4.19 30.86 -30.79
C PRO L 716 -4.90 29.67 -31.41
N TYR L 717 -4.31 28.48 -31.26
CA TYR L 717 -4.83 27.24 -31.84
C TYR L 717 -4.36 26.01 -31.08
N SER L 718 -5.09 24.89 -31.26
CA SER L 718 -4.74 23.57 -30.73
C SER L 718 -4.56 22.65 -31.93
N GLN L 719 -3.47 21.87 -31.91
CA GLN L 719 -3.13 20.97 -33.01
C GLN L 719 -2.26 19.82 -32.50
N ALA L 720 -2.46 18.61 -33.05
CA ALA L 720 -1.67 17.44 -32.68
C ALA L 720 -0.25 17.63 -33.23
N PRO L 721 0.81 17.40 -32.41
CA PRO L 721 2.19 17.61 -32.91
C PRO L 721 2.58 16.74 -34.11
N SER L 722 3.61 17.17 -34.86
CA SER L 722 4.12 16.49 -36.06
C SER L 722 4.24 14.97 -35.92
N GLY L 723 3.51 14.26 -36.77
CA GLY L 723 3.50 12.80 -36.82
C GLY L 723 4.82 12.23 -37.30
N PHE L 724 5.50 12.97 -38.22
CA PHE L 724 6.80 12.60 -38.76
C PHE L 724 7.88 12.72 -37.67
N LYS L 725 7.84 13.82 -36.89
CA LYS L 725 8.76 14.07 -35.77
C LYS L 725 8.56 12.99 -34.71
N TYR L 726 7.29 12.58 -34.50
CA TYR L 726 6.91 11.54 -33.55
C TYR L 726 7.41 10.19 -34.05
N TRP L 727 7.22 9.88 -35.34
CA TRP L 727 7.71 8.62 -35.92
C TRP L 727 9.23 8.51 -35.85
N LEU L 728 9.96 9.63 -36.09
CA LEU L 728 11.43 9.65 -36.03
C LEU L 728 12.00 9.15 -34.72
N LYS L 729 11.29 9.39 -33.60
CA LYS L 729 11.71 8.94 -32.27
C LYS L 729 11.06 7.60 -31.86
N GLU L 730 9.94 7.23 -32.50
CA GLU L 730 9.17 6.00 -32.19
C GLU L 730 9.40 4.84 -33.16
N ARG L 731 10.12 5.08 -34.28
CA ARG L 731 10.39 4.08 -35.32
C ARG L 731 11.06 2.80 -34.85
N GLY L 732 11.91 2.90 -33.85
CA GLY L 732 12.68 1.78 -33.32
C GLY L 732 13.85 1.47 -34.22
N ALA L 733 14.46 0.29 -34.06
CA ALA L 733 15.60 -0.13 -34.88
C ALA L 733 15.15 -0.50 -36.29
N SER L 734 15.93 -0.09 -37.30
CA SER L 734 15.65 -0.37 -38.72
C SER L 734 15.95 -1.83 -39.08
N LEU L 735 15.56 -2.25 -40.31
CA LEU L 735 15.76 -3.61 -40.82
C LEU L 735 17.22 -4.11 -40.77
N GLN L 736 18.20 -3.18 -40.93
CA GLN L 736 19.65 -3.45 -40.86
C GLN L 736 20.03 -4.12 -39.51
N HIS L 737 19.26 -3.81 -38.45
CA HIS L 737 19.48 -4.31 -37.10
C HIS L 737 18.54 -5.43 -36.67
N THR L 738 17.30 -5.45 -37.20
CA THR L 738 16.28 -6.44 -36.79
C THR L 738 16.11 -7.67 -37.71
N ALA L 739 16.49 -7.55 -39.00
CA ALA L 739 16.29 -8.63 -39.98
C ALA L 739 17.02 -9.94 -39.66
N PRO L 740 16.34 -11.09 -39.85
CA PRO L 740 17.00 -12.40 -39.63
C PRO L 740 18.08 -12.69 -40.68
N PHE L 741 18.80 -13.82 -40.51
CA PHE L 741 19.85 -14.32 -41.41
C PHE L 741 21.04 -13.37 -41.68
N GLY L 742 21.26 -12.42 -40.77
CA GLY L 742 22.33 -11.44 -40.84
C GLY L 742 22.27 -10.49 -42.02
N CYS L 743 21.04 -10.14 -42.48
CA CYS L 743 20.79 -9.24 -43.60
C CYS L 743 21.40 -7.86 -43.36
N GLN L 744 22.04 -7.32 -44.39
CA GLN L 744 22.59 -5.95 -44.40
C GLN L 744 21.58 -5.18 -45.26
N ILE L 745 21.14 -4.02 -44.80
CA ILE L 745 20.15 -3.23 -45.54
C ILE L 745 20.74 -1.93 -46.07
N ALA L 746 20.64 -1.71 -47.39
CA ALA L 746 21.15 -0.52 -48.07
C ALA L 746 20.02 0.20 -48.82
N THR L 747 20.24 1.50 -49.12
CA THR L 747 19.30 2.35 -49.85
C THR L 747 19.94 2.88 -51.14
N ASN L 748 19.11 3.47 -52.02
CA ASN L 748 19.49 4.04 -53.32
C ASN L 748 20.24 3.05 -54.24
N PRO L 749 19.62 1.92 -54.70
CA PRO L 749 18.25 1.47 -54.45
C PRO L 749 18.10 0.63 -53.18
N VAL L 750 16.85 0.52 -52.66
CA VAL L 750 16.52 -0.28 -51.47
C VAL L 750 16.80 -1.75 -51.78
N ARG L 751 17.68 -2.38 -50.98
CA ARG L 751 18.10 -3.77 -51.19
C ARG L 751 18.56 -4.50 -49.91
N ALA L 752 18.40 -5.83 -49.90
CA ALA L 752 18.84 -6.71 -48.83
C ALA L 752 20.13 -7.35 -49.31
N VAL L 753 21.23 -7.13 -48.57
CA VAL L 753 22.55 -7.64 -48.94
C VAL L 753 23.03 -8.69 -47.94
N ASN L 754 23.56 -9.82 -48.47
CA ASN L 754 24.15 -10.93 -47.71
C ASN L 754 23.24 -11.62 -46.68
N CYS L 755 22.00 -11.93 -47.08
CA CYS L 755 21.06 -12.66 -46.23
C CYS L 755 21.46 -14.13 -46.31
N ALA L 756 22.05 -14.67 -45.22
CA ALA L 756 22.53 -16.05 -45.17
C ALA L 756 21.37 -17.05 -45.00
N VAL L 757 20.65 -17.30 -46.11
CA VAL L 757 19.51 -18.22 -46.14
C VAL L 757 19.54 -19.16 -47.36
N GLY L 758 19.45 -20.45 -47.09
CA GLY L 758 19.44 -21.50 -48.09
C GLY L 758 20.76 -21.71 -48.80
N ASN L 759 20.69 -22.31 -50.00
CA ASN L 759 21.85 -22.60 -50.84
C ASN L 759 21.72 -22.00 -52.23
N MET L 760 22.81 -22.06 -53.03
CA MET L 760 22.83 -21.51 -54.36
C MET L 760 23.47 -22.45 -55.39
N PRO L 761 22.69 -23.00 -56.34
CA PRO L 761 23.26 -23.87 -57.38
C PRO L 761 24.08 -23.04 -58.38
N ILE L 762 25.23 -23.59 -58.81
CA ILE L 762 26.13 -22.94 -59.77
C ILE L 762 26.40 -23.87 -60.95
N SER L 763 26.20 -23.35 -62.17
CA SER L 763 26.45 -24.04 -63.42
C SER L 763 27.57 -23.31 -64.16
N ILE L 764 28.67 -24.02 -64.48
CA ILE L 764 29.81 -23.45 -65.20
C ILE L 764 30.09 -24.29 -66.45
N ASP L 765 29.94 -23.68 -67.62
CA ASP L 765 30.22 -24.33 -68.90
C ASP L 765 31.67 -23.97 -69.26
N ILE L 766 32.62 -24.78 -68.75
CA ILE L 766 34.05 -24.58 -68.92
C ILE L 766 34.49 -24.92 -70.36
N PRO L 767 35.16 -23.98 -71.08
CA PRO L 767 35.57 -24.27 -72.47
C PRO L 767 36.64 -25.36 -72.60
N GLU L 768 36.69 -25.97 -73.80
CA GLU L 768 37.60 -27.04 -74.22
C GLU L 768 39.08 -26.73 -73.97
N ALA L 769 39.50 -25.50 -74.26
CA ALA L 769 40.88 -25.09 -74.05
C ALA L 769 41.18 -24.86 -72.59
N ALA L 770 40.19 -25.12 -71.73
CA ALA L 770 40.35 -24.95 -70.29
C ALA L 770 40.59 -26.28 -69.60
N PHE L 771 40.73 -27.35 -70.39
CA PHE L 771 40.95 -28.69 -69.85
C PHE L 771 42.20 -29.33 -70.48
N THR L 772 42.61 -30.45 -69.91
CA THR L 772 43.78 -31.17 -70.41
C THR L 772 43.52 -32.67 -70.47
N ARG L 773 43.78 -33.27 -71.63
CA ARG L 773 43.57 -34.70 -71.81
C ARG L 773 44.44 -35.51 -70.86
N VAL L 774 43.91 -36.62 -70.36
CA VAL L 774 44.64 -37.48 -69.44
C VAL L 774 46.00 -37.87 -70.00
N VAL L 775 45.99 -38.59 -71.13
CA VAL L 775 47.24 -39.03 -71.77
C VAL L 775 48.26 -37.87 -71.79
N ASP L 776 47.78 -36.62 -72.02
CA ASP L 776 48.60 -35.41 -72.06
C ASP L 776 48.94 -34.89 -70.65
N ALA L 777 48.29 -35.45 -69.62
CA ALA L 777 48.50 -35.10 -68.22
C ALA L 777 49.41 -36.14 -67.53
N PRO L 778 50.18 -35.77 -66.47
CA PRO L 778 51.06 -36.76 -65.82
C PRO L 778 50.29 -37.90 -65.14
N SER L 779 50.87 -39.11 -65.16
CA SER L 779 50.30 -40.30 -64.54
C SER L 779 50.99 -40.54 -63.20
N LEU L 780 50.21 -40.62 -62.12
CA LEU L 780 50.73 -40.78 -60.75
C LEU L 780 50.53 -42.19 -60.20
N THR L 781 51.61 -42.75 -59.60
CA THR L 781 51.66 -44.08 -58.98
C THR L 781 52.45 -44.01 -57.67
N ASP L 782 52.47 -45.12 -56.90
CA ASP L 782 53.18 -45.29 -55.62
C ASP L 782 52.93 -44.13 -54.65
N MET L 783 51.64 -43.77 -54.47
CA MET L 783 51.23 -42.66 -53.62
C MET L 783 51.05 -43.03 -52.15
N SER L 784 51.58 -42.18 -51.27
N SER L 784 51.59 -42.18 -51.27
CA SER L 784 51.51 -42.32 -49.81
CA SER L 784 51.51 -42.33 -49.81
C SER L 784 51.24 -40.96 -49.16
C SER L 784 51.25 -40.97 -49.15
N CYS L 785 50.45 -40.95 -48.06
CA CYS L 785 50.10 -39.73 -47.36
C CYS L 785 50.43 -39.75 -45.87
N GLU L 786 51.07 -38.68 -45.39
CA GLU L 786 51.44 -38.48 -43.99
C GLU L 786 50.96 -37.11 -43.48
N VAL L 787 50.35 -37.10 -42.29
CA VAL L 787 49.82 -35.89 -41.67
C VAL L 787 50.66 -35.57 -40.41
N PRO L 788 51.69 -34.69 -40.53
CA PRO L 788 52.54 -34.38 -39.37
C PRO L 788 51.90 -33.42 -38.36
N ALA L 789 50.91 -32.62 -38.79
CA ALA L 789 50.23 -31.64 -37.94
C ALA L 789 48.78 -31.40 -38.33
N CYS L 790 47.85 -31.50 -37.35
CA CYS L 790 46.43 -31.24 -37.57
C CYS L 790 45.68 -30.69 -36.36
N THR L 791 44.85 -29.69 -36.63
CA THR L 791 43.98 -29.01 -35.68
C THR L 791 42.61 -28.87 -36.37
N HIS L 792 41.56 -29.48 -35.79
CA HIS L 792 40.23 -29.39 -36.38
C HIS L 792 39.56 -28.04 -36.06
N SER L 793 39.52 -27.16 -37.08
CA SER L 793 38.94 -25.82 -36.96
C SER L 793 38.27 -25.36 -38.27
N SER L 794 37.72 -24.12 -38.27
CA SER L 794 37.06 -23.52 -39.43
C SER L 794 38.04 -23.20 -40.57
N ASP L 795 39.32 -22.92 -40.24
CA ASP L 795 40.37 -22.63 -41.21
C ASP L 795 41.20 -23.88 -41.52
N PHE L 796 42.24 -23.72 -42.36
CA PHE L 796 43.12 -24.82 -42.76
C PHE L 796 44.16 -25.12 -41.67
N GLY L 797 43.71 -25.87 -40.66
CA GLY L 797 44.52 -26.28 -39.52
C GLY L 797 45.28 -27.57 -39.70
N GLY L 798 45.08 -28.22 -40.85
CA GLY L 798 45.73 -29.48 -41.19
C GLY L 798 46.82 -29.34 -42.24
N VAL L 799 47.90 -30.14 -42.09
CA VAL L 799 49.04 -30.18 -43.01
C VAL L 799 49.23 -31.63 -43.45
N ALA L 800 49.32 -31.87 -44.78
CA ALA L 800 49.53 -33.22 -45.32
C ALA L 800 50.65 -33.27 -46.36
N ILE L 801 51.55 -34.25 -46.22
CA ILE L 801 52.69 -34.45 -47.14
C ILE L 801 52.40 -35.71 -47.96
N ILE L 802 52.20 -35.53 -49.28
CA ILE L 802 51.89 -36.62 -50.19
C ILE L 802 53.06 -36.93 -51.11
N LYS L 803 53.59 -38.17 -51.03
CA LYS L 803 54.69 -38.66 -51.87
C LYS L 803 54.08 -39.31 -53.11
N TYR L 804 54.77 -39.18 -54.27
CA TYR L 804 54.27 -39.70 -55.54
C TYR L 804 55.37 -40.09 -56.52
N ALA L 805 54.98 -40.78 -57.60
CA ALA L 805 55.84 -41.17 -58.71
C ALA L 805 55.10 -40.74 -59.98
N ALA L 806 55.52 -39.59 -60.55
CA ALA L 806 54.91 -39.02 -61.75
C ALA L 806 55.63 -39.46 -63.02
N SER L 807 54.86 -39.84 -64.06
CA SER L 807 55.37 -40.29 -65.36
C SER L 807 56.10 -39.17 -66.12
N LYS L 808 55.60 -37.93 -65.98
CA LYS L 808 56.17 -36.73 -66.62
C LYS L 808 55.92 -35.46 -65.79
N LYS L 809 56.55 -34.33 -66.18
CA LYS L 809 56.37 -33.04 -65.51
C LYS L 809 55.08 -32.41 -66.03
N GLY L 810 54.37 -31.71 -65.14
CA GLY L 810 53.12 -31.04 -65.46
C GLY L 810 52.31 -30.62 -64.25
N LYS L 811 51.17 -29.98 -64.50
CA LYS L 811 50.25 -29.50 -63.46
C LYS L 811 49.16 -30.52 -63.17
N CYS L 812 48.92 -30.79 -61.88
CA CYS L 812 47.91 -31.72 -61.41
C CYS L 812 46.93 -31.02 -60.49
N ALA L 813 45.63 -31.33 -60.64
CA ALA L 813 44.58 -30.78 -59.79
C ALA L 813 44.54 -31.54 -58.46
N VAL L 814 44.36 -30.81 -57.35
CA VAL L 814 44.30 -31.39 -56.01
C VAL L 814 42.86 -31.25 -55.49
N HIS L 815 42.25 -32.38 -55.07
CA HIS L 815 40.87 -32.38 -54.57
C HIS L 815 40.61 -33.45 -53.52
N SER L 816 39.81 -33.10 -52.50
CA SER L 816 39.41 -34.02 -51.44
C SER L 816 38.18 -34.79 -51.89
N MET L 817 38.25 -36.12 -51.83
CA MET L 817 37.18 -37.03 -52.24
C MET L 817 36.18 -37.28 -51.10
N THR L 818 36.48 -36.73 -49.90
CA THR L 818 35.65 -36.79 -48.71
C THR L 818 35.12 -35.38 -48.45
N ASN L 819 33.78 -35.24 -48.35
CA ASN L 819 33.11 -33.95 -48.15
C ASN L 819 33.36 -33.30 -46.79
N ALA L 820 33.80 -34.07 -45.79
CA ALA L 820 34.11 -33.61 -44.44
C ALA L 820 35.48 -32.91 -44.34
N VAL L 821 36.29 -33.01 -45.40
CA VAL L 821 37.64 -32.41 -45.49
C VAL L 821 37.74 -31.56 -46.77
N THR L 822 38.34 -30.36 -46.67
CA THR L 822 38.55 -29.48 -47.82
C THR L 822 40.01 -29.04 -47.92
N ILE L 823 40.57 -29.02 -49.16
CA ILE L 823 41.96 -28.65 -49.42
C ILE L 823 42.09 -27.23 -49.97
N ARG L 824 43.05 -26.45 -49.43
CA ARG L 824 43.34 -25.07 -49.82
C ARG L 824 43.87 -24.99 -51.26
N GLU L 825 44.80 -25.90 -51.63
CA GLU L 825 45.41 -25.95 -52.95
C GLU L 825 44.45 -26.55 -53.97
N ALA L 826 44.35 -25.91 -55.14
CA ALA L 826 43.52 -26.35 -56.25
C ALA L 826 44.37 -27.02 -57.34
N GLU L 827 45.64 -26.59 -57.48
CA GLU L 827 46.58 -27.09 -58.48
C GLU L 827 48.03 -26.99 -58.00
N ILE L 828 48.81 -28.07 -58.21
CA ILE L 828 50.24 -28.12 -57.87
C ILE L 828 51.06 -28.72 -59.04
N GLU L 829 52.37 -28.39 -59.11
CA GLU L 829 53.27 -28.89 -60.14
C GLU L 829 53.95 -30.19 -59.67
N VAL L 830 53.87 -31.25 -60.50
CA VAL L 830 54.47 -32.57 -60.22
C VAL L 830 55.69 -32.87 -61.10
N GLU L 831 56.64 -33.69 -60.59
CA GLU L 831 57.85 -34.12 -61.30
C GLU L 831 58.49 -35.37 -60.66
N GLY L 832 58.44 -36.48 -61.37
CA GLY L 832 59.00 -37.78 -61.00
C GLY L 832 58.72 -38.26 -59.59
N ASN L 833 59.76 -38.78 -58.93
CA ASN L 833 59.71 -39.28 -57.55
C ASN L 833 59.97 -38.12 -56.58
N SER L 834 58.90 -37.38 -56.25
CA SER L 834 58.94 -36.23 -55.35
C SER L 834 57.76 -36.23 -54.37
N GLN L 835 57.64 -35.16 -53.57
CA GLN L 835 56.57 -34.98 -52.59
C GLN L 835 55.90 -33.61 -52.68
N LEU L 836 54.61 -33.56 -52.31
CA LEU L 836 53.81 -32.33 -52.31
C LEU L 836 53.26 -32.02 -50.91
N GLN L 837 53.12 -30.72 -50.59
CA GLN L 837 52.57 -30.29 -49.30
C GLN L 837 51.26 -29.54 -49.52
N ILE L 838 50.19 -30.02 -48.87
CA ILE L 838 48.86 -29.41 -48.96
C ILE L 838 48.34 -28.96 -47.59
N SER L 839 47.41 -27.99 -47.60
CA SER L 839 46.76 -27.46 -46.41
C SER L 839 45.29 -27.90 -46.47
N PHE L 840 44.78 -28.49 -45.37
CA PHE L 840 43.40 -28.96 -45.32
C PHE L 840 42.62 -28.48 -44.10
N SER L 841 41.29 -28.38 -44.24
CA SER L 841 40.37 -27.96 -43.19
C SER L 841 39.36 -29.07 -42.92
N THR L 842 39.14 -29.39 -41.63
CA THR L 842 38.20 -30.42 -41.17
C THR L 842 37.66 -30.10 -39.76
N ALA L 843 36.49 -30.64 -39.43
CA ALA L 843 35.86 -30.48 -38.12
C ALA L 843 35.99 -31.77 -37.30
N LEU L 844 36.41 -32.87 -37.97
CA LEU L 844 36.58 -34.20 -37.39
C LEU L 844 37.88 -34.35 -36.59
N ALA L 845 37.79 -35.02 -35.44
CA ALA L 845 38.94 -35.31 -34.56
C ALA L 845 39.79 -36.43 -35.18
N SER L 846 39.13 -37.39 -35.85
CA SER L 846 39.76 -38.51 -36.55
C SER L 846 39.34 -38.41 -38.02
N ALA L 847 40.16 -37.72 -38.82
CA ALA L 847 39.89 -37.48 -40.24
C ALA L 847 40.58 -38.47 -41.18
N GLU L 848 39.77 -39.34 -41.81
CA GLU L 848 40.21 -40.32 -42.80
C GLU L 848 39.65 -39.86 -44.13
N PHE L 849 40.53 -39.39 -45.02
CA PHE L 849 40.12 -38.82 -46.31
C PHE L 849 40.98 -39.22 -47.50
N ARG L 850 40.40 -39.16 -48.70
CA ARG L 850 41.08 -39.48 -49.96
C ARG L 850 41.39 -38.21 -50.75
N VAL L 851 42.62 -38.09 -51.23
CA VAL L 851 43.08 -36.93 -52.02
C VAL L 851 43.35 -37.37 -53.46
N GLN L 852 42.66 -36.74 -54.42
CA GLN L 852 42.86 -37.04 -55.84
C GLN L 852 43.80 -36.01 -56.46
N VAL L 853 45.04 -36.44 -56.74
CA VAL L 853 46.07 -35.61 -57.39
C VAL L 853 46.11 -36.16 -58.81
N CYS L 854 45.65 -35.34 -59.78
CA CYS L 854 45.46 -35.66 -61.20
C CYS L 854 44.35 -36.72 -61.30
N SER L 855 44.66 -37.96 -61.74
CA SER L 855 43.67 -39.03 -61.85
C SER L 855 43.89 -40.19 -60.87
N THR L 856 44.80 -40.01 -59.87
CA THR L 856 45.11 -41.03 -58.86
C THR L 856 44.72 -40.58 -57.45
N GLN L 857 44.09 -41.49 -56.68
CA GLN L 857 43.65 -41.23 -55.30
C GLN L 857 44.62 -41.79 -54.26
N VAL L 858 44.79 -41.07 -53.14
CA VAL L 858 45.65 -41.44 -52.02
C VAL L 858 44.89 -41.27 -50.70
N HIS L 859 44.98 -42.26 -49.80
CA HIS L 859 44.31 -42.22 -48.50
C HIS L 859 45.18 -41.51 -47.45
N CYS L 860 44.59 -40.52 -46.77
CA CYS L 860 45.22 -39.73 -45.70
C CYS L 860 44.57 -40.05 -44.36
N ALA L 861 45.39 -40.40 -43.36
CA ALA L 861 44.93 -40.69 -42.00
C ALA L 861 45.41 -39.54 -41.10
N ALA L 862 44.45 -38.84 -40.47
CA ALA L 862 44.76 -37.68 -39.63
C ALA L 862 44.09 -37.68 -38.27
N GLU L 863 44.89 -37.44 -37.22
CA GLU L 863 44.41 -37.30 -35.85
C GLU L 863 44.47 -35.80 -35.59
N CYS L 864 43.32 -35.14 -35.67
CA CYS L 864 43.23 -33.69 -35.48
C CYS L 864 42.84 -33.31 -34.07
N HIS L 865 43.54 -32.29 -33.55
CA HIS L 865 43.41 -31.81 -32.17
C HIS L 865 42.47 -30.58 -32.04
N PRO L 866 41.87 -30.32 -30.84
CA PRO L 866 40.96 -29.16 -30.72
C PRO L 866 41.66 -27.80 -30.79
N CYS M 1 -52.75 -77.17 47.57
CA CYS M 1 -51.56 -76.34 47.64
C CYS M 1 -51.23 -75.66 46.32
N ILE M 2 -51.54 -76.32 45.20
CA ILE M 2 -51.29 -75.74 43.89
C ILE M 2 -52.55 -75.06 43.42
N PHE M 3 -52.38 -73.84 42.93
CA PHE M 3 -53.51 -73.05 42.43
C PHE M 3 -53.08 -72.44 41.11
N GLU M 4 -54.00 -72.29 40.17
CA GLU M 4 -53.61 -71.78 38.86
C GLU M 4 -53.86 -70.35 38.57
N VAL M 5 -52.84 -69.70 38.01
CA VAL M 5 -52.90 -68.32 37.60
C VAL M 5 -53.58 -68.35 36.22
N LYS M 6 -54.65 -67.54 36.09
CA LYS M 6 -55.40 -67.42 34.85
C LYS M 6 -55.26 -66.02 34.30
N HIS M 7 -55.19 -65.90 32.98
CA HIS M 7 -55.09 -64.61 32.32
C HIS M 7 -55.97 -64.62 31.09
N GLU M 8 -57.02 -63.80 31.13
CA GLU M 8 -58.00 -63.71 30.05
C GLU M 8 -58.52 -65.12 29.89
N GLY M 9 -58.95 -65.66 31.02
CA GLY M 9 -59.48 -67.03 31.05
C GLY M 9 -58.53 -68.12 30.60
N LYS M 10 -57.22 -67.86 30.61
CA LYS M 10 -56.22 -68.85 30.20
C LYS M 10 -55.06 -69.09 31.19
N VAL M 11 -54.90 -70.34 31.60
CA VAL M 11 -53.84 -70.74 32.53
C VAL M 11 -52.45 -70.36 32.04
N MET M 12 -51.80 -69.47 32.77
CA MET M 12 -50.44 -69.02 32.43
C MET M 12 -49.34 -69.72 33.24
N GLY M 13 -49.59 -69.96 34.51
CA GLY M 13 -48.60 -70.60 35.36
C GLY M 13 -49.30 -71.14 36.57
N TYR M 14 -48.63 -71.21 37.71
CA TYR M 14 -49.26 -71.72 38.91
C TYR M 14 -48.87 -70.95 40.12
N ALA M 15 -49.53 -71.21 41.22
CA ALA M 15 -49.26 -70.54 42.48
C ALA M 15 -49.21 -71.68 43.46
N CYS M 16 -48.37 -71.54 44.46
CA CYS M 16 -48.19 -72.60 45.41
C CYS M 16 -48.14 -72.14 46.86
N LEU M 17 -48.79 -72.91 47.72
CA LEU M 17 -48.81 -72.61 49.15
C LEU M 17 -47.65 -73.35 49.87
N VAL M 18 -46.47 -72.74 49.89
CA VAL M 18 -45.31 -73.32 50.55
C VAL M 18 -44.89 -72.61 51.84
N GLY M 19 -44.77 -73.38 52.92
CA GLY M 19 -44.39 -72.82 54.20
C GLY M 19 -45.56 -72.08 54.81
N ASP M 20 -45.44 -70.76 54.90
CA ASP M 20 -46.55 -69.99 55.41
C ASP M 20 -46.85 -68.85 54.44
N LYS M 21 -46.18 -68.87 53.30
CA LYS M 21 -46.39 -67.85 52.27
C LYS M 21 -47.19 -68.46 51.11
N VAL M 22 -47.58 -67.63 50.14
CA VAL M 22 -48.32 -68.11 48.97
C VAL M 22 -47.43 -67.61 47.85
N MET M 23 -46.82 -68.54 47.11
CA MET M 23 -45.93 -68.18 46.02
C MET M 23 -46.53 -68.26 44.61
N LYS M 24 -45.89 -67.55 43.68
CA LYS M 24 -46.24 -67.58 42.26
C LYS M 24 -45.15 -66.79 41.56
N PRO M 25 -44.62 -67.33 40.46
CA PRO M 25 -43.57 -66.59 39.77
C PRO M 25 -44.03 -65.18 39.39
N ALA M 26 -43.13 -64.22 39.55
CA ALA M 26 -43.42 -62.83 39.23
C ALA M 26 -43.73 -62.66 37.74
N HIS M 27 -42.99 -63.32 36.88
CA HIS M 27 -43.22 -63.21 35.45
C HIS M 27 -44.58 -63.70 34.95
N VAL M 28 -45.27 -64.52 35.72
CA VAL M 28 -46.58 -65.05 35.31
C VAL M 28 -47.73 -64.01 35.31
N LYS M 29 -48.31 -63.79 34.14
CA LYS M 29 -49.43 -62.86 33.99
C LYS M 29 -50.75 -63.53 34.42
N GLY M 30 -51.63 -62.73 35.00
CA GLY M 30 -52.90 -63.24 35.45
C GLY M 30 -53.05 -63.08 36.95
N THR M 31 -54.15 -63.61 37.46
CA THR M 31 -54.44 -63.54 38.87
C THR M 31 -54.88 -64.93 39.32
N ILE M 32 -54.41 -65.31 40.51
CA ILE M 32 -54.74 -66.64 41.06
C ILE M 32 -56.25 -66.91 41.02
N ASP M 33 -56.61 -68.02 40.40
CA ASP M 33 -57.99 -68.42 40.28
C ASP M 33 -58.58 -68.92 41.59
N ASN M 34 -58.55 -68.08 42.61
CA ASN M 34 -59.11 -68.43 43.91
C ASN M 34 -59.39 -67.12 44.64
N ALA M 35 -60.65 -66.89 44.97
CA ALA M 35 -61.04 -65.66 45.64
C ALA M 35 -60.08 -65.29 46.76
N ASP M 36 -60.04 -66.14 47.79
CA ASP M 36 -59.19 -65.87 48.96
C ASP M 36 -57.76 -65.50 48.59
N LEU M 37 -57.18 -66.20 47.63
CA LEU M 37 -55.81 -65.93 47.23
C LEU M 37 -55.64 -64.67 46.37
N ALA M 38 -56.59 -64.45 45.48
CA ALA M 38 -56.54 -63.34 44.54
C ALA M 38 -56.54 -61.97 45.20
N LYS M 39 -57.32 -61.81 46.26
CA LYS M 39 -57.40 -60.52 46.96
C LYS M 39 -56.26 -60.16 47.90
N LEU M 40 -55.24 -61.01 47.94
CA LEU M 40 -54.08 -60.77 48.79
C LEU M 40 -53.16 -59.67 48.28
N ALA M 41 -52.19 -59.28 49.11
CA ALA M 41 -51.23 -58.24 48.76
C ALA M 41 -49.90 -58.94 48.62
N PHE M 42 -49.40 -59.06 47.39
CA PHE M 42 -48.10 -59.71 47.16
C PHE M 42 -46.91 -58.74 47.17
N LYS M 43 -45.74 -59.25 47.58
CA LYS M 43 -44.52 -58.46 47.62
C LYS M 43 -43.65 -59.00 46.53
N ARG M 44 -43.45 -58.22 45.48
CA ARG M 44 -42.62 -58.66 44.36
C ARG M 44 -41.12 -58.63 44.75
N SER M 45 -40.33 -59.46 44.06
CA SER M 45 -38.87 -59.56 44.28
C SER M 45 -38.20 -59.95 42.96
N SER M 46 -37.87 -58.95 42.14
CA SER M 46 -37.28 -59.20 40.83
C SER M 46 -35.98 -59.98 40.75
N LYS M 47 -35.23 -60.02 41.86
CA LYS M 47 -34.01 -60.80 41.87
C LYS M 47 -34.40 -62.26 41.76
N TYR M 48 -35.33 -62.68 42.60
CA TYR M 48 -35.79 -64.07 42.63
C TYR M 48 -36.89 -64.39 41.64
N ASP M 49 -37.38 -63.36 40.95
CA ASP M 49 -38.48 -63.54 40.00
C ASP M 49 -39.59 -64.24 40.79
N LEU M 50 -39.65 -63.94 42.09
CA LEU M 50 -40.63 -64.51 42.98
C LEU M 50 -41.59 -63.40 43.37
N GLU M 51 -42.75 -63.80 43.91
CA GLU M 51 -43.80 -62.85 44.28
C GLU M 51 -44.62 -63.61 45.32
N CYS M 52 -44.26 -63.38 46.59
CA CYS M 52 -44.94 -64.03 47.72
C CYS M 52 -45.90 -63.15 48.51
N ALA M 53 -46.74 -63.81 49.30
CA ALA M 53 -47.76 -63.17 50.15
C ALA M 53 -47.94 -64.16 51.30
N GLN M 54 -48.84 -63.86 52.23
CA GLN M 54 -49.02 -64.75 53.36
C GLN M 54 -50.31 -65.54 53.26
N ILE M 55 -50.26 -66.83 53.65
CA ILE M 55 -51.44 -67.70 53.56
C ILE M 55 -52.49 -67.37 54.60
N PRO M 56 -53.75 -67.16 54.17
CA PRO M 56 -54.85 -66.84 55.07
C PRO M 56 -54.95 -68.00 56.10
N VAL M 57 -55.32 -67.68 57.34
CA VAL M 57 -55.38 -68.70 58.38
C VAL M 57 -56.20 -69.93 57.97
N HIS M 58 -57.32 -69.72 57.26
CA HIS M 58 -58.19 -70.84 56.85
C HIS M 58 -57.64 -71.78 55.77
N MET M 59 -56.46 -71.44 55.22
CA MET M 59 -55.82 -72.26 54.19
C MET M 59 -54.43 -72.73 54.64
N LYS M 60 -53.94 -72.19 55.76
CA LYS M 60 -52.62 -72.55 56.26
C LYS M 60 -52.45 -74.05 56.47
N SER M 61 -53.56 -74.76 56.69
CA SER M 61 -53.50 -76.21 56.86
C SER M 61 -53.24 -76.86 55.51
N ASP M 62 -53.42 -76.06 54.45
CA ASP M 62 -53.25 -76.51 53.07
C ASP M 62 -51.87 -76.25 52.43
N ALA M 63 -50.95 -75.70 53.22
CA ALA M 63 -49.65 -75.42 52.70
C ALA M 63 -48.89 -76.71 52.56
N SER M 64 -47.70 -76.62 51.97
CA SER M 64 -46.82 -77.75 51.73
C SER M 64 -45.52 -77.29 52.33
N LYS M 65 -44.86 -78.14 53.12
CA LYS M 65 -43.59 -77.77 53.76
C LYS M 65 -42.49 -77.74 52.71
N PHE M 66 -41.51 -77.82 51.94
CA PHE M 66 -40.40 -77.83 51.00
C PHE M 66 -39.20 -78.53 51.64
N THR M 67 -37.87 -78.31 52.21
CA THR M 67 -36.63 -78.88 52.73
C THR M 67 -35.42 -78.55 51.89
N HIS M 68 -34.30 -78.36 52.59
CA HIS M 68 -33.04 -78.05 51.96
C HIS M 68 -32.39 -79.36 51.56
N GLU M 69 -32.86 -80.45 52.17
CA GLU M 69 -32.33 -81.77 51.94
C GLU M 69 -32.67 -82.37 50.60
N LYS M 70 -31.68 -82.40 49.73
CA LYS M 70 -31.88 -82.96 48.42
C LYS M 70 -30.64 -83.69 47.90
N PRO M 71 -30.58 -84.99 48.16
CA PRO M 71 -29.48 -85.86 47.75
C PRO M 71 -29.66 -86.25 46.30
N GLU M 72 -28.55 -86.45 45.60
CA GLU M 72 -28.59 -86.81 44.21
C GLU M 72 -29.54 -87.98 44.07
N GLY M 73 -30.39 -87.96 43.05
CA GLY M 73 -31.33 -89.05 42.84
C GLY M 73 -32.55 -88.55 42.09
N TYR M 74 -33.66 -89.26 42.14
CA TYR M 74 -34.85 -88.81 41.44
C TYR M 74 -35.93 -88.17 42.30
N TYR M 75 -36.49 -87.08 41.79
CA TYR M 75 -37.54 -86.36 42.48
C TYR M 75 -38.82 -86.44 41.68
N ASN M 76 -39.94 -86.09 42.31
CA ASN M 76 -41.24 -86.16 41.68
C ASN M 76 -41.84 -84.81 41.29
N TRP M 77 -42.47 -84.76 40.13
CA TRP M 77 -43.12 -83.56 39.66
C TRP M 77 -44.22 -84.03 38.73
N HIS M 78 -45.25 -83.20 38.59
CA HIS M 78 -46.44 -83.49 37.79
C HIS M 78 -46.26 -84.18 36.48
N HIS M 79 -45.17 -83.92 35.79
CA HIS M 79 -45.03 -84.59 34.53
C HIS M 79 -44.24 -85.87 34.56
N GLY M 80 -43.66 -86.15 35.71
CA GLY M 80 -42.93 -87.38 35.82
C GLY M 80 -41.94 -87.38 36.95
N ALA M 81 -40.70 -87.72 36.63
CA ALA M 81 -39.65 -87.77 37.60
C ALA M 81 -38.52 -86.86 37.17
N VAL M 82 -38.15 -85.97 38.08
CA VAL M 82 -37.06 -85.06 37.81
C VAL M 82 -35.80 -85.78 38.31
N GLN M 83 -34.63 -85.42 37.78
CA GLN M 83 -33.39 -86.00 38.23
C GLN M 83 -32.48 -84.93 38.77
N TYR M 84 -31.96 -85.17 39.97
CA TYR M 84 -31.06 -84.24 40.62
C TYR M 84 -29.64 -84.79 40.72
N SER M 85 -28.66 -84.00 40.29
CA SER M 85 -27.28 -84.41 40.34
C SER M 85 -26.43 -83.25 39.90
N GLY M 86 -25.24 -83.12 40.49
CA GLY M 86 -24.31 -82.06 40.13
C GLY M 86 -24.85 -80.69 40.44
N GLY M 87 -25.80 -80.67 41.37
CA GLY M 87 -26.43 -79.43 41.77
C GLY M 87 -27.32 -78.91 40.67
N ARG M 88 -27.95 -79.83 39.94
CA ARG M 88 -28.83 -79.45 38.85
C ARG M 88 -29.99 -80.40 38.63
N PHE M 89 -31.20 -79.86 38.53
CA PHE M 89 -32.40 -80.65 38.28
C PHE M 89 -32.61 -80.72 36.77
N THR M 90 -32.91 -81.88 36.24
CA THR M 90 -33.13 -81.99 34.80
C THR M 90 -34.28 -82.92 34.51
N ILE M 91 -34.74 -82.90 33.26
CA ILE M 91 -35.86 -83.71 32.81
C ILE M 91 -35.72 -83.99 31.32
N PRO M 92 -36.44 -85.02 30.84
CA PRO M 92 -36.36 -85.33 29.42
C PRO M 92 -36.94 -84.14 28.66
N THR M 93 -36.14 -83.58 27.77
CA THR M 93 -36.58 -82.43 26.99
C THR M 93 -37.88 -82.70 26.29
N GLY M 94 -38.85 -81.84 26.59
CA GLY M 94 -40.17 -81.89 25.99
C GLY M 94 -41.21 -82.05 27.07
N ALA M 95 -40.80 -82.62 28.20
CA ALA M 95 -41.69 -82.87 29.32
C ALA M 95 -42.01 -81.68 30.21
N GLY M 96 -41.58 -80.49 29.81
CA GLY M 96 -41.84 -79.29 30.58
C GLY M 96 -41.99 -78.21 29.53
N LYS M 97 -43.10 -77.47 29.59
CA LYS M 97 -43.39 -76.41 28.62
C LYS M 97 -43.80 -75.09 29.28
N PRO M 98 -43.91 -74.02 28.47
CA PRO M 98 -44.31 -72.75 29.06
C PRO M 98 -45.67 -72.93 29.71
N GLY M 99 -45.80 -72.47 30.94
CA GLY M 99 -47.07 -72.61 31.63
C GLY M 99 -46.96 -73.66 32.73
N ASP M 100 -45.73 -74.08 33.00
CA ASP M 100 -45.44 -75.05 34.05
C ASP M 100 -44.74 -74.39 35.27
N SER M 101 -44.47 -73.09 35.18
CA SER M 101 -43.84 -72.35 36.27
C SER M 101 -44.75 -72.45 37.47
N GLY M 102 -44.15 -72.41 38.65
CA GLY M 102 -44.92 -72.51 39.88
C GLY M 102 -45.10 -73.94 40.37
N ARG M 103 -44.99 -74.91 39.45
CA ARG M 103 -45.17 -76.30 39.84
C ARG M 103 -44.00 -76.77 40.69
N PRO M 104 -44.28 -77.32 41.88
CA PRO M 104 -43.30 -77.82 42.83
C PRO M 104 -42.70 -79.14 42.40
N ILE M 105 -41.50 -79.40 42.91
CA ILE M 105 -40.78 -80.64 42.66
C ILE M 105 -40.68 -81.27 44.04
N PHE M 106 -41.52 -82.26 44.28
CA PHE M 106 -41.58 -82.97 45.56
C PHE M 106 -40.58 -84.07 45.62
N ASP M 107 -40.34 -84.56 46.82
CA ASP M 107 -39.48 -85.69 47.00
C ASP M 107 -40.42 -86.84 47.29
N ASN M 108 -39.92 -87.97 47.75
CA ASN M 108 -40.83 -89.09 48.02
C ASN M 108 -41.61 -89.04 49.33
N LYS M 109 -41.31 -88.05 50.18
CA LYS M 109 -42.06 -87.89 51.41
C LYS M 109 -42.98 -86.67 51.33
N GLY M 110 -43.08 -86.09 50.14
CA GLY M 110 -43.95 -84.96 49.95
C GLY M 110 -43.35 -83.60 50.18
N ARG M 111 -42.15 -83.55 50.74
CA ARG M 111 -41.56 -82.24 50.97
C ARG M 111 -41.22 -81.56 49.64
N VAL M 112 -41.68 -80.33 49.46
CA VAL M 112 -41.39 -79.56 48.25
C VAL M 112 -39.88 -79.30 48.33
N VAL M 113 -39.18 -79.57 47.25
CA VAL M 113 -37.73 -79.43 47.20
C VAL M 113 -37.25 -78.18 46.42
N ALA M 114 -38.02 -77.80 45.40
CA ALA M 114 -37.75 -76.63 44.54
C ALA M 114 -39.04 -76.25 43.84
N ILE M 115 -39.06 -75.09 43.19
CA ILE M 115 -40.24 -74.66 42.45
C ILE M 115 -39.74 -74.24 41.06
N VAL M 116 -40.28 -74.86 40.01
CA VAL M 116 -39.84 -74.58 38.64
C VAL M 116 -40.19 -73.17 38.16
N LEU M 117 -39.22 -72.53 37.49
CA LEU M 117 -39.40 -71.19 36.97
C LEU M 117 -39.26 -71.21 35.45
N GLY M 118 -38.44 -72.13 34.94
CA GLY M 118 -38.25 -72.25 33.51
C GLY M 118 -37.14 -73.24 33.27
N GLY M 119 -36.79 -73.50 32.02
CA GLY M 119 -35.73 -74.45 31.78
C GLY M 119 -34.89 -74.13 30.57
N ALA M 120 -33.64 -74.54 30.62
CA ALA M 120 -32.71 -74.31 29.52
C ALA M 120 -32.58 -75.64 28.78
N ASN M 121 -32.74 -75.62 27.47
CA ASN M 121 -32.64 -76.82 26.66
C ASN M 121 -31.19 -77.10 26.30
N GLU M 122 -30.69 -78.23 26.79
CA GLU M 122 -29.33 -78.59 26.47
C GLU M 122 -29.27 -79.97 25.82
N GLY M 123 -30.20 -80.18 24.87
CA GLY M 123 -30.26 -81.43 24.12
C GLY M 123 -31.27 -82.45 24.58
N ALA M 124 -30.75 -83.63 24.90
CA ALA M 124 -31.56 -84.75 25.35
C ALA M 124 -32.38 -84.33 26.53
N ARG M 125 -31.73 -83.60 27.46
CA ARG M 125 -32.34 -83.15 28.71
C ARG M 125 -32.30 -81.64 28.89
N THR M 126 -33.25 -81.14 29.68
CA THR M 126 -33.34 -79.72 29.98
C THR M 126 -33.01 -79.46 31.46
N ALA M 127 -32.07 -78.55 31.72
CA ALA M 127 -31.68 -78.23 33.09
C ALA M 127 -32.70 -77.27 33.54
N LEU M 128 -33.38 -77.56 34.64
CA LEU M 128 -34.43 -76.66 35.15
C LEU M 128 -33.86 -75.46 35.88
N SER M 129 -34.61 -74.37 35.83
CA SER M 129 -34.26 -73.13 36.50
C SER M 129 -35.27 -73.14 37.64
N VAL M 130 -34.79 -73.33 38.87
CA VAL M 130 -35.67 -73.43 40.04
C VAL M 130 -35.35 -72.49 41.19
N VAL M 131 -36.31 -72.41 42.12
CA VAL M 131 -36.22 -71.63 43.35
C VAL M 131 -36.03 -72.76 44.36
N THR M 132 -34.90 -72.77 45.08
CA THR M 132 -34.63 -73.81 46.08
C THR M 132 -34.13 -73.26 47.38
N TRP M 133 -34.41 -73.99 48.45
CA TRP M 133 -34.01 -73.62 49.78
C TRP M 133 -32.58 -74.03 50.09
N ASN M 134 -31.87 -73.10 50.69
CA ASN M 134 -30.50 -73.33 51.10
C ASN M 134 -30.60 -73.75 52.57
N LYS M 135 -29.50 -73.57 53.30
CA LYS M 135 -29.43 -73.90 54.73
C LYS M 135 -30.72 -73.54 55.43
N ASP M 136 -31.26 -72.38 55.08
CA ASP M 136 -32.50 -71.93 55.68
C ASP M 136 -33.18 -71.01 54.68
N ILE M 137 -32.34 -70.24 53.98
CA ILE M 137 -32.83 -69.27 53.01
C ILE M 137 -33.00 -69.72 51.56
N VAL M 138 -33.99 -69.09 50.94
CA VAL M 138 -34.40 -69.30 49.57
C VAL M 138 -33.25 -68.99 48.61
N THR M 139 -33.25 -69.61 47.44
CA THR M 139 -32.21 -69.36 46.45
C THR M 139 -32.77 -69.67 45.09
N LYS M 140 -32.07 -69.24 44.05
CA LYS M 140 -32.57 -69.47 42.70
C LYS M 140 -31.45 -69.95 41.78
N ILE M 141 -31.65 -71.12 41.21
CA ILE M 141 -30.66 -71.70 40.32
C ILE M 141 -31.17 -71.59 38.88
N THR M 142 -30.43 -70.86 38.05
CA THR M 142 -30.83 -70.66 36.68
C THR M 142 -29.76 -71.07 35.70
N PRO M 143 -29.90 -72.26 35.10
CA PRO M 143 -28.93 -72.78 34.12
C PRO M 143 -28.77 -71.83 32.95
N GLU M 144 -27.56 -71.79 32.39
CA GLU M 144 -27.24 -70.92 31.27
C GLU M 144 -28.19 -71.16 30.09
N GLY M 145 -28.82 -70.07 29.62
CA GLY M 145 -29.74 -70.14 28.50
C GLY M 145 -31.15 -70.62 28.83
N ALA M 146 -31.61 -70.38 30.06
CA ALA M 146 -32.94 -70.81 30.45
C ALA M 146 -34.06 -70.09 29.69
N GLU M 147 -35.16 -70.77 29.46
CA GLU M 147 -36.32 -70.20 28.77
C GLU M 147 -37.35 -70.23 29.86
N GLU M 148 -37.71 -69.05 30.33
CA GLU M 148 -38.66 -68.85 31.41
C GLU M 148 -40.04 -69.36 31.04
N TRP M 149 -40.48 -70.45 31.67
CA TRP M 149 -41.79 -71.00 31.40
C TRP M 149 -42.90 -70.28 32.15
N CYS N 1 -39.83 -84.31 -2.63
CA CYS N 1 -40.49 -83.02 -2.84
C CYS N 1 -40.37 -82.11 -1.62
N ILE N 2 -40.34 -82.69 -0.42
CA ILE N 2 -40.19 -81.91 0.79
C ILE N 2 -38.74 -81.86 1.17
N PHE N 3 -38.26 -80.66 1.48
CA PHE N 3 -36.87 -80.45 1.87
C PHE N 3 -36.87 -79.56 3.08
N GLU N 4 -35.93 -79.75 4.00
CA GLU N 4 -35.94 -78.96 5.22
C GLU N 4 -35.02 -77.79 5.31
N VAL N 5 -35.57 -76.68 5.76
CA VAL N 5 -34.82 -75.45 5.97
C VAL N 5 -34.14 -75.62 7.34
N LYS N 6 -32.82 -75.42 7.36
CA LYS N 6 -32.03 -75.53 8.59
C LYS N 6 -31.44 -74.17 8.91
N HIS N 7 -31.36 -73.87 10.22
CA HIS N 7 -30.79 -72.62 10.68
C HIS N 7 -29.94 -72.91 11.89
N GLU N 8 -28.63 -72.68 11.75
CA GLU N 8 -27.68 -72.95 12.81
C GLU N 8 -27.88 -74.41 13.17
N GLY N 9 -27.83 -75.23 12.12
CA GLY N 9 -28.01 -76.66 12.29
C GLY N 9 -29.34 -77.10 12.89
N LYS N 10 -30.36 -76.24 12.83
CA LYS N 10 -31.69 -76.58 13.38
C LYS N 10 -32.88 -76.35 12.44
N VAL N 11 -33.66 -77.40 12.20
CA VAL N 11 -34.82 -77.35 11.34
C VAL N 11 -35.83 -76.29 11.77
N MET N 12 -36.03 -75.30 10.91
CA MET N 12 -36.97 -74.22 11.18
C MET N 12 -38.33 -74.39 10.48
N GLY N 13 -38.31 -74.88 9.24
CA GLY N 13 -39.53 -75.06 8.50
C GLY N 13 -39.25 -76.03 7.37
N TYR N 14 -39.95 -75.91 6.26
CA TYR N 14 -39.72 -76.81 5.15
C TYR N 14 -39.79 -76.10 3.84
N ALA N 15 -39.40 -76.79 2.78
CA ALA N 15 -39.39 -76.24 1.44
C ALA N 15 -40.05 -77.33 0.64
N CYS N 16 -40.79 -76.92 -0.38
CA CYS N 16 -41.50 -77.88 -1.17
C CYS N 16 -41.42 -77.63 -2.68
N LEU N 17 -41.28 -78.73 -3.41
CA LEU N 17 -41.21 -78.67 -4.87
C LEU N 17 -42.62 -78.84 -5.48
N VAL N 18 -43.37 -77.74 -5.59
CA VAL N 18 -44.71 -77.76 -6.16
C VAL N 18 -44.81 -77.10 -7.54
N GLY N 19 -45.36 -77.85 -8.50
CA GLY N 19 -45.52 -77.36 -9.85
C GLY N 19 -44.18 -77.35 -10.57
N ASP N 20 -43.65 -76.16 -10.83
CA ASP N 20 -42.34 -76.10 -11.44
C ASP N 20 -41.48 -75.13 -10.65
N LYS N 21 -42.00 -74.68 -9.51
CA LYS N 21 -41.26 -73.76 -8.63
C LYS N 21 -40.77 -74.53 -7.41
N VAL N 22 -39.97 -73.88 -6.56
CA VAL N 22 -39.48 -74.49 -5.33
C VAL N 22 -39.95 -73.49 -4.29
N MET N 23 -40.88 -73.91 -3.44
CA MET N 23 -41.41 -73.03 -2.41
C MET N 23 -40.84 -73.22 -0.99
N LYS N 24 -41.00 -72.18 -0.19
CA LYS N 24 -40.61 -72.19 1.22
C LYS N 24 -41.15 -70.89 1.80
N PRO N 25 -41.79 -70.96 2.96
CA PRO N 25 -42.31 -69.72 3.54
C PRO N 25 -41.21 -68.67 3.72
N ALA N 26 -41.55 -67.43 3.42
CA ALA N 26 -40.61 -66.32 3.54
C ALA N 26 -40.16 -66.14 4.99
N HIS N 27 -41.09 -66.25 5.93
CA HIS N 27 -40.73 -66.08 7.33
C HIS N 27 -39.73 -67.09 7.90
N VAL N 28 -39.57 -68.25 7.26
CA VAL N 28 -38.65 -69.28 7.75
C VAL N 28 -37.16 -68.92 7.60
N LYS N 29 -36.45 -68.88 8.73
CA LYS N 29 -35.02 -68.59 8.75
C LYS N 29 -34.22 -69.86 8.42
N GLY N 30 -33.10 -69.67 7.74
CA GLY N 30 -32.26 -70.78 7.38
C GLY N 30 -32.14 -70.90 5.87
N THR N 31 -31.47 -71.95 5.45
CA THR N 31 -31.27 -72.21 4.04
C THR N 31 -31.59 -73.67 3.78
N ILE N 32 -32.25 -73.94 2.67
CA ILE N 32 -32.64 -75.31 2.32
C ILE N 32 -31.44 -76.27 2.40
N ASP N 33 -31.62 -77.33 3.16
CA ASP N 33 -30.58 -78.32 3.35
C ASP N 33 -30.39 -79.21 2.13
N ASN N 34 -30.08 -78.60 1.00
CA ASN N 34 -29.85 -79.34 -0.23
C ASN N 34 -29.02 -78.43 -1.14
N ALA N 35 -27.83 -78.89 -1.51
CA ALA N 35 -26.94 -78.08 -2.34
C ALA N 35 -27.69 -77.45 -3.50
N ASP N 36 -28.19 -78.29 -4.40
CA ASP N 36 -28.89 -77.80 -5.59
C ASP N 36 -29.93 -76.75 -5.29
N LEU N 37 -30.72 -76.94 -4.25
CA LEU N 37 -31.76 -76.00 -3.89
C LEU N 37 -31.26 -74.72 -3.22
N ALA N 38 -30.27 -74.87 -2.35
CA ALA N 38 -29.72 -73.76 -1.59
C ALA N 38 -29.10 -72.65 -2.44
N LYS N 39 -28.41 -73.03 -3.51
CA LYS N 39 -27.77 -72.05 -4.39
C LYS N 39 -28.66 -71.30 -5.37
N LEU N 40 -29.96 -71.55 -5.30
CA LEU N 40 -30.92 -70.90 -6.18
C LEU N 40 -31.16 -69.43 -5.83
N ALA N 41 -31.88 -68.73 -6.72
CA ALA N 41 -32.20 -67.32 -6.52
C ALA N 41 -33.69 -67.26 -6.28
N PHE N 42 -34.11 -66.98 -5.05
CA PHE N 42 -35.54 -66.89 -4.73
C PHE N 42 -36.12 -65.47 -4.89
N LYS N 43 -37.41 -65.39 -5.23
CA LYS N 43 -38.11 -64.13 -5.38
C LYS N 43 -39.06 -64.04 -4.23
N ARG N 44 -38.80 -63.14 -3.30
CA ARG N 44 -39.67 -62.98 -2.14
C ARG N 44 -40.98 -62.28 -2.53
N SER N 45 -42.03 -62.52 -1.74
CA SER N 45 -43.37 -61.94 -1.96
C SER N 45 -44.06 -61.79 -0.59
N SER N 46 -43.81 -60.66 0.07
CA SER N 46 -44.36 -60.42 1.41
C SER N 46 -45.87 -60.46 1.60
N LYS N 47 -46.61 -60.27 0.51
CA LYS N 47 -48.06 -60.36 0.59
C LYS N 47 -48.42 -61.80 0.92
N TYR N 48 -47.85 -62.73 0.15
CA TYR N 48 -48.11 -64.15 0.32
C TYR N 48 -47.24 -64.84 1.35
N ASP N 49 -46.27 -64.10 1.89
CA ASP N 49 -45.34 -64.66 2.85
C ASP N 49 -44.74 -65.90 2.18
N LEU N 50 -44.63 -65.82 0.85
CA LEU N 50 -44.10 -66.91 0.05
C LEU N 50 -42.76 -66.47 -0.49
N GLU N 51 -41.97 -67.43 -0.96
CA GLU N 51 -40.62 -67.17 -1.45
C GLU N 51 -40.33 -68.35 -2.38
N CYS N 52 -40.62 -68.15 -3.66
CA CYS N 52 -40.42 -69.17 -4.69
C CYS N 52 -39.20 -68.97 -5.59
N ALA N 53 -38.83 -70.05 -6.27
CA ALA N 53 -37.70 -70.10 -7.20
C ALA N 53 -38.07 -71.19 -8.21
N GLN N 54 -37.22 -71.48 -9.16
CA GLN N 54 -37.55 -72.48 -10.14
C GLN N 54 -36.79 -73.79 -9.94
N ILE N 55 -37.47 -74.92 -10.14
CA ILE N 55 -36.85 -76.24 -9.92
C ILE N 55 -35.84 -76.59 -10.99
N PRO N 56 -34.60 -76.95 -10.59
CA PRO N 56 -33.54 -77.33 -11.53
C PRO N 56 -34.08 -78.49 -12.38
N VAL N 57 -33.69 -78.57 -13.65
CA VAL N 57 -34.19 -79.61 -14.53
C VAL N 57 -34.03 -81.02 -13.94
N HIS N 58 -32.91 -81.29 -13.27
CA HIS N 58 -32.66 -82.62 -12.71
C HIS N 58 -33.51 -83.02 -11.50
N MET N 59 -34.34 -82.10 -11.02
CA MET N 59 -35.23 -82.37 -9.88
C MET N 59 -36.70 -82.17 -10.26
N LYS N 60 -36.95 -81.61 -11.45
CA LYS N 60 -38.32 -81.35 -11.90
C LYS N 60 -39.20 -82.60 -11.90
N SER N 61 -38.57 -83.77 -11.99
CA SER N 61 -39.32 -85.02 -11.96
C SER N 61 -39.77 -85.28 -10.53
N ASP N 62 -39.17 -84.55 -9.60
CA ASP N 62 -39.44 -84.67 -8.17
C ASP N 62 -40.47 -83.70 -7.57
N ALA N 63 -41.07 -82.88 -8.44
CA ALA N 63 -42.06 -81.94 -7.98
C ALA N 63 -43.32 -82.68 -7.66
N SER N 64 -44.28 -81.96 -7.09
CA SER N 64 -45.58 -82.49 -6.69
C SER N 64 -46.54 -81.53 -7.36
N LYS N 65 -47.57 -82.05 -8.02
CA LYS N 65 -48.56 -81.20 -8.72
C LYS N 65 -49.43 -80.50 -7.68
N PHE N 66 -50.28 -80.02 -6.91
CA PHE N 66 -51.19 -79.36 -5.98
C PHE N 66 -52.62 -79.47 -6.52
N THR N 67 -53.72 -78.72 -7.12
CA THR N 67 -55.11 -78.67 -7.57
C THR N 67 -55.96 -77.69 -6.79
N HIS N 68 -56.89 -77.09 -7.51
CA HIS N 68 -57.81 -76.12 -6.94
C HIS N 68 -58.97 -76.89 -6.36
N GLU N 69 -59.13 -78.14 -6.81
CA GLU N 69 -60.21 -79.01 -6.39
C GLU N 69 -60.11 -79.52 -4.98
N LYS N 70 -60.93 -78.97 -4.10
CA LYS N 70 -60.93 -79.38 -2.73
C LYS N 70 -62.34 -79.34 -2.13
N PRO N 71 -63.03 -80.48 -2.19
CA PRO N 71 -64.38 -80.65 -1.67
C PRO N 71 -64.31 -80.89 -0.18
N GLU N 72 -65.34 -80.43 0.54
CA GLU N 72 -65.38 -80.60 1.98
C GLU N 72 -65.10 -82.06 2.28
N GLY N 73 -64.28 -82.32 3.28
CA GLY N 73 -63.96 -83.69 3.65
C GLY N 73 -62.62 -83.74 4.34
N TYR N 74 -61.98 -84.90 4.39
CA TYR N 74 -60.67 -84.99 5.02
C TYR N 74 -59.48 -85.07 4.09
N TYR N 75 -58.44 -84.32 4.43
CA TYR N 75 -57.22 -84.30 3.65
C TYR N 75 -56.08 -84.88 4.47
N ASN N 76 -54.98 -85.20 3.78
CA ASN N 76 -53.83 -85.81 4.43
C ASN N 76 -52.63 -84.89 4.62
N TRP N 77 -51.98 -84.99 5.77
CA TRP N 77 -50.80 -84.21 6.07
C TRP N 77 -50.00 -85.03 7.06
N HIS N 78 -48.70 -84.78 7.09
CA HIS N 78 -47.75 -85.50 7.93
C HIS N 78 -48.15 -85.86 9.31
N HIS N 79 -48.93 -85.02 9.96
CA HIS N 79 -49.29 -85.37 11.30
C HIS N 79 -50.60 -86.10 11.45
N GLY N 80 -51.32 -86.22 10.35
CA GLY N 80 -52.55 -86.94 10.40
C GLY N 80 -53.49 -86.60 9.29
N ALA N 81 -54.73 -86.26 9.65
CA ALA N 81 -55.74 -85.93 8.69
C ALA N 81 -56.26 -84.54 8.98
N VAL N 82 -56.21 -83.70 7.95
CA VAL N 82 -56.72 -82.34 8.09
C VAL N 82 -58.19 -82.43 7.69
N GLN N 83 -59.00 -81.49 8.16
CA GLN N 83 -60.41 -81.45 7.79
C GLN N 83 -60.72 -80.15 7.09
N TYR N 84 -61.37 -80.26 5.95
CA TYR N 84 -61.77 -79.10 5.17
C TYR N 84 -63.28 -78.91 5.14
N SER N 85 -63.73 -77.69 5.44
CA SER N 85 -65.14 -77.39 5.44
C SER N 85 -65.30 -75.92 5.72
N GLY N 86 -66.32 -75.31 5.11
CA GLY N 86 -66.61 -73.90 5.32
C GLY N 86 -65.49 -73.01 4.81
N GLY N 87 -64.72 -73.57 3.89
CA GLY N 87 -63.60 -72.85 3.33
C GLY N 87 -62.49 -72.69 4.34
N ARG N 88 -62.34 -73.69 5.20
CA ARG N 88 -61.31 -73.66 6.22
C ARG N 88 -60.74 -75.00 6.58
N PHE N 89 -59.41 -75.10 6.60
CA PHE N 89 -58.72 -76.34 6.97
C PHE N 89 -58.46 -76.31 8.48
N THR N 90 -58.73 -77.40 9.18
CA THR N 90 -58.50 -77.41 10.61
C THR N 90 -57.91 -78.73 11.04
N ILE N 91 -57.42 -78.78 12.27
CA ILE N 91 -56.80 -79.97 12.83
C ILE N 91 -56.96 -79.96 14.34
N PRO N 92 -56.78 -81.12 14.98
CA PRO N 92 -56.91 -81.17 16.43
C PRO N 92 -55.78 -80.35 17.02
N THR N 93 -56.15 -79.34 17.81
CA THR N 93 -55.17 -78.47 18.42
C THR N 93 -54.11 -79.23 19.16
N GLY N 94 -52.87 -78.99 18.74
CA GLY N 94 -51.71 -79.60 19.35
C GLY N 94 -50.95 -80.38 18.30
N ALA N 95 -51.65 -80.82 17.26
CA ALA N 95 -51.06 -81.61 16.19
C ALA N 95 -50.27 -80.84 15.14
N GLY N 96 -50.05 -79.55 15.37
CA GLY N 96 -49.29 -78.73 14.45
C GLY N 96 -48.58 -77.74 15.32
N LYS N 97 -47.26 -77.64 15.17
CA LYS N 97 -46.43 -76.74 15.97
C LYS N 97 -45.49 -75.87 15.14
N PRO N 98 -44.82 -74.90 15.78
CA PRO N 98 -43.91 -74.07 15.02
C PRO N 98 -42.84 -74.97 14.41
N GLY N 99 -42.58 -74.77 13.14
CA GLY N 99 -41.60 -75.60 12.47
C GLY N 99 -42.26 -76.59 11.54
N ASP N 100 -43.56 -76.40 11.31
CA ASP N 100 -44.35 -77.24 10.41
C ASP N 100 -44.73 -76.49 9.11
N SER N 101 -44.33 -75.21 9.01
CA SER N 101 -44.60 -74.41 7.83
C SER N 101 -43.93 -75.08 6.65
N GLY N 102 -44.52 -74.90 5.47
CA GLY N 102 -43.97 -75.53 4.28
C GLY N 102 -44.53 -76.91 4.00
N ARG N 103 -45.03 -77.59 5.04
CA ARG N 103 -45.57 -78.92 4.87
C ARG N 103 -46.86 -78.86 4.09
N PRO N 104 -46.94 -79.64 2.98
CA PRO N 104 -48.12 -79.72 2.11
C PRO N 104 -49.24 -80.53 2.72
N ILE N 105 -50.45 -80.23 2.24
CA ILE N 105 -51.66 -80.92 2.66
C ILE N 105 -52.14 -81.60 1.39
N PHE N 106 -51.90 -82.90 1.30
CA PHE N 106 -52.26 -83.69 0.13
C PHE N 106 -53.67 -84.18 0.22
N ASP N 107 -54.19 -84.64 -0.89
CA ASP N 107 -55.50 -85.22 -0.91
C ASP N 107 -55.24 -86.71 -1.03
N ASN N 108 -56.25 -87.52 -1.33
CA ASN N 108 -56.01 -88.95 -1.43
C ASN N 108 -55.37 -89.45 -2.73
N LYS N 109 -55.22 -88.56 -3.70
CA LYS N 109 -54.56 -88.93 -4.95
C LYS N 109 -53.18 -88.31 -5.04
N GLY N 110 -52.75 -87.71 -3.94
CA GLY N 110 -51.42 -87.12 -3.91
C GLY N 110 -51.31 -85.69 -4.35
N ARG N 111 -52.37 -85.13 -4.90
CA ARG N 111 -52.28 -83.74 -5.32
C ARG N 111 -52.16 -82.82 -4.10
N VAL N 112 -51.16 -81.95 -4.09
CA VAL N 112 -50.97 -80.99 -3.02
C VAL N 112 -52.18 -80.05 -3.13
N VAL N 113 -52.85 -79.81 -2.03
CA VAL N 113 -54.05 -78.98 -2.01
C VAL N 113 -53.83 -77.57 -1.42
N ALA N 114 -52.90 -77.49 -0.46
CA ALA N 114 -52.52 -76.23 0.23
C ALA N 114 -51.17 -76.43 0.87
N ILE N 115 -50.56 -75.35 1.35
CA ILE N 115 -49.26 -75.45 2.03
C ILE N 115 -49.41 -74.68 3.34
N VAL N 116 -49.16 -75.34 4.48
CA VAL N 116 -49.32 -74.71 5.79
C VAL N 116 -48.32 -73.59 6.06
N LEU N 117 -48.82 -72.49 6.62
CA LEU N 117 -47.98 -71.35 6.95
C LEU N 117 -48.01 -71.11 8.46
N GLY N 118 -49.13 -71.45 9.09
CA GLY N 118 -49.27 -71.27 10.52
C GLY N 118 -50.69 -71.57 10.89
N GLY N 119 -51.05 -71.47 12.17
CA GLY N 119 -52.41 -71.75 12.54
C GLY N 119 -52.92 -70.91 13.69
N ALA N 120 -54.22 -70.67 13.69
CA ALA N 120 -54.85 -69.89 14.75
C ALA N 120 -55.56 -70.88 15.67
N ASN N 121 -55.31 -70.77 16.96
CA ASN N 121 -55.92 -71.66 17.92
C ASN N 121 -57.31 -71.16 18.31
N GLU N 122 -58.30 -71.95 18.01
CA GLU N 122 -59.65 -71.57 18.35
C GLU N 122 -60.32 -72.67 19.20
N GLY N 123 -59.55 -73.18 20.17
CA GLY N 123 -60.04 -74.19 21.09
C GLY N 123 -59.67 -75.62 20.79
N ALA N 124 -60.72 -76.44 20.64
CA ALA N 124 -60.57 -77.85 20.36
C ALA N 124 -59.73 -78.04 19.13
N ARG N 125 -60.01 -77.21 18.11
CA ARG N 125 -59.34 -77.26 16.80
C ARG N 125 -58.67 -75.97 16.40
N THR N 126 -57.64 -76.08 15.56
CA THR N 126 -56.90 -74.93 15.07
C THR N 126 -57.18 -74.74 13.56
N ALA N 127 -57.58 -73.53 13.16
CA ALA N 127 -57.86 -73.24 11.76
C ALA N 127 -56.52 -72.96 11.18
N LEU N 128 -56.14 -73.68 10.14
CA LEU N 128 -54.83 -73.46 9.51
C LEU N 128 -54.80 -72.24 8.62
N SER N 129 -53.63 -71.65 8.52
CA SER N 129 -53.38 -70.49 7.67
C SER N 129 -52.58 -71.14 6.55
N VAL N 130 -53.17 -71.22 5.35
CA VAL N 130 -52.53 -71.87 4.21
C VAL N 130 -52.43 -71.06 2.93
N VAL N 131 -51.61 -71.57 2.02
CA VAL N 131 -51.39 -71.01 0.69
C VAL N 131 -52.17 -72.02 -0.15
N THR N 132 -53.21 -71.57 -0.87
CA THR N 132 -54.01 -72.48 -1.71
C THR N 132 -54.27 -71.92 -3.08
N TRP N 133 -54.44 -72.84 -4.03
CA TRP N 133 -54.71 -72.48 -5.40
C TRP N 133 -56.16 -72.19 -5.66
N ASN N 134 -56.39 -71.11 -6.40
CA ASN N 134 -57.73 -70.70 -6.76
C ASN N 134 -57.93 -71.30 -8.15
N LYS N 135 -58.86 -70.71 -8.92
CA LYS N 135 -59.17 -71.14 -10.28
C LYS N 135 -57.92 -71.53 -11.02
N ASP N 136 -56.86 -70.75 -10.84
CA ASP N 136 -55.61 -71.04 -11.49
C ASP N 136 -54.50 -70.44 -10.64
N ILE N 137 -54.82 -69.27 -10.05
CA ILE N 137 -53.86 -68.55 -9.22
C ILE N 137 -53.83 -68.84 -7.73
N VAL N 138 -52.64 -68.69 -7.19
CA VAL N 138 -52.28 -68.89 -5.81
C VAL N 138 -53.09 -67.95 -4.91
N THR N 139 -53.30 -68.34 -3.66
CA THR N 139 -54.04 -67.49 -2.73
C THR N 139 -53.59 -67.86 -1.33
N LYS N 140 -53.94 -67.03 -0.36
CA LYS N 140 -53.53 -67.29 1.01
C LYS N 140 -54.67 -67.04 1.98
N ILE N 141 -55.02 -68.08 2.72
CA ILE N 141 -56.10 -68.00 3.68
C ILE N 141 -55.51 -67.98 5.09
N THR N 142 -55.75 -66.87 5.80
CA THR N 142 -55.22 -66.72 7.13
C THR N 142 -56.29 -66.43 8.14
N PRO N 143 -56.70 -67.46 8.91
CA PRO N 143 -57.72 -67.32 9.95
C PRO N 143 -57.35 -66.27 10.99
N GLU N 144 -58.35 -65.58 11.52
CA GLU N 144 -58.14 -64.54 12.51
C GLU N 144 -57.34 -65.05 13.72
N GLY N 145 -56.24 -64.35 14.03
CA GLY N 145 -55.38 -64.72 15.15
C GLY N 145 -54.41 -65.85 14.89
N ALA N 146 -53.97 -66.01 13.65
CA ALA N 146 -53.03 -67.08 13.33
C ALA N 146 -51.65 -66.90 13.98
N GLU N 147 -51.00 -67.99 14.31
CA GLU N 147 -49.68 -67.96 14.91
C GLU N 147 -48.86 -68.63 13.84
N GLU N 148 -48.02 -67.84 13.21
CA GLU N 148 -47.15 -68.26 12.12
C GLU N 148 -46.16 -69.32 12.56
N TRP N 149 -46.33 -70.55 12.09
CA TRP N 149 -45.43 -71.63 12.46
C TRP N 149 -44.17 -71.64 11.59
N CYS O 1 -19.97 -87.66 24.07
CA CYS O 1 -19.06 -86.84 24.87
C CYS O 1 -17.64 -86.81 24.29
N ILE O 2 -17.21 -87.91 23.67
CA ILE O 2 -15.89 -87.95 23.06
C ILE O 2 -16.02 -87.59 21.60
N PHE O 3 -15.14 -86.71 21.16
CA PHE O 3 -15.13 -86.26 19.77
C PHE O 3 -13.69 -86.28 19.30
N GLU O 4 -13.47 -86.59 18.02
CA GLU O 4 -12.08 -86.69 17.56
C GLU O 4 -11.51 -85.55 16.81
N VAL O 5 -10.30 -85.18 17.19
CA VAL O 5 -9.54 -84.11 16.56
C VAL O 5 -8.91 -84.76 15.32
N LYS O 6 -9.14 -84.14 14.16
CA LYS O 6 -8.59 -84.61 12.89
C LYS O 6 -7.62 -83.58 12.34
N HIS O 7 -6.55 -84.06 11.71
CA HIS O 7 -5.56 -83.18 11.11
C HIS O 7 -5.15 -83.76 9.78
N GLU O 8 -5.48 -83.04 8.71
CA GLU O 8 -5.19 -83.47 7.34
C GLU O 8 -5.86 -84.82 7.23
N GLY O 9 -7.14 -84.83 7.58
CA GLY O 9 -7.93 -86.06 7.53
C GLY O 9 -7.43 -87.21 8.39
N LYS O 10 -6.62 -86.92 9.40
CA LYS O 10 -6.08 -87.96 10.30
C LYS O 10 -6.24 -87.70 11.80
N VAL O 11 -6.88 -88.64 12.49
CA VAL O 11 -7.12 -88.55 13.93
C VAL O 11 -5.84 -88.38 14.72
N MET O 12 -5.71 -87.23 15.38
CA MET O 12 -4.52 -86.94 16.20
C MET O 12 -4.74 -87.17 17.70
N GLY O 13 -5.93 -86.83 18.20
CA GLY O 13 -6.21 -86.99 19.60
C GLY O 13 -7.70 -86.97 19.79
N TYR O 14 -8.20 -86.52 20.93
CA TYR O 14 -9.63 -86.46 21.14
C TYR O 14 -10.04 -85.22 21.86
N ALA O 15 -11.34 -85.00 21.93
CA ALA O 15 -11.90 -83.84 22.59
C ALA O 15 -12.98 -84.42 23.43
N CYS O 16 -13.21 -83.83 24.58
CA CYS O 16 -14.19 -84.36 25.50
C CYS O 16 -15.09 -83.30 26.13
N LEU O 17 -16.36 -83.65 26.24
CA LEU O 17 -17.34 -82.75 26.85
C LEU O 17 -17.48 -83.06 28.36
N VAL O 18 -16.61 -82.45 29.17
CA VAL O 18 -16.64 -82.65 30.63
C VAL O 18 -17.12 -81.42 31.41
N GLY O 19 -18.12 -81.64 32.26
CA GLY O 19 -18.68 -80.56 33.06
C GLY O 19 -19.54 -79.66 32.20
N ASP O 20 -19.09 -78.44 31.97
CA ASP O 20 -19.84 -77.57 31.10
C ASP O 20 -18.89 -76.97 30.06
N LYS O 21 -17.66 -77.48 30.05
CA LYS O 21 -16.65 -77.02 29.08
C LYS O 21 -16.45 -78.10 28.01
N VAL O 22 -15.67 -77.80 26.98
CA VAL O 22 -15.37 -78.76 25.93
C VAL O 22 -13.86 -78.78 25.96
N MET O 23 -13.28 -79.92 26.35
CA MET O 23 -11.84 -80.05 26.44
C MET O 23 -11.15 -80.77 25.27
N LYS O 24 -9.84 -80.51 25.14
CA LYS O 24 -9.00 -81.16 24.16
C LYS O 24 -7.59 -80.74 24.49
N PRO O 25 -6.64 -81.69 24.52
CA PRO O 25 -5.27 -81.29 24.84
C PRO O 25 -4.77 -80.21 23.88
N ALA O 26 -4.04 -79.25 24.44
CA ALA O 26 -3.48 -78.15 23.66
C ALA O 26 -2.49 -78.65 22.61
N HIS O 27 -1.65 -79.61 22.98
CA HIS O 27 -0.67 -80.14 22.05
C HIS O 27 -1.24 -80.85 20.81
N VAL O 28 -2.51 -81.28 20.86
CA VAL O 28 -3.11 -81.97 19.72
C VAL O 28 -3.41 -81.07 18.49
N LYS O 29 -2.79 -81.42 17.36
CA LYS O 29 -3.00 -80.69 16.11
C LYS O 29 -4.30 -81.14 15.42
N GLY O 30 -4.95 -80.20 14.77
CA GLY O 30 -6.19 -80.50 14.09
C GLY O 30 -7.33 -79.71 14.66
N THR O 31 -8.52 -79.99 14.17
CA THR O 31 -9.73 -79.32 14.61
C THR O 31 -10.78 -80.38 14.85
N ILE O 32 -11.54 -80.19 15.93
CA ILE O 32 -12.59 -81.14 16.30
C ILE O 32 -13.52 -81.46 15.12
N ASP O 33 -13.65 -82.74 14.82
CA ASP O 33 -14.47 -83.19 13.73
C ASP O 33 -15.95 -83.10 14.03
N ASN O 34 -16.42 -81.89 14.33
CA ASN O 34 -17.81 -81.65 14.62
C ASN O 34 -18.07 -80.17 14.38
N ALA O 35 -18.97 -79.86 13.45
CA ALA O 35 -19.26 -78.47 13.13
C ALA O 35 -19.43 -77.61 14.38
N ASP O 36 -20.46 -77.92 15.16
CA ASP O 36 -20.76 -77.14 16.35
C ASP O 36 -19.55 -76.91 17.25
N LEU O 37 -18.74 -77.95 17.44
CA LEU O 37 -17.58 -77.84 18.30
C LEU O 37 -16.41 -77.08 17.67
N ALA O 38 -16.19 -77.31 16.38
CA ALA O 38 -15.08 -76.71 15.64
C ALA O 38 -15.10 -75.19 15.60
N LYS O 39 -16.28 -74.61 15.44
CA LYS O 39 -16.42 -73.16 15.36
C LYS O 39 -16.34 -72.39 16.67
N LEU O 40 -16.07 -73.09 17.77
CA LEU O 40 -15.98 -72.46 19.08
C LEU O 40 -14.69 -71.66 19.28
N ALA O 41 -14.63 -70.91 20.38
CA ALA O 41 -13.47 -70.11 20.71
C ALA O 41 -12.84 -70.74 21.93
N PHE O 42 -11.68 -71.38 21.76
CA PHE O 42 -11.00 -72.03 22.89
C PHE O 42 -9.99 -71.10 23.61
N LYS O 43 -9.82 -71.33 24.91
CA LYS O 43 -8.88 -70.57 25.72
C LYS O 43 -7.75 -71.51 26.05
N ARG O 44 -6.59 -71.27 25.47
CA ARG O 44 -5.43 -72.13 25.73
C ARG O 44 -4.86 -71.88 27.14
N SER O 45 -4.18 -72.88 27.68
CA SER O 45 -3.56 -72.83 29.02
C SER O 45 -2.33 -73.75 29.01
N SER O 46 -1.19 -73.19 28.61
CA SER O 46 0.05 -73.98 28.50
C SER O 46 0.58 -74.68 29.75
N LYS O 47 0.17 -74.19 30.92
CA LYS O 47 0.58 -74.84 32.16
C LYS O 47 -0.06 -76.21 32.18
N TYR O 48 -1.37 -76.26 31.94
CA TYR O 48 -2.12 -77.51 31.96
C TYR O 48 -2.13 -78.26 30.66
N ASP O 49 -1.54 -77.67 29.63
CA ASP O 49 -1.50 -78.28 28.31
C ASP O 49 -2.97 -78.59 27.97
N LEU O 50 -3.86 -77.75 28.48
CA LEU O 50 -5.29 -77.91 28.28
C LEU O 50 -5.75 -76.78 27.38
N GLU O 51 -6.94 -76.93 26.80
CA GLU O 51 -7.49 -75.97 25.87
C GLU O 51 -8.99 -76.21 25.91
N CYS O 52 -9.66 -75.43 26.78
CA CYS O 52 -11.10 -75.54 26.96
C CYS O 52 -11.94 -74.44 26.32
N ALA O 53 -13.25 -74.72 26.20
CA ALA O 53 -14.23 -73.81 25.62
C ALA O 53 -15.54 -74.19 26.31
N GLN O 54 -16.63 -73.54 25.96
CA GLN O 54 -17.89 -73.85 26.61
C GLN O 54 -18.83 -74.65 25.71
N ILE O 55 -19.53 -75.63 26.30
CA ILE O 55 -20.44 -76.49 25.52
C ILE O 55 -21.70 -75.78 25.08
N PRO O 56 -22.01 -75.82 23.78
CA PRO O 56 -23.21 -75.17 23.24
C PRO O 56 -24.43 -75.75 23.98
N VAL O 57 -25.45 -74.94 24.22
CA VAL O 57 -26.62 -75.40 24.96
C VAL O 57 -27.20 -76.71 24.42
N HIS O 58 -27.24 -76.87 23.09
CA HIS O 58 -27.80 -78.10 22.49
C HIS O 58 -27.01 -79.39 22.65
N MET O 59 -25.82 -79.28 23.25
CA MET O 59 -24.96 -80.45 23.50
C MET O 59 -24.67 -80.63 25.00
N LYS O 60 -25.04 -79.64 25.81
CA LYS O 60 -24.80 -79.69 27.24
C LYS O 60 -25.37 -80.94 27.90
N SER O 61 -26.41 -81.52 27.28
CA SER O 61 -27.00 -82.74 27.81
C SER O 61 -26.07 -83.91 27.54
N ASP O 62 -25.11 -83.66 26.64
CA ASP O 62 -24.13 -84.67 26.22
C ASP O 62 -22.78 -84.67 26.96
N ALA O 63 -22.65 -83.80 27.96
CA ALA O 63 -21.43 -83.73 28.70
C ALA O 63 -21.35 -84.92 29.61
N SER O 64 -20.20 -85.07 30.27
CA SER O 64 -19.91 -86.16 31.18
C SER O 64 -19.46 -85.43 32.43
N LYS O 65 -19.98 -85.82 33.60
CA LYS O 65 -19.59 -85.17 34.86
C LYS O 65 -18.18 -85.56 35.24
N PHE O 66 -17.09 -85.95 35.68
CA PHE O 66 -15.74 -86.33 36.12
C PHE O 66 -15.79 -86.63 37.62
N THR O 67 -15.38 -86.15 38.94
CA THR O 67 -15.26 -86.37 40.38
C THR O 67 -13.84 -86.41 40.86
N HIS O 68 -13.66 -85.89 42.08
CA HIS O 68 -12.37 -85.84 42.73
C HIS O 68 -12.15 -87.18 43.41
N GLU O 69 -13.25 -87.90 43.63
CA GLU O 69 -13.22 -89.17 44.31
C GLU O 69 -12.63 -90.31 43.53
N LYS O 70 -11.42 -90.69 43.92
CA LYS O 70 -10.75 -91.78 43.25
C LYS O 70 -9.92 -92.61 44.22
N PRO O 71 -10.52 -93.67 44.76
CA PRO O 71 -9.88 -94.58 45.69
C PRO O 71 -9.04 -95.58 44.93
N GLU O 72 -7.96 -96.02 45.56
CA GLU O 72 -7.06 -96.97 44.93
C GLU O 72 -7.91 -98.12 44.41
N GLY O 73 -7.61 -98.57 43.19
CA GLY O 73 -8.37 -99.67 42.61
C GLY O 73 -8.33 -99.60 41.10
N TYR O 74 -9.24 -100.25 40.41
CA TYR O 74 -9.24 -100.18 38.96
C TYR O 74 -10.27 -99.27 38.32
N TYR O 75 -9.83 -98.53 37.32
CA TYR O 75 -10.70 -97.63 36.59
C TYR O 75 -10.84 -98.10 35.15
N ASN O 76 -11.83 -97.54 34.47
CA ASN O 76 -12.13 -97.92 33.09
C ASN O 76 -11.72 -96.91 32.03
N TRP O 77 -11.19 -97.39 30.92
CA TRP O 77 -10.79 -96.55 29.81
C TRP O 77 -10.88 -97.43 28.58
N HIS O 78 -11.07 -96.77 27.44
CA HIS O 78 -11.24 -97.42 26.15
C HIS O 78 -10.42 -98.62 25.84
N HIS O 79 -9.19 -98.65 26.30
CA HIS O 79 -8.39 -99.80 25.99
C HIS O 79 -8.41 -100.91 27.00
N GLY O 80 -9.03 -100.63 28.13
CA GLY O 80 -9.13 -101.67 29.13
C GLY O 80 -9.41 -101.12 30.49
N ALA O 81 -8.58 -101.54 31.46
CA ALA O 81 -8.73 -101.12 32.82
C ALA O 81 -7.46 -100.45 33.29
N VAL O 82 -7.61 -99.24 33.80
CA VAL O 82 -6.48 -98.50 34.30
C VAL O 82 -6.39 -98.88 35.79
N GLN O 83 -5.21 -98.75 36.38
CA GLN O 83 -5.03 -99.04 37.80
C GLN O 83 -4.56 -97.81 38.51
N TYR O 84 -5.24 -97.48 39.60
CA TYR O 84 -4.89 -96.32 40.41
C TYR O 84 -4.35 -96.73 41.79
N SER O 85 -3.20 -96.17 42.16
CA SER O 85 -2.61 -96.47 43.44
C SER O 85 -1.39 -95.60 43.59
N GLY O 86 -1.12 -95.18 44.82
CA GLY O 86 0.05 -94.36 45.12
C GLY O 86 -0.02 -93.00 44.45
N GLY O 87 -1.24 -92.61 44.13
CA GLY O 87 -1.47 -91.35 43.47
C GLY O 87 -0.98 -91.40 42.05
N ARG O 88 -1.10 -92.55 41.42
CA ARG O 88 -0.66 -92.73 40.05
C ARG O 88 -1.48 -93.72 39.25
N PHE O 89 -1.90 -93.31 38.05
CA PHE O 89 -2.68 -94.18 37.16
C PHE O 89 -1.68 -94.91 36.25
N THR O 90 -1.86 -96.20 36.07
CA THR O 90 -0.94 -96.94 35.20
C THR O 90 -1.70 -97.94 34.36
N ILE O 91 -1.02 -98.48 33.36
CA ILE O 91 -1.60 -99.45 32.44
C ILE O 91 -0.51 -100.35 31.88
N PRO O 92 -0.90 -101.50 31.34
CA PRO O 92 0.09 -102.40 30.78
C PRO O 92 0.74 -101.70 29.59
N THR O 93 2.06 -101.56 29.66
CA THR O 93 2.79 -100.89 28.59
C THR O 93 2.49 -101.48 27.25
N GLY O 94 2.00 -100.61 26.36
CA GLY O 94 1.68 -100.97 25.00
C GLY O 94 0.24 -100.67 24.72
N ALA O 95 -0.57 -100.67 25.78
CA ALA O 95 -2.02 -100.43 25.67
C ALA O 95 -2.44 -98.98 25.52
N GLY O 96 -1.49 -98.07 25.35
CA GLY O 96 -1.80 -96.68 25.17
C GLY O 96 -0.73 -96.17 24.24
N LYS O 97 -1.14 -95.52 23.16
CA LYS O 97 -0.23 -95.00 22.14
C LYS O 97 -0.49 -93.55 21.77
N PRO O 98 0.42 -92.93 20.98
CA PRO O 98 0.18 -91.55 20.60
C PRO O 98 -1.13 -91.48 19.85
N GLY O 99 -1.96 -90.52 20.22
CA GLY O 99 -3.26 -90.38 19.58
C GLY O 99 -4.37 -90.85 20.50
N ASP O 100 -4.02 -91.07 21.77
CA ASP O 100 -4.98 -91.46 22.79
C ASP O 100 -5.27 -90.31 23.78
N SER O 101 -4.60 -89.17 23.60
CA SER O 101 -4.80 -88.01 24.46
C SER O 101 -6.25 -87.60 24.34
N GLY O 102 -6.77 -87.02 25.41
CA GLY O 102 -8.16 -86.60 25.42
C GLY O 102 -9.12 -87.68 25.90
N ARG O 103 -8.72 -88.94 25.80
CA ARG O 103 -9.58 -90.03 26.23
C ARG O 103 -9.71 -90.03 27.74
N PRO O 104 -10.96 -90.01 28.25
CA PRO O 104 -11.28 -90.01 29.68
C PRO O 104 -11.08 -91.37 30.31
N ILE O 105 -10.87 -91.33 31.63
CA ILE O 105 -10.70 -92.52 32.44
C ILE O 105 -11.88 -92.48 33.38
N PHE O 106 -12.89 -93.30 33.08
CA PHE O 106 -14.12 -93.36 33.86
C PHE O 106 -13.98 -94.30 35.02
N ASP O 107 -14.92 -94.20 35.95
CA ASP O 107 -14.94 -95.11 37.06
C ASP O 107 -16.09 -96.04 36.74
N ASN O 108 -16.54 -96.84 37.70
CA ASN O 108 -17.65 -97.75 37.39
C ASN O 108 -19.05 -97.16 37.38
N LYS O 109 -19.17 -95.90 37.79
CA LYS O 109 -20.46 -95.22 37.73
C LYS O 109 -20.51 -94.20 36.60
N GLY O 110 -19.47 -94.22 35.77
CA GLY O 110 -19.43 -93.31 34.64
C GLY O 110 -18.81 -91.97 34.88
N ARG O 111 -18.51 -91.63 36.13
CA ARG O 111 -17.90 -90.33 36.37
C ARG O 111 -16.49 -90.31 35.80
N VAL O 112 -16.18 -89.30 34.99
CA VAL O 112 -14.85 -89.12 34.41
C VAL O 112 -13.96 -88.80 35.63
N VAL O 113 -12.85 -89.50 35.74
CA VAL O 113 -11.94 -89.34 36.87
C VAL O 113 -10.65 -88.56 36.54
N ALA O 114 -10.20 -88.69 35.29
CA ALA O 114 -9.00 -88.00 34.77
C ALA O 114 -9.08 -88.02 33.25
N ILE O 115 -8.20 -87.26 32.60
CA ILE O 115 -8.16 -87.23 31.13
C ILE O 115 -6.69 -87.46 30.73
N VAL O 116 -6.44 -88.50 29.94
CA VAL O 116 -5.07 -88.82 29.54
C VAL O 116 -4.42 -87.78 28.63
N LEU O 117 -3.15 -87.48 28.91
CA LEU O 117 -2.40 -86.51 28.14
C LEU O 117 -1.20 -87.19 27.50
N GLY O 118 -0.67 -88.21 28.17
CA GLY O 118 0.47 -88.93 27.66
C GLY O 118 0.93 -89.90 28.72
N GLY O 119 1.97 -90.67 28.46
CA GLY O 119 2.43 -91.59 29.48
C GLY O 119 3.93 -91.80 29.48
N ALA O 120 4.47 -92.11 30.64
CA ALA O 120 5.88 -92.36 30.80
C ALA O 120 6.06 -93.87 30.91
N ASN O 121 6.96 -94.42 30.11
CA ASN O 121 7.20 -95.85 30.13
C ASN O 121 8.20 -96.22 31.22
N GLU O 122 7.73 -97.00 32.18
CA GLU O 122 8.61 -97.42 33.24
C GLU O 122 8.65 -98.95 33.34
N GLY O 123 8.77 -99.59 32.17
CA GLY O 123 8.87 -101.03 32.09
C GLY O 123 7.60 -101.78 31.77
N ALA O 124 7.25 -102.69 32.67
CA ALA O 124 6.07 -103.52 32.54
C ALA O 124 4.86 -102.65 32.34
N ARG O 125 4.78 -101.57 33.14
CA ARG O 125 3.66 -100.63 33.14
C ARG O 125 4.06 -99.20 32.84
N THR O 126 3.11 -98.43 32.31
CA THR O 126 3.33 -97.03 31.99
C THR O 126 2.50 -96.13 32.94
N ALA O 127 3.14 -95.16 33.59
CA ALA O 127 2.46 -94.26 34.51
C ALA O 127 1.86 -93.24 33.62
N LEU O 128 0.55 -93.05 33.69
CA LEU O 128 -0.10 -92.05 32.84
C LEU O 128 0.09 -90.63 33.34
N SER O 129 0.08 -89.70 32.39
CA SER O 129 0.20 -88.28 32.67
C SER O 129 -1.23 -87.83 32.41
N VAL O 130 -1.94 -87.43 33.47
CA VAL O 130 -3.34 -87.04 33.36
C VAL O 130 -3.71 -85.68 33.93
N VAL O 131 -4.91 -85.23 33.58
CA VAL O 131 -5.52 -83.98 34.05
C VAL O 131 -6.55 -84.54 35.02
N THR O 132 -6.46 -84.20 36.32
CA THR O 132 -7.41 -84.69 37.32
C THR O 132 -7.91 -83.60 38.23
N TRP O 133 -9.12 -83.81 38.73
CA TRP O 133 -9.76 -82.86 39.61
C TRP O 133 -9.32 -83.05 41.06
N ASN O 134 -9.05 -81.93 41.69
CA ASN O 134 -8.65 -81.91 43.09
C ASN O 134 -9.96 -81.64 43.84
N LYS O 135 -9.81 -81.12 45.06
CA LYS O 135 -10.95 -80.78 45.93
C LYS O 135 -12.08 -80.19 45.12
N ASP O 136 -11.73 -79.33 44.18
CA ASP O 136 -12.73 -78.71 43.34
C ASP O 136 -12.05 -78.34 42.03
N ILE O 137 -10.78 -77.92 42.15
CA ILE O 137 -10.01 -77.50 40.99
C ILE O 137 -9.17 -78.54 40.26
N VAL O 138 -9.05 -78.29 38.97
CA VAL O 138 -8.33 -79.09 37.99
C VAL O 138 -6.86 -79.20 38.39
N THR O 139 -6.20 -80.27 37.97
CA THR O 139 -4.78 -80.45 38.28
C THR O 139 -4.19 -81.34 37.22
N LYS O 140 -2.86 -81.39 37.17
CA LYS O 140 -2.21 -82.21 36.14
C LYS O 140 -1.06 -83.00 36.74
N ILE O 141 -1.14 -84.31 36.60
CA ILE O 141 -0.12 -85.20 37.13
C ILE O 141 0.71 -85.75 35.97
N THR O 142 1.99 -85.43 35.97
CA THR O 142 2.87 -85.86 34.90
C THR O 142 4.06 -86.62 35.41
N PRO O 143 4.02 -87.96 35.32
CA PRO O 143 5.12 -88.82 35.77
C PRO O 143 6.42 -88.49 35.06
N GLU O 144 7.53 -88.65 35.77
CA GLU O 144 8.86 -88.37 35.24
C GLU O 144 9.12 -89.13 33.93
N GLY O 145 9.48 -88.38 32.89
CA GLY O 145 9.77 -88.96 31.58
C GLY O 145 8.56 -89.29 30.72
N ALA O 146 7.47 -88.56 30.89
CA ALA O 146 6.27 -88.81 30.10
C ALA O 146 6.46 -88.54 28.61
N GLU O 147 5.76 -89.29 27.77
CA GLU O 147 5.82 -89.12 26.33
C GLU O 147 4.41 -88.70 26.04
N GLU O 148 4.27 -87.45 25.65
CA GLU O 148 2.98 -86.83 25.33
C GLU O 148 2.29 -87.49 24.16
N TRP O 149 1.20 -88.21 24.42
CA TRP O 149 0.48 -88.87 23.35
C TRP O 149 -0.47 -87.92 22.62
N CYS P 1 -10.96 -95.88 -3.92
CA CYS P 1 -10.10 -95.35 -4.98
C CYS P 1 -10.87 -94.51 -5.99
N ILE P 2 -12.13 -94.87 -6.25
CA ILE P 2 -12.95 -94.11 -7.17
C ILE P 2 -13.76 -93.11 -6.39
N PHE P 3 -13.76 -91.87 -6.88
CA PHE P 3 -14.51 -90.79 -6.24
C PHE P 3 -15.23 -90.05 -7.33
N GLU P 4 -16.42 -89.52 -7.03
CA GLU P 4 -17.19 -88.86 -8.08
C GLU P 4 -17.17 -87.38 -8.12
N VAL P 5 -16.96 -86.86 -9.33
CA VAL P 5 -16.97 -85.43 -9.60
C VAL P 5 -18.45 -85.04 -9.71
N LYS P 6 -18.86 -84.04 -8.94
CA LYS P 6 -20.23 -83.52 -8.94
C LYS P 6 -20.23 -82.11 -9.45
N HIS P 7 -21.27 -81.75 -10.19
CA HIS P 7 -21.42 -80.40 -10.71
C HIS P 7 -22.88 -80.00 -10.59
N GLU P 8 -23.13 -79.00 -9.75
CA GLU P 8 -24.46 -78.51 -9.47
C GLU P 8 -25.23 -79.73 -9.00
N GLY P 9 -24.64 -80.38 -8.01
CA GLY P 9 -25.24 -81.58 -7.44
C GLY P 9 -25.46 -82.74 -8.39
N LYS P 10 -24.74 -82.76 -9.52
CA LYS P 10 -24.88 -83.83 -10.52
C LYS P 10 -23.57 -84.48 -10.99
N VAL P 11 -23.48 -85.81 -10.82
CA VAL P 11 -22.31 -86.58 -11.21
C VAL P 11 -21.95 -86.40 -12.68
N MET P 12 -20.78 -85.82 -12.93
CA MET P 12 -20.30 -85.61 -14.30
C MET P 12 -19.29 -86.64 -14.77
N GLY P 13 -18.41 -87.09 -13.88
CA GLY P 13 -17.39 -88.05 -14.25
C GLY P 13 -16.87 -88.67 -12.98
N TYR P 14 -15.62 -89.09 -12.98
CA TYR P 14 -15.06 -89.69 -11.77
C TYR P 14 -13.65 -89.26 -11.55
N ALA P 15 -13.10 -89.60 -10.40
CA ALA P 15 -11.76 -89.25 -10.03
C ALA P 15 -11.22 -90.55 -9.48
N CYS P 16 -9.95 -90.77 -9.70
CA CYS P 16 -9.35 -92.01 -9.28
C CYS P 16 -7.98 -91.86 -8.61
N LEU P 17 -7.79 -92.65 -7.55
CA LEU P 17 -6.52 -92.63 -6.83
C LEU P 17 -5.58 -93.72 -7.39
N VAL P 18 -4.82 -93.37 -8.43
CA VAL P 18 -3.87 -94.30 -9.06
C VAL P 18 -2.40 -93.94 -8.80
N GLY P 19 -1.65 -94.91 -8.30
CA GLY P 19 -0.24 -94.71 -8.00
C GLY P 19 -0.08 -93.88 -6.75
N ASP P 20 0.39 -92.65 -6.90
CA ASP P 20 0.50 -91.79 -5.74
C ASP P 20 -0.14 -90.44 -6.07
N LYS P 21 -0.79 -90.38 -7.24
CA LYS P 21 -1.48 -89.16 -7.66
C LYS P 21 -2.99 -89.35 -7.53
N VAL P 22 -3.76 -88.29 -7.75
CA VAL P 22 -5.22 -88.38 -7.69
C VAL P 22 -5.59 -87.85 -9.06
N MET P 23 -6.17 -88.72 -9.89
CA MET P 23 -6.57 -88.35 -11.24
C MET P 23 -8.05 -88.04 -11.44
N LYS P 24 -8.33 -87.30 -12.52
CA LYS P 24 -9.68 -86.97 -12.95
C LYS P 24 -9.55 -86.31 -14.30
N PRO P 25 -10.36 -86.71 -15.28
CA PRO P 25 -10.23 -86.09 -16.59
C PRO P 25 -10.38 -84.56 -16.49
N ALA P 26 -9.56 -83.86 -17.26
CA ALA P 26 -9.59 -82.41 -17.28
C ALA P 26 -10.94 -81.88 -17.79
N HIS P 27 -11.48 -82.51 -18.82
CA HIS P 27 -12.75 -82.07 -19.37
C HIS P 27 -13.95 -82.17 -18.42
N VAL P 28 -13.87 -82.97 -17.36
CA VAL P 28 -14.98 -83.13 -16.43
C VAL P 28 -15.24 -81.90 -15.52
N LYS P 29 -16.44 -81.35 -15.63
CA LYS P 29 -16.85 -80.20 -14.82
C LYS P 29 -17.30 -80.66 -13.42
N GLY P 30 -17.03 -79.82 -12.44
CA GLY P 30 -17.40 -80.15 -11.09
C GLY P 30 -16.17 -80.25 -10.20
N THR P 31 -16.41 -80.64 -8.96
CA THR P 31 -15.35 -80.79 -7.98
C THR P 31 -15.56 -82.11 -7.28
N ILE P 32 -14.44 -82.81 -7.03
CA ILE P 32 -14.50 -84.11 -6.38
C ILE P 32 -15.33 -84.07 -5.09
N ASP P 33 -16.31 -84.95 -5.01
CA ASP P 33 -17.18 -85.02 -3.86
C ASP P 33 -16.52 -85.63 -2.64
N ASN P 34 -15.42 -85.03 -2.21
CA ASN P 34 -14.70 -85.51 -1.04
C ASN P 34 -13.86 -84.33 -0.52
N ALA P 35 -14.12 -83.93 0.71
CA ALA P 35 -13.42 -82.80 1.29
C ALA P 35 -11.93 -82.86 1.02
N ASP P 36 -11.27 -83.88 1.57
CA ASP P 36 -9.83 -84.02 1.43
C ASP P 36 -9.34 -83.88 0.00
N LEU P 37 -10.06 -84.49 -0.95
CA LEU P 37 -9.67 -84.42 -2.34
C LEU P 37 -9.95 -83.09 -3.03
N ALA P 38 -11.11 -82.51 -2.69
CA ALA P 38 -11.56 -81.27 -3.30
C ALA P 38 -10.64 -80.08 -3.08
N LYS P 39 -10.08 -79.97 -1.87
CA LYS P 39 -9.19 -78.86 -1.53
C LYS P 39 -7.77 -78.93 -2.06
N LEU P 40 -7.47 -79.95 -2.84
CA LEU P 40 -6.14 -80.13 -3.41
C LEU P 40 -5.82 -79.16 -4.54
N ALA P 41 -4.56 -79.14 -4.97
CA ALA P 41 -4.12 -78.27 -6.06
C ALA P 41 -3.79 -79.18 -7.22
N PHE P 42 -4.62 -79.16 -8.27
CA PHE P 42 -4.36 -80.01 -9.44
C PHE P 42 -3.52 -79.32 -10.53
N LYS P 43 -2.76 -80.12 -11.28
CA LYS P 43 -1.92 -79.62 -12.36
C LYS P 43 -2.56 -80.11 -13.63
N ARG P 44 -3.14 -79.19 -14.39
CA ARG P 44 -3.79 -79.57 -15.65
C ARG P 44 -2.75 -79.92 -16.73
N SER P 45 -3.16 -80.73 -17.70
CA SER P 45 -2.31 -81.17 -18.82
C SER P 45 -3.20 -81.43 -20.04
N SER P 46 -3.45 -80.38 -20.82
CA SER P 46 -4.34 -80.47 -21.99
C SER P 46 -4.00 -81.47 -23.07
N LYS P 47 -2.73 -81.88 -23.14
CA LYS P 47 -2.33 -82.88 -24.13
C LYS P 47 -3.01 -84.18 -23.73
N TYR P 48 -2.87 -84.55 -22.47
CA TYR P 48 -3.44 -85.79 -21.97
C TYR P 48 -4.88 -85.70 -21.50
N ASP P 49 -5.41 -84.48 -21.52
CA ASP P 49 -6.77 -84.24 -21.05
C ASP P 49 -6.84 -84.84 -19.64
N LEU P 50 -5.70 -84.78 -18.96
CA LEU P 50 -5.57 -85.31 -17.61
C LEU P 50 -5.42 -84.13 -16.67
N GLU P 51 -5.62 -84.38 -15.38
CA GLU P 51 -5.56 -83.33 -14.35
C GLU P 51 -5.28 -84.09 -13.06
N CYS P 52 -3.99 -84.20 -12.74
CA CYS P 52 -3.55 -84.90 -11.54
C CYS P 52 -3.10 -84.02 -10.37
N ALA P 53 -3.03 -84.64 -9.19
CA ALA P 53 -2.63 -83.98 -7.95
C ALA P 53 -2.03 -85.12 -7.11
N GLN P 54 -1.59 -84.82 -5.90
CA GLN P 54 -0.98 -85.87 -5.10
C GLN P 54 -1.90 -86.35 -3.97
N ILE P 55 -1.90 -87.66 -3.72
CA ILE P 55 -2.77 -88.24 -2.69
C ILE P 55 -2.31 -87.92 -1.29
N PRO P 56 -3.22 -87.37 -0.45
CA PRO P 56 -2.91 -87.03 0.94
C PRO P 56 -2.40 -88.30 1.63
N VAL P 57 -1.45 -88.18 2.56
CA VAL P 57 -0.90 -89.34 3.23
C VAL P 57 -1.96 -90.28 3.80
N HIS P 58 -3.03 -89.71 4.39
CA HIS P 58 -4.09 -90.53 5.00
C HIS P 58 -4.99 -91.32 4.04
N MET P 59 -4.79 -91.14 2.74
CA MET P 59 -5.56 -91.85 1.72
C MET P 59 -4.65 -92.68 0.80
N LYS P 60 -3.34 -92.48 0.92
CA LYS P 60 -2.38 -93.18 0.08
C LYS P 60 -2.54 -94.70 0.15
N SER P 61 -3.08 -95.20 1.26
CA SER P 61 -3.29 -96.63 1.41
C SER P 61 -4.47 -97.05 0.54
N ASP P 62 -5.23 -96.04 0.09
CA ASP P 62 -6.42 -96.24 -0.73
C ASP P 62 -6.22 -96.13 -2.26
N ALA P 63 -4.98 -95.95 -2.68
CA ALA P 63 -4.71 -95.85 -4.09
C ALA P 63 -4.81 -97.21 -4.70
N SER P 64 -4.73 -97.25 -6.02
CA SER P 64 -4.81 -98.47 -6.81
C SER P 64 -3.55 -98.40 -7.65
N LYS P 65 -2.82 -99.51 -7.74
CA LYS P 65 -1.56 -99.54 -8.54
C LYS P 65 -1.90 -99.52 -10.02
N PHE P 66 -2.11 -99.65 -11.24
CA PHE P 66 -2.38 -99.70 -12.68
C PHE P 66 -1.45 -100.73 -13.32
N THR P 67 -0.28 -100.91 -14.18
CA THR P 67 0.59 -101.81 -14.93
C THR P 67 0.57 -101.57 -16.42
N HIS P 68 1.74 -101.76 -17.03
CA HIS P 68 1.90 -101.59 -18.45
C HIS P 68 1.52 -102.90 -19.11
N GLU P 69 1.51 -103.96 -18.32
CA GLU P 69 1.21 -105.30 -18.79
C GLU P 69 -0.23 -105.55 -19.13
N LYS P 70 -0.50 -105.61 -20.43
CA LYS P 70 -1.84 -105.85 -20.88
C LYS P 70 -1.87 -106.69 -22.15
N PRO P 71 -1.99 -108.01 -21.97
CA PRO P 71 -2.04 -108.98 -23.06
C PRO P 71 -3.44 -109.03 -23.62
N GLU P 72 -3.55 -109.32 -24.92
CA GLU P 72 -4.83 -109.39 -25.56
C GLU P 72 -5.72 -110.29 -24.74
N GLY P 73 -6.96 -109.91 -24.53
CA GLY P 73 -7.89 -110.72 -23.75
C GLY P 73 -8.96 -109.84 -23.15
N TYR P 74 -9.64 -110.32 -22.11
CA TYR P 74 -10.67 -109.49 -21.48
C TYR P 74 -10.30 -108.83 -20.17
N TYR P 75 -10.69 -107.57 -20.05
CA TYR P 75 -10.43 -106.81 -18.84
C TYR P 75 -11.74 -106.46 -18.15
N ASN P 76 -11.64 -106.03 -16.90
CA ASN P 76 -12.81 -105.72 -16.10
C ASN P 76 -13.06 -104.22 -15.89
N TRP P 77 -14.31 -103.82 -15.95
CA TRP P 77 -14.70 -102.44 -15.73
C TRP P 77 -16.13 -102.49 -15.23
N HIS P 78 -16.51 -101.46 -14.49
CA HIS P 78 -17.82 -101.34 -13.88
C HIS P 78 -19.02 -101.79 -14.64
N HIS P 79 -19.01 -101.63 -15.93
CA HIS P 79 -20.18 -102.05 -16.65
C HIS P 79 -20.11 -103.44 -17.22
N GLY P 80 -18.96 -104.05 -17.10
CA GLY P 80 -18.84 -105.40 -17.57
C GLY P 80 -17.43 -105.81 -17.85
N ALA P 81 -17.20 -106.34 -19.04
CA ALA P 81 -15.89 -106.79 -19.44
C ALA P 81 -15.47 -106.06 -20.69
N VAL P 82 -14.29 -105.46 -20.61
CA VAL P 82 -13.75 -104.75 -21.75
C VAL P 82 -12.92 -105.79 -22.52
N GLN P 83 -12.71 -105.57 -23.81
CA GLN P 83 -11.90 -106.48 -24.60
C GLN P 83 -10.72 -105.74 -25.18
N TYR P 84 -9.54 -106.31 -24.99
CA TYR P 84 -8.32 -105.73 -25.50
C TYR P 84 -7.69 -106.56 -26.62
N SER P 85 -7.37 -105.92 -27.74
CA SER P 85 -6.77 -106.60 -28.86
C SER P 85 -6.43 -105.57 -29.90
N GLY P 86 -5.34 -105.80 -30.62
CA GLY P 86 -4.91 -104.91 -31.68
C GLY P 86 -4.53 -103.54 -31.16
N GLY P 87 -4.21 -103.52 -29.89
CA GLY P 87 -3.83 -102.28 -29.23
C GLY P 87 -5.05 -101.38 -29.07
N ARG P 88 -6.20 -101.99 -28.84
CA ARG P 88 -7.43 -101.24 -28.67
C ARG P 88 -8.42 -101.87 -27.73
N PHE P 89 -8.94 -101.08 -26.78
CA PHE P 89 -9.94 -101.56 -25.82
C PHE P 89 -11.32 -101.28 -26.41
N THR P 90 -12.22 -102.24 -26.35
CA THR P 90 -13.55 -102.01 -26.89
C THR P 90 -14.60 -102.62 -25.98
N ILE P 91 -15.85 -102.26 -26.24
CA ILE P 91 -16.98 -102.72 -25.44
C ILE P 91 -18.24 -102.74 -26.30
N PRO P 92 -19.27 -103.48 -25.87
CA PRO P 92 -20.49 -103.51 -26.63
C PRO P 92 -21.10 -102.12 -26.62
N THR P 93 -21.30 -101.55 -27.80
CA THR P 93 -21.86 -100.22 -27.92
C THR P 93 -23.13 -100.07 -27.14
N GLY P 94 -23.11 -99.11 -26.22
CA GLY P 94 -24.25 -98.79 -25.41
C GLY P 94 -23.89 -98.94 -23.95
N ALA P 95 -22.91 -99.78 -23.68
CA ALA P 95 -22.46 -100.06 -22.32
C ALA P 95 -21.55 -99.02 -21.68
N GLY P 96 -21.36 -97.90 -22.35
CA GLY P 96 -20.53 -96.83 -21.81
C GLY P 96 -21.17 -95.56 -22.30
N LYS P 97 -21.46 -94.65 -21.38
CA LYS P 97 -22.12 -93.38 -21.72
C LYS P 97 -21.41 -92.16 -21.12
N PRO P 98 -21.84 -90.94 -21.53
CA PRO P 98 -21.20 -89.76 -20.98
C PRO P 98 -21.35 -89.79 -19.47
N GLY P 99 -20.26 -89.55 -18.76
CA GLY P 99 -20.32 -89.57 -17.31
C GLY P 99 -19.65 -90.82 -16.77
N ASP P 100 -18.94 -91.52 -17.65
CA ASP P 100 -18.18 -92.72 -17.28
C ASP P 100 -16.65 -92.47 -17.30
N SER P 101 -16.26 -91.25 -17.67
CA SER P 101 -14.85 -90.88 -17.72
C SER P 101 -14.29 -91.02 -16.31
N GLY P 102 -13.01 -91.34 -16.23
CA GLY P 102 -12.39 -91.52 -14.93
C GLY P 102 -12.45 -92.95 -14.41
N ARG P 103 -13.42 -93.72 -14.89
CA ARG P 103 -13.56 -95.09 -14.45
C ARG P 103 -12.42 -95.94 -14.97
N PRO P 104 -11.71 -96.65 -14.07
CA PRO P 104 -10.58 -97.52 -14.40
C PRO P 104 -11.01 -98.83 -15.01
N ILE P 105 -10.07 -99.41 -15.76
CA ILE P 105 -10.28 -100.70 -16.41
C ILE P 105 -9.24 -101.59 -15.75
N PHE P 106 -9.71 -102.43 -14.83
CA PHE P 106 -8.86 -103.34 -14.07
C PHE P 106 -8.63 -104.61 -14.81
N ASP P 107 -7.65 -105.36 -14.35
CA ASP P 107 -7.40 -106.65 -14.92
C ASP P 107 -7.92 -107.61 -13.87
N ASN P 108 -7.60 -108.91 -13.97
CA ASN P 108 -8.09 -109.84 -12.98
C ASN P 108 -7.37 -109.88 -11.64
N LYS P 109 -6.26 -109.16 -11.54
CA LYS P 109 -5.53 -109.09 -10.28
C LYS P 109 -5.72 -107.73 -9.62
N GLY P 110 -6.60 -106.92 -10.20
CA GLY P 110 -6.87 -105.62 -9.64
C GLY P 110 -6.02 -104.49 -10.12
N ARG P 111 -4.98 -104.79 -10.88
CA ARG P 111 -4.14 -103.69 -11.36
C ARG P 111 -4.91 -102.85 -12.39
N VAL P 112 -4.95 -101.54 -12.17
CA VAL P 112 -5.61 -100.62 -13.10
C VAL P 112 -4.75 -100.70 -14.37
N VAL P 113 -5.39 -100.88 -15.51
CA VAL P 113 -4.70 -101.04 -16.79
C VAL P 113 -4.78 -99.79 -17.70
N ALA P 114 -5.91 -99.07 -17.58
CA ALA P 114 -6.18 -97.84 -18.34
C ALA P 114 -7.27 -97.07 -17.63
N ILE P 115 -7.51 -95.83 -18.04
CA ILE P 115 -8.58 -95.02 -17.44
C ILE P 115 -9.39 -94.45 -18.62
N VAL P 116 -10.69 -94.74 -18.65
CA VAL P 116 -11.55 -94.29 -19.74
C VAL P 116 -11.73 -92.76 -19.81
N LEU P 117 -11.66 -92.23 -21.02
CA LEU P 117 -11.82 -90.80 -21.24
C LEU P 117 -13.03 -90.56 -22.13
N GLY P 118 -13.31 -91.49 -23.02
CA GLY P 118 -14.45 -91.37 -23.92
C GLY P 118 -14.38 -92.51 -24.91
N GLY P 119 -15.33 -92.58 -25.83
CA GLY P 119 -15.29 -93.66 -26.78
C GLY P 119 -15.80 -93.29 -28.15
N ALA P 120 -15.28 -93.94 -29.17
CA ALA P 120 -15.69 -93.70 -30.54
C ALA P 120 -16.60 -94.87 -30.94
N ASN P 121 -17.78 -94.54 -31.47
CA ASN P 121 -18.72 -95.57 -31.88
C ASN P 121 -18.40 -96.06 -33.28
N GLU P 122 -18.07 -97.33 -33.38
CA GLU P 122 -17.78 -97.90 -34.67
C GLU P 122 -18.68 -99.11 -34.95
N GLY P 123 -19.97 -98.95 -34.63
CA GLY P 123 -20.96 -99.98 -34.87
C GLY P 123 -21.34 -100.85 -33.69
N ALA P 124 -21.14 -102.15 -33.88
CA ALA P 124 -21.45 -103.14 -32.87
C ALA P 124 -20.74 -102.81 -31.59
N ARG P 125 -19.46 -102.42 -31.73
CA ARG P 125 -18.58 -102.09 -30.61
C ARG P 125 -18.00 -100.70 -30.65
N THR P 126 -17.67 -100.18 -29.48
CA THR P 126 -17.08 -98.85 -29.35
C THR P 126 -15.61 -98.96 -28.91
N ALA P 127 -14.69 -98.32 -29.64
CA ALA P 127 -13.27 -98.36 -29.29
C ALA P 127 -13.13 -97.33 -28.26
N LEU P 128 -12.61 -97.69 -27.09
CA LEU P 128 -12.45 -96.71 -26.00
C LEU P 128 -11.24 -95.81 -26.20
N SER P 129 -11.34 -94.60 -25.67
CA SER P 129 -10.28 -93.61 -25.72
C SER P 129 -9.81 -93.64 -24.27
N VAL P 130 -8.61 -94.16 -24.03
CA VAL P 130 -8.06 -94.30 -22.69
C VAL P 130 -6.71 -93.69 -22.44
N VAL P 131 -6.37 -93.60 -21.14
CA VAL P 131 -5.09 -93.11 -20.65
C VAL P 131 -4.45 -94.42 -20.21
N THR P 132 -3.31 -94.80 -20.80
CA THR P 132 -2.64 -96.06 -20.44
C THR P 132 -1.16 -95.89 -20.24
N TRP P 133 -0.61 -96.74 -19.39
CA TRP P 133 0.81 -96.72 -19.08
C TRP P 133 1.63 -97.45 -20.10
N ASN P 134 2.73 -96.84 -20.48
CA ASN P 134 3.67 -97.41 -21.43
C ASN P 134 4.73 -98.08 -20.55
N LYS P 135 5.92 -98.28 -21.13
CA LYS P 135 7.06 -98.88 -20.44
C LYS P 135 7.13 -98.41 -19.00
N ASP P 136 6.89 -97.12 -18.81
CA ASP P 136 6.91 -96.55 -17.47
C ASP P 136 6.01 -95.33 -17.47
N ILE P 137 6.03 -94.63 -18.61
CA ILE P 137 5.25 -93.40 -18.76
C ILE P 137 3.83 -93.53 -19.33
N VAL P 138 3.01 -92.60 -18.86
CA VAL P 138 1.62 -92.44 -19.19
C VAL P 138 1.45 -92.21 -20.69
N THR P 139 0.30 -92.57 -21.24
CA THR P 139 0.04 -92.36 -22.66
C THR P 139 -1.45 -92.27 -22.85
N LYS P 140 -1.87 -91.81 -24.02
CA LYS P 140 -3.30 -91.65 -24.27
C LYS P 140 -3.66 -92.15 -25.65
N ILE P 141 -4.56 -93.13 -25.70
CA ILE P 141 -4.99 -93.71 -26.95
C ILE P 141 -6.40 -93.23 -27.26
N THR P 142 -6.54 -92.51 -28.37
CA THR P 142 -7.82 -91.97 -28.76
C THR P 142 -8.24 -92.38 -30.14
N PRO P 143 -9.14 -93.39 -30.24
CA PRO P 143 -9.63 -93.90 -31.52
C PRO P 143 -10.27 -92.79 -32.34
N GLU P 144 -10.15 -92.89 -33.65
CA GLU P 144 -10.70 -91.90 -34.58
C GLU P 144 -12.21 -91.70 -34.35
N GLY P 145 -12.61 -90.45 -34.14
CA GLY P 145 -14.00 -90.11 -33.92
C GLY P 145 -14.53 -90.34 -32.51
N ALA P 146 -13.66 -90.26 -31.51
CA ALA P 146 -14.09 -90.48 -30.13
C ALA P 146 -15.06 -89.41 -29.63
N GLU P 147 -15.96 -89.79 -28.74
CA GLU P 147 -16.93 -88.88 -28.17
C GLU P 147 -16.52 -88.91 -26.72
N GLU P 148 -15.97 -87.80 -26.26
CA GLU P 148 -15.48 -87.62 -24.90
C GLU P 148 -16.58 -87.76 -23.86
N TRP P 149 -16.56 -88.85 -23.09
CA TRP P 149 -17.57 -89.05 -22.07
C TRP P 149 -17.26 -88.28 -20.78
N HIS Q 1 -18.53 -4.51 39.98
CA HIS Q 1 -17.71 -5.63 40.44
C HIS Q 1 -16.97 -6.34 39.30
N THR Q 2 -16.72 -7.63 39.42
CA THR Q 2 -15.93 -8.34 38.43
C THR Q 2 -16.05 -9.91 38.21
N THR Q 3 -16.98 -10.33 37.32
CA THR Q 3 -17.37 -11.72 36.74
C THR Q 3 -18.84 -11.97 36.23
N LEU Q 4 -19.44 -13.12 36.51
CA LEU Q 4 -20.80 -13.08 35.96
C LEU Q 4 -21.99 -13.39 36.82
N GLY Q 5 -22.19 -14.70 37.05
CA GLY Q 5 -23.31 -15.20 37.81
C GLY Q 5 -23.25 -14.51 39.10
N VAL Q 6 -24.21 -13.64 39.38
CA VAL Q 6 -24.25 -12.90 40.62
C VAL Q 6 -23.86 -13.70 41.85
N GLN Q 7 -22.56 -13.66 42.15
CA GLN Q 7 -22.02 -14.00 43.49
C GLN Q 7 -22.73 -13.09 44.60
N ASP Q 8 -23.01 -13.71 45.75
CA ASP Q 8 -23.63 -13.11 46.94
C ASP Q 8 -23.02 -13.96 48.15
N ILE Q 9 -23.81 -14.52 49.08
CA ILE Q 9 -23.45 -15.43 50.27
C ILE Q 9 -22.55 -15.14 51.57
N SER Q 10 -21.72 -16.09 52.06
CA SER Q 10 -21.19 -16.03 53.49
C SER Q 10 -19.96 -16.87 54.12
N THR Q 11 -18.65 -16.46 54.10
CA THR Q 11 -17.74 -17.34 54.81
C THR Q 11 -18.51 -18.24 55.79
N THR Q 12 -17.90 -18.48 56.95
CA THR Q 12 -18.52 -19.32 57.97
C THR Q 12 -19.90 -19.80 57.53
N ALA Q 13 -20.93 -19.04 57.90
CA ALA Q 13 -22.31 -19.38 57.54
C ALA Q 13 -22.35 -20.15 56.21
N MET Q 14 -21.71 -19.60 55.19
CA MET Q 14 -21.70 -20.22 53.88
C MET Q 14 -21.18 -21.65 53.96
N SER Q 15 -20.12 -21.86 54.74
CA SER Q 15 -19.54 -23.17 54.91
C SER Q 15 -20.47 -24.11 55.63
N TRP Q 16 -21.21 -23.58 56.61
CA TRP Q 16 -22.17 -24.36 57.38
C TRP Q 16 -23.12 -25.11 56.45
N VAL Q 17 -23.66 -24.41 55.47
CA VAL Q 17 -24.64 -25.00 54.56
C VAL Q 17 -23.97 -25.90 53.53
N GLN Q 18 -22.84 -25.43 52.99
CA GLN Q 18 -22.11 -26.19 51.99
C GLN Q 18 -21.71 -27.56 52.52
N LYS Q 19 -21.31 -27.61 53.78
CA LYS Q 19 -20.79 -28.84 54.37
C LYS Q 19 -21.86 -29.92 54.44
N ILE Q 20 -23.12 -29.50 54.36
CA ILE Q 20 -24.24 -30.42 54.49
C ILE Q 20 -24.42 -31.26 53.23
N THR Q 21 -24.25 -30.51 52.13
CA THR Q 21 -24.53 -30.92 50.74
C THR Q 21 -23.40 -31.09 49.72
N GLY Q 22 -23.53 -32.15 48.93
CA GLY Q 22 -22.56 -33.23 48.76
C GLY Q 22 -22.68 -34.37 49.76
N GLY Q 23 -23.39 -34.11 50.83
CA GLY Q 23 -23.52 -35.06 51.93
C GLY Q 23 -24.67 -36.00 52.14
N VAL Q 24 -25.78 -35.90 51.42
CA VAL Q 24 -26.74 -36.94 51.73
C VAL Q 24 -27.05 -37.80 50.50
N GLY Q 25 -26.98 -37.20 49.33
CA GLY Q 25 -27.16 -37.91 48.07
C GLY Q 25 -26.05 -38.94 47.87
N LEU Q 26 -24.81 -38.52 48.13
CA LEU Q 26 -23.68 -39.43 48.07
C LEU Q 26 -23.82 -40.58 49.05
N ILE Q 27 -24.33 -40.28 50.24
CA ILE Q 27 -24.51 -41.29 51.28
C ILE Q 27 -25.46 -42.39 50.83
N VAL Q 28 -26.60 -41.98 50.27
CA VAL Q 28 -27.64 -42.93 49.89
C VAL Q 28 -27.24 -43.71 48.63
N ALA Q 29 -26.37 -43.10 47.82
CA ALA Q 29 -25.79 -43.78 46.67
C ALA Q 29 -24.83 -44.88 47.12
N VAL Q 30 -23.97 -44.55 48.08
CA VAL Q 30 -23.05 -45.53 48.65
C VAL Q 30 -23.81 -46.66 49.35
N ALA Q 31 -24.81 -46.30 50.12
CA ALA Q 31 -25.63 -47.29 50.83
C ALA Q 31 -26.33 -48.21 49.85
N ALA Q 32 -26.83 -47.64 48.76
CA ALA Q 32 -27.45 -48.43 47.70
C ALA Q 32 -26.50 -49.46 47.15
N LEU Q 33 -25.28 -49.03 46.84
CA LEU Q 33 -24.25 -49.93 46.31
C LEU Q 33 -23.91 -51.03 47.32
N ILE Q 34 -23.79 -50.65 48.59
CA ILE Q 34 -23.47 -51.60 49.64
C ILE Q 34 -24.55 -52.66 49.78
N LEU Q 35 -25.81 -52.23 49.66
CA LEU Q 35 -26.94 -53.15 49.70
C LEU Q 35 -26.89 -54.13 48.55
N ILE Q 36 -26.55 -53.64 47.36
CA ILE Q 36 -26.36 -54.49 46.20
C ILE Q 36 -25.25 -55.51 46.44
N VAL Q 37 -24.15 -55.06 47.03
CA VAL Q 37 -23.01 -55.93 47.32
C VAL Q 37 -23.42 -57.07 48.25
N VAL Q 38 -24.15 -56.73 49.30
CA VAL Q 38 -24.64 -57.73 50.26
C VAL Q 38 -25.60 -58.70 49.57
N LEU Q 39 -26.46 -58.16 48.71
CA LEU Q 39 -27.39 -58.98 47.93
C LEU Q 39 -26.65 -60.02 47.11
N CYS Q 40 -25.55 -59.59 46.49
CA CYS Q 40 -24.72 -60.49 45.69
C CYS Q 40 -24.06 -61.56 46.56
N VAL Q 41 -23.70 -61.17 47.78
CA VAL Q 41 -23.17 -62.12 48.75
C VAL Q 41 -24.17 -63.21 49.07
N SER Q 42 -25.43 -62.82 49.25
CA SER Q 42 -26.50 -63.77 49.48
C SER Q 42 -26.71 -64.67 48.27
N PHE Q 43 -26.68 -64.08 47.08
CA PHE Q 43 -26.79 -64.83 45.84
C PHE Q 43 -25.68 -65.86 45.73
N SER Q 44 -24.46 -65.46 46.08
CA SER Q 44 -23.32 -66.38 46.10
C SER Q 44 -23.51 -67.46 47.16
N ARG Q 45 -24.07 -67.07 48.30
CA ARG Q 45 -24.27 -68.00 49.41
C ARG Q 45 -25.23 -69.11 49.01
N HIS Q 46 -26.24 -68.77 48.22
CA HIS Q 46 -27.19 -69.75 47.71
C HIS Q 46 -26.57 -70.61 46.61
N SER R 1 -27.10 5.27 53.84
CA SER R 1 -27.97 4.91 54.94
C SER R 1 -28.06 3.39 55.20
N THR R 2 -27.18 2.86 56.11
CA THR R 2 -27.08 1.43 56.62
C THR R 2 -25.85 1.11 57.49
N ASN R 3 -26.03 0.54 58.69
CA ASN R 3 -24.93 0.03 59.60
C ASN R 3 -25.27 -1.42 60.00
N GLY R 4 -26.20 -2.00 59.27
CA GLY R 4 -26.51 -3.37 59.53
C GLY R 4 -25.54 -4.19 58.71
N THR R 5 -25.36 -5.44 59.12
CA THR R 5 -24.48 -6.34 58.41
C THR R 5 -25.26 -7.24 57.48
N ALA R 6 -24.69 -8.41 57.17
CA ALA R 6 -25.35 -9.37 56.30
C ALA R 6 -26.76 -9.67 56.75
N HIS R 7 -27.09 -10.95 56.86
CA HIS R 7 -28.42 -11.37 57.29
C HIS R 7 -28.34 -12.28 58.50
N GLY R 8 -27.77 -13.48 58.30
CA GLY R 8 -27.63 -14.44 59.38
C GLY R 8 -28.95 -15.07 59.76
N HIS R 9 -29.34 -16.10 59.03
CA HIS R 9 -28.55 -16.59 57.91
C HIS R 9 -29.18 -16.22 56.57
N PRO R 10 -30.42 -16.67 56.34
CA PRO R 10 -31.15 -16.40 55.10
C PRO R 10 -31.67 -14.97 55.06
N HIS R 11 -32.80 -14.73 55.72
CA HIS R 11 -33.41 -13.40 55.75
C HIS R 11 -32.78 -12.49 54.71
N GLU R 12 -31.78 -11.72 55.12
CA GLU R 12 -31.10 -10.81 54.22
C GLU R 12 -30.94 -11.42 52.83
N ILE R 13 -30.65 -12.71 52.78
CA ILE R 13 -30.47 -13.41 51.51
C ILE R 13 -31.55 -13.00 50.52
N ILE R 14 -32.78 -12.88 50.99
CA ILE R 14 -33.91 -12.50 50.14
C ILE R 14 -33.91 -11.00 49.88
N LEU R 15 -33.27 -10.24 50.78
CA LEU R 15 -33.19 -8.80 50.65
C LEU R 15 -32.40 -8.40 49.40
N TYR R 16 -31.38 -9.19 49.07
CA TYR R 16 -30.56 -8.92 47.91
C TYR R 16 -31.34 -9.09 46.62
N TYR R 17 -32.66 -9.00 46.72
CA TYR R 17 -33.53 -9.15 45.56
C TYR R 17 -33.94 -7.79 45.00
N TYR R 18 -33.66 -6.74 45.76
CA TYR R 18 -34.00 -5.39 45.34
C TYR R 18 -33.30 -5.01 44.04
N GLU R 19 -31.97 -4.88 44.10
CA GLU R 19 -31.19 -4.56 42.92
C GLU R 19 -31.25 -5.74 41.96
N LEU R 20 -31.74 -5.50 40.75
CA LEU R 20 -31.86 -6.57 39.77
C LEU R 20 -32.60 -7.76 40.38
N TYR R 21 -33.89 -7.59 40.60
CA TYR R 21 -34.72 -8.64 41.19
C TYR R 21 -35.37 -9.54 40.14
N PRO R 22 -35.71 -8.97 38.98
CA PRO R 22 -36.35 -9.72 37.89
C PRO R 22 -35.58 -10.99 37.55
N THR R 23 -35.65 -11.97 38.45
CA THR R 23 -34.96 -13.25 38.25
C THR R 23 -34.28 -13.71 39.53
N MET R 24 -32.98 -13.97 39.44
CA MET R 24 -32.19 -14.32 40.61
C MET R 24 -32.89 -15.38 41.46
N THR R 25 -33.85 -14.92 42.26
CA THR R 25 -34.53 -15.76 43.24
C THR R 25 -35.31 -16.91 42.62
N VAL R 26 -35.96 -16.66 41.49
CA VAL R 26 -36.74 -17.71 40.84
C VAL R 26 -35.86 -18.87 40.39
N VAL R 27 -34.70 -18.55 39.84
CA VAL R 27 -33.75 -19.56 39.40
C VAL R 27 -33.26 -20.38 40.59
N ILE R 28 -33.00 -19.70 41.70
CA ILE R 28 -32.55 -20.35 42.92
C ILE R 28 -33.63 -21.31 43.42
N VAL R 29 -34.88 -20.86 43.33
CA VAL R 29 -36.02 -21.68 43.75
C VAL R 29 -36.12 -22.92 42.88
N SER R 30 -35.89 -22.76 41.58
CA SER R 30 -35.92 -23.88 40.66
C SER R 30 -34.82 -24.87 41.02
N VAL R 31 -33.64 -24.35 41.37
CA VAL R 31 -32.53 -25.19 41.76
C VAL R 31 -32.88 -25.97 43.02
N ALA R 32 -33.55 -25.29 43.95
CA ALA R 32 -33.96 -25.92 45.20
C ALA R 32 -34.95 -27.03 44.92
N SER R 33 -35.85 -26.80 43.98
CA SER R 33 -36.84 -27.80 43.59
C SER R 33 -36.14 -29.01 42.99
N PHE R 34 -35.12 -28.76 42.18
CA PHE R 34 -34.34 -29.84 41.58
C PHE R 34 -33.65 -30.66 42.66
N VAL R 35 -33.12 -29.96 43.67
CA VAL R 35 -32.46 -30.60 44.78
C VAL R 35 -33.44 -31.49 45.54
N LEU R 36 -34.66 -30.98 45.72
CA LEU R 36 -35.70 -31.73 46.41
C LEU R 36 -36.05 -32.98 45.63
N LEU R 37 -36.11 -32.84 44.30
CA LEU R 37 -36.39 -33.97 43.43
C LEU R 37 -35.30 -35.02 43.56
N SER R 38 -34.05 -34.57 43.63
CA SER R 38 -32.93 -35.49 43.81
C SER R 38 -33.05 -36.22 45.15
N MET R 39 -33.42 -35.47 46.18
CA MET R 39 -33.62 -36.03 47.51
C MET R 39 -34.76 -37.03 47.51
N VAL R 40 -35.83 -36.71 46.78
CA VAL R 40 -36.98 -37.59 46.70
C VAL R 40 -36.66 -38.84 45.90
N GLY R 41 -35.92 -38.67 44.81
CA GLY R 41 -35.50 -39.80 43.98
C GLY R 41 -34.60 -40.76 44.77
N THR R 42 -33.70 -40.19 45.56
CA THR R 42 -32.83 -40.98 46.41
C THR R 42 -33.63 -41.83 47.40
N ALA R 43 -34.61 -41.20 48.03
CA ALA R 43 -35.47 -41.89 48.99
C ALA R 43 -36.23 -43.03 48.33
N VAL R 44 -36.79 -42.76 47.16
CA VAL R 44 -37.52 -43.77 46.40
C VAL R 44 -36.60 -44.93 46.04
N GLY R 45 -35.39 -44.62 45.61
CA GLY R 45 -34.39 -45.63 45.30
C GLY R 45 -34.03 -46.43 46.55
N MET R 46 -33.91 -45.74 47.67
CA MET R 46 -33.55 -46.38 48.93
C MET R 46 -34.61 -47.38 49.38
N CYS R 47 -35.87 -47.00 49.21
CA CYS R 47 -36.98 -47.88 49.56
C CYS R 47 -37.00 -49.12 48.68
N VAL R 48 -36.73 -48.94 47.39
CA VAL R 48 -36.62 -50.05 46.46
C VAL R 48 -35.45 -50.96 46.80
N CYS R 49 -34.35 -50.35 47.24
CA CYS R 49 -33.19 -51.10 47.68
C CYS R 49 -33.49 -51.87 48.96
N ALA R 50 -34.26 -51.27 49.85
CA ALA R 50 -34.69 -51.91 51.08
C ALA R 50 -35.54 -53.14 50.79
N ARG R 51 -36.39 -53.05 49.77
CA ARG R 51 -37.10 -54.20 49.26
C ARG R 51 -36.15 -55.26 48.72
N ARG R 52 -35.16 -54.81 47.96
CA ARG R 52 -34.17 -55.72 47.38
C ARG R 52 -33.45 -56.51 48.45
N ARG R 53 -33.31 -55.91 49.64
CA ARG R 53 -32.64 -56.57 50.75
C ARG R 53 -33.57 -57.56 51.44
N CYS R 54 -34.82 -57.18 51.63
CA CYS R 54 -35.80 -58.02 52.28
C CYS R 54 -36.30 -59.11 51.32
N ILE R 55 -35.89 -59.01 50.07
CA ILE R 55 -36.30 -59.98 49.06
C ILE R 55 -36.10 -61.41 49.54
N THR R 56 -35.10 -62.09 49.00
CA THR R 56 -34.81 -63.47 49.38
C THR R 56 -35.66 -63.90 50.57
N PRO R 57 -35.39 -63.31 51.73
CA PRO R 57 -36.13 -63.64 52.95
C PRO R 57 -37.59 -63.20 52.86
N TYR R 58 -38.16 -63.28 51.67
CA TYR R 58 -39.55 -62.90 51.46
C TYR R 58 -40.44 -64.11 51.24
N GLU R 59 -39.82 -65.26 51.02
CA GLU R 59 -40.55 -66.50 50.80
C GLU R 59 -41.24 -66.97 52.07
N LEU R 60 -40.51 -67.69 52.92
CA LEU R 60 -41.07 -68.19 54.17
C LEU R 60 -40.01 -68.97 54.95
N THR R 61 -40.36 -69.36 56.18
CA THR R 61 -39.45 -70.11 57.04
C THR R 61 -38.67 -69.18 57.96
N PRO R 62 -38.42 -69.64 59.19
CA PRO R 62 -37.69 -68.85 60.17
C PRO R 62 -36.41 -68.24 59.58
N GLY R 63 -36.02 -67.09 60.08
CA GLY R 63 -34.81 -66.42 59.59
C GLY R 63 -34.96 -64.92 59.56
N ALA R 64 -35.69 -64.36 60.53
CA ALA R 64 -35.90 -62.93 60.61
C ALA R 64 -37.27 -62.55 60.06
N THR R 65 -38.02 -61.78 60.83
CA THR R 65 -37.57 -61.33 62.14
C THR R 65 -36.05 -61.28 62.20
N VAL R 66 -35.47 -62.02 63.16
CA VAL R 66 -34.03 -62.07 63.32
C VAL R 66 -33.39 -60.73 62.96
N PRO R 67 -32.65 -60.71 61.84
CA PRO R 67 -31.98 -59.49 61.38
C PRO R 67 -32.97 -58.36 61.13
N PHE R 68 -34.24 -58.60 61.45
CA PHE R 68 -35.28 -57.59 61.25
C PHE R 68 -35.36 -56.66 62.45
N LEU R 69 -34.21 -56.26 62.98
CA LEU R 69 -34.14 -55.37 64.12
C LEU R 69 -33.09 -55.83 65.12
N LEU R 70 -31.91 -55.23 65.05
CA LEU R 70 -31.63 -54.20 64.06
C LEU R 70 -32.23 -54.55 62.71
N SER R 71 -32.89 -53.58 62.07
CA SER R 71 -33.50 -53.80 60.77
C SER R 71 -34.16 -52.52 60.25
N LEU R 72 -33.60 -51.96 59.19
CA LEU R 72 -34.13 -50.73 58.60
C LEU R 72 -35.65 -50.73 58.63
N LEU R 73 -36.22 -50.00 59.59
CA LEU R 73 -37.68 -49.91 59.72
C LEU R 73 -38.39 -50.71 58.65
N CYS R 74 -38.29 -52.03 58.75
CA CYS R 74 -38.92 -52.92 57.78
C CYS R 74 -37.98 -53.26 56.63
N CYS R 75 -37.28 -54.38 56.75
CA CYS R 75 -37.42 -55.24 57.93
C CYS R 75 -38.78 -55.07 58.58
N VAL R 76 -38.78 -54.96 59.90
CA VAL R 76 -40.03 -54.80 60.65
C VAL R 76 -40.34 -53.32 60.88
N ARG R 77 -41.56 -53.04 61.31
CA ARG R 77 -42.55 -54.08 61.55
C ARG R 77 -42.86 -54.85 60.27
N THR R 78 -42.75 -56.17 60.35
CA THR R 78 -43.03 -57.01 59.18
C THR R 78 -43.01 -58.49 59.58
N THR R 79 -42.01 -58.88 60.36
CA THR R 79 -41.89 -60.27 60.80
C THR R 79 -42.94 -60.61 61.85
N LYS R 80 -44.10 -61.07 61.39
CA LYS R 80 -45.20 -61.44 62.28
C LYS R 80 -46.53 -60.92 61.76
N ALA R 81 -47.62 -61.58 62.16
CA ALA R 81 -47.52 -62.72 63.05
C ALA R 81 -46.21 -63.47 62.85
N HIS S 1 -31.25 -5.51 -4.19
CA HIS S 1 -32.59 -6.07 -4.26
C HIS S 1 -33.26 -6.24 -2.88
N THR S 2 -34.12 -7.24 -2.74
CA THR S 2 -34.87 -7.39 -1.49
C THR S 2 -35.47 -8.78 -1.03
N THR S 3 -34.65 -9.59 -0.30
CA THR S 3 -34.86 -10.94 0.44
C THR S 3 -33.62 -11.88 0.66
N LEU S 4 -33.74 -13.19 0.48
CA LEU S 4 -32.45 -13.83 0.72
C LEU S 4 -31.83 -14.75 -0.30
N GLY S 5 -32.36 -15.98 -0.34
CA GLY S 5 -31.86 -17.02 -1.20
C GLY S 5 -31.91 -16.45 -2.56
N VAL S 6 -30.77 -16.22 -3.17
CA VAL S 6 -30.70 -15.65 -4.50
C VAL S 6 -31.73 -16.21 -5.48
N GLN S 7 -32.88 -15.52 -5.50
CA GLN S 7 -33.84 -15.60 -6.62
C GLN S 7 -33.10 -15.24 -8.00
N ASP S 8 -33.47 -15.95 -9.06
CA ASP S 8 -32.98 -15.82 -10.44
C ASP S 8 -34.22 -16.29 -11.33
N ILE S 9 -34.06 -17.23 -12.29
CA ILE S 9 -35.12 -17.87 -13.21
C ILE S 9 -36.07 -17.22 -14.33
N SER S 10 -37.36 -17.64 -14.47
CA SER S 10 -38.14 -17.38 -15.74
C SER S 10 -39.73 -17.50 -15.96
N THR S 11 -40.62 -16.47 -15.75
CA THR S 11 -42.00 -16.81 -16.10
C THR S 11 -42.05 -18.01 -17.04
N THR S 12 -42.98 -17.97 -18.00
CA THR S 12 -43.12 -19.04 -18.96
C THR S 12 -42.09 -20.15 -18.74
N ALA S 13 -40.96 -20.03 -19.41
CA ALA S 13 -39.89 -21.01 -19.29
C ALA S 13 -39.87 -21.63 -17.90
N MET S 14 -39.87 -20.79 -16.89
CA MET S 14 -39.84 -21.25 -15.50
C MET S 14 -40.99 -22.22 -15.23
N SER S 15 -42.18 -21.89 -15.73
CA SER S 15 -43.35 -22.73 -15.54
C SER S 15 -43.20 -24.06 -16.27
N TRP S 16 -42.59 -24.01 -17.46
CA TRP S 16 -42.36 -25.20 -18.25
C TRP S 16 -41.69 -26.30 -17.42
N VAL S 17 -40.64 -25.93 -16.70
CA VAL S 17 -39.87 -26.89 -15.93
C VAL S 17 -40.59 -27.27 -14.64
N GLN S 18 -41.18 -26.28 -13.98
CA GLN S 18 -41.89 -26.50 -12.74
C GLN S 18 -43.02 -27.50 -12.92
N LYS S 19 -43.71 -27.39 -14.06
CA LYS S 19 -44.90 -28.21 -14.30
C LYS S 19 -44.54 -29.69 -14.40
N ILE S 20 -43.27 -29.97 -14.65
CA ILE S 20 -42.82 -31.34 -14.85
C ILE S 20 -42.73 -32.09 -13.52
N THR S 21 -42.23 -31.31 -12.54
CA THR S 21 -41.82 -31.74 -11.20
C THR S 21 -42.58 -31.25 -9.96
N GLY S 22 -42.79 -32.21 -9.04
CA GLY S 22 -44.07 -32.62 -8.49
C GLY S 22 -44.78 -33.71 -9.28
N GLY S 23 -44.34 -33.90 -10.50
CA GLY S 23 -44.98 -34.82 -11.42
C GLY S 23 -44.53 -36.24 -11.70
N VAL S 24 -43.36 -36.68 -11.23
CA VAL S 24 -43.15 -38.08 -11.56
C VAL S 24 -42.99 -38.92 -10.29
N GLY S 25 -42.44 -38.30 -9.25
CA GLY S 25 -42.31 -38.96 -7.95
C GLY S 25 -43.68 -39.26 -7.35
N LEU S 26 -44.58 -38.28 -7.43
CA LEU S 26 -45.96 -38.47 -6.98
C LEU S 26 -46.64 -39.60 -7.76
N ILE S 27 -46.38 -39.65 -9.06
CA ILE S 27 -46.99 -40.65 -9.92
C ILE S 27 -46.61 -42.05 -9.49
N VAL S 28 -45.31 -42.27 -9.25
CA VAL S 28 -44.81 -43.59 -8.93
C VAL S 28 -45.19 -43.99 -7.51
N ALA S 29 -45.40 -43.00 -6.66
CA ALA S 29 -45.92 -43.23 -5.30
C ALA S 29 -47.37 -43.70 -5.36
N VAL S 30 -48.18 -43.03 -6.17
CA VAL S 30 -49.58 -43.42 -6.37
C VAL S 30 -49.67 -44.80 -6.99
N ALA S 31 -48.86 -45.05 -8.01
CA ALA S 31 -48.84 -46.34 -8.68
C ALA S 31 -48.44 -47.45 -7.72
N ALA S 32 -47.46 -47.18 -6.87
CA ALA S 32 -47.05 -48.12 -5.84
C ALA S 32 -48.21 -48.49 -4.92
N LEU S 33 -48.93 -47.48 -4.46
CA LEU S 33 -50.09 -47.71 -3.59
C LEU S 33 -51.16 -48.53 -4.30
N ILE S 34 -51.41 -48.19 -5.57
CA ILE S 34 -52.42 -48.89 -6.35
C ILE S 34 -52.05 -50.36 -6.52
N LEU S 35 -50.77 -50.63 -6.72
CA LEU S 35 -50.29 -52.00 -6.84
C LEU S 35 -50.49 -52.77 -5.54
N ILE S 36 -50.24 -52.11 -4.43
CA ILE S 36 -50.51 -52.69 -3.11
C ILE S 36 -51.98 -53.01 -2.95
N VAL S 37 -52.83 -52.09 -3.37
CA VAL S 37 -54.28 -52.26 -3.27
C VAL S 37 -54.73 -53.50 -4.05
N VAL S 38 -54.24 -53.63 -5.28
CA VAL S 38 -54.56 -54.78 -6.12
C VAL S 38 -54.05 -56.07 -5.49
N LEU S 39 -52.84 -56.01 -4.93
CA LEU S 39 -52.26 -57.15 -4.23
C LEU S 39 -53.17 -57.62 -3.10
N CYS S 40 -53.72 -56.67 -2.35
CA CYS S 40 -54.63 -56.98 -1.26
C CYS S 40 -55.93 -57.59 -1.78
N VAL S 41 -56.36 -57.13 -2.94
CA VAL S 41 -57.52 -57.72 -3.61
C VAL S 41 -57.29 -59.19 -3.93
N SER S 42 -56.10 -59.50 -4.44
CA SER S 42 -55.72 -60.88 -4.70
C SER S 42 -55.67 -61.70 -3.43
N PHE S 43 -55.10 -61.12 -2.37
CA PHE S 43 -55.05 -61.76 -1.07
C PHE S 43 -56.44 -62.08 -0.56
N SER S 44 -57.35 -61.13 -0.72
CA SER S 44 -58.75 -61.33 -0.35
C SER S 44 -59.40 -62.41 -1.22
N ARG S 45 -59.04 -62.41 -2.50
CA ARG S 45 -59.61 -63.36 -3.45
C ARG S 45 -59.24 -64.79 -3.08
N HIS S 46 -58.03 -64.97 -2.57
CA HIS S 46 -57.58 -66.29 -2.11
C HIS S 46 -58.22 -66.64 -0.77
N SER T 1 -23.01 -2.14 -20.97
CA SER T 1 -22.72 -2.94 -22.13
C SER T 1 -23.47 -4.30 -22.15
N THR T 2 -24.69 -4.36 -22.74
CA THR T 2 -25.60 -5.55 -22.98
C THR T 2 -27.01 -5.24 -23.51
N ASN T 3 -27.45 -5.88 -24.61
CA ASN T 3 -28.86 -5.80 -25.17
C ASN T 3 -29.38 -7.23 -25.37
N GLY T 4 -28.69 -8.17 -24.75
CA GLY T 4 -29.16 -9.52 -24.82
C GLY T 4 -30.15 -9.70 -23.70
N THR T 5 -31.02 -10.69 -23.85
CA THR T 5 -32.03 -10.97 -22.83
C THR T 5 -31.40 -11.58 -21.59
N ALA T 6 -32.24 -12.19 -20.75
CA ALA T 6 -31.77 -12.82 -19.52
C ALA T 6 -30.96 -14.08 -19.81
N HIS T 7 -31.47 -15.22 -19.36
CA HIS T 7 -30.79 -16.50 -19.58
C HIS T 7 -31.70 -17.48 -20.32
N GLY T 8 -32.96 -17.09 -20.50
CA GLY T 8 -33.92 -17.94 -21.18
C GLY T 8 -34.00 -19.33 -20.58
N HIS T 9 -33.21 -20.24 -21.12
CA HIS T 9 -33.17 -21.61 -20.63
C HIS T 9 -32.01 -21.81 -19.64
N PRO T 10 -31.23 -22.88 -19.83
CA PRO T 10 -30.09 -23.18 -18.97
C PRO T 10 -28.90 -22.27 -19.25
N HIS T 11 -28.38 -22.30 -20.47
CA HIS T 11 -27.25 -21.48 -20.86
C HIS T 11 -27.06 -20.32 -19.88
N GLU T 12 -27.64 -19.17 -20.21
CA GLU T 12 -27.53 -17.99 -19.35
C GLU T 12 -27.59 -18.37 -17.89
N ILE T 13 -28.45 -19.33 -17.56
CA ILE T 13 -28.60 -19.79 -16.18
C ILE T 13 -27.24 -19.94 -15.50
N ILE T 14 -26.28 -20.49 -16.23
CA ILE T 14 -24.94 -20.69 -15.70
C ILE T 14 -24.14 -19.40 -15.71
N LEU T 15 -24.53 -18.47 -16.58
CA LEU T 15 -23.87 -17.18 -16.68
C LEU T 15 -24.01 -16.37 -15.39
N TYR T 16 -25.17 -16.52 -14.74
CA TYR T 16 -25.42 -15.80 -13.50
C TYR T 16 -24.38 -16.14 -12.44
N TYR T 17 -23.88 -17.37 -12.48
CA TYR T 17 -22.89 -17.83 -11.52
C TYR T 17 -21.88 -16.72 -11.21
N TYR T 18 -21.39 -16.06 -12.25
CA TYR T 18 -20.44 -14.98 -12.10
C TYR T 18 -21.02 -13.84 -11.28
N GLU T 19 -22.30 -13.56 -11.48
CA GLU T 19 -22.99 -12.51 -10.76
C GLU T 19 -23.24 -12.89 -9.30
N LEU T 20 -24.07 -12.11 -8.62
CA LEU T 20 -24.40 -12.36 -7.22
C LEU T 20 -23.17 -12.59 -6.35
N TYR T 21 -23.00 -13.81 -5.88
CA TYR T 21 -21.85 -14.16 -5.04
C TYR T 21 -21.21 -15.47 -5.49
N PRO T 22 -20.18 -15.91 -4.76
CA PRO T 22 -19.46 -17.15 -5.08
C PRO T 22 -20.38 -18.38 -5.02
N THR T 23 -20.78 -18.78 -3.82
CA THR T 23 -21.65 -19.94 -3.65
C THR T 23 -23.06 -19.62 -4.14
N MET T 24 -23.47 -20.30 -5.21
CA MET T 24 -24.79 -20.09 -5.78
C MET T 24 -25.15 -21.19 -6.78
N THR T 25 -24.20 -22.08 -7.03
CA THR T 25 -24.41 -23.19 -7.96
C THR T 25 -24.22 -24.53 -7.27
N VAL T 26 -22.96 -24.92 -7.06
CA VAL T 26 -22.64 -26.18 -6.40
C VAL T 26 -23.82 -26.70 -5.60
N VAL T 27 -24.50 -25.80 -4.88
CA VAL T 27 -25.67 -26.17 -4.09
C VAL T 27 -26.79 -26.68 -5.00
N ILE T 28 -26.95 -26.02 -6.14
CA ILE T 28 -27.97 -26.40 -7.11
C ILE T 28 -27.65 -27.80 -7.65
N VAL T 29 -26.37 -28.05 -7.89
CA VAL T 29 -25.92 -29.35 -8.38
C VAL T 29 -26.22 -30.43 -7.35
N SER T 30 -25.99 -30.11 -6.08
CA SER T 30 -26.27 -31.05 -5.01
C SER T 30 -27.76 -31.35 -4.95
N VAL T 31 -28.58 -30.32 -5.14
CA VAL T 31 -30.02 -30.49 -5.15
C VAL T 31 -30.43 -31.40 -6.30
N ALA T 32 -29.80 -31.20 -7.45
CA ALA T 32 -30.08 -32.01 -8.64
C ALA T 32 -29.72 -33.46 -8.37
N SER T 33 -28.60 -33.68 -7.68
CA SER T 33 -28.16 -35.02 -7.33
C SER T 33 -29.17 -35.67 -6.41
N PHE T 34 -29.69 -34.90 -5.46
CA PHE T 34 -30.70 -35.40 -4.54
C PHE T 34 -31.96 -35.79 -5.30
N VAL T 35 -32.32 -34.98 -6.28
CA VAL T 35 -33.49 -35.25 -7.11
C VAL T 35 -33.29 -36.53 -7.90
N LEU T 36 -32.07 -36.73 -8.41
CA LEU T 36 -31.74 -37.94 -9.15
C LEU T 36 -31.85 -39.15 -8.24
N LEU T 37 -31.39 -39.00 -7.00
CA LEU T 37 -31.48 -40.08 -6.03
C LEU T 37 -32.93 -40.43 -5.75
N SER T 38 -33.77 -39.41 -5.64
CA SER T 38 -35.20 -39.63 -5.43
C SER T 38 -35.81 -40.37 -6.61
N MET T 39 -35.39 -39.97 -7.81
CA MET T 39 -35.85 -40.62 -9.04
C MET T 39 -35.39 -42.07 -9.09
N VAL T 40 -34.15 -42.29 -8.67
CA VAL T 40 -33.59 -43.64 -8.67
C VAL T 40 -34.26 -44.52 -7.62
N GLY T 41 -34.50 -43.94 -6.44
CA GLY T 41 -35.18 -44.66 -5.37
C GLY T 41 -36.60 -45.05 -5.79
N THR T 42 -37.29 -44.14 -6.46
CA THR T 42 -38.63 -44.41 -6.97
C THR T 42 -38.62 -45.59 -7.93
N ALA T 43 -37.66 -45.59 -8.85
CA ALA T 43 -37.53 -46.66 -9.83
C ALA T 43 -37.27 -48.00 -9.14
N VAL T 44 -36.36 -48.00 -8.18
CA VAL T 44 -36.05 -49.20 -7.42
C VAL T 44 -37.28 -49.72 -6.69
N GLY T 45 -38.02 -48.80 -6.07
CA GLY T 45 -39.27 -49.15 -5.41
C GLY T 45 -40.29 -49.72 -6.40
N MET T 46 -40.35 -49.10 -7.58
CA MET T 46 -41.29 -49.53 -8.61
C MET T 46 -41.00 -50.95 -9.07
N CYS T 47 -39.72 -51.27 -9.24
CA CYS T 47 -39.31 -52.60 -9.65
C CYS T 47 -39.66 -53.63 -8.59
N VAL T 48 -39.47 -53.28 -7.33
CA VAL T 48 -39.85 -54.14 -6.21
C VAL T 48 -41.35 -54.33 -6.15
N CYS T 49 -42.09 -53.26 -6.45
CA CYS T 49 -43.55 -53.34 -6.51
C CYS T 49 -44.00 -54.22 -7.68
N ALA T 50 -43.29 -54.13 -8.80
CA ALA T 50 -43.58 -54.97 -9.95
C ALA T 50 -43.38 -56.44 -9.64
N ARG T 51 -42.36 -56.74 -8.84
CA ARG T 51 -42.19 -58.08 -8.29
C ARG T 51 -43.35 -58.47 -7.40
N ARG T 52 -43.77 -57.54 -6.54
CA ARG T 52 -44.88 -57.79 -5.62
C ARG T 52 -46.15 -58.16 -6.38
N ARG T 53 -46.28 -57.62 -7.59
CA ARG T 53 -47.44 -57.89 -8.42
C ARG T 53 -47.34 -59.25 -9.10
N CYS T 54 -46.16 -59.56 -9.61
CA CYS T 54 -45.92 -60.83 -10.28
C CYS T 54 -45.77 -61.98 -9.27
N ILE T 55 -45.73 -61.63 -7.99
CA ILE T 55 -45.59 -62.62 -6.93
C ILE T 55 -46.58 -63.77 -7.12
N THR T 56 -47.60 -63.82 -6.27
CA THR T 56 -48.61 -64.86 -6.35
C THR T 56 -48.42 -65.73 -7.59
N PRO T 57 -48.67 -65.14 -8.75
CA PRO T 57 -48.53 -65.86 -10.03
C PRO T 57 -47.08 -66.21 -10.31
N TYR T 58 -46.31 -66.52 -9.26
CA TYR T 58 -44.92 -66.89 -9.41
C TYR T 58 -44.70 -68.38 -9.16
N GLU T 59 -45.73 -69.03 -8.63
CA GLU T 59 -45.66 -70.47 -8.35
C GLU T 59 -45.63 -71.29 -9.64
N LEU T 60 -46.81 -71.57 -10.18
CA LEU T 60 -46.93 -72.34 -11.41
C LEU T 60 -48.39 -72.50 -11.82
N THR T 61 -48.60 -73.07 -13.00
CA THR T 61 -49.95 -73.29 -13.51
C THR T 61 -50.40 -72.14 -14.40
N PRO T 62 -51.14 -72.46 -15.46
CA PRO T 62 -51.63 -71.46 -16.40
C PRO T 62 -52.25 -70.26 -15.67
N GLY T 63 -52.16 -69.08 -16.28
CA GLY T 63 -52.71 -67.87 -15.69
C GLY T 63 -51.85 -66.66 -15.93
N ALA T 64 -51.24 -66.60 -17.11
CA ALA T 64 -50.38 -65.48 -17.49
C ALA T 64 -48.91 -65.83 -17.29
N THR T 65 -48.11 -65.59 -18.33
CA THR T 65 -48.62 -65.03 -19.57
C THR T 65 -49.88 -64.21 -19.33
N VAL T 66 -50.96 -64.60 -20.01
CA VAL T 66 -52.23 -63.91 -19.87
C VAL T 66 -52.03 -62.42 -19.61
N PRO T 67 -52.35 -61.98 -18.39
CA PRO T 67 -52.20 -60.56 -18.02
C PRO T 67 -50.75 -60.09 -18.18
N PHE T 68 -49.90 -60.96 -18.70
CA PHE T 68 -48.49 -60.61 -18.90
C PHE T 68 -48.28 -59.91 -20.24
N LEU T 69 -49.20 -59.00 -20.57
CA LEU T 69 -49.11 -58.26 -21.82
C LEU T 69 -50.47 -58.16 -22.49
N LEU T 70 -51.16 -57.04 -22.29
CA LEU T 70 -50.62 -55.97 -21.46
C LEU T 70 -49.94 -56.51 -20.21
N SER T 71 -48.76 -55.99 -19.90
CA SER T 71 -48.01 -56.42 -18.74
C SER T 71 -46.71 -55.64 -18.59
N LEU T 72 -46.63 -54.82 -17.55
CA LEU T 72 -45.43 -54.01 -17.30
C LEU T 72 -44.16 -54.79 -17.63
N LEU T 73 -43.60 -54.50 -18.80
CA LEU T 73 -42.37 -55.17 -19.24
C LEU T 73 -41.89 -56.17 -18.20
N CYS T 74 -42.64 -57.27 -18.05
CA CYS T 74 -42.28 -58.30 -17.09
C CYS T 74 -42.93 -58.06 -15.74
N CYS T 75 -44.09 -58.67 -15.52
CA CYS T 75 -44.70 -59.54 -16.52
C CYS T 75 -43.65 -60.11 -17.47
N VAL T 76 -43.94 -60.09 -18.76
CA VAL T 76 -43.02 -60.61 -19.77
C VAL T 76 -42.10 -59.51 -20.30
N ARG T 77 -41.05 -59.91 -21.01
CA ARG T 77 -40.79 -61.33 -21.26
C ARG T 77 -40.56 -62.08 -19.96
N THR T 78 -41.32 -63.17 -19.77
CA THR T 78 -41.19 -63.98 -18.57
C THR T 78 -42.02 -65.26 -18.69
N THR T 79 -43.26 -65.12 -19.18
CA THR T 79 -44.14 -66.26 -19.34
C THR T 79 -43.71 -67.15 -20.50
N LYS T 80 -42.83 -68.11 -20.21
CA LYS T 80 -42.33 -69.02 -21.23
C LYS T 80 -40.83 -69.24 -21.09
N ALA T 81 -40.35 -70.38 -21.58
CA ALA T 81 -41.22 -71.36 -22.22
C ALA T 81 -42.62 -71.32 -21.64
N HIS U 1 29.51 -25.28 28.09
CA HIS U 1 29.45 -26.20 29.23
C HIS U 1 30.48 -27.32 29.17
N THR U 2 30.16 -28.50 29.71
CA THR U 2 31.14 -29.58 29.78
C THR U 2 30.72 -31.09 29.90
N THR U 3 30.50 -31.76 28.74
CA THR U 3 30.18 -33.24 28.39
C THR U 3 29.40 -33.57 27.07
N LEU U 4 28.44 -34.49 27.07
CA LEU U 4 27.87 -34.58 25.72
C LEU U 4 26.38 -34.48 25.52
N GLY U 5 25.69 -35.57 25.83
CA GLY U 5 24.26 -35.68 25.63
C GLY U 5 23.69 -34.57 26.37
N VAL U 6 23.11 -33.61 25.68
CA VAL U 6 22.51 -32.44 26.30
C VAL U 6 21.74 -32.73 27.58
N GLN U 7 22.46 -32.66 28.71
CA GLN U 7 21.85 -32.51 30.04
C GLN U 7 20.94 -31.20 30.07
N ASP U 8 19.80 -31.32 30.76
CA ASP U 8 18.79 -30.28 30.98
C ASP U 8 18.17 -30.64 32.41
N ILE U 9 16.83 -30.76 32.58
CA ILE U 9 16.03 -31.16 33.84
C ILE U 9 15.90 -30.46 35.27
N SER U 10 15.86 -31.21 36.39
CA SER U 10 15.34 -30.65 37.71
C SER U 10 15.52 -31.25 39.18
N THR U 11 16.57 -30.95 40.02
CA THR U 11 16.47 -31.57 41.34
C THR U 11 15.02 -31.97 41.65
N THR U 12 14.62 -31.79 42.90
CA THR U 12 13.26 -32.14 43.32
C THR U 12 12.44 -32.67 42.15
N ALA U 13 11.73 -31.77 41.48
CA ALA U 13 10.90 -32.13 40.34
C ALA U 13 11.47 -33.34 39.61
N MET U 14 12.76 -33.25 39.25
CA MET U 14 13.42 -34.34 38.54
C MET U 14 13.28 -35.66 39.29
N SER U 15 13.46 -35.61 40.61
CA SER U 15 13.35 -36.81 41.43
C SER U 15 11.92 -37.34 41.46
N TRP U 16 10.96 -36.42 41.45
CA TRP U 16 9.54 -36.80 41.44
C TRP U 16 9.25 -37.79 40.33
N VAL U 17 9.72 -37.47 39.12
CA VAL U 17 9.45 -38.31 37.96
C VAL U 17 10.30 -39.56 37.96
N GLN U 18 11.58 -39.41 38.31
CA GLN U 18 12.50 -40.54 38.34
C GLN U 18 12.01 -41.62 39.28
N LYS U 19 11.45 -41.21 40.41
CA LYS U 19 11.05 -42.15 41.45
C LYS U 19 9.92 -43.07 40.97
N ILE U 20 9.23 -42.63 39.93
CA ILE U 20 8.07 -43.36 39.42
C ILE U 20 8.50 -44.59 38.63
N THR U 21 9.57 -44.34 37.86
CA THR U 21 10.15 -45.23 36.83
C THR U 21 11.55 -45.83 37.01
N GLY U 22 11.64 -47.11 36.63
CA GLY U 22 12.08 -48.23 37.45
C GLY U 22 10.99 -48.90 38.29
N GLY U 23 9.88 -48.21 38.42
CA GLY U 23 8.80 -48.66 39.27
C GLY U 23 7.56 -49.38 38.81
N VAL U 24 7.29 -49.49 37.50
CA VAL U 24 6.09 -50.28 37.26
C VAL U 24 6.40 -51.52 36.42
N GLY U 25 7.40 -51.40 35.55
CA GLY U 25 7.86 -52.54 34.76
C GLY U 25 8.45 -53.62 35.65
N LEU U 26 9.27 -53.21 36.62
CA LEU U 26 9.82 -54.14 37.59
C LEU U 26 8.72 -54.83 38.39
N ILE U 27 7.69 -54.07 38.74
CA ILE U 27 6.58 -54.59 39.53
C ILE U 27 5.87 -55.73 38.80
N VAL U 28 5.56 -55.49 37.52
CA VAL U 28 4.80 -56.45 36.74
C VAL U 28 5.65 -57.67 36.37
N ALA U 29 6.96 -57.46 36.31
CA ALA U 29 7.89 -58.57 36.12
C ALA U 29 7.92 -59.47 37.36
N VAL U 30 8.00 -58.85 38.54
CA VAL U 30 7.98 -59.60 39.79
C VAL U 30 6.66 -60.33 39.96
N ALA U 31 5.56 -59.64 39.68
CA ALA U 31 4.23 -60.24 39.78
C ALA U 31 4.08 -61.42 38.83
N ALA U 32 4.62 -61.27 37.62
CA ALA U 32 4.62 -62.36 36.65
C ALA U 32 5.32 -63.60 37.21
N LEU U 33 6.50 -63.38 37.78
CA LEU U 33 7.28 -64.47 38.37
C LEU U 33 6.52 -65.12 39.52
N ILE U 34 5.91 -64.30 40.36
CA ILE U 34 5.15 -64.80 41.50
C ILE U 34 3.98 -65.66 41.05
N LEU U 35 3.32 -65.24 39.98
CA LEU U 35 2.21 -66.00 39.40
C LEU U 35 2.69 -67.35 38.90
N ILE U 36 3.85 -67.37 38.25
CA ILE U 36 4.47 -68.61 37.81
C ILE U 36 4.77 -69.53 38.98
N VAL U 37 5.29 -68.95 40.06
CA VAL U 37 5.61 -69.71 41.26
C VAL U 37 4.38 -70.38 41.83
N VAL U 38 3.29 -69.62 41.94
CA VAL U 38 2.02 -70.17 42.43
C VAL U 38 1.50 -71.26 41.52
N LEU U 39 1.62 -71.03 40.20
CA LEU U 39 1.22 -72.02 39.22
C LEU U 39 1.95 -73.34 39.44
N CYS U 40 3.26 -73.25 39.72
CA CYS U 40 4.07 -74.44 39.98
C CYS U 40 3.64 -75.12 41.27
N VAL U 41 3.21 -74.33 42.25
CA VAL U 41 2.66 -74.87 43.49
C VAL U 41 1.42 -75.70 43.22
N SER U 42 0.54 -75.19 42.36
CA SER U 42 -0.65 -75.91 41.94
C SER U 42 -0.29 -77.19 41.20
N PHE U 43 0.69 -77.10 40.31
CA PHE U 43 1.18 -78.26 39.57
C PHE U 43 1.70 -79.32 40.52
N SER U 44 2.44 -78.89 41.55
CA SER U 44 2.93 -79.79 42.58
C SER U 44 1.79 -80.38 43.39
N ARG U 45 0.78 -79.56 43.65
CA ARG U 45 -0.36 -79.98 44.44
C ARG U 45 -1.13 -81.10 43.75
N HIS U 46 -1.20 -81.02 42.43
CA HIS U 46 -1.85 -82.07 41.63
C HIS U 46 -0.97 -83.31 41.53
N SER V 1 17.64 -10.48 28.94
CA SER V 1 16.20 -10.34 29.12
C SER V 1 15.50 -11.64 29.58
N THR V 2 15.36 -11.85 30.93
CA THR V 2 14.65 -12.97 31.66
C THR V 2 14.85 -13.01 33.19
N ASN V 3 13.77 -13.07 33.97
CA ASN V 3 13.78 -13.26 35.48
C ASN V 3 12.84 -14.43 35.83
N GLY V 4 12.49 -15.19 34.82
CA GLY V 4 11.67 -16.34 35.06
C GLY V 4 12.62 -17.47 35.39
N THR V 5 12.10 -18.48 36.08
CA THR V 5 12.90 -19.64 36.47
C THR V 5 13.14 -20.56 35.29
N ALA V 6 13.24 -21.86 35.56
CA ALA V 6 13.47 -22.85 34.52
C ALA V 6 12.15 -23.36 33.95
N HIS V 7 11.69 -24.51 34.47
CA HIS V 7 10.45 -25.10 34.01
C HIS V 7 9.51 -25.39 35.18
N GLY V 8 8.60 -26.34 34.98
CA GLY V 8 7.65 -26.72 36.02
C GLY V 8 6.22 -26.67 35.52
N HIS V 9 5.72 -27.81 35.05
CA HIS V 9 6.52 -29.03 35.01
C HIS V 9 7.26 -29.16 33.69
N PRO V 10 6.61 -29.77 32.68
CA PRO V 10 7.19 -29.96 31.36
C PRO V 10 7.29 -28.66 30.58
N HIS V 11 6.22 -27.88 30.58
CA HIS V 11 6.18 -26.61 29.87
C HIS V 11 7.58 -26.19 29.43
N GLU V 12 8.26 -25.39 30.25
CA GLU V 12 9.60 -24.93 29.93
C GLU V 12 10.43 -26.03 29.27
N ILE V 13 10.25 -27.25 29.73
CA ILE V 13 10.97 -28.40 29.17
C ILE V 13 11.00 -28.34 27.65
N ILE V 14 9.86 -27.97 27.06
CA ILE V 14 9.76 -27.87 25.60
C ILE V 14 10.39 -26.59 25.10
N LEU V 15 10.48 -25.59 25.97
CA LEU V 15 11.08 -24.31 25.61
C LEU V 15 12.56 -24.46 25.27
N TYR V 16 13.23 -25.36 25.97
CA TYR V 16 14.65 -25.61 25.74
C TYR V 16 14.91 -26.02 24.29
N TYR V 17 13.94 -26.72 23.69
CA TYR V 17 14.07 -27.16 22.31
C TYR V 17 14.63 -26.06 21.42
N TYR V 18 14.42 -24.82 21.83
CA TYR V 18 14.91 -23.67 21.07
C TYR V 18 16.41 -23.48 21.25
N GLU V 19 16.92 -23.98 22.36
CA GLU V 19 18.35 -23.86 22.65
C GLU V 19 19.11 -25.09 22.18
N LEU V 20 20.30 -25.30 22.77
CA LEU V 20 21.15 -26.44 22.42
C LEU V 20 21.35 -26.58 20.92
N TYR V 21 20.68 -27.55 20.31
CA TYR V 21 20.79 -27.78 18.88
C TYR V 21 19.48 -28.34 18.32
N PRO V 22 19.50 -28.73 17.03
CA PRO V 22 18.32 -29.28 16.35
C PRO V 22 17.81 -30.55 17.03
N THR V 23 18.54 -31.64 16.90
CA THR V 23 18.16 -32.91 17.51
C THR V 23 17.94 -32.75 19.02
N MET V 24 16.86 -33.34 19.52
CA MET V 24 16.54 -33.28 20.94
C MET V 24 15.18 -33.88 21.23
N THR V 25 14.14 -33.09 20.98
CA THR V 25 12.76 -33.46 21.32
C THR V 25 12.27 -34.71 20.62
N VAL V 26 12.63 -34.87 19.34
CA VAL V 26 12.17 -36.03 18.58
C VAL V 26 12.72 -37.33 19.18
N VAL V 27 13.99 -37.31 19.58
CA VAL V 27 14.62 -38.47 20.20
C VAL V 27 13.94 -38.81 21.51
N ILE V 28 13.60 -37.77 22.28
CA ILE V 28 12.92 -37.94 23.55
C ILE V 28 11.55 -38.56 23.33
N VAL V 29 10.87 -38.11 22.28
CA VAL V 29 9.56 -38.63 21.91
C VAL V 29 9.66 -40.10 21.55
N SER V 30 10.71 -40.46 20.81
CA SER V 30 10.95 -41.84 20.44
C SER V 30 11.17 -42.70 21.68
N VAL V 31 11.92 -42.15 22.63
CA VAL V 31 12.18 -42.85 23.89
C VAL V 31 10.88 -43.07 24.65
N ALA V 32 10.02 -42.05 24.64
CA ALA V 32 8.73 -42.13 25.30
C ALA V 32 7.87 -43.21 24.66
N SER V 33 7.93 -43.29 23.33
CA SER V 33 7.18 -44.30 22.59
C SER V 33 7.68 -45.69 22.98
N PHE V 34 8.99 -45.82 23.11
CA PHE V 34 9.59 -47.10 23.51
C PHE V 34 9.11 -47.48 24.90
N VAL V 35 9.05 -46.49 25.78
CA VAL V 35 8.58 -46.71 27.15
C VAL V 35 7.13 -47.17 27.15
N LEU V 36 6.33 -46.56 26.28
CA LEU V 36 4.93 -46.92 26.15
C LEU V 36 4.80 -48.35 25.67
N LEU V 37 5.66 -48.73 24.72
CA LEU V 37 5.67 -50.09 24.20
C LEU V 37 6.02 -51.08 25.30
N SER V 38 6.99 -50.71 26.14
CA SER V 38 7.37 -51.56 27.26
C SER V 38 6.20 -51.71 28.23
N MET V 39 5.49 -50.61 28.47
CA MET V 39 4.32 -50.60 29.34
C MET V 39 3.21 -51.47 28.74
N VAL V 40 3.05 -51.38 27.43
CA VAL V 40 2.02 -52.16 26.74
C VAL V 40 2.37 -53.63 26.73
N GLY V 41 3.64 -53.93 26.49
CA GLY V 41 4.12 -55.31 26.51
C GLY V 41 3.93 -55.95 27.88
N THR V 42 4.23 -55.18 28.93
CA THR V 42 4.04 -55.65 30.30
C THR V 42 2.58 -56.01 30.56
N ALA V 43 1.68 -55.13 30.14
CA ALA V 43 0.25 -55.35 30.32
C ALA V 43 -0.21 -56.60 29.58
N VAL V 44 0.24 -56.76 28.34
CA VAL V 44 -0.08 -57.94 27.55
C VAL V 44 0.43 -59.21 28.22
N GLY V 45 1.65 -59.15 28.73
CA GLY V 45 2.21 -60.27 29.48
C GLY V 45 1.42 -60.56 30.74
N MET V 46 0.99 -59.50 31.42
CA MET V 46 0.23 -59.64 32.66
C MET V 46 -1.10 -60.33 32.41
N CYS V 47 -1.77 -59.96 31.32
CA CYS V 47 -3.04 -60.57 30.94
C CYS V 47 -2.87 -62.05 30.62
N VAL V 48 -1.79 -62.38 29.94
CA VAL V 48 -1.46 -63.77 29.64
C VAL V 48 -1.15 -64.55 30.90
N CYS V 49 -0.47 -63.89 31.84
CA CYS V 49 -0.19 -64.48 33.14
C CYS V 49 -1.47 -64.70 33.95
N ALA V 50 -2.39 -63.75 33.84
CA ALA V 50 -3.68 -63.86 34.50
C ALA V 50 -4.47 -65.05 33.97
N ARG V 51 -4.37 -65.29 32.67
CA ARG V 51 -4.90 -66.51 32.08
C ARG V 51 -4.22 -67.76 32.64
N ARG V 52 -2.89 -67.69 32.74
CA ARG V 52 -2.11 -68.81 33.27
C ARG V 52 -2.56 -69.17 34.69
N ARG V 53 -3.04 -68.18 35.43
CA ARG V 53 -3.49 -68.40 36.79
C ARG V 53 -4.89 -69.00 36.81
N CYS V 54 -5.78 -68.50 35.94
CA CYS V 54 -7.15 -68.99 35.87
C CYS V 54 -7.21 -70.31 35.11
N ILE V 55 -6.07 -70.72 34.55
CA ILE V 55 -6.01 -71.98 33.81
C ILE V 55 -6.64 -73.12 34.60
N THR V 56 -5.80 -74.02 35.10
CA THR V 56 -6.28 -75.16 35.87
C THR V 56 -7.77 -75.06 36.15
N PRO V 57 -8.15 -74.09 36.98
CA PRO V 57 -9.56 -73.89 37.33
C PRO V 57 -10.38 -73.42 36.12
N TYR V 58 -10.03 -73.93 34.95
CA TYR V 58 -10.74 -73.55 33.73
C TYR V 58 -11.59 -74.71 33.22
N GLU V 59 -11.38 -75.89 33.79
CA GLU V 59 -12.13 -77.07 33.39
C GLU V 59 -13.59 -76.99 33.83
N LEU V 60 -13.85 -77.36 35.08
CA LEU V 60 -15.19 -77.33 35.63
C LEU V 60 -15.22 -77.81 37.07
N THR V 61 -16.37 -77.69 37.72
CA THR V 61 -16.52 -78.11 39.10
C THR V 61 -16.29 -76.95 40.07
N PRO V 62 -17.05 -76.91 41.15
CA PRO V 62 -16.93 -75.87 42.16
C PRO V 62 -15.47 -75.62 42.55
N GLY V 63 -15.16 -74.38 42.90
CA GLY V 63 -13.81 -74.02 43.29
C GLY V 63 -13.41 -72.64 42.82
N ALA V 64 -14.38 -71.72 42.82
CA ALA V 64 -14.13 -70.35 42.40
C ALA V 64 -14.60 -70.12 40.97
N THR V 65 -15.39 -69.07 40.76
CA THR V 65 -15.78 -68.18 41.86
C THR V 65 -14.74 -68.21 42.98
N VAL V 66 -15.20 -68.57 44.18
CA VAL V 66 -14.31 -68.64 45.34
C VAL V 66 -13.21 -67.58 45.26
N PRO V 67 -11.98 -68.03 45.05
CA PRO V 67 -10.83 -67.13 44.95
C PRO V 67 -11.01 -66.11 43.82
N PHE V 68 -12.16 -66.14 43.17
CA PHE V 68 -12.45 -65.21 42.08
C PHE V 68 -12.99 -63.89 42.60
N LEU V 69 -12.40 -63.40 43.69
CA LEU V 69 -12.82 -62.14 44.29
C LEU V 69 -12.88 -62.25 45.80
N LEU V 70 -11.82 -61.79 46.47
CA LEU V 70 -10.67 -61.23 45.78
C LEU V 70 -10.32 -62.04 44.54
N SER V 71 -10.07 -61.34 43.43
CA SER V 71 -9.72 -62.00 42.17
C SER V 71 -9.44 -60.98 41.08
N LEU V 72 -8.19 -60.89 40.65
CA LEU V 72 -7.80 -59.95 39.61
C LEU V 72 -8.87 -59.84 38.53
N LEU V 73 -9.66 -58.77 38.60
CA LEU V 73 -10.73 -58.54 37.63
C LEU V 73 -10.77 -59.66 36.59
N CYS V 74 -11.19 -60.85 37.01
CA CYS V 74 -11.28 -61.99 36.12
C CYS V 74 -9.98 -62.79 36.12
N CYS V 75 -9.93 -63.83 36.95
CA CYS V 75 -11.06 -64.18 37.82
C CYS V 75 -12.37 -63.68 37.23
N VAL V 76 -13.20 -63.07 38.09
CA VAL V 76 -14.49 -62.56 37.66
C VAL V 76 -14.39 -61.10 37.25
N ARG V 77 -15.44 -60.60 36.60
CA ARG V 77 -16.60 -61.40 36.29
C ARG V 77 -16.24 -62.57 35.38
N THR V 78 -16.61 -63.78 35.80
CA THR V 78 -16.32 -64.98 35.03
C THR V 78 -17.03 -66.20 35.63
N THR V 79 -16.96 -66.32 36.95
CA THR V 79 -17.59 -67.45 37.64
C THR V 79 -19.11 -67.30 37.67
N LYS V 80 -19.76 -67.83 36.63
CA LYS V 80 -21.21 -67.76 36.52
C LYS V 80 -21.64 -67.40 35.10
N ALA V 81 -22.86 -67.79 34.74
CA ALA V 81 -23.73 -68.51 35.65
C ALA V 81 -22.93 -69.36 36.63
N HIS W 1 20.01 -31.77 -41.21
CA HIS W 1 20.28 -33.10 -41.73
C HIS W 1 19.26 -33.55 -42.80
N THR W 2 18.99 -34.85 -42.89
CA THR W 2 18.11 -35.35 -43.95
C THR W 2 17.33 -36.72 -43.82
N THR W 3 16.10 -36.67 -43.24
CA THR W 3 14.98 -37.71 -43.02
C THR W 3 13.98 -37.52 -41.82
N LEU W 4 13.61 -38.56 -41.08
CA LEU W 4 12.72 -38.11 -40.02
C LEU W 4 12.99 -38.46 -38.58
N GLY W 5 12.66 -39.70 -38.24
CA GLY W 5 12.79 -40.19 -36.88
C GLY W 5 14.18 -39.96 -36.51
N VAL W 6 14.43 -39.07 -35.57
CA VAL W 6 15.77 -38.73 -35.13
C VAL W 6 16.70 -39.94 -34.99
N GLN W 7 17.38 -40.24 -36.10
CA GLN W 7 18.61 -41.07 -36.09
C GLN W 7 19.69 -40.43 -35.08
N ASP W 8 20.39 -41.31 -34.36
CA ASP W 8 21.45 -41.01 -33.39
C ASP W 8 22.41 -42.28 -33.46
N ILE W 9 22.77 -42.95 -32.35
CA ILE W 9 23.62 -44.23 -32.20
C ILE W 9 25.15 -44.53 -32.57
N SER W 10 25.50 -45.72 -33.11
CA SER W 10 26.94 -46.20 -33.10
C SER W 10 27.59 -47.40 -33.94
N THR W 11 28.15 -47.25 -35.20
CA THR W 11 28.76 -48.47 -35.72
C THR W 11 29.05 -49.46 -34.60
N THR W 12 30.17 -50.17 -34.72
CA THR W 12 30.57 -51.14 -33.72
C THR W 12 29.57 -51.20 -32.57
N ALA W 13 29.83 -50.41 -31.54
CA ALA W 13 28.96 -50.38 -30.37
C ALA W 13 27.52 -50.67 -30.75
N MET W 14 27.01 -49.95 -31.75
CA MET W 14 25.64 -50.14 -32.22
C MET W 14 25.37 -51.60 -32.57
N SER W 15 26.32 -52.22 -33.26
CA SER W 15 26.19 -53.61 -33.66
C SER W 15 26.20 -54.54 -32.46
N TRP W 16 27.01 -54.20 -31.46
CA TRP W 16 27.10 -54.99 -30.24
C TRP W 16 25.71 -55.24 -29.64
N VAL W 17 24.92 -54.18 -29.53
CA VAL W 17 23.61 -54.26 -28.92
C VAL W 17 22.60 -54.91 -29.86
N GLN W 18 22.65 -54.51 -31.13
CA GLN W 18 21.74 -55.05 -32.14
C GLN W 18 21.84 -56.56 -32.23
N LYS W 19 23.06 -57.08 -32.13
CA LYS W 19 23.31 -58.50 -32.33
C LYS W 19 22.65 -59.33 -31.24
N ILE W 20 22.33 -58.69 -30.13
CA ILE W 20 21.76 -59.39 -28.97
C ILE W 20 20.29 -59.73 -29.20
N THR W 21 19.64 -58.73 -29.83
CA THR W 21 18.19 -58.63 -30.04
C THR W 21 17.61 -58.68 -31.45
N GLY W 22 16.49 -59.40 -31.56
CA GLY W 22 16.26 -60.54 -32.45
C GLY W 22 16.70 -61.89 -31.90
N GLY W 23 17.51 -61.85 -30.85
CA GLY W 23 18.09 -63.04 -30.29
C GLY W 23 17.57 -63.78 -29.08
N VAL W 24 16.62 -63.26 -28.32
CA VAL W 24 16.22 -64.15 -27.24
C VAL W 24 14.74 -64.52 -27.35
N GLY W 25 13.95 -63.59 -27.88
CA GLY W 25 12.53 -63.85 -28.13
C GLY W 25 12.35 -64.94 -29.16
N LEU W 26 13.12 -64.87 -30.24
CA LEU W 26 13.11 -65.90 -31.27
C LEU W 26 13.51 -67.25 -30.69
N ILE W 27 14.50 -67.25 -29.80
CA ILE W 27 15.00 -68.47 -29.21
C ILE W 27 13.90 -69.18 -28.42
N VAL W 28 13.20 -68.43 -27.59
CA VAL W 28 12.19 -68.99 -26.70
C VAL W 28 10.95 -69.41 -27.49
N ALA W 29 10.72 -68.74 -28.62
CA ALA W 29 9.66 -69.14 -29.54
C ALA W 29 9.98 -70.48 -30.18
N VAL W 30 11.21 -70.63 -30.66
CA VAL W 30 11.66 -71.88 -31.25
C VAL W 30 11.63 -73.02 -30.22
N ALA W 31 12.12 -72.73 -29.02
CA ALA W 31 12.13 -73.72 -27.95
C ALA W 31 10.71 -74.16 -27.59
N ALA W 32 9.80 -73.19 -27.56
CA ALA W 32 8.39 -73.48 -27.31
C ALA W 32 7.84 -74.46 -28.35
N LEU W 33 8.11 -74.19 -29.62
CA LEU W 33 7.67 -75.05 -30.71
C LEU W 33 8.27 -76.45 -30.57
N ILE W 34 9.55 -76.50 -30.27
CA ILE W 34 10.25 -77.78 -30.11
C ILE W 34 9.64 -78.61 -28.98
N LEU W 35 9.28 -77.94 -27.89
CA LEU W 35 8.63 -78.60 -26.77
C LEU W 35 7.28 -79.17 -27.17
N ILE W 36 6.53 -78.42 -27.96
CA ILE W 36 5.26 -78.89 -28.50
C ILE W 36 5.48 -80.12 -29.38
N VAL W 37 6.50 -80.08 -30.21
CA VAL W 37 6.82 -81.18 -31.11
C VAL W 37 7.09 -82.46 -30.32
N VAL W 38 7.92 -82.34 -29.28
CA VAL W 38 8.23 -83.47 -28.41
C VAL W 38 6.98 -83.99 -27.70
N LEU W 39 6.14 -83.06 -27.26
CA LEU W 39 4.87 -83.42 -26.62
C LEU W 39 4.02 -84.27 -27.55
N CYS W 40 3.98 -83.88 -28.82
CA CYS W 40 3.22 -84.62 -29.83
C CYS W 40 3.82 -86.01 -30.06
N VAL W 41 5.15 -86.09 -29.98
CA VAL W 41 5.83 -87.37 -30.05
C VAL W 41 5.39 -88.31 -28.94
N SER W 42 5.30 -87.76 -27.72
CA SER W 42 4.81 -88.51 -26.58
C SER W 42 3.37 -88.95 -26.78
N PHE W 43 2.55 -88.04 -27.28
CA PHE W 43 1.16 -88.34 -27.58
C PHE W 43 1.05 -89.47 -28.59
N SER W 44 1.89 -89.43 -29.60
CA SER W 44 1.95 -90.50 -30.60
C SER W 44 2.44 -91.80 -29.98
N ARG W 45 3.40 -91.69 -29.07
CA ARG W 45 3.97 -92.86 -28.41
C ARG W 45 2.93 -93.60 -27.59
N HIS W 46 2.03 -92.84 -26.97
CA HIS W 46 0.92 -93.44 -26.21
C HIS W 46 -0.14 -94.00 -27.13
N SER X 1 32.92 -25.34 -28.82
CA SER X 1 33.47 -25.85 -27.58
C SER X 1 33.14 -27.34 -27.32
N THR X 2 34.02 -28.29 -27.77
CA THR X 2 34.01 -29.79 -27.58
C THR X 2 35.04 -30.58 -28.39
N ASN X 3 35.84 -31.46 -27.74
CA ASN X 3 36.81 -32.42 -28.40
C ASN X 3 36.54 -33.83 -27.85
N GLY X 4 35.35 -33.97 -27.27
CA GLY X 4 34.94 -35.25 -26.70
C GLY X 4 34.33 -36.18 -27.74
N THR X 5 34.18 -37.45 -27.37
CA THR X 5 33.60 -38.44 -28.27
C THR X 5 32.13 -38.17 -28.51
N ALA X 6 31.50 -39.02 -29.31
CA ALA X 6 30.08 -38.88 -29.63
C ALA X 6 29.22 -39.69 -28.67
N HIS X 7 29.12 -40.99 -28.94
CA HIS X 7 28.34 -41.90 -28.10
C HIS X 7 29.13 -43.14 -27.73
N GLY X 8 28.52 -44.30 -27.94
CA GLY X 8 29.17 -45.56 -27.62
C GLY X 8 28.44 -46.35 -26.54
N HIS X 9 28.12 -45.66 -25.45
CA HIS X 9 27.41 -46.29 -24.33
C HIS X 9 26.11 -45.57 -24.02
N PRO X 10 25.49 -45.91 -22.88
CA PRO X 10 24.23 -45.29 -22.44
C PRO X 10 24.43 -43.86 -21.95
N HIS X 11 25.65 -43.53 -21.56
CA HIS X 11 25.96 -42.19 -21.07
C HIS X 11 25.56 -41.13 -22.10
N GLU X 12 26.52 -40.73 -22.93
CA GLU X 12 26.27 -39.72 -23.95
C GLU X 12 24.88 -39.89 -24.57
N ILE X 13 24.47 -41.14 -24.76
CA ILE X 13 23.17 -41.43 -25.34
C ILE X 13 22.09 -40.55 -24.74
N ILE X 14 22.15 -40.35 -23.43
CA ILE X 14 21.19 -39.53 -22.72
C ILE X 14 21.48 -38.05 -22.90
N LEU X 15 22.75 -37.74 -23.22
CA LEU X 15 23.16 -36.35 -23.43
C LEU X 15 22.47 -35.75 -24.64
N TYR X 16 22.24 -36.57 -25.66
CA TYR X 16 21.57 -36.12 -26.87
C TYR X 16 20.19 -35.54 -26.57
N TYR X 17 19.54 -36.09 -25.55
CA TYR X 17 18.21 -35.64 -25.16
C TYR X 17 18.10 -34.13 -25.27
N TYR X 18 19.10 -33.42 -24.76
CA TYR X 18 19.12 -31.96 -24.82
C TYR X 18 19.08 -31.45 -26.25
N GLU X 19 19.39 -32.33 -27.19
CA GLU X 19 19.40 -31.98 -28.61
C GLU X 19 18.10 -32.40 -29.29
N LEU X 20 18.10 -32.35 -30.62
CA LEU X 20 16.94 -32.72 -31.42
C LEU X 20 15.66 -32.04 -30.93
N TYR X 21 14.81 -32.79 -30.24
CA TYR X 21 13.56 -32.25 -29.72
C TYR X 21 13.19 -32.91 -28.40
N PRO X 22 12.08 -32.46 -27.79
CA PRO X 22 11.61 -32.99 -26.51
C PRO X 22 11.31 -34.49 -26.57
N THR X 23 10.24 -34.85 -27.26
CA THR X 23 9.86 -36.25 -27.40
C THR X 23 10.96 -37.07 -28.05
N MET X 24 11.70 -37.82 -27.23
CA MET X 24 12.79 -38.65 -27.72
C MET X 24 13.14 -39.76 -26.72
N THR X 25 13.42 -39.36 -25.49
CA THR X 25 13.77 -40.32 -24.44
C THR X 25 12.56 -41.06 -23.88
N VAL X 26 11.45 -40.36 -23.69
CA VAL X 26 10.26 -40.99 -23.14
C VAL X 26 9.74 -42.09 -24.05
N VAL X 27 9.74 -41.84 -25.35
CA VAL X 27 9.30 -42.83 -26.33
C VAL X 27 10.21 -44.05 -26.30
N ILE X 28 11.51 -43.80 -26.18
CA ILE X 28 12.49 -44.88 -26.10
C ILE X 28 12.25 -45.72 -24.86
N VAL X 29 11.93 -45.05 -23.76
CA VAL X 29 11.64 -45.72 -22.49
C VAL X 29 10.41 -46.60 -22.64
N SER X 30 9.40 -46.08 -23.34
CA SER X 30 8.18 -46.84 -23.58
C SER X 30 8.49 -48.08 -24.40
N VAL X 31 9.36 -47.92 -25.39
CA VAL X 31 9.77 -49.03 -26.24
C VAL X 31 10.49 -50.08 -25.41
N ALA X 32 11.33 -49.62 -24.49
CA ALA X 32 12.07 -50.51 -23.61
C ALA X 32 11.12 -51.29 -22.72
N SER X 33 10.08 -50.60 -22.24
CA SER X 33 9.07 -51.23 -21.40
C SER X 33 8.34 -52.31 -22.20
N PHE X 34 8.05 -52.01 -23.45
CA PHE X 34 7.38 -52.97 -24.33
C PHE X 34 8.27 -54.20 -24.52
N VAL X 35 9.56 -53.96 -24.69
CA VAL X 35 10.53 -55.03 -24.86
C VAL X 35 10.57 -55.91 -23.62
N LEU X 36 10.52 -55.27 -22.45
CA LEU X 36 10.52 -55.97 -21.18
C LEU X 36 9.28 -56.84 -21.07
N LEU X 37 8.15 -56.30 -21.51
CA LEU X 37 6.90 -57.03 -21.49
C LEU X 37 6.98 -58.25 -22.39
N SER X 38 7.60 -58.08 -23.55
CA SER X 38 7.79 -59.20 -24.46
C SER X 38 8.67 -60.27 -23.83
N MET X 39 9.73 -59.82 -23.15
CA MET X 39 10.64 -60.72 -22.45
C MET X 39 9.91 -61.44 -21.32
N VAL X 40 9.05 -60.72 -20.62
CA VAL X 40 8.29 -61.30 -19.51
C VAL X 40 7.25 -62.29 -20.03
N GLY X 41 6.59 -61.93 -21.12
CA GLY X 41 5.60 -62.80 -21.74
C GLY X 41 6.24 -64.10 -22.22
N THR X 42 7.42 -63.98 -22.82
CA THR X 42 8.18 -65.15 -23.27
C THR X 42 8.48 -66.09 -22.11
N ALA X 43 8.94 -65.52 -21.00
CA ALA X 43 9.27 -66.31 -19.81
C ALA X 43 8.04 -67.03 -19.27
N VAL X 44 6.93 -66.30 -19.20
CA VAL X 44 5.67 -66.88 -18.74
C VAL X 44 5.23 -68.02 -19.64
N GLY X 45 5.35 -67.82 -20.95
CA GLY X 45 5.04 -68.86 -21.93
C GLY X 45 5.97 -70.06 -21.75
N MET X 46 7.25 -69.77 -21.51
CA MET X 46 8.24 -70.83 -21.34
C MET X 46 7.94 -71.71 -20.13
N CYS X 47 7.52 -71.06 -19.04
CA CYS X 47 7.17 -71.79 -17.82
C CYS X 47 5.95 -72.67 -18.05
N VAL X 48 4.97 -72.15 -18.79
CA VAL X 48 3.78 -72.92 -19.15
C VAL X 48 4.14 -74.09 -20.06
N CYS X 49 5.09 -73.86 -20.96
CA CYS X 49 5.59 -74.92 -21.83
C CYS X 49 6.34 -75.97 -21.03
N ALA X 50 7.08 -75.53 -20.03
CA ALA X 50 7.81 -76.45 -19.15
C ALA X 50 6.85 -77.34 -18.37
N ARG X 51 5.71 -76.78 -17.97
CA ARG X 51 4.62 -77.57 -17.42
C ARG X 51 4.08 -78.57 -18.43
N ARG X 52 3.89 -78.10 -19.67
CA ARG X 52 3.37 -78.94 -20.74
C ARG X 52 4.27 -80.16 -20.96
N ARG X 53 5.56 -79.98 -20.70
CA ARG X 53 6.52 -81.07 -20.87
C ARG X 53 6.49 -82.04 -19.70
N CYS X 54 6.39 -81.49 -18.49
CA CYS X 54 6.34 -82.32 -17.29
C CYS X 54 4.96 -82.94 -17.10
N ILE X 55 4.01 -82.53 -17.95
CA ILE X 55 2.65 -83.05 -17.88
C ILE X 55 2.64 -84.58 -17.79
N THR X 56 2.24 -85.21 -18.87
CA THR X 56 2.18 -86.68 -18.91
C THR X 56 2.80 -87.29 -17.67
N PRO X 57 4.12 -87.16 -17.54
CA PRO X 57 4.84 -87.70 -16.37
C PRO X 57 4.44 -86.99 -15.08
N TYR X 58 3.19 -86.60 -14.98
CA TYR X 58 2.69 -85.90 -13.79
C TYR X 58 1.78 -86.81 -12.96
N GLU X 59 1.39 -87.94 -13.55
CA GLU X 59 0.52 -88.89 -12.87
C GLU X 59 1.25 -89.59 -11.73
N LEU X 60 1.97 -90.65 -12.06
CA LEU X 60 2.71 -91.41 -11.07
C LEU X 60 3.47 -92.58 -11.70
N THR X 61 4.30 -93.24 -10.91
CA THR X 61 5.07 -94.38 -11.39
C THR X 61 6.46 -93.94 -11.84
N PRO X 62 7.45 -94.79 -11.59
CA PRO X 62 8.84 -94.49 -11.97
C PRO X 62 8.93 -93.99 -13.41
N GLY X 63 9.92 -93.13 -13.67
CA GLY X 63 10.11 -92.59 -15.01
C GLY X 63 10.57 -91.14 -14.98
N ALA X 64 11.38 -90.80 -13.99
CA ALA X 64 11.89 -89.45 -13.85
C ALA X 64 11.10 -88.67 -12.80
N THR X 65 11.81 -88.04 -11.86
CA THR X 65 13.27 -88.11 -11.85
C THR X 65 13.83 -88.37 -13.25
N VAL X 66 14.58 -89.46 -13.38
CA VAL X 66 15.18 -89.82 -14.65
C VAL X 66 15.53 -88.58 -15.47
N PRO X 67 14.80 -88.35 -16.55
CA PRO X 67 15.04 -87.20 -17.43
C PRO X 67 14.90 -85.88 -16.67
N PHE X 68 14.68 -85.97 -15.36
CA PHE X 68 14.54 -84.78 -14.53
C PHE X 68 15.90 -84.26 -14.07
N LEU X 69 16.87 -84.26 -14.98
CA LEU X 69 18.21 -83.78 -14.69
C LEU X 69 19.27 -84.73 -15.26
N LEU X 70 19.80 -84.36 -16.43
CA LEU X 70 19.38 -83.14 -17.11
C LEU X 70 17.88 -82.95 -17.03
N SER X 71 17.45 -81.73 -16.71
CA SER X 71 16.03 -81.41 -16.60
C SER X 71 15.83 -79.94 -16.25
N LEU X 72 15.27 -79.19 -17.20
CA LEU X 72 15.02 -77.77 -17.00
C LEU X 72 14.55 -77.49 -15.57
N LEU X 73 15.47 -77.00 -14.74
CA LEU X 73 15.15 -76.69 -13.35
C LEU X 73 13.69 -76.98 -13.03
N CYS X 74 13.34 -78.26 -13.00
CA CYS X 74 11.97 -78.67 -12.71
C CYS X 74 11.15 -78.81 -13.99
N CYS X 75 11.09 -80.02 -14.51
CA CYS X 75 11.76 -81.17 -13.91
C CYS X 75 11.97 -80.95 -12.41
N VAL X 76 13.17 -81.26 -11.93
CA VAL X 76 13.49 -81.10 -10.52
C VAL X 76 14.11 -79.74 -10.24
N ARG X 77 14.19 -79.38 -8.96
CA ARG X 77 13.73 -80.24 -7.89
C ARG X 77 12.23 -80.50 -8.01
N THR X 78 11.85 -81.78 -8.01
CA THR X 78 10.45 -82.16 -8.12
C THR X 78 10.27 -83.66 -7.89
N THR X 79 11.15 -84.46 -8.51
CA THR X 79 11.08 -85.91 -8.39
C THR X 79 11.54 -86.36 -7.00
N LYS X 80 10.60 -86.42 -6.06
CA LYS X 80 10.91 -86.84 -4.70
C LYS X 80 10.20 -85.95 -3.68
N ALA X 81 9.98 -86.50 -2.49
CA ALA X 81 10.39 -87.85 -2.17
C ALA X 81 10.37 -88.74 -3.42
#